data_8TJ2
#
_entry.id   8TJ2
#
_cell.length_a   1.00
_cell.length_b   1.00
_cell.length_c   1.00
_cell.angle_alpha   90.00
_cell.angle_beta   90.00
_cell.angle_gamma   90.00
#
_symmetry.space_group_name_H-M   'P 1'
#
_entity_poly.entity_id   1
_entity_poly.type   'polypeptide(L)'
_entity_poly.pdbx_seq_one_letter_code
;FTLIELMIVVAIIGILAAIAIPNFIKFQARSKQSEAKTNLKALYTAQKSFFSEKDRYSDFANEIGFAPERGNRYGYRVSA
AAGDCEVRNAADLPVPAAGVPCISNDSFRFGANSAIDDPTPVVARFVPQGAAGWNTTLGVQPTIADCPNCNFFAGARGNA
DNEATFDDWVIAGFEGSGQVGPCSEAGNVASGTPYNTRNDVACDGAAQ
;
_entity_poly.pdbx_strand_id   C,D,E,F,G,H,I,J,K,A,L,M,N,O,P,Q,R,S
#
# COMPACT_ATOMS: atom_id res chain seq x y z
N PHE A 1 50.60 -32.72 -126.44
CA PHE A 1 50.84 -33.88 -125.54
C PHE A 1 50.76 -35.20 -126.29
N THR A 2 51.22 -36.27 -125.65
CA THR A 2 51.31 -37.59 -126.27
C THR A 2 50.59 -38.60 -125.39
N LEU A 3 50.72 -39.88 -125.76
CA LEU A 3 50.06 -40.94 -125.02
C LEU A 3 50.60 -41.04 -123.59
N ILE A 4 51.91 -40.82 -123.43
CA ILE A 4 52.52 -40.95 -122.10
C ILE A 4 51.91 -39.94 -121.15
N GLU A 5 51.72 -38.70 -121.62
CA GLU A 5 51.12 -37.68 -120.76
C GLU A 5 49.70 -38.04 -120.36
N LEU A 6 48.91 -38.57 -121.29
CA LEU A 6 47.53 -38.91 -120.98
C LEU A 6 47.47 -40.06 -119.98
N MET A 7 48.35 -41.06 -120.17
CA MET A 7 48.39 -42.16 -119.22
C MET A 7 48.86 -41.70 -117.85
N ILE A 8 49.77 -40.71 -117.81
CA ILE A 8 50.20 -40.18 -116.53
C ILE A 8 49.07 -39.42 -115.85
N VAL A 9 48.23 -38.75 -116.65
CA VAL A 9 47.06 -38.08 -116.08
C VAL A 9 46.14 -39.11 -115.44
N VAL A 10 45.89 -40.21 -116.15
CA VAL A 10 45.03 -41.26 -115.60
C VAL A 10 45.64 -41.85 -114.33
N ALA A 11 46.96 -42.08 -114.35
CA ALA A 11 47.63 -42.65 -113.19
C ALA A 11 47.61 -41.69 -112.00
N ILE A 12 47.71 -40.39 -112.27
CA ILE A 12 47.68 -39.41 -111.18
C ILE A 12 46.29 -39.36 -110.55
N ILE A 13 45.25 -39.47 -111.37
CA ILE A 13 43.91 -39.59 -110.79
C ILE A 13 43.78 -40.87 -109.97
N GLY A 14 44.37 -41.97 -110.44
CA GLY A 14 44.39 -43.18 -109.63
C GLY A 14 45.10 -42.96 -108.31
N ILE A 15 46.18 -42.18 -108.33
CA ILE A 15 46.92 -41.88 -107.11
C ILE A 15 46.06 -41.06 -106.15
N LEU A 16 45.40 -40.03 -106.67
CA LEU A 16 44.59 -39.18 -105.79
C LEU A 16 43.43 -39.95 -105.19
N ALA A 17 42.88 -40.92 -105.93
CA ALA A 17 41.78 -41.72 -105.38
C ALA A 17 42.21 -42.52 -104.17
N ALA A 18 43.51 -42.80 -104.03
CA ALA A 18 44.03 -43.61 -102.94
C ALA A 18 44.99 -42.85 -102.03
N ILE A 19 44.85 -41.53 -101.95
CA ILE A 19 45.74 -40.73 -101.12
C ILE A 19 45.48 -41.04 -99.65
N ALA A 20 46.52 -40.95 -98.82
CA ALA A 20 46.40 -41.20 -97.38
C ALA A 20 46.29 -39.86 -96.63
N ILE A 21 45.07 -39.59 -96.19
CA ILE A 21 44.74 -38.33 -95.53
C ILE A 21 44.76 -38.56 -94.03
N PRO A 22 44.67 -37.51 -93.21
CA PRO A 22 44.58 -37.74 -91.76
C PRO A 22 43.34 -38.54 -91.40
N ASN A 23 43.44 -39.30 -90.32
CA ASN A 23 42.31 -40.08 -89.82
C ASN A 23 41.40 -39.14 -89.05
N PHE A 24 40.27 -38.76 -89.66
CA PHE A 24 39.38 -37.79 -89.06
C PHE A 24 38.37 -38.43 -88.11
N ILE A 25 38.29 -39.76 -88.08
CA ILE A 25 37.52 -40.42 -87.05
C ILE A 25 38.05 -40.07 -85.68
N LYS A 26 39.35 -39.80 -85.57
CA LYS A 26 39.91 -39.35 -84.30
C LYS A 26 39.37 -37.98 -83.92
N PHE A 27 39.24 -37.07 -84.89
CA PHE A 27 38.62 -35.77 -84.61
C PHE A 27 37.16 -35.93 -84.20
N GLN A 28 36.42 -36.81 -84.86
CA GLN A 28 35.04 -37.07 -84.43
C GLN A 28 34.99 -37.58 -83.00
N ALA A 29 35.87 -38.53 -82.65
CA ALA A 29 35.88 -39.08 -81.31
C ALA A 29 36.21 -38.00 -80.28
N ARG A 30 37.19 -37.15 -80.58
CA ARG A 30 37.52 -36.06 -79.69
C ARG A 30 36.34 -35.11 -79.51
N SER A 31 35.55 -34.90 -80.56
CA SER A 31 34.32 -34.13 -80.42
C SER A 31 33.33 -34.83 -79.48
N LYS A 32 33.19 -36.14 -79.64
CA LYS A 32 32.18 -36.88 -78.87
C LYS A 32 32.56 -36.97 -77.40
N GLN A 33 33.84 -36.83 -77.08
CA GLN A 33 34.28 -36.98 -75.69
C GLN A 33 33.79 -35.85 -74.78
N SER A 34 33.20 -34.79 -75.33
CA SER A 34 32.80 -33.65 -74.50
C SER A 34 31.60 -33.93 -73.61
N GLU A 35 30.78 -34.93 -73.96
CA GLU A 35 29.71 -35.34 -73.04
C GLU A 35 30.28 -35.65 -71.67
N ALA A 36 31.37 -36.42 -71.62
CA ALA A 36 31.92 -36.84 -70.34
C ALA A 36 32.34 -35.64 -69.52
N LYS A 37 33.03 -34.68 -70.14
CA LYS A 37 33.47 -33.49 -69.41
C LYS A 37 32.28 -32.73 -68.85
N THR A 38 31.30 -32.42 -69.69
CA THR A 38 30.16 -31.62 -69.23
C THR A 38 29.40 -32.33 -68.11
N ASN A 39 29.15 -33.63 -68.29
CA ASN A 39 28.34 -34.35 -67.31
C ASN A 39 29.09 -34.59 -66.01
N LEU A 40 30.40 -34.81 -66.08
CA LEU A 40 31.16 -34.96 -64.85
C LEU A 40 31.24 -33.65 -64.09
N LYS A 41 31.34 -32.52 -64.79
CA LYS A 41 31.32 -31.25 -64.07
C LYS A 41 29.95 -31.00 -63.45
N ALA A 42 28.88 -31.41 -64.13
CA ALA A 42 27.55 -31.30 -63.53
C ALA A 42 27.45 -32.17 -62.27
N LEU A 43 28.02 -33.37 -62.32
CA LEU A 43 28.03 -34.24 -61.14
C LEU A 43 28.79 -33.59 -59.99
N TYR A 44 29.93 -32.98 -60.29
CA TYR A 44 30.70 -32.28 -59.25
C TYR A 44 29.87 -31.16 -58.62
N THR A 45 29.22 -30.36 -59.47
CA THR A 45 28.39 -29.25 -58.97
C THR A 45 27.26 -29.76 -58.08
N ALA A 46 26.57 -30.81 -58.51
CA ALA A 46 25.44 -31.32 -57.75
C ALA A 46 25.90 -31.92 -56.43
N GLN A 47 27.04 -32.62 -56.43
CA GLN A 47 27.59 -33.15 -55.18
C GLN A 47 27.91 -32.02 -54.20
N LYS A 48 28.53 -30.94 -54.69
CA LYS A 48 28.85 -29.83 -53.80
C LYS A 48 27.60 -29.20 -53.21
N SER A 49 26.56 -29.00 -54.04
CA SER A 49 25.32 -28.43 -53.54
C SER A 49 24.68 -29.33 -52.49
N PHE A 50 24.67 -30.64 -52.75
CA PHE A 50 24.09 -31.57 -51.79
C PHE A 50 24.83 -31.51 -50.46
N PHE A 51 26.17 -31.52 -50.51
CA PHE A 51 26.94 -31.43 -49.28
C PHE A 51 26.59 -30.16 -48.52
N SER A 52 26.56 -29.03 -49.23
CA SER A 52 26.28 -27.76 -48.56
C SER A 52 24.95 -27.82 -47.83
N GLU A 53 23.91 -28.31 -48.50
CA GLU A 53 22.60 -28.35 -47.86
C GLU A 53 22.57 -29.34 -46.70
N LYS A 54 23.25 -30.47 -46.83
CA LYS A 54 23.08 -31.62 -45.94
C LYS A 54 24.31 -31.96 -45.12
N ASP A 55 25.43 -31.27 -45.31
CA ASP A 55 26.67 -31.55 -44.58
C ASP A 55 27.10 -33.01 -44.76
N ARG A 56 27.01 -33.50 -45.98
CA ARG A 56 27.41 -34.87 -46.28
C ARG A 56 27.32 -35.09 -47.78
N TYR A 57 28.25 -35.88 -48.30
CA TYR A 57 28.21 -36.29 -49.70
C TYR A 57 27.36 -37.54 -49.87
N SER A 58 26.82 -37.72 -51.06
CA SER A 58 25.87 -38.79 -51.33
C SER A 58 26.53 -39.92 -52.10
N ASP A 59 26.03 -41.12 -51.88
CA ASP A 59 26.48 -42.30 -52.60
C ASP A 59 25.59 -42.66 -53.78
N PHE A 60 24.49 -41.93 -54.01
CA PHE A 60 23.50 -42.29 -55.01
C PHE A 60 23.15 -41.11 -55.88
N ALA A 61 22.72 -41.39 -57.11
CA ALA A 61 22.38 -40.31 -58.03
C ALA A 61 20.96 -39.81 -57.81
N ASN A 62 20.13 -40.58 -57.09
CA ASN A 62 18.79 -40.13 -56.76
C ASN A 62 18.80 -38.87 -55.91
N GLU A 63 19.61 -38.86 -54.85
CA GLU A 63 19.64 -37.75 -53.90
C GLU A 63 20.38 -36.53 -54.42
N ILE A 64 21.45 -36.75 -55.18
CA ILE A 64 22.18 -35.65 -55.79
C ILE A 64 21.25 -34.86 -56.71
N GLY A 65 20.47 -35.56 -57.51
CA GLY A 65 19.66 -34.94 -58.54
C GLY A 65 20.35 -34.84 -59.87
N PHE A 66 21.20 -35.78 -60.22
CA PHE A 66 21.98 -35.77 -61.45
C PHE A 66 21.47 -36.87 -62.38
N ALA A 67 21.25 -36.52 -63.64
CA ALA A 67 20.87 -37.48 -64.65
C ALA A 67 21.18 -36.87 -66.00
N PRO A 68 21.92 -37.55 -66.88
CA PRO A 68 22.13 -37.03 -68.23
C PRO A 68 20.91 -37.24 -69.11
N GLU A 69 20.83 -36.43 -70.15
CA GLU A 69 19.73 -36.55 -71.10
C GLU A 69 19.89 -37.82 -71.93
N ARG A 70 18.83 -38.17 -72.65
CA ARG A 70 18.85 -39.39 -73.45
C ARG A 70 19.84 -39.27 -74.61
N GLY A 71 20.49 -40.38 -74.93
CA GLY A 71 21.53 -40.39 -75.93
C GLY A 71 22.90 -40.06 -75.39
N ASN A 72 23.25 -40.55 -74.20
CA ASN A 72 24.41 -40.02 -73.49
C ASN A 72 25.74 -40.65 -73.94
N ARG A 73 25.70 -41.89 -74.41
CA ARG A 73 26.89 -42.63 -74.87
C ARG A 73 27.81 -43.08 -73.76
N TYR A 74 27.59 -42.59 -72.54
CA TYR A 74 28.51 -42.79 -71.43
C TYR A 74 27.75 -43.26 -70.21
N GLY A 75 28.29 -44.24 -69.52
CA GLY A 75 27.74 -44.66 -68.25
C GLY A 75 28.47 -44.02 -67.10
N TYR A 76 27.72 -43.53 -66.12
CA TYR A 76 28.27 -42.76 -65.02
C TYR A 76 28.11 -43.53 -63.73
N ARG A 77 29.15 -43.52 -62.90
CA ARG A 77 29.10 -44.16 -61.60
C ARG A 77 29.39 -43.12 -60.53
N VAL A 78 28.44 -42.95 -59.61
CA VAL A 78 28.62 -42.02 -58.51
C VAL A 78 29.25 -42.70 -57.30
N SER A 79 29.20 -44.02 -57.21
CA SER A 79 29.81 -44.71 -56.10
C SER A 79 29.85 -46.21 -56.37
N ALA A 80 30.55 -46.92 -55.51
CA ALA A 80 30.68 -48.37 -55.59
C ALA A 80 29.65 -49.09 -54.72
N ALA A 81 28.73 -48.36 -54.10
CA ALA A 81 27.69 -49.00 -53.29
C ALA A 81 26.88 -49.98 -54.14
N ALA A 82 26.10 -50.81 -53.46
CA ALA A 82 25.31 -51.83 -54.15
C ALA A 82 24.04 -51.24 -54.72
N GLY A 83 23.61 -51.77 -55.86
CA GLY A 83 22.39 -51.33 -56.51
C GLY A 83 22.51 -51.49 -58.02
N ASP A 84 21.35 -51.41 -58.66
CA ASP A 84 21.28 -51.51 -60.12
C ASP A 84 21.65 -50.18 -60.77
N CYS A 85 21.93 -50.21 -62.07
CA CYS A 85 22.53 -49.10 -62.78
C CYS A 85 21.53 -48.40 -63.69
N GLU A 86 20.26 -48.36 -63.32
CA GLU A 86 19.25 -47.62 -64.07
C GLU A 86 19.41 -47.88 -65.57
N VAL A 87 19.13 -49.12 -65.96
CA VAL A 87 19.30 -49.52 -67.36
C VAL A 87 18.36 -48.69 -68.23
N ARG A 88 18.93 -48.01 -69.23
CA ARG A 88 18.17 -47.21 -70.18
C ARG A 88 18.04 -48.00 -71.48
N ASN A 89 17.08 -48.93 -71.51
CA ASN A 89 16.90 -49.82 -72.65
C ASN A 89 15.49 -49.72 -73.23
N ALA A 90 14.74 -48.67 -72.90
CA ALA A 90 13.40 -48.50 -73.41
C ALA A 90 13.06 -47.02 -73.41
N ALA A 91 11.98 -46.69 -74.11
CA ALA A 91 11.56 -45.29 -74.20
C ALA A 91 11.21 -44.73 -72.83
N ASP A 92 10.50 -45.50 -72.02
CA ASP A 92 10.13 -45.08 -70.66
C ASP A 92 11.18 -45.59 -69.68
N LEU A 93 11.74 -44.68 -68.89
CA LEU A 93 12.72 -45.09 -67.90
C LEU A 93 12.04 -45.96 -66.83
N PRO A 94 12.76 -46.95 -66.30
CA PRO A 94 12.16 -47.84 -65.31
C PRO A 94 11.96 -47.13 -63.97
N VAL A 95 11.01 -47.65 -63.19
CA VAL A 95 10.78 -47.13 -61.85
C VAL A 95 11.82 -47.76 -60.92
N PRO A 96 12.62 -46.97 -60.21
CA PRO A 96 13.70 -47.55 -59.41
C PRO A 96 13.17 -48.29 -58.19
N ALA A 97 13.84 -49.39 -57.85
CA ALA A 97 13.50 -50.12 -56.63
C ALA A 97 14.14 -49.49 -55.40
N ALA A 98 15.35 -48.95 -55.56
CA ALA A 98 16.04 -48.25 -54.48
C ALA A 98 17.03 -47.29 -55.12
N GLY A 99 17.84 -46.66 -54.27
CA GLY A 99 18.83 -45.71 -54.76
C GLY A 99 19.76 -46.37 -55.77
N VAL A 100 20.03 -45.65 -56.86
CA VAL A 100 20.89 -46.16 -57.91
C VAL A 100 22.25 -45.48 -57.82
N PRO A 101 23.36 -46.22 -57.68
CA PRO A 101 24.67 -45.57 -57.67
C PRO A 101 25.26 -45.35 -59.06
N CYS A 102 24.67 -45.92 -60.10
CA CYS A 102 25.24 -45.85 -61.44
C CYS A 102 24.12 -45.63 -62.44
N ILE A 103 24.46 -44.97 -63.54
CA ILE A 103 23.53 -44.73 -64.64
C ILE A 103 24.10 -45.40 -65.87
N SER A 104 23.32 -46.28 -66.48
CA SER A 104 23.82 -47.06 -67.59
C SER A 104 23.90 -46.21 -68.86
N ASN A 105 24.56 -46.77 -69.86
CA ASN A 105 24.56 -46.19 -71.20
C ASN A 105 23.15 -46.23 -71.78
N ASP A 106 22.83 -45.27 -72.64
CA ASP A 106 21.52 -45.19 -73.26
C ASP A 106 21.49 -46.14 -74.45
N SER A 107 21.22 -47.41 -74.20
CA SER A 107 21.20 -48.41 -75.27
C SER A 107 19.88 -48.43 -76.02
N PHE A 108 18.93 -47.55 -75.67
CA PHE A 108 17.72 -47.44 -76.46
C PHE A 108 18.03 -47.04 -77.89
N ARG A 109 18.90 -46.04 -78.07
CA ARG A 109 19.17 -45.51 -79.39
C ARG A 109 20.55 -45.87 -79.92
N PHE A 110 21.30 -46.73 -79.23
CA PHE A 110 22.59 -47.19 -79.70
C PHE A 110 22.67 -48.70 -79.89
N GLY A 111 21.63 -49.45 -79.59
CA GLY A 111 21.65 -50.88 -79.79
C GLY A 111 21.87 -51.64 -78.50
N ALA A 112 21.42 -52.89 -78.48
CA ALA A 112 21.52 -53.71 -77.27
C ALA A 112 22.95 -54.17 -77.02
N ASN A 113 23.74 -54.37 -78.08
CA ASN A 113 25.11 -54.83 -77.92
C ASN A 113 26.05 -53.74 -77.41
N SER A 114 25.64 -52.49 -77.43
CA SER A 114 26.44 -51.38 -76.93
C SER A 114 26.16 -51.06 -75.47
N ALA A 115 25.35 -51.87 -74.80
CA ALA A 115 24.93 -51.55 -73.45
C ALA A 115 26.13 -51.56 -72.50
N ILE A 116 26.11 -50.65 -71.53
CA ILE A 116 27.09 -50.59 -70.45
C ILE A 116 26.29 -50.58 -69.15
N ASP A 117 26.09 -51.75 -68.56
CA ASP A 117 25.31 -51.87 -67.33
C ASP A 117 26.17 -51.82 -66.08
N ASP A 118 27.50 -51.71 -66.22
CA ASP A 118 28.41 -51.59 -65.08
C ASP A 118 29.48 -50.58 -65.44
N PRO A 119 29.16 -49.30 -65.45
CA PRO A 119 30.09 -48.28 -65.93
C PRO A 119 31.14 -47.89 -64.90
N THR A 120 31.99 -48.85 -64.53
CA THR A 120 33.06 -48.59 -63.57
C THR A 120 34.34 -48.28 -64.34
N PRO A 121 34.91 -47.08 -64.19
CA PRO A 121 36.09 -46.73 -64.97
C PRO A 121 37.37 -47.33 -64.40
N VAL A 122 38.44 -47.13 -65.16
CA VAL A 122 39.78 -47.53 -64.75
C VAL A 122 40.45 -46.34 -64.06
N VAL A 123 41.07 -46.60 -62.90
CA VAL A 123 41.69 -45.56 -62.09
C VAL A 123 43.14 -45.85 -61.79
N ALA A 124 43.80 -46.67 -62.62
CA ALA A 124 45.20 -47.02 -62.35
C ALA A 124 46.11 -45.83 -62.50
N ARG A 125 45.84 -44.95 -63.47
CA ARG A 125 46.74 -43.86 -63.81
C ARG A 125 46.30 -42.53 -63.24
N PHE A 126 45.61 -42.52 -62.10
CA PHE A 126 45.30 -41.31 -61.36
C PHE A 126 45.83 -41.49 -59.94
N VAL A 127 46.77 -40.64 -59.54
CA VAL A 127 47.45 -40.77 -58.25
C VAL A 127 47.00 -39.61 -57.37
N PRO A 128 46.23 -39.85 -56.31
CA PRO A 128 45.87 -38.75 -55.42
C PRO A 128 47.09 -38.12 -54.77
N GLN A 129 47.03 -36.80 -54.60
CA GLN A 129 48.10 -36.03 -53.98
C GLN A 129 47.62 -35.43 -52.68
N GLY A 130 48.55 -35.15 -51.78
CA GLY A 130 48.25 -34.56 -50.50
C GLY A 130 48.50 -35.52 -49.36
N ALA A 131 48.57 -34.95 -48.15
CA ALA A 131 48.86 -35.75 -46.96
C ALA A 131 47.63 -36.44 -46.42
N ALA A 132 46.43 -36.05 -46.87
CA ALA A 132 45.22 -36.63 -46.33
C ALA A 132 45.06 -38.09 -46.71
N GLY A 133 45.85 -38.59 -47.66
CA GLY A 133 45.83 -39.99 -47.98
C GLY A 133 44.54 -40.48 -48.60
N TRP A 134 44.08 -39.84 -49.67
CA TRP A 134 42.87 -40.29 -50.34
C TRP A 134 43.11 -41.59 -51.10
N ASN A 135 42.01 -42.24 -51.45
CA ASN A 135 42.03 -43.48 -52.21
C ASN A 135 41.49 -43.24 -53.62
N THR A 136 41.55 -44.27 -54.46
CA THR A 136 40.94 -44.24 -55.78
C THR A 136 39.63 -45.00 -55.86
N THR A 137 39.09 -45.45 -54.73
CA THR A 137 37.78 -46.10 -54.75
C THR A 137 36.69 -45.07 -55.00
N LEU A 138 35.78 -45.39 -55.91
CA LEU A 138 34.72 -44.47 -56.29
C LEU A 138 33.74 -44.29 -55.15
N GLY A 139 33.20 -43.07 -55.04
CA GLY A 139 32.18 -42.78 -54.05
C GLY A 139 32.68 -41.85 -52.97
N VAL A 140 31.94 -41.74 -51.89
CA VAL A 140 32.36 -40.94 -50.73
C VAL A 140 33.38 -41.74 -49.95
N GLN A 141 34.51 -41.11 -49.65
CA GLN A 141 35.59 -41.72 -48.89
C GLN A 141 35.95 -40.79 -47.74
N PRO A 142 36.54 -41.33 -46.67
CA PRO A 142 36.88 -42.74 -46.42
C PRO A 142 35.62 -43.57 -46.18
N THR A 143 34.58 -42.95 -45.64
CA THR A 143 33.28 -43.59 -45.49
C THR A 143 32.23 -42.50 -45.41
N ILE A 144 31.00 -42.86 -45.78
CA ILE A 144 29.90 -41.91 -45.68
C ILE A 144 29.53 -41.66 -44.23
N ALA A 145 30.17 -42.37 -43.29
CA ALA A 145 29.85 -42.21 -41.87
C ALA A 145 30.41 -40.91 -41.30
N ASP A 146 31.35 -40.26 -41.98
CA ASP A 146 31.92 -39.00 -41.51
C ASP A 146 31.21 -37.84 -42.18
N CYS A 147 30.29 -37.20 -41.46
CA CYS A 147 29.48 -36.16 -42.10
C CYS A 147 30.32 -35.01 -42.66
N PRO A 148 31.25 -34.41 -41.94
CA PRO A 148 32.20 -33.53 -42.66
C PRO A 148 33.03 -34.35 -43.64
N ASN A 149 32.34 -34.89 -44.64
CA ASN A 149 32.88 -35.95 -45.46
C ASN A 149 34.13 -35.51 -46.20
N CYS A 150 35.12 -36.39 -46.18
CA CYS A 150 36.22 -36.25 -47.10
C CYS A 150 35.68 -36.30 -48.53
N ASN A 151 36.46 -35.77 -49.45
CA ASN A 151 35.99 -35.54 -50.80
C ASN A 151 35.48 -36.82 -51.45
N PHE A 152 34.62 -36.65 -52.44
CA PHE A 152 34.09 -37.76 -53.21
C PHE A 152 35.02 -38.11 -54.38
N PHE A 153 34.60 -39.09 -55.17
CA PHE A 153 35.33 -39.56 -56.34
C PHE A 153 34.34 -40.27 -57.26
N ALA A 154 34.35 -39.91 -58.54
CA ALA A 154 33.35 -40.42 -59.48
C ALA A 154 34.00 -40.65 -60.83
N GLY A 155 33.25 -41.22 -61.75
CA GLY A 155 33.79 -41.46 -63.08
C GLY A 155 32.74 -41.90 -64.06
N ALA A 156 33.19 -42.13 -65.29
CA ALA A 156 32.32 -42.47 -66.40
C ALA A 156 33.04 -43.45 -67.31
N ARG A 157 32.28 -44.09 -68.20
CA ARG A 157 32.81 -45.11 -69.09
C ARG A 157 32.00 -45.11 -70.38
N GLY A 158 32.66 -45.01 -71.51
CA GLY A 158 31.96 -44.87 -72.76
C GLY A 158 32.75 -45.49 -73.90
N ASN A 159 32.34 -45.16 -75.12
CA ASN A 159 33.01 -45.66 -76.31
C ASN A 159 32.94 -44.59 -77.39
N ALA A 160 34.08 -44.25 -77.97
CA ALA A 160 34.12 -43.22 -79.00
C ALA A 160 34.38 -43.83 -80.38
N ASP A 161 33.47 -43.57 -81.30
CA ASP A 161 33.43 -44.16 -82.65
C ASP A 161 33.46 -45.68 -82.52
N ASN A 162 34.16 -46.41 -83.39
CA ASN A 162 33.99 -47.87 -83.50
C ASN A 162 35.07 -48.62 -82.73
N GLU A 163 35.54 -48.00 -81.66
CA GLU A 163 36.47 -48.65 -80.75
C GLU A 163 35.76 -49.77 -80.02
N ALA A 164 36.30 -50.99 -80.12
CA ALA A 164 35.71 -52.10 -79.38
C ALA A 164 35.83 -51.87 -77.87
N THR A 165 36.94 -51.27 -77.44
CA THR A 165 37.21 -50.99 -76.04
C THR A 165 36.70 -49.60 -75.67
N PHE A 166 36.81 -49.26 -74.39
CA PHE A 166 36.15 -48.11 -73.81
C PHE A 166 37.14 -47.02 -73.45
N ASP A 167 36.63 -45.81 -73.22
CA ASP A 167 37.42 -44.73 -72.64
C ASP A 167 36.84 -44.32 -71.29
N ASP A 168 37.72 -43.91 -70.38
CA ASP A 168 37.37 -43.76 -68.97
C ASP A 168 37.75 -42.36 -68.50
N TRP A 169 36.89 -41.78 -67.68
CA TRP A 169 37.12 -40.47 -67.08
C TRP A 169 36.93 -40.56 -65.58
N VAL A 170 37.52 -39.61 -64.86
CA VAL A 170 37.34 -39.51 -63.42
C VAL A 170 37.28 -38.05 -63.05
N ILE A 171 36.53 -37.75 -61.99
CA ILE A 171 36.51 -36.43 -61.39
C ILE A 171 36.54 -36.62 -59.88
N ALA A 172 37.39 -35.84 -59.22
CA ALA A 172 37.60 -35.98 -57.79
C ALA A 172 37.42 -34.63 -57.13
N GLY A 173 37.07 -34.65 -55.86
CA GLY A 173 37.06 -33.46 -55.04
C GLY A 173 38.40 -33.13 -54.41
N PHE A 174 39.44 -33.91 -54.71
CA PHE A 174 40.77 -33.70 -54.15
C PHE A 174 41.78 -33.62 -55.27
N GLU A 175 42.97 -33.14 -54.94
CA GLU A 175 44.01 -32.92 -55.95
C GLU A 175 44.72 -34.23 -56.28
N GLY A 176 45.07 -34.40 -57.56
CA GLY A 176 45.78 -35.58 -57.99
C GLY A 176 46.62 -35.28 -59.20
N SER A 177 47.39 -36.27 -59.62
CA SER A 177 48.26 -36.13 -60.78
C SER A 177 48.12 -37.35 -61.68
N GLY A 178 48.14 -37.12 -62.98
CA GLY A 178 48.09 -38.20 -63.95
C GLY A 178 49.45 -38.81 -64.21
N GLN A 179 49.45 -40.03 -64.73
CA GLN A 179 50.65 -40.75 -65.06
C GLN A 179 50.77 -40.92 -66.57
N VAL A 180 51.99 -40.83 -67.07
CA VAL A 180 52.22 -41.03 -68.49
C VAL A 180 52.05 -42.50 -68.83
N GLY A 181 51.41 -42.76 -69.96
CA GLY A 181 51.18 -44.11 -70.40
C GLY A 181 50.75 -44.14 -71.85
N PRO A 182 50.52 -45.33 -72.40
CA PRO A 182 50.11 -45.41 -73.80
C PRO A 182 48.78 -44.75 -74.10
N CYS A 183 47.93 -44.54 -73.09
CA CYS A 183 46.59 -44.01 -73.30
C CYS A 183 46.27 -42.91 -72.29
N SER A 184 47.29 -42.25 -71.75
CA SER A 184 47.06 -41.15 -70.83
C SER A 184 48.25 -40.20 -70.87
N GLU A 185 47.99 -38.96 -70.51
CA GLU A 185 48.71 -37.70 -70.36
C GLU A 185 49.29 -37.59 -68.96
N ALA A 186 50.41 -36.87 -68.86
CA ALA A 186 51.07 -36.65 -67.58
C ALA A 186 50.94 -35.18 -67.22
N GLY A 187 50.57 -34.93 -65.98
CA GLY A 187 50.44 -33.59 -65.47
C GLY A 187 49.48 -33.55 -64.31
N ASN A 188 49.60 -32.49 -63.51
CA ASN A 188 48.81 -32.35 -62.30
C ASN A 188 47.39 -31.95 -62.63
N VAL A 189 46.44 -32.48 -61.86
CA VAL A 189 45.02 -32.25 -62.09
C VAL A 189 44.46 -31.54 -60.85
N ALA A 190 43.83 -30.39 -61.07
CA ALA A 190 43.20 -29.67 -59.97
C ALA A 190 41.88 -30.33 -59.59
N SER A 191 41.46 -30.10 -58.35
CA SER A 191 40.17 -30.62 -57.92
C SER A 191 39.05 -30.02 -58.75
N GLY A 192 38.13 -30.87 -59.19
CA GLY A 192 37.03 -30.44 -60.02
C GLY A 192 37.31 -30.41 -61.50
N THR A 193 38.39 -31.03 -61.96
CA THR A 193 38.72 -31.10 -63.38
C THR A 193 38.70 -32.55 -63.84
N PRO A 194 37.88 -32.91 -64.84
CA PRO A 194 37.89 -34.30 -65.31
C PRO A 194 39.23 -34.72 -65.87
N TYR A 195 39.60 -35.97 -65.61
CA TYR A 195 40.85 -36.53 -66.09
C TYR A 195 40.57 -37.81 -66.85
N ASN A 196 41.19 -37.95 -68.02
CA ASN A 196 40.93 -39.08 -68.92
C ASN A 196 41.92 -40.19 -68.63
N THR A 197 41.51 -41.17 -67.85
CA THR A 197 42.40 -42.27 -67.49
C THR A 197 42.76 -43.13 -68.70
N ARG A 198 41.79 -43.41 -69.55
CA ARG A 198 42.01 -44.08 -70.83
C ARG A 198 41.14 -43.38 -71.86
N ASN A 199 41.76 -42.92 -72.95
CA ASN A 199 41.06 -42.04 -73.88
C ASN A 199 40.49 -42.76 -75.10
N ASP A 200 41.04 -43.92 -75.46
CA ASP A 200 40.42 -44.76 -76.48
C ASP A 200 40.60 -44.17 -77.87
N VAL A 201 41.04 -42.93 -77.96
CA VAL A 201 41.38 -42.34 -79.24
C VAL A 201 42.83 -42.60 -79.58
N ALA A 202 43.69 -42.62 -78.56
CA ALA A 202 45.10 -42.91 -78.78
C ALA A 202 45.32 -44.40 -79.00
N CYS A 203 44.45 -45.24 -78.43
CA CYS A 203 44.73 -46.67 -78.39
C CYS A 203 43.45 -47.47 -78.49
N ASP A 204 43.61 -48.74 -78.88
CA ASP A 204 42.49 -49.68 -78.95
C ASP A 204 43.06 -51.09 -78.84
N GLY A 205 42.74 -51.78 -77.76
CA GLY A 205 43.26 -53.09 -77.48
C GLY A 205 43.44 -53.28 -75.99
N ALA A 206 44.51 -53.98 -75.62
CA ALA A 206 44.78 -54.22 -74.21
C ALA A 206 45.39 -53.00 -73.53
N ALA A 207 45.81 -52.01 -74.31
CA ALA A 207 46.47 -50.84 -73.74
C ALA A 207 45.57 -50.14 -72.73
N GLN A 208 46.17 -49.68 -71.63
CA GLN A 208 45.44 -48.99 -70.58
C GLN A 208 45.97 -47.58 -70.36
N PHE B 1 39.63 -33.42 -119.55
CA PHE B 1 40.70 -32.61 -118.91
C PHE B 1 42.10 -33.08 -119.33
N THR B 2 43.11 -32.29 -118.99
CA THR B 2 44.48 -32.50 -119.44
C THR B 2 45.43 -32.37 -118.26
N LEU B 3 46.73 -32.32 -118.57
CA LEU B 3 47.74 -32.27 -117.51
C LEU B 3 47.65 -30.98 -116.71
N ILE B 4 47.40 -29.86 -117.37
CA ILE B 4 47.39 -28.57 -116.69
C ILE B 4 46.29 -28.53 -115.64
N GLU B 5 45.11 -29.07 -115.97
CA GLU B 5 44.04 -29.10 -114.98
C GLU B 5 44.41 -29.90 -113.75
N LEU B 6 45.06 -31.04 -113.95
CA LEU B 6 45.40 -31.92 -112.83
C LEU B 6 46.48 -31.28 -111.96
N MET B 7 47.44 -30.63 -112.60
CA MET B 7 48.45 -29.88 -111.85
C MET B 7 47.82 -28.72 -111.08
N ILE B 8 46.81 -28.07 -111.66
CA ILE B 8 46.13 -27.00 -110.94
C ILE B 8 45.36 -27.57 -109.75
N VAL B 9 44.83 -28.77 -109.88
CA VAL B 9 44.16 -29.42 -108.75
C VAL B 9 45.15 -29.63 -107.61
N VAL B 10 46.33 -30.16 -107.93
CA VAL B 10 47.36 -30.35 -106.92
C VAL B 10 47.75 -29.02 -106.29
N ALA B 11 47.88 -27.98 -107.13
CA ALA B 11 48.26 -26.67 -106.62
C ALA B 11 47.20 -26.09 -105.71
N ILE B 12 45.91 -26.33 -106.02
CA ILE B 12 44.85 -25.81 -105.17
C ILE B 12 44.85 -26.51 -103.82
N ILE B 13 45.15 -27.80 -103.81
CA ILE B 13 45.32 -28.47 -102.52
C ILE B 13 46.48 -27.85 -101.75
N GLY B 14 47.59 -27.58 -102.44
CA GLY B 14 48.71 -26.92 -101.77
C GLY B 14 48.31 -25.56 -101.22
N ILE B 15 47.48 -24.82 -101.94
CA ILE B 15 47.03 -23.51 -101.48
C ILE B 15 46.17 -23.64 -100.24
N LEU B 16 45.22 -24.59 -100.25
CA LEU B 16 44.34 -24.75 -99.10
C LEU B 16 45.12 -25.19 -97.87
N ALA B 17 46.19 -25.96 -98.06
CA ALA B 17 46.99 -26.38 -96.92
C ALA B 17 47.62 -25.20 -96.19
N ALA B 18 47.90 -24.11 -96.90
CA ALA B 18 48.56 -22.95 -96.31
C ALA B 18 47.65 -21.73 -96.25
N ILE B 19 46.34 -21.93 -96.14
CA ILE B 19 45.39 -20.82 -96.09
C ILE B 19 45.57 -20.05 -94.80
N ALA B 20 45.39 -18.72 -94.87
CA ALA B 20 45.49 -17.84 -93.70
C ALA B 20 44.09 -17.57 -93.15
N ILE B 21 43.81 -18.20 -92.02
CA ILE B 21 42.48 -18.18 -91.40
C ILE B 21 42.54 -17.33 -90.14
N PRO B 22 41.40 -17.01 -89.53
CA PRO B 22 41.43 -16.17 -88.32
C PRO B 22 42.22 -16.82 -87.22
N ASN B 23 42.86 -15.99 -86.39
CA ASN B 23 43.65 -16.46 -85.26
C ASN B 23 42.68 -16.79 -84.13
N PHE B 24 42.43 -18.08 -83.92
CA PHE B 24 41.43 -18.49 -82.93
C PHE B 24 42.02 -18.61 -81.52
N ILE B 25 43.33 -18.52 -81.38
CA ILE B 25 43.92 -18.42 -80.06
C ILE B 25 43.40 -17.18 -79.34
N LYS B 26 43.08 -16.12 -80.08
CA LYS B 26 42.49 -14.95 -79.45
C LYS B 26 41.10 -15.25 -78.90
N PHE B 27 40.31 -16.05 -79.61
CA PHE B 27 39.02 -16.47 -79.10
C PHE B 27 39.17 -17.34 -77.86
N GLN B 28 40.13 -18.26 -77.85
CA GLN B 28 40.41 -19.02 -76.64
C GLN B 28 40.79 -18.11 -75.48
N ALA B 29 41.65 -17.12 -75.72
CA ALA B 29 42.06 -16.21 -74.66
C ALA B 29 40.87 -15.42 -74.13
N ARG B 30 40.01 -14.94 -75.01
CA ARG B 30 38.82 -14.25 -74.56
C ARG B 30 37.92 -15.14 -73.73
N SER B 31 37.87 -16.45 -74.05
CA SER B 31 37.17 -17.39 -73.20
C SER B 31 37.80 -17.50 -71.83
N LYS B 32 39.13 -17.56 -71.78
CA LYS B 32 39.82 -17.76 -70.51
C LYS B 32 39.74 -16.53 -69.61
N GLN B 33 39.56 -15.36 -70.20
CA GLN B 33 39.51 -14.12 -69.40
C GLN B 33 38.26 -14.01 -68.53
N SER B 34 37.25 -14.86 -68.73
CA SER B 34 36.01 -14.74 -67.97
C SER B 34 36.19 -15.10 -66.50
N GLU B 35 37.19 -15.90 -66.18
CA GLU B 35 37.47 -16.23 -64.79
C GLU B 35 37.80 -14.97 -64.01
N ALA B 36 38.59 -14.07 -64.59
CA ALA B 36 38.94 -12.84 -63.89
C ALA B 36 37.70 -12.05 -63.53
N LYS B 37 36.77 -11.92 -64.47
CA LYS B 37 35.53 -11.20 -64.19
C LYS B 37 34.76 -11.85 -63.05
N THR B 38 34.58 -13.17 -63.12
CA THR B 38 33.80 -13.86 -62.09
C THR B 38 34.43 -13.69 -60.71
N ASN B 39 35.74 -13.89 -60.62
CA ASN B 39 36.40 -13.84 -59.31
C ASN B 39 36.48 -12.42 -58.77
N LEU B 40 36.65 -11.43 -59.64
CA LEU B 40 36.65 -10.06 -59.15
C LEU B 40 35.28 -9.65 -58.65
N LYS B 41 34.20 -10.10 -59.32
CA LYS B 41 32.88 -9.79 -58.79
C LYS B 41 32.65 -10.48 -57.45
N ALA B 42 33.22 -11.68 -57.27
CA ALA B 42 33.16 -12.33 -55.97
C ALA B 42 33.89 -11.52 -54.90
N LEU B 43 35.08 -10.99 -55.22
CA LEU B 43 35.74 -10.06 -54.32
C LEU B 43 34.84 -8.90 -53.94
N TYR B 44 34.19 -8.29 -54.94
CA TYR B 44 33.35 -7.13 -54.67
C TYR B 44 32.24 -7.49 -53.70
N THR B 45 31.55 -8.61 -53.96
CA THR B 45 30.47 -9.05 -53.10
C THR B 45 30.95 -9.30 -51.67
N ALA B 46 32.05 -10.01 -51.52
CA ALA B 46 32.54 -10.36 -50.19
C ALA B 46 32.97 -9.12 -49.42
N GLN B 47 33.61 -8.17 -50.10
CA GLN B 47 33.97 -6.91 -49.45
C GLN B 47 32.72 -6.18 -48.96
N LYS B 48 31.69 -6.11 -49.80
CA LYS B 48 30.46 -5.41 -49.40
C LYS B 48 29.85 -6.05 -48.16
N SER B 49 29.76 -7.39 -48.15
CA SER B 49 29.15 -8.07 -47.01
C SER B 49 29.99 -7.88 -45.74
N PHE B 50 31.31 -7.95 -45.87
CA PHE B 50 32.17 -7.72 -44.71
C PHE B 50 31.99 -6.31 -44.17
N PHE B 51 31.92 -5.31 -45.05
CA PHE B 51 31.71 -3.94 -44.59
C PHE B 51 30.39 -3.85 -43.84
N SER B 52 29.34 -4.42 -44.40
CA SER B 52 28.03 -4.34 -43.75
C SER B 52 28.07 -4.92 -42.35
N GLU B 53 28.70 -6.09 -42.21
CA GLU B 53 28.74 -6.73 -40.89
C GLU B 53 29.61 -5.96 -39.92
N LYS B 54 30.72 -5.39 -40.41
CA LYS B 54 31.78 -4.84 -39.56
C LYS B 54 31.98 -3.34 -39.66
N ASP B 55 31.26 -2.65 -40.55
CA ASP B 55 31.38 -1.20 -40.71
C ASP B 55 32.80 -0.80 -41.08
N ARG B 56 33.45 -1.59 -41.93
CA ARG B 56 34.81 -1.30 -42.35
C ARG B 56 35.20 -2.31 -43.44
N TYR B 57 36.04 -1.87 -44.36
CA TYR B 57 36.60 -2.75 -45.38
C TYR B 57 37.90 -3.36 -44.90
N SER B 58 38.32 -4.45 -45.54
CA SER B 58 39.47 -5.21 -45.10
C SER B 58 40.59 -5.18 -46.14
N ASP B 59 41.81 -5.28 -45.65
CA ASP B 59 42.98 -5.34 -46.51
C ASP B 59 43.45 -6.77 -46.77
N PHE B 60 42.76 -7.78 -46.26
CA PHE B 60 43.25 -9.15 -46.31
C PHE B 60 42.17 -10.07 -46.85
N ALA B 61 42.59 -11.10 -47.60
CA ALA B 61 41.65 -12.06 -48.14
C ALA B 61 41.19 -13.04 -47.07
N ASN B 62 41.97 -13.18 -46.00
CA ASN B 62 41.58 -14.07 -44.91
C ASN B 62 40.28 -13.64 -44.25
N GLU B 63 40.13 -12.36 -43.94
CA GLU B 63 38.96 -11.84 -43.25
C GLU B 63 37.74 -11.76 -44.15
N ILE B 64 37.93 -11.36 -45.40
CA ILE B 64 36.82 -11.26 -46.34
C ILE B 64 36.19 -12.62 -46.54
N GLY B 65 37.01 -13.65 -46.68
CA GLY B 65 36.53 -14.98 -46.99
C GLY B 65 36.51 -15.30 -48.47
N PHE B 66 37.46 -14.79 -49.24
CA PHE B 66 37.51 -14.99 -50.68
C PHE B 66 38.74 -15.83 -51.03
N ALA B 67 38.53 -16.85 -51.85
CA ALA B 67 39.61 -17.66 -52.36
C ALA B 67 39.10 -18.35 -53.61
N PRO B 68 39.77 -18.19 -54.76
CA PRO B 68 39.36 -18.93 -55.95
C PRO B 68 39.75 -20.40 -55.86
N GLU B 69 39.01 -21.22 -56.60
CA GLU B 69 39.30 -22.64 -56.65
C GLU B 69 40.62 -22.87 -57.37
N ARG B 70 41.17 -24.07 -57.20
CA ARG B 70 42.45 -24.37 -57.81
C ARG B 70 42.36 -24.39 -59.33
N GLY B 71 43.51 -24.19 -59.98
CA GLY B 71 43.56 -23.94 -61.40
C GLY B 71 43.22 -22.52 -61.78
N ASN B 72 43.58 -21.54 -60.94
CA ASN B 72 43.01 -20.20 -61.09
C ASN B 72 43.65 -19.41 -62.23
N ARG B 73 44.94 -19.58 -62.49
CA ARG B 73 45.56 -18.91 -63.63
C ARG B 73 45.73 -17.40 -63.47
N TYR B 74 45.12 -16.82 -62.43
CA TYR B 74 45.19 -15.39 -62.17
C TYR B 74 45.56 -15.19 -60.71
N GLY B 75 46.45 -14.22 -60.45
CA GLY B 75 46.74 -13.82 -59.10
C GLY B 75 45.95 -12.57 -58.72
N TYR B 76 45.42 -12.57 -57.52
CA TYR B 76 44.53 -11.51 -57.06
C TYR B 76 45.17 -10.75 -55.91
N ARG B 77 45.00 -9.44 -55.91
CA ARG B 77 45.53 -8.59 -54.86
C ARG B 77 44.38 -7.79 -54.25
N VAL B 78 44.18 -7.95 -52.95
CA VAL B 78 43.15 -7.21 -52.24
C VAL B 78 43.69 -5.94 -51.61
N SER B 79 45.00 -5.81 -51.45
CA SER B 79 45.57 -4.62 -50.86
C SER B 79 47.07 -4.59 -51.12
N ALA B 80 47.67 -3.43 -50.90
CA ALA B 80 49.11 -3.27 -50.98
C ALA B 80 49.78 -3.44 -49.62
N ALA B 81 49.03 -3.82 -48.59
CA ALA B 81 49.62 -4.05 -47.27
C ALA B 81 50.68 -5.13 -47.36
N ALA B 82 51.49 -5.24 -46.30
CA ALA B 82 52.58 -6.19 -46.28
C ALA B 82 52.08 -7.60 -45.96
N GLY B 83 52.72 -8.58 -46.57
CA GLY B 83 52.37 -9.97 -46.34
C GLY B 83 52.71 -10.82 -47.55
N ASP B 84 52.67 -12.13 -47.32
CA ASP B 84 52.94 -13.10 -48.38
C ASP B 84 51.69 -13.33 -49.22
N CYS B 85 51.86 -13.92 -50.39
CA CYS B 85 50.80 -14.04 -51.40
C CYS B 85 50.27 -15.47 -51.51
N GLU B 86 50.28 -16.22 -50.40
CA GLU B 86 49.70 -17.55 -50.35
C GLU B 86 50.11 -18.34 -51.60
N VAL B 87 51.41 -18.64 -51.66
CA VAL B 87 51.96 -19.32 -52.83
C VAL B 87 51.27 -20.67 -52.98
N ARG B 88 50.71 -20.91 -54.16
CA ARG B 88 50.04 -22.18 -54.48
C ARG B 88 50.96 -23.00 -55.37
N ASN B 89 51.89 -23.72 -54.75
CA ASN B 89 52.89 -24.50 -55.47
C ASN B 89 52.90 -25.96 -55.04
N ALA B 90 51.85 -26.42 -54.36
CA ALA B 90 51.78 -27.79 -53.90
C ALA B 90 50.33 -28.20 -53.76
N ALA B 91 50.11 -29.51 -53.65
CA ALA B 91 48.74 -30.03 -53.53
C ALA B 91 48.05 -29.50 -52.29
N ASP B 92 48.75 -29.47 -51.16
CA ASP B 92 48.22 -28.95 -49.91
C ASP B 92 48.60 -27.49 -49.77
N LEU B 93 47.60 -26.63 -49.54
CA LEU B 93 47.88 -25.22 -49.36
C LEU B 93 48.65 -24.99 -48.07
N PRO B 94 49.56 -24.01 -48.05
CA PRO B 94 50.35 -23.77 -46.84
C PRO B 94 49.52 -23.16 -45.73
N VAL B 95 49.96 -23.37 -44.50
CA VAL B 95 49.33 -22.75 -43.34
C VAL B 95 49.84 -21.31 -43.25
N PRO B 96 48.96 -20.31 -43.23
CA PRO B 96 49.42 -18.92 -43.27
C PRO B 96 50.07 -18.51 -41.96
N ALA B 97 51.06 -17.62 -42.07
CA ALA B 97 51.70 -17.07 -40.87
C ALA B 97 50.94 -15.84 -40.36
N ALA B 98 50.36 -15.06 -41.26
CA ALA B 98 49.55 -13.91 -40.89
C ALA B 98 48.58 -13.63 -42.03
N GLY B 99 47.87 -12.51 -41.94
CA GLY B 99 46.94 -12.15 -42.98
C GLY B 99 47.62 -12.04 -44.33
N VAL B 100 46.94 -12.57 -45.35
CA VAL B 100 47.49 -12.57 -46.70
C VAL B 100 46.76 -11.51 -47.53
N PRO B 101 47.47 -10.50 -48.06
CA PRO B 101 46.79 -9.51 -48.90
C PRO B 101 46.65 -9.93 -50.35
N CYS B 102 47.30 -11.02 -50.77
CA CYS B 102 47.32 -11.41 -52.16
C CYS B 102 47.27 -12.94 -52.23
N ILE B 103 46.79 -13.43 -53.37
CA ILE B 103 46.71 -14.86 -53.65
C ILE B 103 47.49 -15.12 -54.92
N SER B 104 48.44 -16.04 -54.85
CA SER B 104 49.31 -16.27 -55.99
C SER B 104 48.61 -17.10 -57.06
N ASN B 105 49.23 -17.13 -58.23
CA ASN B 105 48.78 -18.01 -59.30
C ASN B 105 48.95 -19.45 -58.88
N ASP B 106 48.07 -20.31 -59.39
CA ASP B 106 48.12 -21.74 -59.04
C ASP B 106 49.17 -22.41 -59.91
N SER B 107 50.43 -22.36 -59.47
CA SER B 107 51.52 -22.94 -60.22
C SER B 107 51.68 -24.43 -59.99
N PHE B 108 50.82 -25.04 -59.17
CA PHE B 108 50.84 -26.50 -59.04
C PHE B 108 50.56 -27.18 -60.36
N ARG B 109 49.56 -26.70 -61.10
CA ARG B 109 49.13 -27.34 -62.32
C ARG B 109 49.48 -26.57 -63.59
N PHE B 110 50.23 -25.47 -63.47
CA PHE B 110 50.68 -24.71 -64.62
C PHE B 110 52.20 -24.63 -64.75
N GLY B 111 52.95 -25.18 -63.82
CA GLY B 111 54.40 -25.15 -63.91
C GLY B 111 55.00 -24.08 -63.03
N ALA B 112 56.27 -24.29 -62.66
CA ALA B 112 56.95 -23.36 -61.77
C ALA B 112 57.32 -22.06 -62.48
N ASN B 113 57.54 -22.10 -63.78
CA ASN B 113 57.92 -20.91 -64.54
C ASN B 113 56.75 -19.98 -64.80
N SER B 114 55.52 -20.42 -64.58
CA SER B 114 54.34 -19.59 -64.74
C SER B 114 53.89 -18.94 -63.44
N ALA B 115 54.66 -19.08 -62.37
CA ALA B 115 54.25 -18.58 -61.08
C ALA B 115 54.11 -17.07 -61.10
N ILE B 116 53.12 -16.57 -60.36
CA ILE B 116 52.91 -15.14 -60.14
C ILE B 116 52.81 -14.96 -58.63
N ASP B 117 53.93 -14.59 -58.00
CA ASP B 117 53.97 -14.40 -56.56
C ASP B 117 53.75 -12.95 -56.13
N ASP B 118 53.54 -12.05 -57.08
CA ASP B 118 53.27 -10.65 -56.78
C ASP B 118 52.29 -10.12 -57.81
N PRO B 119 51.02 -10.51 -57.70
CA PRO B 119 50.04 -10.18 -58.74
C PRO B 119 49.47 -8.77 -58.61
N THR B 120 50.35 -7.78 -58.78
CA THR B 120 49.93 -6.38 -58.71
C THR B 120 49.62 -5.88 -60.12
N PRO B 121 48.39 -5.50 -60.43
CA PRO B 121 48.05 -5.12 -61.80
C PRO B 121 48.52 -3.71 -62.15
N VAL B 122 48.36 -3.39 -63.43
CA VAL B 122 48.63 -2.04 -63.92
C VAL B 122 47.35 -1.22 -63.83
N VAL B 123 47.48 0.02 -63.33
CA VAL B 123 46.34 0.90 -63.11
C VAL B 123 46.52 2.25 -63.79
N ALA B 124 47.40 2.34 -64.79
CA ALA B 124 47.65 3.61 -65.44
C ALA B 124 46.44 4.10 -66.21
N ARG B 125 45.70 3.19 -66.84
CA ARG B 125 44.61 3.57 -67.73
C ARG B 125 43.23 3.42 -67.08
N PHE B 126 43.15 3.60 -65.77
CA PHE B 126 41.88 3.70 -65.06
C PHE B 126 41.90 5.02 -64.29
N VAL B 127 40.98 5.90 -64.60
CA VAL B 127 40.95 7.25 -64.02
C VAL B 127 39.73 7.33 -63.10
N PRO B 128 39.91 7.43 -61.78
CA PRO B 128 38.75 7.62 -60.90
C PRO B 128 38.01 8.91 -61.23
N GLN B 129 36.70 8.85 -61.11
CA GLN B 129 35.82 9.99 -61.37
C GLN B 129 35.08 10.37 -60.10
N GLY B 130 34.73 11.64 -60.00
CA GLY B 130 33.98 12.14 -58.88
C GLY B 130 34.76 13.17 -58.06
N ALA B 131 34.02 13.85 -57.18
CA ALA B 131 34.63 14.90 -56.36
C ALA B 131 35.31 14.32 -55.13
N ALA B 132 35.05 13.05 -54.80
CA ALA B 132 35.61 12.48 -53.59
C ALA B 132 37.12 12.32 -53.68
N GLY B 133 37.69 12.43 -54.87
CA GLY B 133 39.13 12.36 -55.02
C GLY B 133 39.76 11.03 -54.66
N TRP B 134 39.20 9.93 -55.14
CA TRP B 134 39.78 8.63 -54.84
C TRP B 134 41.04 8.39 -55.65
N ASN B 135 41.88 7.47 -55.18
CA ASN B 135 43.15 7.16 -55.79
C ASN B 135 43.08 5.81 -56.50
N THR B 136 44.17 5.44 -57.18
CA THR B 136 44.29 4.14 -57.82
C THR B 136 45.17 3.17 -57.03
N THR B 137 45.56 3.51 -55.80
CA THR B 137 46.30 2.55 -54.98
C THR B 137 45.37 1.45 -54.51
N LEU B 138 45.83 0.21 -54.66
CA LEU B 138 45.01 -0.94 -54.29
C LEU B 138 44.79 -0.99 -52.78
N GLY B 139 43.61 -1.45 -52.39
CA GLY B 139 43.29 -1.58 -50.98
C GLY B 139 42.24 -0.60 -50.52
N VAL B 140 41.98 -0.56 -49.22
CA VAL B 140 41.02 0.37 -48.65
C VAL B 140 41.64 1.74 -48.62
N GLN B 141 40.93 2.73 -49.15
CA GLN B 141 41.38 4.10 -49.21
C GLN B 141 40.34 5.00 -48.57
N PRO B 142 40.75 6.18 -48.09
CA PRO B 142 42.12 6.72 -48.05
C PRO B 142 43.00 5.97 -47.06
N THR B 143 42.38 5.39 -46.04
CA THR B 143 43.07 4.55 -45.09
C THR B 143 42.04 3.67 -44.40
N ILE B 144 42.48 2.52 -43.90
CA ILE B 144 41.60 1.65 -43.16
C ILE B 144 41.25 2.26 -41.80
N ALA B 145 41.88 3.39 -41.44
CA ALA B 145 41.64 4.01 -40.16
C ALA B 145 40.28 4.69 -40.09
N ASP B 146 39.60 4.88 -41.23
CA ASP B 146 38.27 5.47 -41.26
C ASP B 146 37.23 4.36 -41.40
N CYS B 147 36.47 4.10 -40.34
CA CYS B 147 35.47 3.04 -40.41
C CYS B 147 34.44 3.28 -41.51
N PRO B 148 33.80 4.42 -41.62
CA PRO B 148 33.00 4.68 -42.83
C PRO B 148 33.90 4.84 -44.05
N ASN B 149 34.52 3.73 -44.42
CA ASN B 149 35.62 3.73 -45.38
C ASN B 149 35.16 4.22 -46.74
N CYS B 150 36.03 4.99 -47.40
CA CYS B 150 35.84 5.18 -48.82
C CYS B 150 36.06 3.86 -49.53
N ASN B 151 35.49 3.77 -50.73
CA ASN B 151 35.44 2.51 -51.43
C ASN B 151 36.82 1.88 -51.59
N PHE B 152 36.83 0.55 -51.67
CA PHE B 152 38.06 -0.21 -51.87
C PHE B 152 38.50 -0.17 -53.33
N PHE B 153 39.58 -0.89 -53.61
CA PHE B 153 40.14 -1.01 -54.94
C PHE B 153 40.98 -2.27 -55.00
N ALA B 154 40.71 -3.14 -55.99
CA ALA B 154 41.34 -4.45 -56.07
C ALA B 154 41.56 -4.81 -57.53
N GLY B 155 42.39 -5.81 -57.76
CA GLY B 155 42.66 -6.21 -59.13
C GLY B 155 43.31 -7.57 -59.21
N ALA B 156 43.56 -8.00 -60.45
CA ALA B 156 44.10 -9.32 -60.71
C ALA B 156 45.14 -9.23 -61.83
N ARG B 157 45.91 -10.30 -62.00
CA ARG B 157 47.01 -10.33 -62.95
C ARG B 157 47.18 -11.77 -63.42
N GLY B 158 47.24 -11.97 -64.72
CA GLY B 158 47.34 -13.33 -65.25
C GLY B 158 47.87 -13.34 -66.65
N ASN B 159 47.89 -14.52 -67.25
CA ASN B 159 48.42 -14.71 -68.59
C ASN B 159 47.40 -15.49 -69.42
N ALA B 160 47.10 -14.99 -70.62
CA ALA B 160 46.14 -15.65 -71.49
C ALA B 160 46.83 -16.29 -72.69
N ASP B 161 46.63 -17.59 -72.84
CA ASP B 161 47.33 -18.45 -73.82
C ASP B 161 48.84 -18.22 -73.66
N ASN B 162 49.61 -18.14 -74.74
CA ASN B 162 51.07 -18.21 -74.67
C ASN B 162 51.70 -16.83 -74.73
N GLU B 163 50.97 -15.82 -74.29
CA GLU B 163 51.52 -14.49 -74.13
C GLU B 163 52.62 -14.51 -73.07
N ALA B 164 53.78 -13.96 -73.41
CA ALA B 164 54.83 -13.82 -72.41
C ALA B 164 54.43 -12.84 -71.32
N THR B 165 53.73 -11.77 -71.70
CA THR B 165 53.28 -10.73 -70.79
C THR B 165 51.87 -11.03 -70.27
N PHE B 166 51.41 -10.19 -69.34
CA PHE B 166 50.21 -10.46 -68.56
C PHE B 166 49.08 -9.52 -68.96
N ASP B 167 47.86 -9.91 -68.60
CA ASP B 167 46.72 -8.99 -68.66
C ASP B 167 46.25 -8.65 -67.26
N ASP B 168 45.80 -7.41 -67.08
CA ASP B 168 45.51 -6.86 -65.77
C ASP B 168 44.06 -6.43 -65.72
N TRP B 169 43.42 -6.68 -64.58
CA TRP B 169 42.04 -6.28 -64.33
C TRP B 169 41.98 -5.49 -63.04
N VAL B 170 40.97 -4.64 -62.91
CA VAL B 170 40.73 -3.91 -61.67
C VAL B 170 39.23 -3.86 -61.43
N ILE B 171 38.86 -3.84 -60.15
CA ILE B 171 37.49 -3.61 -59.74
C ILE B 171 37.52 -2.61 -58.60
N ALA B 172 36.62 -1.63 -58.66
CA ALA B 172 36.59 -0.55 -57.69
C ALA B 172 35.19 -0.43 -57.12
N GLY B 173 35.10 0.12 -55.91
CA GLY B 173 33.82 0.47 -55.34
C GLY B 173 33.33 1.84 -55.74
N PHE B 174 34.09 2.58 -56.52
CA PHE B 174 33.75 3.93 -56.95
C PHE B 174 33.74 3.99 -58.47
N GLU B 175 33.31 5.14 -59.00
CA GLU B 175 33.17 5.29 -60.43
C GLU B 175 34.49 5.70 -61.07
N GLY B 176 34.71 5.24 -62.30
CA GLY B 176 35.90 5.60 -63.03
C GLY B 176 35.65 5.49 -64.51
N SER B 177 36.63 5.95 -65.28
CA SER B 177 36.56 5.89 -66.73
C SER B 177 37.84 5.32 -67.28
N GLY B 178 37.73 4.55 -68.35
CA GLY B 178 38.89 3.99 -69.01
C GLY B 178 39.52 4.98 -69.97
N GLN B 179 40.77 4.71 -70.33
CA GLN B 179 41.49 5.51 -71.31
C GLN B 179 41.82 4.67 -72.53
N VAL B 180 41.66 5.28 -73.69
CA VAL B 180 42.00 4.61 -74.94
C VAL B 180 43.51 4.42 -75.02
N GLY B 181 43.93 3.25 -75.47
CA GLY B 181 45.33 2.94 -75.61
C GLY B 181 45.51 1.71 -76.47
N PRO B 182 46.76 1.30 -76.69
CA PRO B 182 47.00 0.12 -77.53
C PRO B 182 46.40 -1.15 -76.96
N CYS B 183 46.15 -1.21 -75.65
CA CYS B 183 45.72 -2.44 -75.00
C CYS B 183 44.53 -2.19 -74.08
N SER B 184 43.74 -1.15 -74.35
CA SER B 184 42.57 -0.88 -73.53
C SER B 184 41.57 -0.06 -74.33
N GLU B 185 40.31 -0.16 -73.94
CA GLU B 185 39.01 0.36 -74.32
C GLU B 185 38.75 1.68 -73.60
N ALA B 186 37.95 2.53 -74.24
CA ALA B 186 37.58 3.82 -73.68
C ALA B 186 36.09 3.82 -73.39
N GLY B 187 35.74 4.29 -72.21
CA GLY B 187 34.36 4.39 -71.79
C GLY B 187 34.26 4.36 -70.29
N ASN B 188 33.13 4.82 -69.78
CA ASN B 188 32.91 4.95 -68.36
C ASN B 188 32.60 3.60 -67.74
N VAL B 189 33.10 3.38 -66.53
CA VAL B 189 32.98 2.11 -65.83
C VAL B 189 32.18 2.35 -64.56
N ALA B 190 31.05 1.66 -64.41
CA ALA B 190 30.25 1.79 -63.23
C ALA B 190 30.88 1.03 -62.07
N SER B 191 30.64 1.50 -60.86
CA SER B 191 31.21 0.84 -59.69
C SER B 191 30.70 -0.60 -59.59
N GLY B 192 31.63 -1.52 -59.37
CA GLY B 192 31.30 -2.93 -59.35
C GLY B 192 31.39 -3.64 -60.67
N THR B 193 32.01 -3.03 -61.68
CA THR B 193 32.21 -3.64 -62.99
C THR B 193 33.70 -3.81 -63.25
N PRO B 194 34.19 -5.02 -63.48
CA PRO B 194 35.63 -5.18 -63.76
C PRO B 194 36.03 -4.44 -65.02
N TYR B 195 37.25 -3.89 -64.99
CA TYR B 195 37.79 -3.14 -66.12
C TYR B 195 39.15 -3.74 -66.48
N ASN B 196 39.42 -3.83 -67.77
CA ASN B 196 40.62 -4.48 -68.29
C ASN B 196 41.66 -3.43 -68.64
N THR B 197 42.60 -3.19 -67.72
CA THR B 197 43.62 -2.18 -67.96
C THR B 197 44.58 -2.59 -69.07
N ARG B 198 45.02 -3.84 -69.06
CA ARG B 198 45.80 -4.43 -70.14
C ARG B 198 45.21 -5.80 -70.40
N ASN B 199 44.92 -6.11 -71.66
CA ASN B 199 44.14 -7.31 -71.97
C ASN B 199 44.99 -8.46 -72.51
N ASP B 200 46.15 -8.18 -73.10
CA ASP B 200 47.06 -9.23 -73.53
C ASP B 200 46.55 -10.03 -74.72
N VAL B 201 45.30 -9.81 -75.12
CA VAL B 201 44.82 -10.39 -76.37
C VAL B 201 45.06 -9.44 -77.53
N ALA B 202 44.97 -8.14 -77.26
CA ALA B 202 45.23 -7.15 -78.29
C ALA B 202 46.71 -6.99 -78.54
N CYS B 203 47.55 -7.19 -77.52
CA CYS B 203 48.94 -6.79 -77.60
C CYS B 203 49.82 -7.78 -76.84
N ASP B 204 51.11 -7.76 -77.18
CA ASP B 204 52.12 -8.54 -76.49
C ASP B 204 53.46 -7.85 -76.67
N GLY B 205 54.06 -7.41 -75.58
CA GLY B 205 55.32 -6.69 -75.61
C GLY B 205 55.32 -5.61 -74.57
N ALA B 206 55.97 -4.49 -74.90
CA ALA B 206 56.04 -3.37 -73.98
C ALA B 206 54.73 -2.60 -73.91
N ALA B 207 53.80 -2.87 -74.83
CA ALA B 207 52.55 -2.12 -74.88
C ALA B 207 51.80 -2.25 -73.56
N GLN B 208 51.21 -1.15 -73.11
CA GLN B 208 50.45 -1.12 -71.87
C GLN B 208 49.00 -0.70 -72.10
N PHE C 1 40.20 -37.80 -106.90
CA PHE C 1 39.27 -36.65 -107.13
C PHE C 1 39.72 -35.80 -108.31
N THR C 2 38.87 -34.85 -108.70
CA THR C 2 39.05 -34.05 -109.90
C THR C 2 38.75 -32.59 -109.59
N LEU C 3 38.70 -31.78 -110.65
CA LEU C 3 38.50 -30.34 -110.47
C LEU C 3 37.13 -30.03 -109.87
N ILE C 4 36.09 -30.74 -110.31
CA ILE C 4 34.75 -30.45 -109.83
C ILE C 4 34.67 -30.65 -108.32
N GLU C 5 35.34 -31.68 -107.81
CA GLU C 5 35.34 -31.90 -106.36
C GLU C 5 35.99 -30.74 -105.62
N LEU C 6 37.12 -30.24 -106.10
CA LEU C 6 37.81 -29.17 -105.41
C LEU C 6 37.00 -27.89 -105.46
N MET C 7 36.37 -27.61 -106.60
CA MET C 7 35.52 -26.44 -106.70
C MET C 7 34.31 -26.57 -105.78
N ILE C 8 33.78 -27.77 -105.62
CA ILE C 8 32.66 -27.98 -104.70
C ILE C 8 33.11 -27.77 -103.27
N VAL C 9 34.34 -28.16 -102.94
CA VAL C 9 34.86 -27.91 -101.60
C VAL C 9 34.93 -26.41 -101.33
N VAL C 10 35.45 -25.66 -102.30
CA VAL C 10 35.51 -24.20 -102.15
C VAL C 10 34.11 -23.63 -101.98
N ALA C 11 33.16 -24.10 -102.79
CA ALA C 11 31.79 -23.62 -102.70
C ALA C 11 31.17 -23.95 -101.36
N ILE C 12 31.51 -25.11 -100.79
CA ILE C 12 30.93 -25.49 -99.51
C ILE C 12 31.47 -24.63 -98.38
N ILE C 13 32.76 -24.30 -98.42
CA ILE C 13 33.25 -23.39 -97.37
C ILE C 13 32.62 -22.01 -97.56
N GLY C 14 32.42 -21.58 -98.81
CA GLY C 14 31.68 -20.35 -99.05
C GLY C 14 30.26 -20.41 -98.50
N ILE C 15 29.62 -21.58 -98.60
CA ILE C 15 28.28 -21.75 -98.04
C ILE C 15 28.32 -21.61 -96.53
N LEU C 16 29.25 -22.30 -95.88
CA LEU C 16 29.32 -22.24 -94.42
C LEU C 16 29.61 -20.84 -93.94
N ALA C 17 30.35 -20.06 -94.73
CA ALA C 17 30.61 -18.67 -94.35
C ALA C 17 29.33 -17.85 -94.25
N ALA C 18 28.28 -18.24 -94.97
CA ALA C 18 27.04 -17.48 -95.01
C ALA C 18 25.86 -18.24 -94.41
N ILE C 19 26.12 -19.21 -93.53
CA ILE C 19 25.05 -19.99 -92.92
C ILE C 19 24.19 -19.09 -92.05
N ALA C 20 22.91 -19.44 -91.92
CA ALA C 20 21.96 -18.64 -91.13
C ALA C 20 21.76 -19.31 -89.78
N ILE C 21 22.63 -18.93 -88.84
CA ILE C 21 22.59 -19.47 -87.48
C ILE C 21 21.50 -18.74 -86.71
N PRO C 22 21.04 -19.26 -85.58
CA PRO C 22 19.98 -18.58 -84.83
C PRO C 22 20.41 -17.21 -84.35
N ASN C 23 19.45 -16.31 -84.23
CA ASN C 23 19.70 -14.95 -83.77
C ASN C 23 19.93 -15.01 -82.26
N PHE C 24 21.20 -14.93 -81.85
CA PHE C 24 21.53 -15.05 -80.43
C PHE C 24 21.45 -13.71 -79.71
N ILE C 25 21.26 -12.60 -80.43
CA ILE C 25 20.98 -11.34 -79.77
C ILE C 25 19.70 -11.44 -78.96
N LYS C 26 18.76 -12.29 -79.39
CA LYS C 26 17.57 -12.53 -78.58
C LYS C 26 17.93 -13.14 -77.24
N PHE C 27 18.86 -14.10 -77.23
CA PHE C 27 19.31 -14.71 -75.98
C PHE C 27 20.04 -13.69 -75.10
N GLN C 28 20.88 -12.85 -75.70
CA GLN C 28 21.50 -11.78 -74.91
C GLN C 28 20.46 -10.87 -74.29
N ALA C 29 19.44 -10.48 -75.06
CA ALA C 29 18.42 -9.58 -74.54
C ALA C 29 17.65 -10.23 -73.39
N ARG C 30 17.33 -11.52 -73.54
CA ARG C 30 16.65 -12.22 -72.46
C ARG C 30 17.54 -12.30 -71.22
N SER C 31 18.85 -12.40 -71.40
CA SER C 31 19.76 -12.31 -70.25
C SER C 31 19.69 -10.94 -69.59
N LYS C 32 19.65 -9.88 -70.40
CA LYS C 32 19.71 -8.52 -69.87
C LYS C 32 18.40 -8.13 -69.20
N GLN C 33 17.30 -8.81 -69.52
CA GLN C 33 16.00 -8.46 -68.95
C GLN C 33 15.88 -8.79 -67.47
N SER C 34 16.85 -9.50 -66.89
CA SER C 34 16.73 -9.92 -65.50
C SER C 34 16.92 -8.78 -64.50
N GLU C 35 17.55 -7.68 -64.91
CA GLU C 35 17.60 -6.50 -64.04
C GLU C 35 16.20 -6.07 -63.65
N ALA C 36 15.29 -6.01 -64.60
CA ALA C 36 13.95 -5.53 -64.31
C ALA C 36 13.27 -6.43 -63.29
N LYS C 37 13.37 -7.75 -63.46
CA LYS C 37 12.76 -8.67 -62.50
C LYS C 37 13.32 -8.45 -61.10
N THR C 38 14.65 -8.46 -60.97
CA THR C 38 15.25 -8.37 -59.63
C THR C 38 14.90 -7.03 -58.98
N ASN C 39 15.02 -5.94 -59.73
CA ASN C 39 14.80 -4.62 -59.14
C ASN C 39 13.33 -4.37 -58.83
N LEU C 40 12.42 -4.87 -59.66
CA LEU C 40 11.00 -4.73 -59.35
C LEU C 40 10.63 -5.53 -58.11
N LYS C 41 11.22 -6.71 -57.92
CA LYS C 41 10.93 -7.45 -56.70
C LYS C 41 11.51 -6.74 -55.48
N ALA C 42 12.67 -6.10 -55.63
CA ALA C 42 13.21 -5.29 -54.53
C ALA C 42 12.28 -4.12 -54.22
N LEU C 43 11.71 -3.49 -55.24
CA LEU C 43 10.73 -2.43 -55.03
C LEU C 43 9.52 -2.94 -54.26
N TYR C 44 9.01 -4.12 -54.65
CA TYR C 44 7.87 -4.71 -53.96
C TYR C 44 8.18 -4.94 -52.49
N THR C 45 9.35 -5.50 -52.21
CA THR C 45 9.75 -5.77 -50.83
C THR C 45 9.84 -4.49 -50.01
N ALA C 46 10.48 -3.47 -50.57
CA ALA C 46 10.65 -2.22 -49.84
C ALA C 46 9.29 -1.55 -49.58
N GLN C 47 8.39 -1.61 -50.55
CA GLN C 47 7.04 -1.07 -50.34
C GLN C 47 6.33 -1.79 -49.21
N LYS C 48 6.41 -3.13 -49.19
CA LYS C 48 5.73 -3.88 -48.12
C LYS C 48 6.31 -3.52 -46.76
N SER C 49 7.63 -3.43 -46.66
CA SER C 49 8.25 -3.08 -45.38
C SER C 49 7.85 -1.68 -44.93
N PHE C 50 7.83 -0.73 -45.87
CA PHE C 50 7.43 0.63 -45.52
C PHE C 50 5.99 0.66 -45.04
N PHE C 51 5.09 -0.05 -45.72
CA PHE C 51 3.70 -0.07 -45.28
C PHE C 51 3.61 -0.62 -43.88
N SER C 52 4.28 -1.73 -43.62
CA SER C 52 4.21 -2.34 -42.29
C SER C 52 4.65 -1.35 -41.23
N GLU C 53 5.77 -0.66 -41.45
CA GLU C 53 6.29 0.23 -40.42
C GLU C 53 5.40 1.47 -40.27
N LYS C 54 4.83 1.95 -41.37
CA LYS C 54 4.20 3.27 -41.42
C LYS C 54 2.70 3.24 -41.64
N ASP C 55 2.13 2.10 -42.03
CA ASP C 55 0.69 1.96 -42.27
C ASP C 55 0.24 2.77 -43.48
N ARG C 56 1.06 2.78 -44.53
CA ARG C 56 0.74 3.44 -45.78
C ARG C 56 1.84 3.15 -46.79
N TYR C 57 1.46 3.08 -48.05
CA TYR C 57 2.42 2.98 -49.14
C TYR C 57 2.89 4.38 -49.55
N SER C 58 4.05 4.44 -50.16
CA SER C 58 4.69 5.70 -50.50
C SER C 58 4.63 5.96 -51.99
N ASP C 59 4.65 7.24 -52.35
CA ASP C 59 4.70 7.67 -53.74
C ASP C 59 6.11 8.01 -54.21
N PHE C 60 7.11 7.92 -53.34
CA PHE C 60 8.45 8.38 -53.66
C PHE C 60 9.48 7.31 -53.33
N ALA C 61 10.57 7.29 -54.09
CA ALA C 61 11.61 6.28 -53.88
C ALA C 61 12.53 6.68 -52.72
N ASN C 62 12.50 7.97 -52.34
CA ASN C 62 13.32 8.41 -51.21
C ASN C 62 12.96 7.71 -49.92
N GLU C 63 11.67 7.68 -49.58
CA GLU C 63 11.22 7.09 -48.33
C GLU C 63 11.19 5.57 -48.35
N ILE C 64 10.85 4.97 -49.49
CA ILE C 64 10.88 3.52 -49.62
C ILE C 64 12.27 2.98 -49.29
N GLY C 65 13.30 3.69 -49.73
CA GLY C 65 14.66 3.24 -49.57
C GLY C 65 15.17 2.37 -50.69
N PHE C 66 14.61 2.50 -51.89
CA PHE C 66 14.97 1.68 -53.04
C PHE C 66 15.76 2.51 -54.03
N ALA C 67 16.85 1.92 -54.54
CA ALA C 67 17.63 2.53 -55.60
C ALA C 67 18.49 1.43 -56.22
N PRO C 68 18.50 1.29 -57.53
CA PRO C 68 19.37 0.28 -58.15
C PRO C 68 20.80 0.79 -58.30
N GLU C 69 21.72 -0.16 -58.36
CA GLU C 69 23.13 0.18 -58.53
C GLU C 69 23.37 0.72 -59.93
N ARG C 70 24.46 1.46 -60.08
CA ARG C 70 24.77 2.08 -61.36
C ARG C 70 25.01 1.05 -62.45
N GLY C 71 24.71 1.45 -63.70
CA GLY C 71 24.68 0.54 -64.81
C GLY C 71 23.37 -0.20 -64.98
N ASN C 72 22.24 0.45 -64.67
CA ASN C 72 20.99 -0.27 -64.49
C ASN C 72 20.27 -0.60 -65.81
N ARG C 73 20.43 0.25 -66.82
CA ARG C 73 19.79 0.07 -68.14
C ARG C 73 18.28 0.34 -68.13
N TYR C 74 17.68 0.48 -66.95
CA TYR C 74 16.23 0.60 -66.82
C TYR C 74 15.88 1.79 -65.96
N GLY C 75 14.85 2.52 -66.36
CA GLY C 75 14.28 3.53 -65.52
C GLY C 75 13.06 3.01 -64.79
N TYR C 76 12.95 3.35 -63.52
CA TYR C 76 11.91 2.84 -62.65
C TYR C 76 11.01 3.97 -62.20
N ARG C 77 9.71 3.72 -62.18
CA ARG C 77 8.75 4.70 -61.71
C ARG C 77 7.96 4.09 -60.55
N VAL C 78 8.03 4.74 -59.40
CA VAL C 78 7.28 4.30 -58.23
C VAL C 78 5.91 4.97 -58.16
N SER C 79 5.69 6.06 -58.90
CA SER C 79 4.45 6.80 -58.81
C SER C 79 4.36 7.78 -59.97
N ALA C 80 3.15 8.26 -60.21
CA ALA C 80 2.91 9.27 -61.21
C ALA C 80 2.89 10.68 -60.62
N ALA C 81 3.19 10.82 -59.34
CA ALA C 81 3.25 12.14 -58.71
C ALA C 81 4.27 13.03 -59.42
N ALA C 82 4.23 14.32 -59.10
CA ALA C 82 5.13 15.27 -59.73
C ALA C 82 6.50 15.24 -59.07
N GLY C 83 7.53 15.44 -59.88
CA GLY C 83 8.89 15.47 -59.38
C GLY C 83 9.87 15.06 -60.46
N ASP C 84 11.15 15.33 -60.19
CA ASP C 84 12.22 14.98 -61.10
C ASP C 84 12.55 13.50 -61.00
N CYS C 85 13.28 12.98 -61.98
CA CYS C 85 13.52 11.55 -62.11
C CYS C 85 14.96 11.17 -61.80
N GLU C 86 15.61 11.91 -60.90
CA GLU C 86 16.95 11.57 -60.44
C GLU C 86 17.83 11.19 -61.62
N VAL C 87 18.12 12.19 -62.46
CA VAL C 87 18.89 11.95 -63.67
C VAL C 87 20.29 11.47 -63.28
N ARG C 88 20.68 10.33 -63.81
CA ARG C 88 22.00 9.74 -63.57
C ARG C 88 22.87 9.96 -64.80
N ASN C 89 23.45 11.15 -64.89
CA ASN C 89 24.26 11.54 -66.06
C ASN C 89 25.66 11.97 -65.66
N ALA C 90 26.11 11.63 -64.46
CA ALA C 90 27.43 12.03 -64.01
C ALA C 90 27.90 11.04 -62.95
N ALA C 91 29.19 11.11 -62.64
CA ALA C 91 29.76 10.19 -61.65
C ALA C 91 29.12 10.39 -60.28
N ASP C 92 28.92 11.64 -59.88
CA ASP C 92 28.30 11.95 -58.60
C ASP C 92 26.80 12.15 -58.81
N LEU C 93 25.99 11.45 -58.03
CA LEU C 93 24.54 11.61 -58.13
C LEU C 93 24.14 13.00 -57.63
N PRO C 94 23.12 13.60 -58.23
CA PRO C 94 22.71 14.94 -57.83
C PRO C 94 22.05 14.94 -56.46
N VAL C 95 22.11 16.09 -55.80
CA VAL C 95 21.41 16.27 -54.52
C VAL C 95 19.95 16.56 -54.82
N PRO C 96 19.01 15.78 -54.31
CA PRO C 96 17.60 15.99 -54.68
C PRO C 96 17.03 17.27 -54.10
N ALA C 97 16.11 17.88 -54.85
CA ALA C 97 15.39 19.04 -54.35
C ALA C 97 14.15 18.63 -53.55
N ALA C 98 13.54 17.51 -53.93
CA ALA C 98 12.38 16.99 -53.20
C ALA C 98 12.29 15.49 -53.50
N GLY C 99 11.22 14.88 -53.01
CA GLY C 99 11.02 13.47 -53.25
C GLY C 99 10.99 13.15 -54.73
N VAL C 100 11.65 12.06 -55.10
CA VAL C 100 11.76 11.64 -56.49
C VAL C 100 10.83 10.46 -56.73
N PRO C 101 9.83 10.57 -57.62
CA PRO C 101 8.98 9.42 -57.92
C PRO C 101 9.55 8.47 -58.94
N CYS C 102 10.62 8.85 -59.63
CA CYS C 102 11.18 8.07 -60.72
C CYS C 102 12.69 8.14 -60.64
N ILE C 103 13.34 7.08 -61.11
CA ILE C 103 14.78 7.00 -61.22
C ILE C 103 15.14 6.81 -62.68
N SER C 104 15.96 7.70 -63.21
CA SER C 104 16.25 7.67 -64.62
C SER C 104 17.16 6.50 -64.97
N ASN C 105 17.33 6.28 -66.27
CA ASN C 105 18.33 5.35 -66.75
C ASN C 105 19.72 5.89 -66.46
N ASP C 106 20.68 4.98 -66.28
CA ASP C 106 22.06 5.36 -65.99
C ASP C 106 22.75 5.69 -67.30
N SER C 107 22.61 6.92 -67.77
CA SER C 107 23.21 7.34 -69.02
C SER C 107 24.67 7.76 -68.86
N PHE C 108 25.23 7.66 -67.67
CA PHE C 108 26.65 7.95 -67.49
C PHE C 108 27.50 7.00 -68.33
N ARG C 109 27.18 5.70 -68.30
CA ARG C 109 27.97 4.69 -68.97
C ARG C 109 27.28 4.09 -70.19
N PHE C 110 26.13 4.62 -70.60
CA PHE C 110 25.46 4.17 -71.81
C PHE C 110 25.29 5.26 -72.85
N GLY C 111 25.78 6.46 -72.61
CA GLY C 111 25.69 7.52 -73.60
C GLY C 111 24.52 8.45 -73.33
N ALA C 112 24.64 9.68 -73.82
CA ALA C 112 23.60 10.69 -73.57
C ALA C 112 22.36 10.44 -74.41
N ASN C 113 22.50 9.76 -75.54
CA ASN C 113 21.36 9.49 -76.41
C ASN C 113 20.51 8.33 -75.92
N SER C 114 20.98 7.54 -74.98
CA SER C 114 20.22 6.44 -74.41
C SER C 114 19.46 6.83 -73.15
N ALA C 115 19.46 8.11 -72.80
CA ALA C 115 18.85 8.54 -71.55
C ALA C 115 17.35 8.28 -71.56
N ILE C 116 16.82 7.89 -70.41
CA ILE C 116 15.39 7.72 -70.19
C ILE C 116 15.05 8.56 -68.96
N ASP C 117 14.61 9.80 -69.18
CA ASP C 117 14.31 10.72 -68.10
C ASP C 117 12.84 10.67 -67.69
N ASP C 118 12.03 9.84 -68.34
CA ASP C 118 10.62 9.69 -67.99
C ASP C 118 10.24 8.23 -68.20
N PRO C 119 10.67 7.36 -67.30
CA PRO C 119 10.49 5.91 -67.51
C PRO C 119 9.10 5.42 -67.12
N THR C 120 8.08 5.89 -67.84
CA THR C 120 6.71 5.47 -67.60
C THR C 120 6.37 4.31 -68.52
N PRO C 121 6.06 3.12 -68.01
CA PRO C 121 5.82 1.97 -68.88
C PRO C 121 4.44 1.97 -69.51
N VAL C 122 4.24 1.02 -70.41
CA VAL C 122 2.94 0.78 -71.02
C VAL C 122 2.17 -0.21 -70.17
N VAL C 123 0.89 0.05 -69.96
CA VAL C 123 0.04 -0.77 -69.12
C VAL C 123 -1.26 -1.17 -69.81
N ALA C 124 -1.28 -1.16 -71.14
CA ALA C 124 -2.51 -1.50 -71.85
C ALA C 124 -2.84 -2.98 -71.72
N ARG C 125 -1.84 -3.85 -71.67
CA ARG C 125 -2.06 -5.29 -71.70
C ARG C 125 -1.95 -5.94 -70.33
N PHE C 126 -2.12 -5.18 -69.25
CA PHE C 126 -2.27 -5.72 -67.92
C PHE C 126 -3.66 -5.35 -67.42
N VAL C 127 -4.47 -6.35 -67.10
CA VAL C 127 -5.87 -6.16 -66.72
C VAL C 127 -6.02 -6.56 -65.26
N PRO C 128 -6.23 -5.62 -64.33
CA PRO C 128 -6.43 -6.00 -62.94
C PRO C 128 -7.65 -6.88 -62.76
N GLN C 129 -7.55 -7.83 -61.85
CA GLN C 129 -8.63 -8.75 -61.53
C GLN C 129 -9.06 -8.53 -60.08
N GLY C 130 -10.32 -8.87 -59.80
CA GLY C 130 -10.87 -8.75 -58.47
C GLY C 130 -12.01 -7.76 -58.41
N ALA C 131 -12.78 -7.85 -57.32
CA ALA C 131 -13.94 -6.99 -57.14
C ALA C 131 -13.56 -5.62 -56.60
N ALA C 132 -12.33 -5.47 -56.10
CA ALA C 132 -11.93 -4.20 -55.51
C ALA C 132 -11.85 -3.09 -56.56
N GLY C 133 -11.86 -3.45 -57.84
CA GLY C 133 -11.85 -2.45 -58.89
C GLY C 133 -10.59 -1.63 -58.96
N TRP C 134 -9.42 -2.27 -58.91
CA TRP C 134 -8.17 -1.53 -58.97
C TRP C 134 -7.91 -1.03 -60.39
N ASN C 135 -7.10 0.02 -60.49
CA ASN C 135 -6.78 0.68 -61.73
C ASN C 135 -5.36 0.35 -62.18
N THR C 136 -4.97 0.86 -63.34
CA THR C 136 -3.61 0.68 -63.84
C THR C 136 -2.76 1.94 -63.73
N THR C 137 -3.23 2.97 -63.02
CA THR C 137 -2.40 4.15 -62.80
C THR C 137 -1.31 3.84 -61.80
N LEU C 138 -0.09 4.24 -62.13
CA LEU C 138 1.07 3.92 -61.31
C LEU C 138 1.02 4.68 -60.00
N GLY C 139 1.59 4.08 -58.96
CA GLY C 139 1.65 4.71 -57.66
C GLY C 139 0.70 4.07 -56.67
N VAL C 140 0.50 4.70 -55.53
CA VAL C 140 -0.46 4.24 -54.53
C VAL C 140 -1.86 4.60 -55.03
N GLN C 141 -2.76 3.62 -55.01
CA GLN C 141 -4.13 3.81 -55.44
C GLN C 141 -5.08 3.18 -54.45
N PRO C 142 -6.33 3.66 -54.36
CA PRO C 142 -6.95 4.75 -55.14
C PRO C 142 -6.36 6.12 -54.84
N THR C 143 -5.95 6.34 -53.60
CA THR C 143 -5.26 7.56 -53.22
C THR C 143 -4.42 7.27 -51.99
N ILE C 144 -3.34 8.03 -51.83
CA ILE C 144 -2.48 7.85 -50.66
C ILE C 144 -3.16 8.38 -49.41
N ALA C 145 -4.33 9.02 -49.56
CA ALA C 145 -5.06 9.55 -48.42
C ALA C 145 -5.66 8.45 -47.56
N ASP C 146 -5.81 7.24 -48.11
CA ASP C 146 -6.36 6.11 -47.38
C ASP C 146 -5.22 5.28 -46.79
N CYS C 147 -4.96 5.43 -45.49
CA CYS C 147 -3.82 4.74 -44.90
C CYS C 147 -3.90 3.22 -45.06
N PRO C 148 -4.99 2.55 -44.70
CA PRO C 148 -5.11 1.16 -45.18
C PRO C 148 -5.16 1.11 -46.71
N ASN C 149 -4.03 1.49 -47.31
CA ASN C 149 -3.98 1.74 -48.73
C ASN C 149 -4.29 0.48 -49.53
N CYS C 150 -5.09 0.65 -50.57
CA CYS C 150 -5.14 -0.41 -51.57
C CYS C 150 -3.78 -0.52 -52.23
N ASN C 151 -3.51 -1.70 -52.76
CA ASN C 151 -2.16 -2.04 -53.18
C ASN C 151 -1.61 -1.02 -54.17
N PHE C 152 -0.28 -0.94 -54.21
CA PHE C 152 0.42 -0.05 -55.12
C PHE C 152 0.51 -0.65 -56.52
N PHE C 153 1.16 0.11 -57.41
CA PHE C 153 1.41 -0.32 -58.78
C PHE C 153 2.64 0.41 -59.29
N ALA C 154 3.64 -0.34 -59.76
CA ALA C 154 4.91 0.23 -60.17
C ALA C 154 5.34 -0.40 -61.48
N GLY C 155 6.41 0.13 -62.07
CA GLY C 155 6.86 -0.39 -63.34
C GLY C 155 8.21 0.16 -63.73
N ALA C 156 8.71 -0.35 -64.86
CA ALA C 156 10.04 -0.03 -65.34
C ALA C 156 10.01 0.09 -66.85
N ARG C 157 11.07 0.67 -67.41
CA ARG C 157 11.16 0.92 -68.84
C ARG C 157 12.63 0.94 -69.23
N GLY C 158 13.00 0.14 -70.23
CA GLY C 158 14.39 0.06 -70.61
C GLY C 158 14.52 -0.35 -72.06
N ASN C 159 15.75 -0.72 -72.44
CA ASN C 159 16.05 -1.09 -73.81
C ASN C 159 16.98 -2.29 -73.80
N ALA C 160 16.63 -3.32 -74.56
CA ALA C 160 17.44 -4.54 -74.62
C ALA C 160 18.14 -4.67 -75.97
N ASP C 161 19.47 -4.76 -75.92
CA ASP C 161 20.36 -4.74 -77.10
C ASP C 161 20.03 -3.49 -77.92
N ASN C 162 20.01 -3.58 -79.26
CA ASN C 162 20.00 -2.38 -80.11
C ASN C 162 18.59 -2.07 -80.62
N GLU C 163 17.59 -2.46 -79.86
CA GLU C 163 16.22 -2.06 -80.12
C GLU C 163 16.08 -0.55 -79.97
N ALA C 164 15.55 0.10 -80.99
CA ALA C 164 15.27 1.53 -80.87
C ALA C 164 14.19 1.79 -79.83
N THR C 165 13.20 0.90 -79.75
CA THR C 165 12.08 1.01 -78.84
C THR C 165 12.36 0.28 -77.53
N PHE C 166 11.45 0.43 -76.57
CA PHE C 166 11.68 0.04 -75.19
C PHE C 166 10.90 -1.23 -74.84
N ASP C 167 11.32 -1.89 -73.76
CA ASP C 167 10.52 -2.93 -73.14
C ASP C 167 10.02 -2.46 -71.78
N ASP C 168 8.82 -2.91 -71.41
CA ASP C 168 8.11 -2.37 -70.27
C ASP C 168 7.77 -3.50 -69.32
N TRP C 169 7.91 -3.23 -68.02
CA TRP C 169 7.55 -4.18 -66.98
C TRP C 169 6.62 -3.49 -65.98
N VAL C 170 5.81 -4.27 -65.29
CA VAL C 170 4.97 -3.77 -64.21
C VAL C 170 4.97 -4.78 -63.08
N ILE C 171 4.81 -4.26 -61.86
CA ILE C 171 4.63 -5.09 -60.68
C ILE C 171 3.51 -4.47 -59.86
N ALA C 172 2.63 -5.31 -59.34
CA ALA C 172 1.46 -4.86 -58.63
C ALA C 172 1.32 -5.62 -57.33
N GLY C 173 0.65 -5.00 -56.38
CA GLY C 173 0.30 -5.66 -55.13
C GLY C 173 -1.01 -6.40 -55.18
N PHE C 174 -1.63 -6.51 -56.35
CA PHE C 174 -2.91 -7.18 -56.51
C PHE C 174 -2.84 -8.11 -57.72
N GLU C 175 -3.81 -9.02 -57.79
CA GLU C 175 -3.84 -9.97 -58.89
C GLU C 175 -4.28 -9.30 -60.19
N GLY C 176 -3.77 -9.81 -61.29
CA GLY C 176 -4.14 -9.32 -62.60
C GLY C 176 -3.94 -10.42 -63.61
N SER C 177 -4.29 -10.13 -64.85
CA SER C 177 -4.10 -11.08 -65.94
C SER C 177 -3.52 -10.37 -67.15
N GLY C 178 -2.66 -11.07 -67.86
CA GLY C 178 -2.08 -10.53 -69.07
C GLY C 178 -2.94 -10.81 -70.28
N GLN C 179 -2.75 -10.03 -71.33
CA GLN C 179 -3.48 -10.17 -72.57
C GLN C 179 -2.54 -10.60 -73.68
N VAL C 180 -3.04 -11.47 -74.55
CA VAL C 180 -2.24 -11.93 -75.69
C VAL C 180 -2.10 -10.79 -76.68
N GLY C 181 -0.90 -10.64 -77.23
CA GLY C 181 -0.62 -9.60 -78.19
C GLY C 181 0.68 -9.87 -78.92
N PRO C 182 1.04 -9.00 -79.85
CA PRO C 182 2.29 -9.22 -80.59
C PRO C 182 3.53 -9.17 -79.72
N CYS C 183 3.47 -8.51 -78.56
CA CYS C 183 4.63 -8.31 -77.70
C CYS C 183 4.34 -8.70 -76.26
N SER C 184 3.37 -9.60 -76.05
CA SER C 184 3.06 -10.03 -74.70
C SER C 184 2.40 -11.41 -74.76
N GLU C 185 2.51 -12.13 -73.65
CA GLU C 185 2.10 -13.44 -73.16
C GLU C 185 0.74 -13.34 -72.50
N ALA C 186 -0.01 -14.43 -72.55
CA ALA C 186 -1.33 -14.49 -71.94
C ALA C 186 -1.29 -15.45 -70.76
N GLY C 187 -1.84 -15.02 -69.65
CA GLY C 187 -1.95 -15.84 -68.46
C GLY C 187 -2.05 -14.97 -67.24
N ASN C 188 -2.50 -15.60 -66.15
CA ASN C 188 -2.74 -14.89 -64.89
C ASN C 188 -1.44 -14.59 -64.19
N VAL C 189 -1.39 -13.45 -63.51
CA VAL C 189 -0.19 -12.96 -62.83
C VAL C 189 -0.53 -12.83 -61.36
N ALA C 190 0.24 -13.51 -60.50
CA ALA C 190 0.05 -13.40 -59.08
C ALA C 190 0.62 -12.10 -58.55
N SER C 191 0.02 -11.59 -57.47
CA SER C 191 0.52 -10.35 -56.89
C SER C 191 1.97 -10.53 -56.43
N GLY C 192 2.80 -9.57 -56.80
CA GLY C 192 4.22 -9.66 -56.51
C GLY C 192 5.05 -10.33 -57.57
N THR C 193 4.53 -10.51 -58.78
CA THR C 193 5.26 -11.11 -59.88
C THR C 193 5.37 -10.13 -61.03
N PRO C 194 6.57 -9.77 -61.49
CA PRO C 194 6.67 -8.83 -62.61
C PRO C 194 6.04 -9.38 -63.88
N TYR C 195 5.43 -8.48 -64.65
CA TYR C 195 4.79 -8.83 -65.91
C TYR C 195 5.35 -7.95 -67.01
N ASN C 196 5.63 -8.53 -68.16
CA ASN C 196 6.27 -7.83 -69.27
C ASN C 196 5.21 -7.36 -70.25
N THR C 197 4.79 -6.10 -70.11
CA THR C 197 3.76 -5.56 -70.98
C THR C 197 4.22 -5.50 -72.43
N ARG C 198 5.47 -5.10 -72.64
CA ARG C 198 6.11 -5.10 -73.97
C ARG C 198 7.54 -5.56 -73.76
N ASN C 199 7.97 -6.58 -74.49
CA ASN C 199 9.23 -7.24 -74.17
C ASN C 199 10.39 -6.81 -75.07
N ASP C 200 10.12 -6.30 -76.26
CA ASP C 200 11.17 -5.74 -77.10
C ASP C 200 12.10 -6.78 -77.70
N VAL C 201 12.00 -8.02 -77.23
CA VAL C 201 12.73 -9.11 -77.87
C VAL C 201 11.89 -9.74 -78.96
N ALA C 202 10.58 -9.77 -78.75
CA ALA C 202 9.68 -10.31 -79.76
C ALA C 202 9.44 -9.32 -80.89
N CYS C 203 9.50 -8.03 -80.60
CA CYS C 203 9.04 -7.04 -81.55
C CYS C 203 9.90 -5.78 -81.49
N ASP C 204 9.82 -5.00 -82.56
CA ASP C 204 10.48 -3.70 -82.64
C ASP C 204 9.76 -2.87 -83.68
N GLY C 205 9.18 -1.75 -83.26
CA GLY C 205 8.42 -0.89 -84.12
C GLY C 205 7.22 -0.33 -83.36
N ALA C 206 6.12 -0.15 -84.09
CA ALA C 206 4.91 0.37 -83.46
C ALA C 206 4.22 -0.69 -82.61
N ALA C 207 4.62 -1.95 -82.72
CA ALA C 207 3.98 -3.03 -81.99
C ALA C 207 4.00 -2.77 -80.49
N GLN C 208 2.89 -3.06 -79.83
CA GLN C 208 2.77 -2.87 -78.38
C GLN C 208 2.46 -4.18 -77.67
N PHE D 1 43.04 -28.77 -97.27
CA PHE D 1 42.02 -29.80 -96.91
C PHE D 1 41.27 -30.28 -98.13
N THR D 2 40.46 -31.33 -97.96
CA THR D 2 39.79 -32.02 -99.05
C THR D 2 38.31 -32.18 -98.71
N LEU D 3 37.60 -32.93 -99.56
CA LEU D 3 36.16 -33.11 -99.37
C LEU D 3 35.85 -33.85 -98.08
N ILE D 4 36.71 -34.80 -97.72
CA ILE D 4 36.43 -35.65 -96.55
C ILE D 4 36.56 -34.87 -95.26
N GLU D 5 37.55 -33.97 -95.19
CA GLU D 5 37.63 -33.08 -94.04
C GLU D 5 36.37 -32.25 -93.90
N LEU D 6 35.86 -31.74 -95.02
CA LEU D 6 34.72 -30.83 -94.98
C LEU D 6 33.45 -31.56 -94.59
N MET D 7 33.27 -32.77 -95.12
CA MET D 7 32.13 -33.59 -94.70
C MET D 7 32.24 -33.98 -93.23
N ILE D 8 33.45 -34.19 -92.72
CA ILE D 8 33.60 -34.47 -91.30
C ILE D 8 33.24 -33.23 -90.47
N VAL D 9 33.56 -32.05 -90.98
CA VAL D 9 33.15 -30.82 -90.29
C VAL D 9 31.63 -30.75 -90.18
N VAL D 10 30.95 -31.02 -91.30
CA VAL D 10 29.49 -31.03 -91.28
C VAL D 10 28.96 -32.07 -90.29
N ALA D 11 29.56 -33.27 -90.32
CA ALA D 11 29.12 -34.33 -89.41
C ALA D 11 29.34 -33.94 -87.95
N ILE D 12 30.41 -33.21 -87.67
CA ILE D 12 30.70 -32.83 -86.29
C ILE D 12 29.71 -31.79 -85.80
N ILE D 13 29.34 -30.84 -86.65
CA ILE D 13 28.31 -29.90 -86.18
C ILE D 13 26.99 -30.64 -86.00
N GLY D 14 26.71 -31.63 -86.85
CA GLY D 14 25.54 -32.47 -86.62
C GLY D 14 25.60 -33.21 -85.30
N ILE D 15 26.80 -33.69 -84.92
CA ILE D 15 26.98 -34.34 -83.64
C ILE D 15 26.68 -33.38 -82.49
N LEU D 16 27.25 -32.17 -82.57
CA LEU D 16 27.06 -31.21 -81.49
C LEU D 16 25.59 -30.82 -81.35
N ALA D 17 24.86 -30.79 -82.46
CA ALA D 17 23.43 -30.48 -82.39
C ALA D 17 22.67 -31.50 -81.56
N ALA D 18 23.18 -32.73 -81.45
CA ALA D 18 22.52 -33.80 -80.73
C ALA D 18 23.28 -34.25 -79.49
N ILE D 19 24.16 -33.40 -78.95
CA ILE D 19 24.92 -33.76 -77.76
C ILE D 19 23.98 -33.94 -76.59
N ALA D 20 24.35 -34.81 -75.65
CA ALA D 20 23.51 -35.10 -74.48
C ALA D 20 24.08 -34.40 -73.24
N ILE D 21 23.59 -33.18 -73.04
CA ILE D 21 23.98 -32.36 -71.90
C ILE D 21 23.26 -32.86 -70.66
N PRO D 22 23.67 -32.46 -69.46
CA PRO D 22 22.91 -32.86 -68.26
C PRO D 22 21.47 -32.41 -68.33
N ASN D 23 20.62 -33.04 -67.53
CA ASN D 23 19.21 -32.69 -67.45
C ASN D 23 19.06 -31.56 -66.46
N PHE D 24 18.86 -30.33 -66.97
CA PHE D 24 18.80 -29.17 -66.10
C PHE D 24 17.40 -28.91 -65.56
N ILE D 25 16.39 -29.64 -66.06
CA ILE D 25 15.08 -29.58 -65.43
C ILE D 25 15.16 -30.07 -64.00
N LYS D 26 16.10 -30.97 -63.70
CA LYS D 26 16.32 -31.36 -62.31
C LYS D 26 16.76 -30.17 -61.46
N PHE D 27 17.68 -29.36 -61.99
CA PHE D 27 18.12 -28.17 -61.26
C PHE D 27 17.00 -27.15 -61.10
N GLN D 28 16.18 -26.95 -62.13
CA GLN D 28 15.02 -26.08 -61.97
C GLN D 28 14.09 -26.59 -60.88
N ALA D 29 13.84 -27.91 -60.86
CA ALA D 29 12.94 -28.46 -59.85
C ALA D 29 13.51 -28.27 -58.46
N ARG D 30 14.80 -28.50 -58.28
CA ARG D 30 15.43 -28.26 -56.99
C ARG D 30 15.33 -26.80 -56.58
N SER D 31 15.40 -25.87 -57.55
CA SER D 31 15.14 -24.47 -57.23
C SER D 31 13.71 -24.26 -56.75
N LYS D 32 12.75 -24.91 -57.41
CA LYS D 32 11.34 -24.68 -57.09
C LYS D 32 10.97 -25.30 -55.75
N GLN D 33 11.73 -26.30 -55.28
CA GLN D 33 11.40 -26.97 -54.03
C GLN D 33 11.60 -26.10 -52.80
N SER D 34 12.20 -24.91 -52.93
CA SER D 34 12.48 -24.09 -51.77
C SER D 34 11.24 -23.46 -51.15
N GLU D 35 10.15 -23.34 -51.91
CA GLU D 35 8.89 -22.88 -51.33
C GLU D 35 8.49 -23.77 -50.16
N ALA D 36 8.57 -25.08 -50.35
CA ALA D 36 8.13 -26.00 -49.30
C ALA D 36 8.94 -25.79 -48.04
N LYS D 37 10.26 -25.68 -48.16
CA LYS D 37 11.10 -25.48 -46.99
C LYS D 37 10.74 -24.19 -46.26
N THR D 38 10.69 -23.09 -46.99
CA THR D 38 10.42 -21.80 -46.34
C THR D 38 9.05 -21.79 -45.67
N ASN D 39 8.03 -22.27 -46.39
CA ASN D 39 6.67 -22.19 -45.86
C ASN D 39 6.46 -23.16 -44.70
N LEU D 40 7.08 -24.34 -44.76
CA LEU D 40 6.97 -25.26 -43.63
C LEU D 40 7.66 -24.70 -42.40
N LYS D 41 8.79 -24.02 -42.56
CA LYS D 41 9.42 -23.43 -41.38
C LYS D 41 8.58 -22.29 -40.82
N ALA D 42 7.93 -21.52 -41.70
CA ALA D 42 7.00 -20.50 -41.22
C ALA D 42 5.83 -21.12 -40.45
N LEU D 43 5.32 -22.25 -40.93
CA LEU D 43 4.29 -22.98 -40.19
C LEU D 43 4.78 -23.40 -38.81
N TYR D 44 6.00 -23.94 -38.74
CA TYR D 44 6.58 -24.31 -37.46
C TYR D 44 6.63 -23.12 -36.51
N THR D 45 7.11 -21.98 -37.01
CA THR D 45 7.21 -20.79 -36.18
C THR D 45 5.85 -20.34 -35.67
N ALA D 46 4.85 -20.31 -36.56
CA ALA D 46 3.53 -19.85 -36.16
C ALA D 46 2.90 -20.79 -35.15
N GLN D 47 3.09 -22.11 -35.31
CA GLN D 47 2.57 -23.06 -34.34
C GLN D 47 3.22 -22.86 -32.97
N LYS D 48 4.54 -22.63 -32.95
CA LYS D 48 5.22 -22.39 -31.68
C LYS D 48 4.69 -21.13 -31.01
N SER D 49 4.52 -20.05 -31.76
CA SER D 49 4.02 -18.81 -31.18
C SER D 49 2.61 -18.99 -30.64
N PHE D 50 1.76 -19.68 -31.39
CA PHE D 50 0.39 -19.93 -30.94
C PHE D 50 0.38 -20.73 -29.65
N PHE D 51 1.18 -21.79 -29.58
CA PHE D 51 1.24 -22.55 -28.34
C PHE D 51 1.68 -21.68 -27.18
N SER D 52 2.72 -20.88 -27.39
CA SER D 52 3.22 -20.04 -26.30
C SER D 52 2.14 -19.12 -25.78
N GLU D 53 1.39 -18.49 -26.68
CA GLU D 53 0.36 -17.56 -26.23
C GLU D 53 -0.80 -18.30 -25.58
N LYS D 54 -1.10 -19.52 -26.04
CA LYS D 54 -2.37 -20.19 -25.73
C LYS D 54 -2.25 -21.52 -25.01
N ASP D 55 -1.03 -22.06 -24.85
CA ASP D 55 -0.82 -23.32 -24.15
C ASP D 55 -1.52 -24.48 -24.86
N ARG D 56 -1.50 -24.47 -26.18
CA ARG D 56 -2.02 -25.57 -26.99
C ARG D 56 -1.70 -25.30 -28.44
N TYR D 57 -1.54 -26.37 -29.21
CA TYR D 57 -1.36 -26.28 -30.65
C TYR D 57 -2.72 -26.29 -31.35
N SER D 58 -2.71 -25.96 -32.63
CA SER D 58 -3.94 -25.76 -33.38
C SER D 58 -4.00 -26.70 -34.58
N ASP D 59 -5.22 -27.03 -35.00
CA ASP D 59 -5.45 -27.83 -36.19
C ASP D 59 -5.89 -27.01 -37.39
N PHE D 60 -5.97 -25.68 -37.28
CA PHE D 60 -6.49 -24.85 -38.34
C PHE D 60 -5.51 -23.74 -38.67
N ALA D 61 -5.40 -23.41 -39.96
CA ALA D 61 -4.49 -22.36 -40.39
C ALA D 61 -5.06 -20.98 -40.07
N ASN D 62 -6.37 -20.90 -39.83
CA ASN D 62 -6.98 -19.63 -39.44
C ASN D 62 -6.43 -19.10 -38.13
N GLU D 63 -6.38 -19.92 -37.10
CA GLU D 63 -5.92 -19.50 -35.79
C GLU D 63 -4.41 -19.35 -35.69
N ILE D 64 -3.66 -20.18 -36.40
CA ILE D 64 -2.21 -20.09 -36.40
C ILE D 64 -1.76 -18.76 -36.98
N GLY D 65 -2.43 -18.30 -38.02
CA GLY D 65 -2.04 -17.12 -38.74
C GLY D 65 -1.09 -17.36 -39.89
N PHE D 66 -1.14 -18.54 -40.50
CA PHE D 66 -0.25 -18.93 -41.57
C PHE D 66 -1.00 -18.99 -42.88
N ALA D 67 -0.42 -18.38 -43.92
CA ALA D 67 -0.96 -18.45 -45.26
C ALA D 67 0.16 -18.13 -46.23
N PRO D 68 0.43 -18.96 -47.22
CA PRO D 68 1.44 -18.60 -48.22
C PRO D 68 0.89 -17.61 -49.23
N GLU D 69 1.80 -16.86 -49.84
CA GLU D 69 1.43 -15.87 -50.83
C GLU D 69 0.94 -16.56 -52.10
N ARG D 70 0.33 -15.79 -52.99
CA ARG D 70 -0.23 -16.35 -54.21
C ARG D 70 0.87 -16.88 -55.12
N GLY D 71 0.55 -17.95 -55.85
CA GLY D 71 1.53 -18.62 -56.67
C GLY D 71 2.36 -19.64 -55.94
N ASN D 72 1.77 -20.40 -55.01
CA ASN D 72 2.55 -21.18 -54.06
C ASN D 72 3.06 -22.50 -54.63
N ARG D 73 2.33 -23.11 -55.56
CA ARG D 73 2.66 -24.41 -56.17
C ARG D 73 2.46 -25.60 -55.24
N TYR D 74 2.25 -25.36 -53.96
CA TYR D 74 2.23 -26.42 -52.95
C TYR D 74 0.99 -26.26 -52.10
N GLY D 75 0.34 -27.39 -51.80
CA GLY D 75 -0.74 -27.40 -50.85
C GLY D 75 -0.23 -27.80 -49.48
N TYR D 76 -0.71 -27.10 -48.46
CA TYR D 76 -0.25 -27.31 -47.10
C TYR D 76 -1.39 -27.84 -46.24
N ARG D 77 -1.09 -28.86 -45.45
CA ARG D 77 -2.05 -29.42 -44.52
C ARG D 77 -1.54 -29.26 -43.10
N VAL D 78 -2.30 -28.55 -42.28
CA VAL D 78 -1.94 -28.34 -40.88
C VAL D 78 -2.54 -29.42 -39.99
N SER D 79 -3.55 -30.14 -40.45
CA SER D 79 -4.18 -31.16 -39.63
C SER D 79 -5.08 -32.02 -40.50
N ALA D 80 -5.47 -33.16 -39.96
CA ALA D 80 -6.41 -34.07 -40.62
C ALA D 80 -7.85 -33.82 -40.20
N ALA D 81 -8.11 -32.79 -39.41
CA ALA D 81 -9.48 -32.47 -39.02
C ALA D 81 -10.34 -32.23 -40.26
N ALA D 82 -11.65 -32.17 -40.04
CA ALA D 82 -12.58 -31.99 -41.14
C ALA D 82 -12.70 -30.51 -41.51
N GLY D 83 -12.84 -30.26 -42.81
CA GLY D 83 -13.00 -28.91 -43.31
C GLY D 83 -12.52 -28.80 -44.74
N ASP D 84 -12.89 -27.69 -45.37
CA ASP D 84 -12.49 -27.41 -46.73
C ASP D 84 -11.05 -26.89 -46.77
N CYS D 85 -10.46 -26.87 -47.96
CA CYS D 85 -9.04 -26.61 -48.13
C CYS D 85 -8.77 -25.25 -48.76
N GLU D 86 -9.65 -24.27 -48.54
CA GLU D 86 -9.45 -22.92 -49.03
C GLU D 86 -8.99 -22.95 -50.49
N VAL D 87 -9.90 -23.37 -51.35
CA VAL D 87 -9.57 -23.50 -52.77
C VAL D 87 -9.21 -22.13 -53.33
N ARG D 88 -8.00 -22.02 -53.88
CA ARG D 88 -7.51 -20.77 -54.48
C ARG D 88 -7.65 -20.88 -55.99
N ASN D 89 -8.89 -20.72 -56.48
CA ASN D 89 -9.20 -20.86 -57.89
C ASN D 89 -9.71 -19.56 -58.50
N ALA D 90 -9.49 -18.43 -57.84
CA ALA D 90 -9.97 -17.15 -58.35
C ALA D 90 -9.10 -16.03 -57.80
N ALA D 91 -9.24 -14.85 -58.41
CA ALA D 91 -8.43 -13.71 -58.01
C ALA D 91 -8.71 -13.32 -56.57
N ASP D 92 -9.97 -13.36 -56.16
CA ASP D 92 -10.36 -12.98 -54.81
C ASP D 92 -10.61 -14.25 -53.99
N LEU D 93 -9.97 -14.35 -52.84
CA LEU D 93 -10.08 -15.55 -52.03
C LEU D 93 -11.51 -15.71 -51.48
N PRO D 94 -11.98 -16.95 -51.34
CA PRO D 94 -13.33 -17.16 -50.84
C PRO D 94 -13.43 -16.85 -49.36
N VAL D 95 -14.64 -16.51 -48.92
CA VAL D 95 -14.91 -16.27 -47.51
C VAL D 95 -15.09 -17.62 -46.83
N PRO D 96 -14.29 -17.94 -45.81
CA PRO D 96 -14.40 -19.29 -45.21
C PRO D 96 -15.70 -19.47 -44.45
N ALA D 97 -16.17 -20.71 -44.41
CA ALA D 97 -17.37 -21.03 -43.64
C ALA D 97 -17.02 -21.46 -42.22
N ALA D 98 -15.86 -22.10 -42.05
CA ALA D 98 -15.38 -22.49 -40.74
C ALA D 98 -13.87 -22.62 -40.80
N GLY D 99 -13.28 -23.13 -39.72
CA GLY D 99 -11.84 -23.30 -39.70
C GLY D 99 -11.35 -24.19 -40.84
N VAL D 100 -10.25 -23.77 -41.45
CA VAL D 100 -9.68 -24.49 -42.59
C VAL D 100 -8.42 -25.23 -42.14
N PRO D 101 -8.37 -26.56 -42.23
CA PRO D 101 -7.14 -27.27 -41.87
C PRO D 101 -6.14 -27.39 -43.01
N CYS D 102 -6.54 -27.10 -44.23
CA CYS D 102 -5.66 -27.28 -45.39
C CYS D 102 -5.80 -26.06 -46.29
N ILE D 103 -4.72 -25.77 -47.03
CA ILE D 103 -4.71 -24.70 -48.01
C ILE D 103 -4.40 -25.32 -49.37
N SER D 104 -5.26 -25.07 -50.34
CA SER D 104 -5.11 -25.71 -51.63
C SER D 104 -3.96 -25.08 -52.40
N ASN D 105 -3.60 -25.74 -53.50
CA ASN D 105 -2.66 -25.17 -54.45
C ASN D 105 -3.30 -23.98 -55.15
N ASP D 106 -2.46 -23.01 -55.52
CA ASP D 106 -2.95 -21.80 -56.18
C ASP D 106 -3.17 -22.08 -57.66
N SER D 107 -4.34 -22.65 -57.99
CA SER D 107 -4.64 -23.02 -59.37
C SER D 107 -5.16 -21.85 -60.18
N PHE D 108 -5.25 -20.66 -59.61
CA PHE D 108 -5.61 -19.49 -60.40
C PHE D 108 -4.60 -19.25 -61.50
N ARG D 109 -3.31 -19.33 -61.19
CA ARG D 109 -2.26 -19.02 -62.15
C ARG D 109 -1.50 -20.24 -62.63
N PHE D 110 -1.91 -21.45 -62.24
CA PHE D 110 -1.31 -22.67 -62.76
C PHE D 110 -2.26 -23.56 -63.54
N GLY D 111 -3.52 -23.19 -63.66
CA GLY D 111 -4.46 -23.97 -64.44
C GLY D 111 -5.35 -24.84 -63.55
N ALA D 112 -6.53 -25.15 -64.07
CA ALA D 112 -7.51 -25.89 -63.29
C ALA D 112 -7.12 -27.36 -63.13
N ASN D 113 -6.40 -27.91 -64.10
CA ASN D 113 -5.96 -29.30 -64.03
C ASN D 113 -4.82 -29.53 -63.05
N SER D 114 -4.16 -28.47 -62.60
CA SER D 114 -3.08 -28.57 -61.64
C SER D 114 -3.53 -28.41 -60.21
N ALA D 115 -4.83 -28.35 -59.97
CA ALA D 115 -5.33 -28.08 -58.63
C ALA D 115 -5.00 -29.23 -57.68
N ILE D 116 -4.71 -28.88 -56.43
CA ILE D 116 -4.51 -29.84 -55.34
C ILE D 116 -5.47 -29.42 -54.23
N ASP D 117 -6.64 -30.05 -54.18
CA ASP D 117 -7.66 -29.71 -53.19
C ASP D 117 -7.59 -30.58 -51.95
N ASP D 118 -6.65 -31.52 -51.89
CA ASP D 118 -6.47 -32.38 -50.72
C ASP D 118 -4.99 -32.65 -50.55
N PRO D 119 -4.24 -31.67 -50.06
CA PRO D 119 -2.78 -31.78 -50.02
C PRO D 119 -2.26 -32.59 -48.83
N THR D 120 -2.61 -33.87 -48.79
CA THR D 120 -2.14 -34.76 -47.74
C THR D 120 -0.87 -35.45 -48.19
N PRO D 121 0.28 -35.25 -47.54
CA PRO D 121 1.51 -35.85 -48.01
C PRO D 121 1.64 -37.32 -47.63
N VAL D 122 2.67 -37.94 -48.20
CA VAL D 122 3.04 -39.32 -47.85
C VAL D 122 3.98 -39.29 -46.66
N VAL D 123 3.75 -40.19 -45.70
CA VAL D 123 4.53 -40.24 -44.48
C VAL D 123 5.04 -41.64 -44.18
N ALA D 124 5.19 -42.48 -45.21
CA ALA D 124 5.63 -43.84 -44.99
C ALA D 124 7.09 -43.90 -44.56
N ARG D 125 7.94 -43.02 -45.08
CA ARG D 125 9.37 -43.09 -44.86
C ARG D 125 9.87 -42.06 -43.85
N PHE D 126 9.01 -41.62 -42.94
CA PHE D 126 9.40 -40.81 -41.80
C PHE D 126 9.07 -41.58 -40.54
N VAL D 127 10.09 -41.96 -39.77
CA VAL D 127 9.92 -42.81 -38.59
C VAL D 127 10.17 -41.95 -37.35
N PRO D 128 9.15 -41.63 -36.56
CA PRO D 128 9.40 -40.86 -35.34
C PRO D 128 10.31 -41.61 -34.38
N GLN D 129 11.16 -40.85 -33.69
CA GLN D 129 12.10 -41.38 -32.72
C GLN D 129 11.76 -40.85 -31.34
N GLY D 130 12.18 -41.60 -30.33
CA GLY D 130 11.95 -41.21 -28.95
C GLY D 130 11.04 -42.18 -28.22
N ALA D 131 11.03 -42.05 -26.89
CA ALA D 131 10.21 -42.94 -26.07
C ALA D 131 8.78 -42.46 -25.97
N ALA D 132 8.50 -41.21 -26.37
CA ALA D 132 7.16 -40.67 -26.24
C ALA D 132 6.17 -41.36 -27.17
N GLY D 133 6.66 -42.13 -28.13
CA GLY D 133 5.78 -42.88 -29.00
C GLY D 133 4.90 -42.04 -29.90
N TRP D 134 5.46 -41.05 -30.56
CA TRP D 134 4.67 -40.18 -31.42
C TRP D 134 4.29 -40.91 -32.70
N ASN D 135 3.22 -40.43 -33.33
CA ASN D 135 2.67 -41.03 -34.54
C ASN D 135 2.99 -40.19 -35.75
N THR D 136 2.59 -40.67 -36.93
CA THR D 136 2.73 -39.93 -38.18
C THR D 136 1.41 -39.32 -38.66
N THR D 137 0.36 -39.38 -37.86
CA THR D 137 -0.89 -38.72 -38.24
C THR D 137 -0.71 -37.21 -38.18
N LEU D 138 -1.15 -36.52 -39.23
CA LEU D 138 -0.98 -35.09 -39.30
C LEU D 138 -1.87 -34.38 -38.29
N GLY D 139 -1.38 -33.24 -37.79
CA GLY D 139 -2.13 -32.44 -36.85
C GLY D 139 -1.58 -32.52 -35.45
N VAL D 140 -2.27 -31.93 -34.50
CA VAL D 140 -1.88 -32.02 -33.09
C VAL D 140 -2.15 -33.43 -32.61
N GLN D 141 -1.15 -34.04 -31.99
CA GLN D 141 -1.24 -35.39 -31.47
C GLN D 141 -0.67 -35.43 -30.06
N PRO D 142 -1.11 -36.39 -29.23
CA PRO D 142 -2.08 -37.46 -29.50
C PRO D 142 -3.50 -36.95 -29.70
N THR D 143 -3.84 -35.83 -29.06
CA THR D 143 -5.12 -35.17 -29.27
C THR D 143 -4.99 -33.74 -28.81
N ILE D 144 -5.85 -32.88 -29.36
CA ILE D 144 -5.88 -31.49 -28.91
C ILE D 144 -6.48 -31.40 -27.51
N ALA D 145 -6.98 -32.52 -26.98
CA ALA D 145 -7.57 -32.51 -25.64
C ALA D 145 -6.53 -32.32 -24.55
N ASP D 146 -5.25 -32.50 -24.86
CA ASP D 146 -4.18 -32.31 -23.90
C ASP D 146 -3.50 -30.97 -24.13
N CYS D 147 -3.79 -29.98 -23.30
CA CYS D 147 -3.24 -28.65 -23.53
C CYS D 147 -1.71 -28.64 -23.54
N PRO D 148 -1.00 -29.18 -22.55
CA PRO D 148 0.44 -29.39 -22.78
C PRO D 148 0.67 -30.38 -23.91
N ASN D 149 0.30 -29.95 -25.11
CA ASN D 149 0.17 -30.83 -26.26
C ASN D 149 1.51 -31.43 -26.64
N CYS D 150 1.49 -32.70 -26.99
CA CYS D 150 2.65 -33.26 -27.66
C CYS D 150 2.80 -32.60 -29.02
N ASN D 151 4.01 -32.71 -29.56
CA ASN D 151 4.37 -31.95 -30.74
C ASN D 151 3.43 -32.21 -31.90
N PHE D 152 3.19 -31.17 -32.69
CA PHE D 152 2.36 -31.26 -33.89
C PHE D 152 3.10 -32.01 -35.00
N PHE D 153 2.42 -32.13 -36.14
CA PHE D 153 2.94 -32.76 -37.34
C PHE D 153 2.22 -32.19 -38.55
N ALA D 154 2.97 -31.70 -39.53
CA ALA D 154 2.40 -31.03 -40.68
C ALA D 154 3.17 -31.43 -41.93
N GLY D 155 2.65 -31.03 -43.08
CA GLY D 155 3.34 -31.33 -44.32
C GLY D 155 2.73 -30.60 -45.50
N ALA D 156 3.33 -30.83 -46.67
CA ALA D 156 2.93 -30.15 -47.90
C ALA D 156 2.97 -31.15 -49.05
N ARG D 157 2.40 -30.73 -50.18
CA ARG D 157 2.27 -31.59 -51.35
C ARG D 157 2.22 -30.71 -52.59
N GLY D 158 3.09 -30.98 -53.55
CA GLY D 158 3.14 -30.16 -54.75
C GLY D 158 3.73 -30.92 -55.91
N ASN D 159 4.01 -30.20 -56.98
CA ASN D 159 4.50 -30.80 -58.21
C ASN D 159 5.65 -29.94 -58.74
N ALA D 160 6.79 -30.56 -59.05
CA ALA D 160 7.94 -29.82 -59.52
C ALA D 160 8.21 -30.10 -61.00
N ASP D 161 8.25 -29.03 -61.78
CA ASP D 161 8.34 -29.08 -63.26
C ASP D 161 7.22 -29.98 -63.78
N ASN D 162 7.44 -30.82 -64.79
CA ASN D 162 6.37 -31.48 -65.52
C ASN D 162 6.17 -32.91 -65.06
N GLU D 163 6.49 -33.17 -63.79
CA GLU D 163 6.19 -34.45 -63.18
C GLU D 163 4.68 -34.63 -63.09
N ALA D 164 4.18 -35.76 -63.57
CA ALA D 164 2.78 -36.07 -63.38
C ALA D 164 2.45 -36.27 -61.91
N THR D 165 3.38 -36.87 -61.17
CA THR D 165 3.21 -37.17 -59.75
C THR D 165 3.77 -36.04 -58.89
N PHE D 166 3.53 -36.16 -57.58
CA PHE D 166 3.76 -35.08 -56.63
C PHE D 166 5.01 -35.36 -55.79
N ASP D 167 5.49 -34.32 -55.12
CA ASP D 167 6.50 -34.47 -54.08
C ASP D 167 5.94 -34.02 -52.74
N ASP D 168 6.42 -34.64 -51.67
CA ASP D 168 5.82 -34.49 -50.34
C ASP D 168 6.88 -34.07 -49.35
N TRP D 169 6.52 -33.17 -48.45
CA TRP D 169 7.38 -32.73 -47.36
C TRP D 169 6.63 -32.88 -46.05
N VAL D 170 7.38 -32.98 -44.95
CA VAL D 170 6.79 -33.00 -43.62
C VAL D 170 7.69 -32.23 -42.68
N ILE D 171 7.07 -31.58 -41.69
CA ILE D 171 7.79 -30.95 -40.59
C ILE D 171 7.12 -31.36 -39.31
N ALA D 172 7.93 -31.72 -38.31
CA ALA D 172 7.42 -32.22 -37.05
C ALA D 172 8.07 -31.45 -35.91
N GLY D 173 7.37 -31.40 -34.79
CA GLY D 173 7.93 -30.84 -33.58
C GLY D 173 8.74 -31.82 -32.76
N PHE D 174 8.86 -33.07 -33.23
CA PHE D 174 9.59 -34.11 -32.54
C PHE D 174 10.63 -34.70 -33.48
N GLU D 175 11.58 -35.43 -32.89
CA GLU D 175 12.65 -36.02 -33.68
C GLU D 175 12.14 -37.19 -34.50
N GLY D 176 12.80 -37.43 -35.62
CA GLY D 176 12.48 -38.57 -36.46
C GLY D 176 13.70 -38.92 -37.29
N SER D 177 13.58 -40.02 -38.03
CA SER D 177 14.66 -40.45 -38.90
C SER D 177 14.08 -40.83 -40.25
N GLY D 178 14.78 -40.44 -41.31
CA GLY D 178 14.38 -40.80 -42.65
C GLY D 178 14.78 -42.22 -43.01
N GLN D 179 14.09 -42.78 -43.98
CA GLN D 179 14.38 -44.11 -44.49
C GLN D 179 14.87 -44.03 -45.93
N VAL D 180 15.79 -44.91 -46.27
CA VAL D 180 16.31 -44.97 -47.62
C VAL D 180 15.29 -45.63 -48.52
N GLY D 181 15.13 -45.08 -49.73
CA GLY D 181 14.20 -45.60 -50.69
C GLY D 181 14.48 -45.03 -52.06
N PRO D 182 13.68 -45.39 -53.05
CA PRO D 182 13.92 -44.86 -54.40
C PRO D 182 13.79 -43.35 -54.48
N CYS D 183 13.00 -42.73 -53.61
CA CYS D 183 12.70 -41.30 -53.69
C CYS D 183 12.93 -40.60 -52.37
N SER D 184 13.73 -41.18 -51.48
CA SER D 184 14.03 -40.54 -50.22
C SER D 184 15.46 -40.89 -49.83
N GLU D 185 16.06 -40.03 -49.01
CA GLU D 185 17.35 -39.89 -48.35
C GLU D 185 17.26 -40.46 -46.94
N ALA D 186 18.38 -41.05 -46.50
CA ALA D 186 18.46 -41.63 -45.17
C ALA D 186 19.26 -40.71 -44.27
N GLY D 187 18.79 -40.52 -43.07
CA GLY D 187 19.48 -39.73 -42.08
C GLY D 187 18.51 -39.20 -41.05
N ASN D 188 19.07 -38.80 -39.91
CA ASN D 188 18.28 -38.34 -38.78
C ASN D 188 17.86 -36.90 -38.99
N VAL D 189 16.62 -36.58 -38.60
CA VAL D 189 16.04 -35.27 -38.82
C VAL D 189 15.76 -34.65 -37.46
N ALA D 190 16.33 -33.47 -37.22
CA ALA D 190 16.06 -32.76 -35.98
C ALA D 190 14.68 -32.14 -36.01
N SER D 191 14.13 -31.87 -34.83
CA SER D 191 12.84 -31.21 -34.75
C SER D 191 12.93 -29.82 -35.38
N GLY D 192 11.93 -29.50 -36.21
CA GLY D 192 11.91 -28.23 -36.89
C GLY D 192 12.66 -28.18 -38.21
N THR D 193 13.03 -29.33 -38.77
CA THR D 193 13.71 -29.39 -40.06
C THR D 193 12.81 -30.10 -41.06
N PRO D 194 12.45 -29.47 -42.18
CA PRO D 194 11.60 -30.15 -43.16
C PRO D 194 12.29 -31.39 -43.73
N TYR D 195 11.49 -32.42 -43.99
CA TYR D 195 12.00 -33.67 -44.55
C TYR D 195 11.19 -34.01 -45.80
N ASN D 196 11.88 -34.49 -46.83
CA ASN D 196 11.27 -34.77 -48.13
C ASN D 196 10.95 -36.25 -48.22
N THR D 197 9.70 -36.61 -47.96
CA THR D 197 9.31 -38.01 -48.00
C THR D 197 9.35 -38.58 -49.42
N ARG D 198 8.96 -37.77 -50.40
CA ARG D 198 9.06 -38.11 -51.81
C ARG D 198 9.43 -36.84 -52.55
N ASN D 199 10.50 -36.88 -53.35
CA ASN D 199 11.06 -35.64 -53.87
C ASN D 199 10.65 -35.34 -55.31
N ASP D 200 10.31 -36.36 -56.10
CA ASP D 200 9.76 -36.12 -57.43
C ASP D 200 10.81 -35.64 -58.42
N VAL D 201 12.00 -35.30 -57.95
CA VAL D 201 13.11 -35.03 -58.84
C VAL D 201 13.88 -36.30 -59.14
N ALA D 202 13.94 -37.19 -58.16
CA ALA D 202 14.61 -38.47 -58.37
C ALA D 202 13.75 -39.43 -59.17
N CYS D 203 12.42 -39.35 -59.03
CA CYS D 203 11.55 -40.39 -59.55
C CYS D 203 10.26 -39.79 -60.08
N ASP D 204 9.60 -40.56 -60.94
CA ASP D 204 8.27 -40.22 -61.47
C ASP D 204 7.59 -41.51 -61.85
N GLY D 205 6.50 -41.83 -61.16
CA GLY D 205 5.76 -43.06 -61.36
C GLY D 205 5.22 -43.56 -60.05
N ALA D 206 5.16 -44.89 -59.92
CA ALA D 206 4.62 -45.48 -58.69
C ALA D 206 5.63 -45.41 -57.55
N ALA D 207 6.88 -45.06 -57.84
CA ALA D 207 7.91 -45.02 -56.81
C ALA D 207 7.52 -44.09 -55.69
N GLN D 208 7.80 -44.49 -54.46
CA GLN D 208 7.47 -43.70 -53.26
C GLN D 208 8.72 -43.36 -52.45
N PHE E 1 33.18 -21.75 -92.07
CA PHE E 1 34.21 -22.18 -91.09
C PHE E 1 34.88 -23.48 -91.53
N THR E 2 35.97 -23.83 -90.85
CA THR E 2 36.81 -24.96 -91.22
C THR E 2 36.99 -25.87 -90.01
N LEU E 3 37.90 -26.83 -90.15
CA LEU E 3 38.09 -27.84 -89.10
C LEU E 3 38.69 -27.22 -87.83
N ILE E 4 39.64 -26.29 -88.00
CA ILE E 4 40.33 -25.75 -86.83
C ILE E 4 39.36 -24.92 -85.98
N GLU E 5 38.45 -24.20 -86.62
CA GLU E 5 37.44 -23.47 -85.87
C GLU E 5 36.61 -24.42 -85.01
N LEU E 6 36.23 -25.56 -85.59
CA LEU E 6 35.35 -26.49 -84.89
C LEU E 6 36.10 -27.16 -83.74
N MET E 7 37.38 -27.47 -83.96
CA MET E 7 38.20 -28.01 -82.86
C MET E 7 38.43 -26.98 -81.77
N ILE E 8 38.53 -25.70 -82.13
CA ILE E 8 38.64 -24.66 -81.11
C ILE E 8 37.33 -24.56 -80.32
N VAL E 9 36.20 -24.77 -80.99
CA VAL E 9 34.93 -24.80 -80.28
C VAL E 9 34.93 -25.92 -79.23
N VAL E 10 35.36 -27.11 -79.64
CA VAL E 10 35.45 -28.22 -78.70
C VAL E 10 36.41 -27.89 -77.56
N ALA E 11 37.54 -27.28 -77.89
CA ALA E 11 38.51 -26.90 -76.86
C ALA E 11 37.93 -25.88 -75.90
N ILE E 12 37.11 -24.96 -76.40
CA ILE E 12 36.55 -23.92 -75.54
C ILE E 12 35.55 -24.52 -74.57
N ILE E 13 34.72 -25.46 -75.04
CA ILE E 13 33.82 -26.09 -74.07
C ILE E 13 34.62 -26.93 -73.07
N GLY E 14 35.70 -27.56 -73.51
CA GLY E 14 36.59 -28.24 -72.56
C GLY E 14 37.18 -27.29 -71.53
N ILE E 15 37.51 -26.07 -71.95
CA ILE E 15 38.03 -25.08 -71.03
C ILE E 15 36.95 -24.67 -70.03
N LEU E 16 35.75 -24.38 -70.51
CA LEU E 16 34.68 -23.96 -69.61
C LEU E 16 34.35 -25.04 -68.61
N ALA E 17 34.52 -26.32 -68.99
CA ALA E 17 34.28 -27.40 -68.04
C ALA E 17 35.24 -27.35 -66.86
N ALA E 18 36.43 -26.77 -67.04
CA ALA E 18 37.45 -26.73 -66.01
C ALA E 18 37.80 -25.33 -65.53
N ILE E 19 36.86 -24.38 -65.64
CA ILE E 19 37.11 -23.02 -65.18
C ILE E 19 37.23 -23.00 -63.67
N ALA E 20 37.98 -22.03 -63.14
CA ALA E 20 38.18 -21.90 -61.69
C ALA E 20 37.29 -20.80 -61.14
N ILE E 21 36.05 -21.19 -60.83
CA ILE E 21 35.06 -20.29 -60.23
C ILE E 21 35.44 -20.07 -58.77
N PRO E 22 34.89 -19.06 -58.09
CA PRO E 22 35.23 -18.83 -56.70
C PRO E 22 34.82 -20.01 -55.82
N ASN E 23 35.51 -20.16 -54.71
CA ASN E 23 35.21 -21.22 -53.74
C ASN E 23 34.01 -20.79 -52.92
N PHE E 24 32.82 -21.31 -53.26
CA PHE E 24 31.60 -20.88 -52.58
C PHE E 24 31.34 -21.66 -51.31
N ILE E 25 32.11 -22.72 -51.04
CA ILE E 25 32.04 -23.37 -49.74
C ILE E 25 32.36 -22.38 -48.64
N LYS E 26 33.22 -21.41 -48.91
CA LYS E 26 33.51 -20.37 -47.92
C LYS E 26 32.27 -19.52 -47.64
N PHE E 27 31.53 -19.15 -48.68
CA PHE E 27 30.29 -18.42 -48.47
C PHE E 27 29.29 -19.22 -47.65
N GLN E 28 29.19 -20.52 -47.91
CA GLN E 28 28.24 -21.33 -47.15
C GLN E 28 28.70 -21.52 -45.71
N ALA E 29 30.00 -21.62 -45.47
CA ALA E 29 30.49 -21.66 -44.11
C ALA E 29 30.18 -20.37 -43.38
N ARG E 30 30.35 -19.23 -44.06
CA ARG E 30 29.99 -17.95 -43.47
C ARG E 30 28.50 -17.89 -43.14
N SER E 31 27.67 -18.52 -43.96
CA SER E 31 26.26 -18.64 -43.62
C SER E 31 26.04 -19.48 -42.37
N LYS E 32 26.74 -20.61 -42.27
CA LYS E 32 26.54 -21.52 -41.14
C LYS E 32 27.05 -20.93 -39.84
N GLN E 33 27.96 -19.97 -39.90
CA GLN E 33 28.53 -19.39 -38.68
C GLN E 33 27.55 -18.54 -37.89
N SER E 34 26.35 -18.28 -38.41
CA SER E 34 25.41 -17.40 -37.72
C SER E 34 24.75 -18.06 -36.50
N GLU E 35 24.73 -19.40 -36.44
CA GLU E 35 24.27 -20.06 -35.24
C GLU E 35 25.03 -19.57 -34.01
N ALA E 36 26.36 -19.49 -34.13
CA ALA E 36 27.18 -19.10 -32.99
C ALA E 36 26.82 -17.70 -32.52
N LYS E 37 26.67 -16.76 -33.45
CA LYS E 37 26.33 -15.40 -33.07
C LYS E 37 24.99 -15.35 -32.35
N THR E 38 23.96 -15.96 -32.94
CA THR E 38 22.63 -15.88 -32.33
C THR E 38 22.62 -16.53 -30.95
N ASN E 39 23.22 -17.70 -30.82
CA ASN E 39 23.16 -18.43 -29.55
C ASN E 39 24.04 -17.78 -28.49
N LEU E 40 25.16 -17.16 -28.89
CA LEU E 40 25.97 -16.46 -27.90
C LEU E 40 25.27 -15.21 -27.39
N LYS E 41 24.57 -14.49 -28.27
CA LYS E 41 23.80 -13.35 -27.78
C LYS E 41 22.66 -13.83 -26.87
N ALA E 42 22.09 -14.99 -27.14
CA ALA E 42 21.10 -15.56 -26.23
C ALA E 42 21.71 -15.88 -24.87
N LEU E 43 22.92 -16.44 -24.84
CA LEU E 43 23.64 -16.61 -23.58
C LEU E 43 23.79 -15.29 -22.85
N TYR E 44 24.24 -14.26 -23.55
CA TYR E 44 24.43 -12.95 -22.91
C TYR E 44 23.14 -12.46 -22.27
N THR E 45 22.03 -12.54 -23.02
CA THR E 45 20.75 -12.07 -22.51
C THR E 45 20.33 -12.85 -21.28
N ALA E 46 20.44 -14.18 -21.34
CA ALA E 46 19.99 -15.00 -20.22
C ALA E 46 20.85 -14.76 -18.99
N GLN E 47 22.16 -14.61 -19.17
CA GLN E 47 23.03 -14.31 -18.04
C GLN E 47 22.67 -12.98 -17.40
N LYS E 48 22.41 -11.96 -18.21
CA LYS E 48 22.03 -10.66 -17.67
C LYS E 48 20.74 -10.76 -16.86
N SER E 49 19.74 -11.46 -17.40
CA SER E 49 18.48 -11.61 -16.68
C SER E 49 18.68 -12.35 -15.36
N PHE E 50 19.48 -13.41 -15.38
CA PHE E 50 19.73 -14.18 -14.17
C PHE E 50 20.42 -13.31 -13.11
N PHE E 51 21.42 -12.54 -13.51
CA PHE E 51 22.08 -11.65 -12.56
C PHE E 51 21.07 -10.67 -11.97
N SER E 52 20.26 -10.07 -12.84
CA SER E 52 19.30 -9.08 -12.36
C SER E 52 18.39 -9.67 -11.30
N GLU E 53 17.88 -10.87 -11.53
CA GLU E 53 16.94 -11.45 -10.58
C GLU E 53 17.64 -11.94 -9.31
N LYS E 54 18.88 -12.42 -9.44
CA LYS E 54 19.56 -13.14 -8.36
C LYS E 54 20.78 -12.43 -7.81
N ASP E 55 21.23 -11.33 -8.44
CA ASP E 55 22.39 -10.58 -7.98
C ASP E 55 23.68 -11.41 -8.06
N ARG E 56 23.78 -12.24 -9.10
CA ARG E 56 24.99 -13.01 -9.34
C ARG E 56 24.85 -13.74 -10.66
N TYR E 57 25.98 -13.95 -11.33
CA TYR E 57 26.02 -14.72 -12.56
C TYR E 57 26.16 -16.21 -12.23
N SER E 58 25.75 -17.05 -13.17
CA SER E 58 25.71 -18.48 -12.96
C SER E 58 26.86 -19.17 -13.68
N ASP E 59 27.30 -20.30 -13.13
CA ASP E 59 28.32 -21.12 -13.74
C ASP E 59 27.75 -22.28 -14.54
N PHE E 60 26.42 -22.43 -14.61
CA PHE E 60 25.80 -23.60 -15.22
C PHE E 60 24.70 -23.18 -16.18
N ALA E 61 24.51 -23.97 -17.24
CA ALA E 61 23.49 -23.66 -18.22
C ALA E 61 22.09 -24.01 -17.72
N ASN E 62 22.00 -24.90 -16.72
CA ASN E 62 20.70 -25.23 -16.14
C ASN E 62 20.04 -24.02 -15.52
N GLU E 63 20.77 -23.27 -14.69
CA GLU E 63 20.23 -22.14 -13.97
C GLU E 63 19.94 -20.95 -14.87
N ILE E 64 20.79 -20.71 -15.85
CA ILE E 64 20.60 -19.59 -16.77
C ILE E 64 19.28 -19.74 -17.52
N GLY E 65 18.98 -20.96 -17.95
CA GLY E 65 17.84 -21.21 -18.80
C GLY E 65 18.14 -21.18 -20.27
N PHE E 66 19.35 -21.57 -20.68
CA PHE E 66 19.79 -21.50 -22.06
C PHE E 66 20.03 -22.90 -22.61
N ALA E 67 19.50 -23.14 -23.82
CA ALA E 67 19.74 -24.38 -24.52
C ALA E 67 19.45 -24.15 -25.99
N PRO E 68 20.38 -24.42 -26.89
CA PRO E 68 20.07 -24.30 -28.32
C PRO E 68 19.20 -25.45 -28.81
N GLU E 69 18.49 -25.17 -29.90
CA GLU E 69 17.66 -26.19 -30.51
C GLU E 69 18.53 -27.27 -31.16
N ARG E 70 17.92 -28.43 -31.39
CA ARG E 70 18.66 -29.54 -31.95
C ARG E 70 19.10 -29.24 -33.38
N GLY E 71 20.24 -29.85 -33.76
CA GLY E 71 20.91 -29.51 -34.99
C GLY E 71 21.84 -28.31 -34.89
N ASN E 72 22.52 -28.15 -33.74
CA ASN E 72 23.14 -26.87 -33.43
C ASN E 72 24.52 -26.70 -34.08
N ARG E 73 25.25 -27.78 -34.33
CA ARG E 73 26.57 -27.76 -34.96
C ARG E 73 27.67 -27.21 -34.06
N TYR E 74 27.32 -26.62 -32.93
CA TYR E 74 28.28 -25.92 -32.09
C TYR E 74 28.11 -26.38 -30.65
N GLY E 75 29.23 -26.52 -29.94
CA GLY E 75 29.19 -26.78 -28.52
C GLY E 75 29.46 -25.51 -27.74
N TYR E 76 28.65 -25.28 -26.71
CA TYR E 76 28.69 -24.04 -25.96
C TYR E 76 29.16 -24.32 -24.54
N ARG E 77 30.06 -23.48 -24.05
CA ARG E 77 30.57 -23.58 -22.69
C ARG E 77 30.32 -22.28 -21.95
N VAL E 78 29.58 -22.35 -20.86
CA VAL E 78 29.31 -21.17 -20.05
C VAL E 78 30.27 -21.05 -18.89
N SER E 79 31.10 -22.06 -18.64
CA SER E 79 32.02 -22.00 -17.51
C SER E 79 33.02 -23.13 -17.61
N ALA E 80 34.09 -23.02 -16.84
CA ALA E 80 35.10 -24.06 -16.74
C ALA E 80 34.88 -24.97 -15.52
N ALA E 81 33.78 -24.80 -14.80
CA ALA E 81 33.50 -25.64 -13.65
C ALA E 81 33.41 -27.11 -14.07
N ALA E 82 33.39 -27.99 -13.07
CA ALA E 82 33.35 -29.41 -13.32
C ALA E 82 31.94 -29.88 -13.65
N GLY E 83 31.86 -30.86 -14.53
CA GLY E 83 30.57 -31.43 -14.92
C GLY E 83 30.62 -31.91 -16.35
N ASP E 84 29.64 -32.75 -16.69
CA ASP E 84 29.52 -33.29 -18.03
C ASP E 84 28.87 -32.26 -18.96
N CYS E 85 28.95 -32.52 -20.26
CA CYS E 85 28.59 -31.54 -21.28
C CYS E 85 27.29 -31.89 -22.00
N GLU E 86 26.33 -32.47 -21.27
CA GLU E 86 25.00 -32.74 -21.82
C GLU E 86 25.11 -33.32 -23.24
N VAL E 87 25.69 -34.52 -23.32
CA VAL E 87 25.93 -35.15 -24.60
C VAL E 87 24.61 -35.34 -25.33
N ARG E 88 24.52 -34.83 -26.56
CA ARG E 88 23.33 -34.97 -27.40
C ARG E 88 23.62 -36.03 -28.45
N ASN E 89 23.47 -37.30 -28.06
CA ASN E 89 23.78 -38.41 -28.95
C ASN E 89 22.58 -39.34 -29.16
N ALA E 90 21.37 -38.88 -28.82
CA ALA E 90 20.19 -39.71 -28.97
C ALA E 90 18.98 -38.80 -29.13
N ALA E 91 17.87 -39.39 -29.55
CA ALA E 91 16.65 -38.63 -29.77
C ALA E 91 16.16 -37.98 -28.48
N ASP E 92 16.22 -38.72 -27.37
CA ASP E 92 15.80 -38.21 -26.08
C ASP E 92 17.01 -37.67 -25.33
N LEU E 93 16.93 -36.44 -24.87
CA LEU E 93 18.04 -35.86 -24.11
C LEU E 93 18.20 -36.59 -22.78
N PRO E 94 19.44 -36.74 -22.31
CA PRO E 94 19.66 -37.46 -21.04
C PRO E 94 19.19 -36.65 -19.85
N VAL E 95 18.85 -37.37 -18.78
CA VAL E 95 18.49 -36.71 -17.52
C VAL E 95 19.78 -36.31 -16.81
N PRO E 96 19.96 -35.04 -16.47
CA PRO E 96 21.25 -34.62 -15.90
C PRO E 96 21.45 -35.14 -14.49
N ALA E 97 22.69 -35.46 -14.16
CA ALA E 97 23.03 -35.86 -12.81
C ALA E 97 23.25 -34.64 -11.92
N ALA E 98 23.77 -33.56 -12.48
CA ALA E 98 23.97 -32.31 -11.76
C ALA E 98 24.06 -31.18 -12.77
N GLY E 99 24.39 -29.98 -12.28
CA GLY E 99 24.51 -28.84 -13.17
C GLY E 99 25.51 -29.09 -14.28
N VAL E 100 25.14 -28.68 -15.49
CA VAL E 100 25.99 -28.87 -16.66
C VAL E 100 26.59 -27.53 -17.07
N PRO E 101 27.93 -27.41 -17.13
CA PRO E 101 28.52 -26.15 -17.57
C PRO E 101 28.72 -26.03 -19.06
N CYS E 102 28.45 -27.09 -19.83
CA CYS E 102 28.69 -27.09 -21.25
C CYS E 102 27.61 -27.90 -21.95
N ILE E 103 27.35 -27.55 -23.20
CA ILE E 103 26.38 -28.25 -24.03
C ILE E 103 27.12 -28.79 -25.25
N SER E 104 27.06 -30.10 -25.43
CA SER E 104 27.82 -30.72 -26.49
C SER E 104 27.23 -30.40 -27.85
N ASN E 105 27.99 -30.74 -28.89
CA ASN E 105 27.48 -30.71 -30.25
C ASN E 105 26.37 -31.74 -30.40
N ASP E 106 25.45 -31.47 -31.32
CA ASP E 106 24.32 -32.37 -31.58
C ASP E 106 24.80 -33.46 -32.54
N SER E 107 25.40 -34.51 -32.01
CA SER E 107 25.90 -35.60 -32.82
C SER E 107 24.81 -36.60 -33.22
N PHE E 108 23.58 -36.38 -32.78
CA PHE E 108 22.48 -37.24 -33.22
C PHE E 108 22.30 -37.18 -34.73
N ARG E 109 22.33 -35.97 -35.30
CA ARG E 109 22.09 -35.81 -36.72
C ARG E 109 23.34 -35.49 -37.52
N PHE E 110 24.51 -35.46 -36.88
CA PHE E 110 25.75 -35.18 -37.58
C PHE E 110 26.77 -36.31 -37.51
N GLY E 111 26.45 -37.42 -36.87
CA GLY E 111 27.36 -38.54 -36.82
C GLY E 111 28.15 -38.58 -35.52
N ALA E 112 28.61 -39.79 -35.16
CA ALA E 112 29.34 -39.96 -33.91
C ALA E 112 30.75 -39.40 -34.00
N ASN E 113 31.34 -39.37 -35.19
CA ASN E 113 32.69 -38.85 -35.36
C ASN E 113 32.75 -37.33 -35.30
N SER E 114 31.61 -36.65 -35.37
CA SER E 114 31.56 -35.20 -35.29
C SER E 114 31.32 -34.70 -33.88
N ALA E 115 31.32 -35.59 -32.89
CA ALA E 115 30.97 -35.19 -31.53
C ALA E 115 31.97 -34.18 -30.98
N ILE E 116 31.46 -33.21 -30.24
CA ILE E 116 32.26 -32.25 -29.50
C ILE E 116 31.77 -32.33 -28.05
N ASP E 117 32.42 -33.15 -27.24
CA ASP E 117 32.04 -33.35 -25.85
C ASP E 117 32.77 -32.43 -24.89
N ASP E 118 33.66 -31.58 -25.40
CA ASP E 118 34.39 -30.62 -24.56
C ASP E 118 34.57 -29.36 -25.36
N PRO E 119 33.51 -28.57 -25.51
CA PRO E 119 33.56 -27.40 -26.41
C PRO E 119 34.20 -26.19 -25.76
N THR E 120 35.50 -26.31 -25.47
CA THR E 120 36.25 -25.20 -24.89
C THR E 120 36.95 -24.43 -26.00
N PRO E 121 36.63 -23.16 -26.21
CA PRO E 121 37.24 -22.43 -27.34
C PRO E 121 38.65 -21.96 -27.03
N VAL E 122 39.28 -21.43 -28.06
CA VAL E 122 40.59 -20.80 -27.95
C VAL E 122 40.39 -19.32 -27.65
N VAL E 123 41.16 -18.79 -26.70
CA VAL E 123 41.05 -17.41 -26.26
C VAL E 123 42.38 -16.68 -26.34
N ALA E 124 43.31 -17.14 -27.19
CA ALA E 124 44.63 -16.53 -27.25
C ALA E 124 44.57 -15.13 -27.84
N ARG E 125 43.68 -14.90 -28.80
CA ARG E 125 43.65 -13.65 -29.55
C ARG E 125 42.51 -12.74 -29.12
N PHE E 126 42.05 -12.84 -27.88
CA PHE E 126 41.14 -11.89 -27.27
C PHE E 126 41.83 -11.29 -26.05
N VAL E 127 42.01 -9.98 -26.06
CA VAL E 127 42.76 -9.29 -25.01
C VAL E 127 41.78 -8.38 -24.26
N PRO E 128 41.39 -8.72 -23.02
CA PRO E 128 40.50 -7.83 -22.27
C PRO E 128 41.14 -6.48 -22.05
N GLN E 129 40.31 -5.44 -22.12
CA GLN E 129 40.74 -4.06 -21.92
C GLN E 129 40.10 -3.53 -20.64
N GLY E 130 40.69 -2.45 -20.12
CA GLY E 130 40.17 -1.81 -18.93
C GLY E 130 41.09 -2.00 -17.73
N ALA E 131 40.83 -1.19 -16.70
CA ALA E 131 41.65 -1.25 -15.49
C ALA E 131 41.20 -2.34 -14.53
N ALA E 132 40.03 -2.93 -14.75
CA ALA E 132 39.52 -3.93 -13.82
C ALA E 132 40.34 -5.21 -13.85
N GLY E 133 41.19 -5.37 -14.85
CA GLY E 133 42.05 -6.54 -14.91
C GLY E 133 41.33 -7.86 -15.08
N TRP E 134 40.37 -7.94 -15.99
CA TRP E 134 39.66 -9.18 -16.21
C TRP E 134 40.55 -10.20 -16.94
N ASN E 135 40.20 -11.47 -16.79
CA ASN E 135 40.94 -12.58 -17.38
C ASN E 135 40.22 -13.13 -18.60
N THR E 136 40.82 -14.16 -19.20
CA THR E 136 40.20 -14.89 -20.31
C THR E 136 39.70 -16.27 -19.91
N THR E 137 39.68 -16.59 -18.62
CA THR E 137 39.13 -17.87 -18.19
C THR E 137 37.61 -17.83 -18.29
N LEU E 138 37.03 -18.88 -18.88
CA LEU E 138 35.60 -18.93 -19.11
C LEU E 138 34.85 -19.08 -17.79
N GLY E 139 33.67 -18.46 -17.71
CA GLY E 139 32.83 -18.55 -16.54
C GLY E 139 32.73 -17.23 -15.81
N VAL E 140 32.13 -17.24 -14.62
CA VAL E 140 32.04 -16.05 -13.79
C VAL E 140 33.41 -15.81 -13.16
N GLN E 141 33.90 -14.59 -13.30
CA GLN E 141 35.19 -14.20 -12.78
C GLN E 141 35.07 -12.88 -12.04
N PRO E 142 35.96 -12.60 -11.08
CA PRO E 142 37.11 -13.40 -10.63
C PRO E 142 36.70 -14.68 -9.93
N THR E 143 35.57 -14.66 -9.24
CA THR E 143 35.01 -15.85 -8.62
C THR E 143 33.51 -15.64 -8.47
N ILE E 144 32.77 -16.74 -8.45
CA ILE E 144 31.33 -16.65 -8.24
C ILE E 144 31.02 -16.30 -6.79
N ALA E 145 32.06 -16.21 -5.95
CA ALA E 145 31.85 -15.86 -4.54
C ALA E 145 31.52 -14.40 -4.34
N ASP E 146 31.71 -13.56 -5.36
CA ASP E 146 31.40 -12.13 -5.28
C ASP E 146 30.04 -11.88 -5.92
N CYS E 147 29.02 -11.60 -5.10
CA CYS E 147 27.69 -11.37 -5.68
C CYS E 147 27.66 -10.20 -6.65
N PRO E 148 28.19 -9.03 -6.34
CA PRO E 148 28.39 -8.03 -7.40
C PRO E 148 29.48 -8.48 -8.36
N ASN E 149 29.16 -9.56 -9.08
CA ASN E 149 30.14 -10.28 -9.89
C ASN E 149 30.72 -9.39 -10.97
N CYS E 150 32.02 -9.50 -11.17
CA CYS E 150 32.58 -8.99 -12.41
C CYS E 150 32.01 -9.79 -13.57
N ASN E 151 32.11 -9.23 -14.75
CA ASN E 151 31.42 -9.78 -15.91
C ASN E 151 31.84 -11.22 -16.17
N PHE E 152 30.91 -11.98 -16.74
CA PHE E 152 31.16 -13.36 -17.13
C PHE E 152 31.99 -13.42 -18.41
N PHE E 153 32.22 -14.64 -18.88
CA PHE E 153 32.96 -14.92 -20.10
C PHE E 153 32.57 -16.31 -20.60
N ALA E 154 32.18 -16.41 -21.86
CA ALA E 154 31.66 -17.66 -22.41
C ALA E 154 32.17 -17.83 -23.83
N GLY E 155 31.88 -18.99 -24.42
CA GLY E 155 32.33 -19.23 -25.77
C GLY E 155 31.64 -20.42 -26.40
N ALA E 156 32.07 -20.74 -27.62
CA ALA E 156 31.50 -21.82 -28.41
C ALA E 156 32.59 -22.42 -29.27
N ARG E 157 32.30 -23.59 -29.84
CA ARG E 157 33.27 -24.32 -30.65
C ARG E 157 32.53 -25.19 -31.64
N GLY E 158 32.82 -25.05 -32.93
CA GLY E 158 32.11 -25.80 -33.93
C GLY E 158 32.97 -26.05 -35.15
N ASN E 159 32.34 -26.59 -36.18
CA ASN E 159 33.02 -26.92 -37.43
C ASN E 159 32.18 -26.46 -38.60
N ALA E 160 32.77 -25.69 -39.51
CA ALA E 160 32.04 -25.18 -40.65
C ALA E 160 32.46 -25.89 -41.95
N ASP E 161 31.49 -26.47 -42.63
CA ASP E 161 31.69 -27.34 -43.81
C ASP E 161 32.69 -28.44 -43.42
N ASN E 162 33.61 -28.83 -44.29
CA ASN E 162 34.40 -30.04 -44.11
C ASN E 162 35.79 -29.74 -43.56
N GLU E 163 35.90 -28.65 -42.81
CA GLU E 163 37.12 -28.35 -42.07
C GLU E 163 37.36 -29.43 -41.02
N ALA E 164 38.53 -30.04 -41.05
CA ALA E 164 38.87 -30.99 -39.99
C ALA E 164 38.96 -30.29 -38.63
N THR E 165 39.49 -29.08 -38.61
CA THR E 165 39.65 -28.28 -37.40
C THR E 165 38.40 -27.43 -37.17
N PHE E 166 38.39 -26.72 -36.03
CA PHE E 166 37.19 -26.07 -35.51
C PHE E 166 37.30 -24.56 -35.63
N ASP E 167 36.16 -23.88 -35.47
CA ASP E 167 36.14 -22.43 -35.31
C ASP E 167 35.59 -22.07 -33.93
N ASP E 168 36.13 -21.01 -33.34
CA ASP E 168 35.89 -20.68 -31.95
C ASP E 168 35.33 -19.27 -31.85
N TRP E 169 34.35 -19.09 -30.97
CA TRP E 169 33.76 -17.79 -30.69
C TRP E 169 33.81 -17.53 -29.21
N VAL E 170 33.77 -16.25 -28.83
CA VAL E 170 33.72 -15.85 -27.43
C VAL E 170 32.80 -14.65 -27.30
N ILE E 171 32.08 -14.60 -26.17
CA ILE E 171 31.28 -13.44 -25.81
C ILE E 171 31.59 -13.11 -24.36
N ALA E 172 31.81 -11.83 -24.10
CA ALA E 172 32.22 -11.38 -22.78
C ALA E 172 31.26 -10.30 -22.30
N GLY E 173 31.20 -10.13 -20.99
CA GLY E 173 30.48 -9.02 -20.42
C GLY E 173 31.30 -7.76 -20.28
N PHE E 174 32.58 -7.78 -20.65
CA PHE E 174 33.48 -6.66 -20.51
C PHE E 174 34.08 -6.32 -21.87
N GLU E 175 34.80 -5.20 -21.91
CA GLU E 175 35.38 -4.73 -23.17
C GLU E 175 36.69 -5.44 -23.47
N GLY E 176 36.96 -5.63 -24.76
CA GLY E 176 38.19 -6.26 -25.18
C GLY E 176 38.52 -5.90 -26.61
N SER E 177 39.68 -6.37 -27.07
CA SER E 177 40.14 -6.11 -28.42
C SER E 177 40.69 -7.38 -29.04
N GLY E 178 40.50 -7.53 -30.34
CA GLY E 178 41.04 -8.66 -31.06
C GLY E 178 42.44 -8.40 -31.57
N GLN E 179 43.19 -9.48 -31.78
CA GLN E 179 44.53 -9.40 -32.33
C GLN E 179 44.55 -9.92 -33.76
N VAL E 180 45.40 -9.32 -34.56
CA VAL E 180 45.54 -9.76 -35.95
C VAL E 180 46.32 -11.06 -36.00
N GLY E 181 45.86 -11.98 -36.84
CA GLY E 181 46.50 -13.26 -36.99
C GLY E 181 46.03 -13.95 -38.25
N PRO E 182 46.54 -15.16 -38.49
CA PRO E 182 46.12 -15.88 -39.71
C PRO E 182 44.63 -16.19 -39.73
N CYS E 183 43.98 -16.28 -38.58
CA CYS E 183 42.59 -16.73 -38.49
C CYS E 183 41.76 -15.78 -37.64
N SER E 184 42.19 -14.54 -37.49
CA SER E 184 41.42 -13.57 -36.73
C SER E 184 41.70 -12.18 -37.29
N GLU E 185 40.76 -11.27 -37.05
CA GLU E 185 40.51 -9.87 -37.32
C GLU E 185 41.02 -9.00 -36.18
N ALA E 186 41.38 -7.77 -36.50
CA ALA E 186 41.87 -6.82 -35.53
C ALA E 186 40.85 -5.70 -35.37
N GLY E 187 40.57 -5.36 -34.13
CA GLY E 187 39.67 -4.27 -33.83
C GLY E 187 39.04 -4.47 -32.47
N ASN E 188 38.55 -3.36 -31.92
CA ASN E 188 37.97 -3.35 -30.59
C ASN E 188 36.59 -4.00 -30.60
N VAL E 189 36.28 -4.72 -29.53
CA VAL E 189 35.03 -5.46 -29.42
C VAL E 189 34.27 -4.90 -28.23
N ALA E 190 33.05 -4.44 -28.47
CA ALA E 190 32.21 -3.93 -27.40
C ALA E 190 31.66 -5.08 -26.58
N SER E 191 31.32 -4.79 -25.33
CA SER E 191 30.75 -5.81 -24.46
C SER E 191 29.43 -6.29 -25.04
N GLY E 192 29.26 -7.61 -25.09
CA GLY E 192 28.07 -8.20 -25.64
C GLY E 192 28.10 -8.43 -27.13
N THR E 193 29.26 -8.39 -27.76
CA THR E 193 29.42 -8.68 -29.18
C THR E 193 30.27 -9.92 -29.36
N PRO E 194 29.77 -10.97 -30.03
CA PRO E 194 30.59 -12.16 -30.24
C PRO E 194 31.83 -11.86 -31.07
N TYR E 195 32.93 -12.52 -30.72
CA TYR E 195 34.19 -12.33 -31.40
C TYR E 195 34.73 -13.68 -31.84
N ASN E 196 35.18 -13.76 -33.09
CA ASN E 196 35.62 -15.03 -33.70
C ASN E 196 37.11 -15.18 -33.49
N THR E 197 37.49 -15.96 -32.47
CA THR E 197 38.90 -16.13 -32.16
C THR E 197 39.62 -16.93 -33.24
N ARG E 198 38.97 -17.97 -33.77
CA ARG E 198 39.45 -18.73 -34.92
C ARG E 198 38.24 -19.01 -35.80
N ASN E 199 38.33 -18.67 -37.08
CA ASN E 199 37.13 -18.66 -37.91
C ASN E 199 37.00 -19.88 -38.81
N ASP E 200 38.11 -20.59 -39.09
CA ASP E 200 38.03 -21.86 -39.80
C ASP E 200 37.62 -21.70 -41.26
N VAL E 201 37.18 -20.52 -41.66
CA VAL E 201 36.92 -20.26 -43.07
C VAL E 201 38.16 -19.70 -43.74
N ALA E 202 38.96 -18.95 -42.99
CA ALA E 202 40.21 -18.43 -43.51
C ALA E 202 41.29 -19.49 -43.54
N CYS E 203 41.26 -20.42 -42.59
CA CYS E 203 42.41 -21.31 -42.38
C CYS E 203 41.94 -22.70 -42.01
N ASP E 204 42.83 -23.67 -42.21
CA ASP E 204 42.61 -25.05 -41.80
C ASP E 204 43.97 -25.70 -41.60
N GLY E 205 44.28 -26.06 -40.36
CA GLY E 205 45.54 -26.66 -40.00
C GLY E 205 45.94 -26.24 -38.61
N ALA E 206 47.25 -26.13 -38.39
CA ALA E 206 47.75 -25.71 -37.08
C ALA E 206 47.50 -24.23 -36.83
N ALA E 207 47.08 -23.48 -37.85
CA ALA E 207 46.88 -22.05 -37.71
C ALA E 207 45.86 -21.75 -36.61
N GLN E 208 46.12 -20.69 -35.86
CA GLN E 208 45.24 -20.27 -34.77
C GLN E 208 44.78 -18.82 -34.95
N PHE F 1 26.16 -26.80 -82.13
CA PHE F 1 26.44 -25.34 -82.00
C PHE F 1 27.74 -24.96 -82.71
N THR F 2 27.97 -23.66 -82.85
CA THR F 2 29.09 -23.13 -83.60
C THR F 2 29.81 -22.07 -82.78
N LEU F 3 30.73 -21.35 -83.42
CA LEU F 3 31.58 -20.42 -82.70
C LEU F 3 30.78 -19.24 -82.14
N ILE F 4 29.81 -18.74 -82.91
CA ILE F 4 29.03 -17.59 -82.47
C ILE F 4 28.29 -17.92 -81.18
N GLU F 5 27.76 -19.14 -81.07
CA GLU F 5 27.07 -19.52 -79.85
C GLU F 5 28.01 -19.50 -78.64
N LEU F 6 29.22 -20.03 -78.79
CA LEU F 6 30.13 -20.07 -77.66
C LEU F 6 30.58 -18.67 -77.27
N MET F 7 30.83 -17.82 -78.26
CA MET F 7 31.18 -16.44 -77.95
C MET F 7 30.03 -15.71 -77.28
N ILE F 8 28.79 -16.01 -77.66
CA ILE F 8 27.64 -15.41 -76.98
C ILE F 8 27.54 -15.92 -75.55
N VAL F 9 27.87 -17.19 -75.32
CA VAL F 9 27.86 -17.71 -73.95
C VAL F 9 28.87 -16.95 -73.09
N VAL F 10 30.07 -16.76 -73.63
CA VAL F 10 31.09 -16.01 -72.90
C VAL F 10 30.61 -14.57 -72.65
N ALA F 11 30.01 -13.96 -73.67
CA ALA F 11 29.50 -12.59 -73.50
C ALA F 11 28.42 -12.53 -72.44
N ILE F 12 27.57 -13.56 -72.35
CA ILE F 12 26.49 -13.54 -71.38
C ILE F 12 27.01 -13.69 -69.96
N ILE F 13 28.01 -14.56 -69.76
CA ILE F 13 28.56 -14.61 -68.41
C ILE F 13 29.28 -13.30 -68.07
N GLY F 14 29.91 -12.67 -69.07
CA GLY F 14 30.44 -11.34 -68.84
C GLY F 14 29.37 -10.32 -68.46
N ILE F 15 28.20 -10.42 -69.09
CA ILE F 15 27.09 -9.54 -68.76
C ILE F 15 26.65 -9.77 -67.32
N LEU F 16 26.48 -11.03 -66.93
CA LEU F 16 26.01 -11.33 -65.59
C LEU F 16 27.01 -10.87 -64.54
N ALA F 17 28.31 -10.90 -64.87
CA ALA F 17 29.31 -10.42 -63.93
C ALA F 17 29.12 -8.93 -63.63
N ALA F 18 28.54 -8.17 -64.56
CA ALA F 18 28.34 -6.73 -64.39
C ALA F 18 26.87 -6.36 -64.24
N ILE F 19 26.04 -7.27 -63.75
CA ILE F 19 24.61 -7.00 -63.58
C ILE F 19 24.43 -5.91 -62.54
N ALA F 20 23.37 -5.11 -62.70
CA ALA F 20 23.07 -4.03 -61.77
C ALA F 20 21.92 -4.43 -60.85
N ILE F 21 22.29 -5.07 -59.75
CA ILE F 21 21.31 -5.56 -58.78
C ILE F 21 20.97 -4.43 -57.83
N PRO F 22 19.92 -4.57 -57.01
CA PRO F 22 19.54 -3.45 -56.13
C PRO F 22 20.64 -3.12 -55.13
N ASN F 23 20.68 -1.85 -54.74
CA ASN F 23 21.63 -1.37 -53.76
C ASN F 23 21.16 -1.82 -52.38
N PHE F 24 21.80 -2.87 -51.84
CA PHE F 24 21.36 -3.43 -50.56
C PHE F 24 22.01 -2.73 -49.37
N ILE F 25 22.96 -1.84 -49.60
CA ILE F 25 23.45 -1.00 -48.52
C ILE F 25 22.32 -0.16 -47.95
N LYS F 26 21.32 0.21 -48.76
CA LYS F 26 20.15 0.88 -48.24
C LYS F 26 19.40 0.02 -47.23
N PHE F 27 19.20 -1.26 -47.56
CA PHE F 27 18.52 -2.17 -46.66
C PHE F 27 19.29 -2.34 -45.36
N GLN F 28 20.61 -2.46 -45.44
CA GLN F 28 21.40 -2.64 -44.22
C GLN F 28 21.41 -1.37 -43.37
N ALA F 29 21.44 -0.20 -44.01
CA ALA F 29 21.32 1.04 -43.26
C ALA F 29 19.97 1.13 -42.56
N ARG F 30 18.90 0.70 -43.23
CA ARG F 30 17.60 0.67 -42.58
C ARG F 30 17.59 -0.28 -41.39
N SER F 31 18.28 -1.41 -41.47
CA SER F 31 18.40 -2.28 -40.31
C SER F 31 19.15 -1.57 -39.18
N LYS F 32 20.22 -0.84 -39.51
CA LYS F 32 21.02 -0.19 -38.49
C LYS F 32 20.28 0.96 -37.81
N GLN F 33 19.30 1.55 -38.50
CA GLN F 33 18.59 2.70 -37.93
C GLN F 33 17.73 2.35 -36.73
N SER F 34 17.57 1.06 -36.40
CA SER F 34 16.70 0.68 -35.31
C SER F 34 17.27 1.02 -33.92
N GLU F 35 18.59 1.19 -33.80
CA GLU F 35 19.15 1.65 -32.55
C GLU F 35 18.51 2.95 -32.12
N ALA F 36 18.38 3.90 -33.04
CA ALA F 36 17.84 5.21 -32.69
C ALA F 36 16.42 5.07 -32.16
N LYS F 37 15.58 4.28 -32.83
CA LYS F 37 14.21 4.11 -32.37
C LYS F 37 14.17 3.53 -30.97
N THR F 38 14.87 2.43 -30.75
CA THR F 38 14.80 1.77 -29.44
C THR F 38 15.32 2.69 -28.33
N ASN F 39 16.45 3.35 -28.58
CA ASN F 39 17.06 4.18 -27.54
C ASN F 39 16.26 5.45 -27.28
N LEU F 40 15.65 6.02 -28.33
CA LEU F 40 14.82 7.20 -28.11
C LEU F 40 13.56 6.84 -27.34
N LYS F 41 12.98 5.67 -27.59
CA LYS F 41 11.82 5.28 -26.78
C LYS F 41 12.23 5.01 -25.34
N ALA F 42 13.45 4.51 -25.12
CA ALA F 42 13.95 4.39 -23.75
C ALA F 42 14.09 5.76 -23.09
N LEU F 43 14.61 6.75 -23.82
CA LEU F 43 14.60 8.12 -23.30
C LEU F 43 13.21 8.56 -22.90
N TYR F 44 12.23 8.35 -23.77
CA TYR F 44 10.87 8.78 -23.48
C TYR F 44 10.35 8.14 -22.20
N THR F 45 10.56 6.83 -22.07
CA THR F 45 10.07 6.11 -20.90
C THR F 45 10.74 6.60 -19.63
N ALA F 46 12.06 6.78 -19.66
CA ALA F 46 12.78 7.22 -18.48
C ALA F 46 12.38 8.63 -18.07
N GLN F 47 12.15 9.50 -19.05
CA GLN F 47 11.70 10.85 -18.74
C GLN F 47 10.32 10.82 -18.09
N LYS F 48 9.42 10.00 -18.61
CA LYS F 48 8.09 9.91 -18.00
C LYS F 48 8.18 9.41 -16.56
N SER F 49 8.99 8.39 -16.31
CA SER F 49 9.12 7.86 -14.95
C SER F 49 9.72 8.90 -14.01
N PHE F 50 10.76 9.60 -14.46
CA PHE F 50 11.38 10.63 -13.63
C PHE F 50 10.38 11.73 -13.30
N PHE F 51 9.60 12.17 -14.29
CA PHE F 51 8.60 13.19 -14.01
C PHE F 51 7.61 12.70 -12.98
N SER F 52 7.14 11.46 -13.14
CA SER F 52 6.15 10.94 -12.21
C SER F 52 6.67 10.96 -10.79
N GLU F 53 7.91 10.53 -10.59
CA GLU F 53 8.42 10.45 -9.22
C GLU F 53 8.77 11.83 -8.67
N LYS F 54 9.20 12.76 -9.54
CA LYS F 54 9.79 14.01 -9.12
C LYS F 54 8.99 15.25 -9.50
N ASP F 55 7.92 15.10 -10.29
CA ASP F 55 7.07 16.23 -10.69
C ASP F 55 7.84 17.25 -11.52
N ARG F 56 8.72 16.79 -12.39
CA ARG F 56 9.45 17.65 -13.30
C ARG F 56 10.29 16.78 -14.22
N TYR F 57 10.54 17.29 -15.43
CA TYR F 57 11.43 16.63 -16.36
C TYR F 57 12.86 17.09 -16.11
N SER F 58 13.81 16.28 -16.56
CA SER F 58 15.22 16.51 -16.31
C SER F 58 15.92 17.00 -17.57
N ASP F 59 16.97 17.80 -17.37
CA ASP F 59 17.81 18.29 -18.46
C ASP F 59 19.05 17.44 -18.68
N PHE F 60 19.31 16.45 -17.84
CA PHE F 60 20.56 15.70 -17.87
C PHE F 60 20.28 14.21 -17.91
N ALA F 61 21.21 13.46 -18.51
CA ALA F 61 21.02 12.02 -18.62
C ALA F 61 21.42 11.30 -17.34
N ASN F 62 22.19 11.96 -16.48
CA ASN F 62 22.54 11.36 -15.19
C ASN F 62 21.32 11.06 -14.35
N GLU F 63 20.43 12.04 -14.17
CA GLU F 63 19.27 11.90 -13.31
C GLU F 63 18.20 11.02 -13.92
N ILE F 64 18.02 11.08 -15.24
CA ILE F 64 17.01 10.27 -15.90
C ILE F 64 17.31 8.79 -15.70
N GLY F 65 18.57 8.41 -15.79
CA GLY F 65 18.98 7.04 -15.71
C GLY F 65 19.07 6.34 -17.04
N PHE F 66 19.39 7.06 -18.11
CA PHE F 66 19.42 6.51 -19.46
C PHE F 66 20.86 6.49 -19.97
N ALA F 67 21.25 5.36 -20.55
CA ALA F 67 22.55 5.23 -21.20
C ALA F 67 22.47 4.05 -22.14
N PRO F 68 22.83 4.20 -23.42
CA PRO F 68 22.86 3.05 -24.32
C PRO F 68 24.11 2.21 -24.10
N GLU F 69 23.99 0.94 -24.47
CA GLU F 69 25.13 0.05 -24.38
C GLU F 69 26.19 0.45 -25.40
N ARG F 70 27.41 -0.03 -25.18
CA ARG F 70 28.50 0.31 -26.08
C ARG F 70 28.28 -0.26 -27.49
N GLY F 71 28.88 0.42 -28.46
CA GLY F 71 28.61 0.14 -29.86
C GLY F 71 27.37 0.81 -30.38
N ASN F 72 27.04 2.01 -29.89
CA ASN F 72 25.71 2.57 -30.11
C ASN F 72 25.53 3.19 -31.51
N ARG F 73 26.61 3.75 -32.08
CA ARG F 73 26.60 4.40 -33.40
C ARG F 73 25.90 5.74 -33.43
N TYR F 74 25.19 6.12 -32.37
CA TYR F 74 24.39 7.33 -32.35
C TYR F 74 24.72 8.12 -31.11
N GLY F 75 24.81 9.44 -31.26
CA GLY F 75 24.93 10.32 -30.13
C GLY F 75 23.58 10.89 -29.75
N TYR F 76 23.28 10.85 -28.46
CA TYR F 76 21.96 11.24 -27.97
C TYR F 76 22.09 12.52 -27.16
N ARG F 77 21.16 13.44 -27.38
CA ARG F 77 21.11 14.69 -26.65
C ARG F 77 19.79 14.80 -25.92
N VAL F 78 19.86 14.94 -24.60
CA VAL F 78 18.66 15.09 -23.78
C VAL F 78 18.30 16.56 -23.56
N SER F 79 19.22 17.48 -23.83
CA SER F 79 18.91 18.89 -23.71
C SER F 79 20.05 19.72 -24.27
N ALA F 80 19.80 21.01 -24.40
CA ALA F 80 20.80 21.96 -24.88
C ALA F 80 21.55 22.66 -23.75
N ALA F 81 21.32 22.26 -22.49
CA ALA F 81 22.05 22.83 -21.37
C ALA F 81 23.54 22.63 -21.56
N ALA F 82 24.32 23.34 -20.75
CA ALA F 82 25.77 23.31 -20.87
C ALA F 82 26.33 22.06 -20.19
N GLY F 83 27.38 21.51 -20.78
CA GLY F 83 28.04 20.35 -20.23
C GLY F 83 28.70 19.53 -21.32
N ASP F 84 29.59 18.63 -20.89
CA ASP F 84 30.30 17.76 -21.80
C ASP F 84 29.40 16.59 -22.22
N CYS F 85 29.79 15.89 -23.28
CA CYS F 85 28.94 14.89 -23.91
C CYS F 85 29.42 13.46 -23.65
N GLU F 86 29.99 13.22 -22.48
CA GLU F 86 30.38 11.87 -22.07
C GLU F 86 31.08 11.15 -23.23
N VAL F 87 32.28 11.64 -23.56
CA VAL F 87 33.02 11.09 -24.68
C VAL F 87 33.35 9.63 -24.39
N ARG F 88 32.95 8.74 -25.31
CA ARG F 88 33.24 7.31 -25.20
C ARG F 88 34.37 6.96 -26.16
N ASN F 89 35.60 7.21 -25.71
CA ASN F 89 36.78 6.98 -26.54
C ASN F 89 37.76 6.02 -25.88
N ALA F 90 37.32 5.25 -24.88
CA ALA F 90 38.20 4.32 -24.19
C ALA F 90 37.35 3.19 -23.61
N ALA F 91 38.04 2.11 -23.23
CA ALA F 91 37.34 0.96 -22.66
C ALA F 91 36.61 1.35 -21.37
N ASP F 92 37.25 2.13 -20.52
CA ASP F 92 36.64 2.59 -19.28
C ASP F 92 35.98 3.95 -19.51
N LEU F 93 34.72 4.07 -19.14
CA LEU F 93 34.03 5.33 -19.28
C LEU F 93 34.61 6.36 -18.29
N PRO F 94 34.67 7.63 -18.68
CA PRO F 94 35.25 8.64 -17.80
C PRO F 94 34.34 8.94 -16.62
N VAL F 95 34.95 9.41 -15.53
CA VAL F 95 34.19 9.84 -14.37
C VAL F 95 33.65 11.25 -14.68
N PRO F 96 32.34 11.47 -14.56
CA PRO F 96 31.80 12.78 -14.96
C PRO F 96 32.14 13.87 -13.96
N ALA F 97 32.40 15.07 -14.49
CA ALA F 97 32.61 16.23 -13.62
C ALA F 97 31.29 16.82 -13.14
N ALA F 98 30.26 16.77 -13.99
CA ALA F 98 28.94 17.25 -13.62
C ALA F 98 27.92 16.54 -14.51
N GLY F 99 26.66 16.95 -14.37
CA GLY F 99 25.62 16.36 -15.19
C GLY F 99 25.90 16.50 -16.66
N VAL F 100 25.67 15.42 -17.41
CA VAL F 100 25.94 15.41 -18.84
C VAL F 100 24.62 15.52 -19.59
N PRO F 101 24.41 16.53 -20.44
CA PRO F 101 23.18 16.59 -21.22
C PRO F 101 23.20 15.75 -22.48
N CYS F 102 24.36 15.27 -22.91
CA CYS F 102 24.49 14.56 -24.16
C CYS F 102 25.41 13.36 -23.96
N ILE F 103 25.20 12.34 -24.78
CA ILE F 103 26.01 11.14 -24.77
C ILE F 103 26.64 11.00 -26.15
N SER F 104 27.96 10.94 -26.19
CA SER F 104 28.66 10.94 -27.46
C SER F 104 28.53 9.58 -28.15
N ASN F 105 28.90 9.56 -29.43
CA ASN F 105 29.01 8.31 -30.15
C ASN F 105 30.12 7.47 -29.55
N ASP F 106 29.99 6.15 -29.67
CA ASP F 106 30.97 5.23 -29.10
C ASP F 106 32.10 5.10 -30.13
N SER F 107 33.10 5.97 -30.01
CA SER F 107 34.22 5.94 -30.94
C SER F 107 35.32 4.97 -30.52
N PHE F 108 35.12 4.24 -29.42
CA PHE F 108 36.09 3.21 -29.03
C PHE F 108 36.21 2.16 -30.11
N ARG F 109 35.08 1.66 -30.62
CA ARG F 109 35.08 0.58 -31.59
C ARG F 109 34.69 1.02 -32.98
N PHE F 110 34.53 2.32 -33.22
CA PHE F 110 34.26 2.83 -34.57
C PHE F 110 35.33 3.77 -35.09
N GLY F 111 36.39 4.04 -34.34
CA GLY F 111 37.46 4.86 -34.84
C GLY F 111 37.35 6.30 -34.34
N ALA F 112 38.50 6.98 -34.31
CA ALA F 112 38.53 8.35 -33.80
C ALA F 112 37.91 9.33 -34.78
N ASN F 113 38.01 9.05 -36.08
CA ASN F 113 37.44 9.93 -37.10
C ASN F 113 35.92 9.84 -37.18
N SER F 114 35.31 8.86 -36.53
CA SER F 114 33.87 8.71 -36.50
C SER F 114 33.24 9.32 -35.27
N ALA F 115 34.00 10.06 -34.47
CA ALA F 115 33.48 10.58 -33.21
C ALA F 115 32.38 11.61 -33.47
N ILE F 116 31.38 11.60 -32.59
CA ILE F 116 30.33 12.61 -32.57
C ILE F 116 30.28 13.14 -31.14
N ASP F 117 30.97 14.24 -30.88
CA ASP F 117 31.03 14.83 -29.56
C ASP F 117 29.99 15.93 -29.35
N ASP F 118 29.16 16.20 -30.35
CA ASP F 118 28.09 17.19 -30.23
C ASP F 118 26.90 16.69 -31.04
N PRO F 119 26.19 15.69 -30.55
CA PRO F 119 25.12 15.07 -31.32
C PRO F 119 23.81 15.84 -31.28
N THR F 120 23.83 17.06 -31.83
CA THR F 120 22.63 17.88 -31.89
C THR F 120 21.93 17.67 -33.23
N PRO F 121 20.71 17.15 -33.27
CA PRO F 121 20.07 16.85 -34.54
C PRO F 121 19.48 18.08 -35.21
N VAL F 122 19.06 17.87 -36.45
CA VAL F 122 18.35 18.89 -37.22
C VAL F 122 16.87 18.78 -36.91
N VAL F 123 16.22 19.92 -36.67
CA VAL F 123 14.81 19.96 -36.31
C VAL F 123 14.01 20.88 -37.23
N ALA F 124 14.50 21.12 -38.44
CA ALA F 124 13.81 22.04 -39.35
C ALA F 124 12.49 21.45 -39.85
N ARG F 125 12.44 20.15 -40.09
CA ARG F 125 11.28 19.51 -40.70
C ARG F 125 10.41 18.78 -39.69
N PHE F 126 10.37 19.24 -38.44
CA PHE F 126 9.40 18.80 -37.45
C PHE F 126 8.65 20.03 -36.95
N VAL F 127 7.35 20.06 -37.15
CA VAL F 127 6.52 21.22 -36.83
C VAL F 127 5.62 20.85 -35.65
N PRO F 128 5.85 21.39 -34.46
CA PRO F 128 4.94 21.12 -33.35
C PRO F 128 3.52 21.57 -33.66
N GLN F 129 2.56 20.79 -33.19
CA GLN F 129 1.14 21.08 -33.37
C GLN F 129 0.48 21.32 -32.01
N GLY F 130 -0.64 22.03 -32.04
CA GLY F 130 -1.39 22.30 -30.84
C GLY F 130 -1.36 23.77 -30.45
N ALA F 131 -2.27 24.14 -29.55
CA ALA F 131 -2.38 25.52 -29.10
C ALA F 131 -1.36 25.87 -28.02
N ALA F 132 -0.71 24.87 -27.42
CA ALA F 132 0.21 25.15 -26.33
C ALA F 132 1.45 25.90 -26.80
N GLY F 133 1.67 25.97 -28.11
CA GLY F 133 2.79 26.74 -28.64
C GLY F 133 4.15 26.20 -28.26
N TRP F 134 4.37 24.90 -28.39
CA TRP F 134 5.66 24.33 -28.06
C TRP F 134 6.70 24.66 -29.13
N ASN F 135 7.97 24.55 -28.75
CA ASN F 135 9.10 24.89 -29.61
C ASN F 135 9.82 23.63 -30.06
N THR F 136 10.87 23.84 -30.88
CA THR F 136 11.74 22.76 -31.31
C THR F 136 13.09 22.77 -30.62
N THR F 137 13.30 23.63 -29.63
CA THR F 137 14.54 23.60 -28.87
C THR F 137 14.58 22.36 -27.99
N LEU F 138 15.71 21.68 -28.00
CA LEU F 138 15.85 20.43 -27.27
C LEU F 138 15.85 20.68 -25.77
N GLY F 139 15.32 19.72 -25.01
CA GLY F 139 15.33 19.79 -23.57
C GLY F 139 13.96 20.04 -22.99
N VAL F 140 13.90 20.30 -21.69
CA VAL F 140 12.65 20.65 -21.03
C VAL F 140 12.28 22.07 -21.42
N GLN F 141 11.07 22.25 -21.91
CA GLN F 141 10.56 23.53 -22.34
C GLN F 141 9.17 23.76 -21.77
N PRO F 142 8.76 25.02 -21.62
CA PRO F 142 9.46 26.27 -21.96
C PRO F 142 10.66 26.53 -21.07
N THR F 143 10.62 26.07 -19.83
CA THR F 143 11.76 26.15 -18.93
C THR F 143 11.60 25.08 -17.88
N ILE F 144 12.73 24.63 -17.32
CA ILE F 144 12.68 23.64 -16.26
C ILE F 144 12.20 24.27 -14.96
N ALA F 145 12.02 25.59 -14.95
CA ALA F 145 11.55 26.27 -13.74
C ALA F 145 10.08 25.98 -13.45
N ASP F 146 9.35 25.42 -14.41
CA ASP F 146 7.94 25.09 -14.23
C ASP F 146 7.80 23.61 -13.89
N CYS F 147 7.51 23.30 -12.62
CA CYS F 147 7.38 21.89 -12.25
C CYS F 147 6.32 21.16 -13.06
N PRO F 148 5.10 21.65 -13.20
CA PRO F 148 4.20 21.03 -14.20
C PRO F 148 4.70 21.29 -15.61
N ASN F 149 5.87 20.72 -15.90
CA ASN F 149 6.62 21.03 -17.10
C ASN F 149 5.83 20.70 -18.35
N CYS F 150 5.90 21.57 -19.33
CA CYS F 150 5.47 21.19 -20.65
C CYS F 150 6.40 20.08 -21.16
N ASN F 151 5.96 19.39 -22.19
CA ASN F 151 6.63 18.20 -22.65
C ASN F 151 8.07 18.50 -23.07
N PHE F 152 8.93 17.52 -22.85
CA PHE F 152 10.33 17.59 -23.24
C PHE F 152 10.50 17.41 -24.75
N PHE F 153 11.75 17.53 -25.19
CA PHE F 153 12.11 17.34 -26.60
C PHE F 153 13.56 16.86 -26.65
N ALA F 154 13.80 15.78 -27.40
CA ALA F 154 15.11 15.15 -27.43
C ALA F 154 15.37 14.59 -28.82
N GLY F 155 16.61 14.18 -29.06
CA GLY F 155 16.94 13.65 -30.36
C GLY F 155 18.26 12.91 -30.37
N ALA F 156 18.64 12.45 -31.56
CA ALA F 156 19.84 11.66 -31.75
C ALA F 156 20.50 12.04 -33.06
N ARG F 157 21.73 11.59 -33.27
CA ARG F 157 22.50 11.93 -34.46
C ARG F 157 23.52 10.84 -34.70
N GLY F 158 23.58 10.31 -35.91
CA GLY F 158 24.49 9.23 -36.19
C GLY F 158 24.74 9.10 -37.68
N ASN F 159 25.45 8.03 -38.04
CA ASN F 159 25.82 7.79 -39.43
C ASN F 159 25.49 6.36 -39.80
N ALA F 160 24.83 6.16 -40.93
CA ALA F 160 24.45 4.82 -41.37
C ALA F 160 25.24 4.42 -42.62
N ASP F 161 25.93 3.29 -42.52
CA ASP F 161 26.90 2.79 -43.51
C ASP F 161 27.91 3.90 -43.81
N ASN F 162 28.32 4.13 -45.06
CA ASN F 162 29.48 4.95 -45.36
C ASN F 162 29.09 6.34 -45.81
N GLU F 163 27.94 6.81 -45.35
CA GLU F 163 27.51 8.18 -45.56
C GLU F 163 28.48 9.11 -44.85
N ALA F 164 28.99 10.11 -45.56
CA ALA F 164 29.81 11.12 -44.90
C ALA F 164 28.98 11.94 -43.93
N THR F 165 27.73 12.23 -44.28
CA THR F 165 26.81 13.02 -43.48
C THR F 165 25.98 12.12 -42.56
N PHE F 166 25.22 12.77 -41.67
CA PHE F 166 24.58 12.09 -40.55
C PHE F 166 23.08 11.98 -40.78
N ASP F 167 22.44 11.09 -40.03
CA ASP F 167 20.99 11.03 -39.96
C ASP F 167 20.50 11.41 -38.57
N ASP F 168 19.36 12.09 -38.51
CA ASP F 168 18.90 12.73 -37.29
C ASP F 168 17.51 12.22 -36.94
N TRP F 169 17.27 12.00 -35.66
CA TRP F 169 15.97 11.60 -35.14
C TRP F 169 15.57 12.57 -34.03
N VAL F 170 14.26 12.68 -33.81
CA VAL F 170 13.74 13.45 -32.69
C VAL F 170 12.63 12.66 -32.03
N ILE F 171 12.38 12.96 -30.76
CA ILE F 171 11.25 12.40 -30.03
C ILE F 171 10.74 13.49 -29.11
N ALA F 172 9.42 13.64 -29.06
CA ALA F 172 8.80 14.73 -28.33
C ALA F 172 7.72 14.17 -27.43
N GLY F 173 7.40 14.91 -26.38
CA GLY F 173 6.27 14.58 -25.55
C GLY F 173 4.96 15.18 -26.02
N PHE F 174 4.98 15.88 -27.15
CA PHE F 174 3.82 16.58 -27.68
C PHE F 174 3.63 16.21 -29.14
N GLU F 175 2.43 16.46 -29.64
CA GLU F 175 2.11 16.13 -31.03
C GLU F 175 2.85 17.05 -31.99
N GLY F 176 3.15 16.52 -33.17
CA GLY F 176 3.81 17.29 -34.21
C GLY F 176 3.54 16.64 -35.55
N SER F 177 4.01 17.30 -36.60
CA SER F 177 3.84 16.80 -37.95
C SER F 177 5.14 16.95 -38.72
N GLY F 178 5.34 16.04 -39.67
CA GLY F 178 6.51 16.09 -40.52
C GLY F 178 6.26 16.89 -41.78
N GLN F 179 7.34 17.37 -42.37
CA GLN F 179 7.29 18.12 -43.62
C GLN F 179 7.96 17.31 -44.72
N VAL F 180 7.34 17.31 -45.89
CA VAL F 180 7.90 16.61 -47.04
C VAL F 180 9.17 17.32 -47.49
N GLY F 181 10.19 16.54 -47.81
CA GLY F 181 11.46 17.07 -48.24
C GLY F 181 12.30 16.01 -48.89
N PRO F 182 13.48 16.38 -49.37
CA PRO F 182 14.35 15.39 -50.03
C PRO F 182 14.79 14.26 -49.11
N CYS F 183 14.78 14.47 -47.79
CA CYS F 183 15.30 13.50 -46.84
C CYS F 183 14.33 13.26 -45.70
N SER F 184 13.05 13.50 -45.92
CA SER F 184 12.05 13.26 -44.89
C SER F 184 10.70 13.03 -45.54
N GLU F 185 9.82 12.34 -44.82
CA GLU F 185 8.44 11.87 -44.92
C GLU F 185 7.49 12.91 -44.39
N ALA F 186 6.28 12.91 -44.92
CA ALA F 186 5.24 13.83 -44.51
C ALA F 186 4.11 13.06 -43.85
N GLY F 187 3.69 13.52 -42.69
CA GLY F 187 2.59 12.94 -41.98
C GLY F 187 2.67 13.26 -40.51
N ASN F 188 1.54 13.09 -39.82
CA ASN F 188 1.41 13.45 -38.42
C ASN F 188 2.14 12.43 -37.55
N VAL F 189 2.75 12.92 -36.48
CA VAL F 189 3.53 12.10 -35.57
C VAL F 189 2.89 12.19 -34.18
N ALA F 190 2.51 11.04 -33.63
CA ALA F 190 1.93 11.01 -32.30
C ALA F 190 3.00 11.21 -31.25
N SER F 191 2.60 11.71 -30.08
CA SER F 191 3.56 11.92 -29.02
C SER F 191 4.15 10.59 -28.57
N GLY F 192 5.48 10.55 -28.47
CA GLY F 192 6.18 9.33 -28.11
C GLY F 192 6.59 8.46 -29.27
N THR F 193 6.54 8.96 -30.50
CA THR F 193 6.97 8.24 -31.68
C THR F 193 8.19 8.92 -32.29
N PRO F 194 9.32 8.22 -32.43
CA PRO F 194 10.50 8.87 -33.04
C PRO F 194 10.23 9.29 -34.47
N TYR F 195 10.82 10.41 -34.87
CA TYR F 195 10.64 10.95 -36.21
C TYR F 195 12.01 11.22 -36.82
N ASN F 196 12.19 10.79 -38.06
CA ASN F 196 13.48 10.86 -38.75
C ASN F 196 13.54 12.16 -39.54
N THR F 197 14.15 13.18 -38.95
CA THR F 197 14.23 14.48 -39.62
C THR F 197 15.10 14.42 -40.87
N ARG F 198 16.24 13.72 -40.80
CA ARG F 198 17.09 13.43 -41.94
C ARG F 198 17.51 11.99 -41.84
N ASN F 199 17.30 11.21 -42.90
CA ASN F 199 17.45 9.76 -42.77
C ASN F 199 18.76 9.23 -43.35
N ASP F 200 19.43 9.98 -44.22
CA ASP F 200 20.76 9.61 -44.67
C ASP F 200 20.78 8.38 -45.55
N VAL F 201 19.66 7.68 -45.65
CA VAL F 201 19.54 6.59 -46.62
C VAL F 201 18.98 7.10 -47.93
N ALA F 202 18.12 8.11 -47.86
CA ALA F 202 17.57 8.72 -49.06
C ALA F 202 18.57 9.64 -49.72
N CYS F 203 19.42 10.30 -48.94
CA CYS F 203 20.24 11.38 -49.46
C CYS F 203 21.61 11.38 -48.82
N ASP F 204 22.55 12.05 -49.48
CA ASP F 204 23.89 12.26 -48.96
C ASP F 204 24.47 13.50 -49.64
N GLY F 205 24.74 14.53 -48.86
CA GLY F 205 25.22 15.80 -49.36
C GLY F 205 24.64 16.93 -48.54
N ALA F 206 24.38 18.05 -49.21
CA ALA F 206 23.80 19.20 -48.52
C ALA F 206 22.31 19.02 -48.24
N ALA F 207 21.70 18.00 -48.83
CA ALA F 207 20.26 17.78 -48.66
C ALA F 207 19.91 17.64 -47.19
N GLN F 208 18.81 18.26 -46.79
CA GLN F 208 18.34 18.22 -45.41
C GLN F 208 16.95 17.60 -45.31
N PHE G 1 30.44 -25.53 -69.67
CA PHE G 1 28.98 -25.37 -69.82
C PHE G 1 28.63 -24.82 -71.19
N THR G 2 27.33 -24.88 -71.53
CA THR G 2 26.85 -24.56 -72.87
C THR G 2 25.72 -23.53 -72.75
N LEU G 3 25.06 -23.28 -73.88
CA LEU G 3 23.99 -22.28 -73.91
C LEU G 3 22.81 -22.71 -73.05
N ILE G 4 22.50 -24.01 -73.02
CA ILE G 4 21.34 -24.50 -72.28
C ILE G 4 21.52 -24.23 -70.80
N GLU G 5 22.71 -24.50 -70.26
CA GLU G 5 22.97 -24.22 -68.86
C GLU G 5 22.80 -22.75 -68.54
N LEU G 6 23.29 -21.88 -69.42
CA LEU G 6 23.26 -20.45 -69.13
C LEU G 6 21.83 -19.91 -69.18
N MET G 7 21.05 -20.38 -70.16
CA MET G 7 19.64 -20.00 -70.21
C MET G 7 18.89 -20.54 -69.00
N ILE G 8 19.26 -21.72 -68.51
CA ILE G 8 18.61 -22.25 -67.32
C ILE G 8 18.98 -21.40 -66.10
N VAL G 9 20.21 -20.90 -66.05
CA VAL G 9 20.58 -19.99 -64.96
C VAL G 9 19.72 -18.74 -64.98
N VAL G 10 19.53 -18.16 -66.17
CA VAL G 10 18.66 -16.99 -66.29
C VAL G 10 17.25 -17.33 -65.84
N ALA G 11 16.74 -18.49 -66.29
CA ALA G 11 15.39 -18.90 -65.93
C ALA G 11 15.25 -19.11 -64.43
N ILE G 12 16.29 -19.62 -63.78
CA ILE G 12 16.21 -19.89 -62.35
C ILE G 12 16.21 -18.59 -61.55
N ILE G 13 17.00 -17.60 -61.97
CA ILE G 13 16.90 -16.33 -61.25
C ILE G 13 15.53 -15.70 -61.51
N GLY G 14 14.97 -15.89 -62.71
CA GLY G 14 13.60 -15.47 -62.93
C GLY G 14 12.62 -16.17 -62.02
N ILE G 15 12.83 -17.46 -61.76
CA ILE G 15 11.97 -18.21 -60.84
C ILE G 15 12.08 -17.64 -59.44
N LEU G 16 13.29 -17.41 -58.97
CA LEU G 16 13.47 -16.91 -57.61
C LEU G 16 12.86 -15.52 -57.47
N ALA G 17 12.86 -14.73 -58.54
CA ALA G 17 12.23 -13.41 -58.47
C ALA G 17 10.73 -13.51 -58.17
N ALA G 18 10.08 -14.60 -58.56
CA ALA G 18 8.66 -14.77 -58.38
C ALA G 18 8.32 -15.85 -57.37
N ILE G 19 9.20 -16.12 -56.41
CA ILE G 19 8.95 -17.16 -55.43
C ILE G 19 7.81 -16.74 -54.54
N ALA G 20 7.08 -17.73 -54.01
CA ALA G 20 5.93 -17.46 -53.14
C ALA G 20 6.29 -17.79 -51.69
N ILE G 21 6.73 -16.77 -50.97
CA ILE G 21 7.14 -16.90 -49.57
C ILE G 21 5.89 -16.81 -48.69
N PRO G 22 6.01 -17.00 -47.38
CA PRO G 22 4.84 -16.81 -46.51
C PRO G 22 4.35 -15.37 -46.53
N ASN G 23 3.09 -15.18 -46.16
CA ASN G 23 2.49 -13.87 -46.08
C ASN G 23 2.85 -13.28 -44.71
N PHE G 24 3.82 -12.37 -44.70
CA PHE G 24 4.32 -11.81 -43.44
C PHE G 24 3.46 -10.66 -42.93
N ILE G 25 2.55 -10.15 -43.77
CA ILE G 25 1.57 -9.19 -43.27
C ILE G 25 0.72 -9.81 -42.17
N LYS G 26 0.49 -11.12 -42.22
CA LYS G 26 -0.19 -11.79 -41.12
C LYS G 26 0.60 -11.67 -39.82
N PHE G 27 1.91 -11.90 -39.87
CA PHE G 27 2.75 -11.78 -38.69
C PHE G 27 2.75 -10.35 -38.15
N GLN G 28 2.79 -9.36 -39.04
CA GLN G 28 2.81 -7.98 -38.57
C GLN G 28 1.46 -7.56 -38.00
N ALA G 29 0.36 -8.08 -38.56
CA ALA G 29 -0.94 -7.84 -37.96
C ALA G 29 -1.02 -8.45 -36.57
N ARG G 30 -0.50 -9.66 -36.41
CA ARG G 30 -0.44 -10.26 -35.07
C ARG G 30 0.40 -9.41 -34.13
N SER G 31 1.46 -8.79 -34.62
CA SER G 31 2.23 -7.85 -33.81
C SER G 31 1.38 -6.66 -33.38
N LYS G 32 0.58 -6.12 -34.31
CA LYS G 32 -0.19 -4.91 -34.03
C LYS G 32 -1.36 -5.19 -33.10
N GLN G 33 -1.81 -6.45 -33.02
CA GLN G 33 -2.97 -6.77 -32.19
C GLN G 33 -2.70 -6.66 -30.70
N SER G 34 -1.46 -6.43 -30.27
CA SER G 34 -1.14 -6.40 -28.85
C SER G 34 -1.58 -5.12 -28.16
N GLU G 35 -1.82 -4.04 -28.90
CA GLU G 35 -2.43 -2.87 -28.30
C GLU G 35 -3.73 -3.22 -27.61
N ALA G 36 -4.58 -3.99 -28.29
CA ALA G 36 -5.88 -4.32 -27.73
C ALA G 36 -5.73 -5.08 -26.43
N LYS G 37 -4.84 -6.06 -26.38
CA LYS G 37 -4.65 -6.83 -25.16
C LYS G 37 -4.19 -5.95 -24.01
N THR G 38 -3.15 -5.14 -24.24
CA THR G 38 -2.62 -4.31 -23.15
C THR G 38 -3.68 -3.32 -22.67
N ASN G 39 -4.36 -2.66 -23.60
CA ASN G 39 -5.32 -1.61 -23.21
C ASN G 39 -6.56 -2.20 -22.56
N LEU G 40 -7.02 -3.36 -23.03
CA LEU G 40 -8.17 -3.99 -22.39
C LEU G 40 -7.83 -4.45 -20.98
N LYS G 41 -6.62 -4.96 -20.77
CA LYS G 41 -6.25 -5.32 -19.39
C LYS G 41 -6.16 -4.09 -18.51
N ALA G 42 -5.68 -2.97 -19.06
CA ALA G 42 -5.69 -1.73 -18.29
C ALA G 42 -7.12 -1.30 -17.95
N LEU G 43 -8.05 -1.45 -18.89
CA LEU G 43 -9.45 -1.17 -18.60
C LEU G 43 -9.98 -2.04 -17.46
N TYR G 44 -9.67 -3.33 -17.51
CA TYR G 44 -10.07 -4.25 -16.45
C TYR G 44 -9.55 -3.78 -15.10
N THR G 45 -8.26 -3.46 -15.04
CA THR G 45 -7.64 -3.03 -13.78
C THR G 45 -8.29 -1.76 -13.25
N ALA G 46 -8.52 -0.79 -14.13
CA ALA G 46 -9.12 0.47 -13.69
C ALA G 46 -10.54 0.25 -13.19
N GLN G 47 -11.31 -0.61 -13.85
CA GLN G 47 -12.65 -0.92 -13.38
C GLN G 47 -12.63 -1.54 -12.00
N LYS G 48 -11.71 -2.49 -11.77
CA LYS G 48 -11.61 -3.12 -10.46
C LYS G 48 -11.27 -2.09 -9.38
N SER G 49 -10.31 -1.21 -9.65
CA SER G 49 -9.93 -0.22 -8.66
C SER G 49 -11.08 0.73 -8.36
N PHE G 50 -11.79 1.17 -9.40
CA PHE G 50 -12.93 2.06 -9.21
C PHE G 50 -14.00 1.38 -8.36
N PHE G 51 -14.32 0.13 -8.65
CA PHE G 51 -15.31 -0.57 -7.85
C PHE G 51 -14.87 -0.64 -6.40
N SER G 52 -13.62 -1.00 -6.17
CA SER G 52 -13.14 -1.13 -4.81
C SER G 52 -13.31 0.17 -4.04
N GLU G 53 -12.92 1.29 -4.64
CA GLU G 53 -13.02 2.57 -3.91
C GLU G 53 -14.48 3.00 -3.75
N LYS G 54 -15.33 2.70 -4.73
CA LYS G 54 -16.67 3.28 -4.82
C LYS G 54 -17.80 2.28 -4.67
N ASP G 55 -17.51 0.98 -4.63
CA ASP G 55 -18.54 -0.05 -4.48
C ASP G 55 -19.53 -0.04 -5.64
N ARG G 56 -19.04 0.20 -6.85
CA ARG G 56 -19.88 0.24 -8.03
C ARG G 56 -18.98 0.35 -9.25
N TYR G 57 -19.36 -0.34 -10.32
CA TYR G 57 -18.65 -0.22 -11.58
C TYR G 57 -19.15 0.98 -12.36
N SER G 58 -18.31 1.46 -13.27
CA SER G 58 -18.56 2.69 -14.00
C SER G 58 -18.98 2.42 -15.44
N ASP G 59 -19.82 3.29 -15.96
CA ASP G 59 -20.27 3.24 -17.35
C ASP G 59 -19.48 4.18 -18.26
N PHE G 60 -18.55 4.96 -17.72
CA PHE G 60 -17.88 6.01 -18.48
C PHE G 60 -16.38 5.91 -18.28
N ALA G 61 -15.62 6.32 -19.31
CA ALA G 61 -14.17 6.27 -19.23
C ALA G 61 -13.60 7.41 -18.41
N ASN G 62 -14.36 8.50 -18.25
CA ASN G 62 -13.89 9.61 -17.42
C ASN G 62 -13.68 9.21 -15.97
N GLU G 63 -14.68 8.59 -15.35
CA GLU G 63 -14.60 8.21 -13.95
C GLU G 63 -13.63 7.08 -13.70
N ILE G 64 -13.52 6.15 -14.63
CA ILE G 64 -12.61 5.01 -14.48
C ILE G 64 -11.17 5.51 -14.39
N GLY G 65 -10.81 6.45 -15.24
CA GLY G 65 -9.45 6.91 -15.35
C GLY G 65 -8.64 6.23 -16.43
N PHE G 66 -9.27 5.80 -17.52
CA PHE G 66 -8.61 5.05 -18.58
C PHE G 66 -8.62 5.86 -19.87
N ALA G 67 -7.45 5.91 -20.52
CA ALA G 67 -7.32 6.52 -21.83
C ALA G 67 -6.05 5.99 -22.45
N PRO G 68 -6.08 5.47 -23.67
CA PRO G 68 -4.85 5.04 -24.32
C PRO G 68 -4.09 6.22 -24.92
N GLU G 69 -2.78 6.02 -25.07
CA GLU G 69 -1.94 7.05 -25.65
C GLU G 69 -2.26 7.20 -27.14
N ARG G 70 -1.83 8.33 -27.70
CA ARG G 70 -2.16 8.62 -29.08
C ARG G 70 -1.46 7.66 -30.04
N GLY G 71 -2.12 7.40 -31.17
CA GLY G 71 -1.67 6.36 -32.08
C GLY G 71 -2.20 4.99 -31.75
N ASN G 72 -3.46 4.89 -31.31
CA ASN G 72 -3.92 3.67 -30.66
C ASN G 72 -4.38 2.60 -31.65
N ARG G 73 -4.90 3.00 -32.82
CA ARG G 73 -5.39 2.09 -33.85
C ARG G 73 -6.70 1.42 -33.50
N TYR G 74 -7.15 1.55 -32.25
CA TYR G 74 -8.32 0.82 -31.77
C TYR G 74 -9.25 1.78 -31.05
N GLY G 75 -10.55 1.56 -31.24
CA GLY G 75 -11.54 2.27 -30.46
C GLY G 75 -12.08 1.38 -29.35
N TYR G 76 -12.18 1.95 -28.16
CA TYR G 76 -12.56 1.20 -26.97
C TYR G 76 -13.91 1.68 -26.48
N ARG G 77 -14.79 0.73 -26.16
CA ARG G 77 -16.10 1.05 -25.62
C ARG G 77 -16.23 0.45 -24.23
N VAL G 78 -16.49 1.29 -23.25
CA VAL G 78 -16.69 0.85 -21.87
C VAL G 78 -18.16 0.61 -21.55
N SER G 79 -19.08 0.99 -22.44
CA SER G 79 -20.49 0.80 -22.15
C SER G 79 -21.31 1.20 -23.36
N ALA G 80 -22.58 0.82 -23.34
CA ALA G 80 -23.54 1.20 -24.36
C ALA G 80 -24.34 2.44 -23.99
N ALA G 81 -24.01 3.09 -22.87
CA ALA G 81 -24.70 4.31 -22.49
C ALA G 81 -24.59 5.37 -23.58
N ALA G 82 -25.42 6.40 -23.47
CA ALA G 82 -25.45 7.44 -24.48
C ALA G 82 -24.31 8.44 -24.27
N GLY G 83 -23.76 8.93 -25.36
CA GLY G 83 -22.69 9.90 -25.33
C GLY G 83 -21.80 9.76 -26.54
N ASP G 84 -21.03 10.82 -26.80
CA ASP G 84 -20.12 10.85 -27.92
C ASP G 84 -18.83 10.10 -27.57
N CYS G 85 -18.04 9.78 -28.58
CA CYS G 85 -16.94 8.83 -28.46
C CYS G 85 -15.57 9.51 -28.48
N GLU G 86 -15.48 10.71 -27.91
CA GLU G 86 -14.20 11.39 -27.76
C GLU G 86 -13.40 11.29 -29.06
N VAL G 87 -13.92 11.95 -30.09
CA VAL G 87 -13.30 11.87 -31.41
C VAL G 87 -11.89 12.46 -31.35
N ARG G 88 -10.90 11.65 -31.72
CA ARG G 88 -9.50 12.06 -31.73
C ARG G 88 -9.09 12.37 -33.16
N ASN G 89 -9.44 13.57 -33.62
CA ASN G 89 -9.17 13.98 -35.00
C ASN G 89 -8.33 15.26 -35.07
N ALA G 90 -7.62 15.60 -34.00
CA ALA G 90 -6.81 16.81 -33.99
C ALA G 90 -5.69 16.65 -32.97
N ALA G 91 -4.70 17.53 -33.06
CA ALA G 91 -3.56 17.47 -32.16
C ALA G 91 -4.00 17.67 -30.71
N ASP G 92 -4.93 18.58 -30.47
CA ASP G 92 -5.42 18.87 -29.14
C ASP G 92 -6.77 18.19 -28.93
N LEU G 93 -6.89 17.40 -27.87
CA LEU G 93 -8.12 16.68 -27.61
C LEU G 93 -9.25 17.64 -27.27
N PRO G 94 -10.49 17.31 -27.64
CA PRO G 94 -11.61 18.20 -27.37
C PRO G 94 -12.00 18.19 -25.90
N VAL G 95 -12.64 19.27 -25.47
CA VAL G 95 -13.17 19.35 -24.11
C VAL G 95 -14.49 18.60 -24.07
N PRO G 96 -14.67 17.63 -23.18
CA PRO G 96 -15.89 16.82 -23.21
C PRO G 96 -17.10 17.60 -22.70
N ALA G 97 -18.24 17.37 -23.34
CA ALA G 97 -19.48 17.98 -22.88
C ALA G 97 -20.07 17.22 -21.71
N ALA G 98 -19.94 15.89 -21.70
CA ALA G 98 -20.45 15.07 -20.62
C ALA G 98 -19.66 13.76 -20.59
N GLY G 99 -20.16 12.80 -19.82
CA GLY G 99 -19.50 11.52 -19.73
C GLY G 99 -19.36 10.87 -21.10
N VAL G 100 -18.20 10.25 -21.33
CA VAL G 100 -17.91 9.60 -22.60
C VAL G 100 -17.83 8.09 -22.40
N PRO G 101 -18.72 7.30 -23.00
CA PRO G 101 -18.62 5.84 -22.82
C PRO G 101 -17.67 5.16 -23.79
N CYS G 102 -17.21 5.85 -24.82
CA CYS G 102 -16.38 5.25 -25.86
C CYS G 102 -15.26 6.21 -26.21
N ILE G 103 -14.14 5.63 -26.63
CA ILE G 103 -12.97 6.39 -27.08
C ILE G 103 -12.72 6.04 -28.53
N SER G 104 -12.74 7.05 -29.39
CA SER G 104 -12.64 6.81 -30.82
C SER G 104 -11.23 6.42 -31.20
N ASN G 105 -11.10 5.95 -32.44
CA ASN G 105 -9.79 5.68 -33.02
C ASN G 105 -9.04 6.99 -33.23
N ASP G 106 -7.72 6.93 -33.16
CA ASP G 106 -6.88 8.11 -33.31
C ASP G 106 -6.67 8.36 -34.80
N SER G 107 -7.61 9.10 -35.41
CA SER G 107 -7.53 9.39 -36.83
C SER G 107 -6.70 10.62 -37.15
N PHE G 108 -6.09 11.23 -36.14
CA PHE G 108 -5.17 12.34 -36.41
C PHE G 108 -4.00 11.88 -37.26
N ARG G 109 -3.43 10.72 -36.93
CA ARG G 109 -2.25 10.22 -37.62
C ARG G 109 -2.52 8.99 -38.49
N PHE G 110 -3.78 8.57 -38.63
CA PHE G 110 -4.12 7.47 -39.51
C PHE G 110 -5.03 7.86 -40.66
N GLY G 111 -5.43 9.12 -40.75
CA GLY G 111 -6.27 9.55 -41.85
C GLY G 111 -7.73 9.61 -41.44
N ALA G 112 -8.48 10.48 -42.13
CA ALA G 112 -9.88 10.67 -41.81
C ALA G 112 -10.73 9.47 -42.20
N ASN G 113 -10.38 8.79 -43.29
CA ASN G 113 -11.15 7.64 -43.76
C ASN G 113 -10.99 6.42 -42.86
N SER G 114 -10.03 6.42 -41.96
CA SER G 114 -9.82 5.32 -41.03
C SER G 114 -10.52 5.54 -39.70
N ALA G 115 -11.33 6.57 -39.58
CA ALA G 115 -11.94 6.90 -38.30
C ALA G 115 -12.90 5.80 -37.86
N ILE G 116 -12.93 5.56 -36.55
CA ILE G 116 -13.89 4.66 -35.92
C ILE G 116 -14.56 5.48 -34.81
N ASP G 117 -15.71 6.08 -35.13
CA ASP G 117 -16.43 6.91 -34.18
C ASP G 117 -17.49 6.14 -33.40
N ASP G 118 -17.63 4.84 -33.66
CA ASP G 118 -18.56 3.99 -32.91
C ASP G 118 -17.93 2.62 -32.74
N PRO G 119 -16.96 2.50 -31.85
CA PRO G 119 -16.19 1.25 -31.72
C PRO G 119 -16.91 0.18 -30.92
N THR G 120 -18.06 -0.26 -31.44
CA THR G 120 -18.83 -1.31 -30.78
C THR G 120 -18.45 -2.66 -31.38
N PRO G 121 -17.88 -3.58 -30.60
CA PRO G 121 -17.42 -4.84 -31.17
C PRO G 121 -18.53 -5.84 -31.40
N VAL G 122 -18.15 -6.95 -32.04
CA VAL G 122 -19.04 -8.07 -32.25
C VAL G 122 -18.90 -9.03 -31.08
N VAL G 123 -20.04 -9.54 -30.58
CA VAL G 123 -20.06 -10.41 -29.40
C VAL G 123 -20.86 -11.68 -29.65
N ALA G 124 -21.02 -12.08 -30.91
CA ALA G 124 -21.81 -13.28 -31.20
C ALA G 124 -21.12 -14.54 -30.71
N ARG G 125 -19.80 -14.60 -30.81
CA ARG G 125 -19.04 -15.81 -30.53
C ARG G 125 -18.39 -15.80 -29.15
N PHE G 126 -18.95 -15.07 -28.19
CA PHE G 126 -18.57 -15.16 -26.79
C PHE G 126 -19.81 -15.53 -26.01
N VAL G 127 -19.76 -16.66 -25.31
CA VAL G 127 -20.91 -17.21 -24.60
C VAL G 127 -20.61 -17.15 -23.10
N PRO G 128 -21.30 -16.30 -22.33
CA PRO G 128 -21.06 -16.29 -20.89
C PRO G 128 -21.40 -17.63 -20.26
N GLN G 129 -20.61 -18.01 -19.26
CA GLN G 129 -20.80 -19.25 -18.51
C GLN G 129 -21.13 -18.93 -17.06
N GLY G 130 -21.78 -19.88 -16.40
CA GLY G 130 -22.15 -19.72 -15.01
C GLY G 130 -23.66 -19.64 -14.82
N ALA G 131 -24.08 -19.79 -13.56
CA ALA G 131 -25.49 -19.77 -13.25
C ALA G 131 -26.02 -18.35 -13.06
N ALA G 132 -25.14 -17.36 -12.94
CA ALA G 132 -25.61 -15.98 -12.70
C ALA G 132 -26.33 -15.41 -13.90
N GLY G 133 -26.25 -16.07 -15.06
CA GLY G 133 -26.98 -15.63 -16.23
C GLY G 133 -26.55 -14.28 -16.77
N TRP G 134 -25.25 -14.06 -16.93
CA TRP G 134 -24.77 -12.79 -17.45
C TRP G 134 -25.05 -12.68 -18.94
N ASN G 135 -25.08 -11.44 -19.43
CA ASN G 135 -25.40 -11.12 -20.81
C ASN G 135 -24.15 -10.69 -21.56
N THR G 136 -24.30 -10.43 -22.86
CA THR G 136 -23.22 -9.90 -23.68
C THR G 136 -23.37 -8.42 -24.00
N THR G 137 -24.30 -7.72 -23.36
CA THR G 137 -24.40 -6.28 -23.56
C THR G 137 -23.24 -5.57 -22.86
N LEU G 138 -22.60 -4.65 -23.57
CA LEU G 138 -21.43 -3.96 -23.05
C LEU G 138 -21.81 -3.03 -21.91
N GLY G 139 -20.91 -2.91 -20.94
CA GLY G 139 -21.13 -2.01 -19.82
C GLY G 139 -21.46 -2.76 -18.55
N VAL G 140 -21.75 -2.04 -17.49
CA VAL G 140 -22.13 -2.65 -16.23
C VAL G 140 -23.49 -3.30 -16.40
N GLN G 141 -23.60 -4.55 -15.97
CA GLN G 141 -24.82 -5.32 -16.06
C GLN G 141 -25.05 -6.07 -14.76
N PRO G 142 -26.31 -6.41 -14.43
CA PRO G 142 -27.54 -6.20 -15.21
C PRO G 142 -27.94 -4.74 -15.31
N THR G 143 -27.60 -3.95 -14.30
CA THR G 143 -27.82 -2.51 -14.33
C THR G 143 -26.85 -1.86 -13.36
N ILE G 144 -26.51 -0.61 -13.62
CA ILE G 144 -25.64 0.12 -12.71
C ILE G 144 -26.38 0.47 -11.43
N ALA G 145 -27.70 0.22 -11.39
CA ALA G 145 -28.48 0.53 -10.21
C ALA G 145 -28.16 -0.38 -9.03
N ASP G 146 -27.48 -1.50 -9.27
CA ASP G 146 -27.09 -2.42 -8.22
C ASP G 146 -25.64 -2.16 -7.81
N CYS G 147 -25.43 -1.59 -6.62
CA CYS G 147 -24.06 -1.32 -6.19
C CYS G 147 -23.20 -2.58 -6.12
N PRO G 148 -23.62 -3.66 -5.48
CA PRO G 148 -22.85 -4.92 -5.65
C PRO G 148 -23.01 -5.45 -7.07
N ASN G 149 -22.43 -4.69 -8.01
CA ASN G 149 -22.67 -4.89 -9.43
C ASN G 149 -22.18 -6.26 -9.88
N CYS G 150 -22.96 -6.89 -10.73
CA CYS G 150 -22.43 -8.00 -11.48
C CYS G 150 -21.34 -7.48 -12.41
N ASN G 151 -20.44 -8.37 -12.79
CA ASN G 151 -19.24 -7.97 -13.50
C ASN G 151 -19.56 -7.17 -14.75
N PHE G 152 -18.65 -6.27 -15.11
CA PHE G 152 -18.77 -5.46 -16.30
C PHE G 152 -18.48 -6.29 -17.56
N PHE G 153 -18.59 -5.62 -18.70
CA PHE G 153 -18.28 -6.20 -20.00
C PHE G 153 -17.86 -5.07 -20.93
N ALA G 154 -16.71 -5.23 -21.59
CA ALA G 154 -16.15 -4.16 -22.41
C ALA G 154 -15.54 -4.77 -23.66
N GLY G 155 -15.15 -3.91 -24.59
CA GLY G 155 -14.58 -4.40 -25.83
C GLY G 155 -13.87 -3.31 -26.61
N ALA G 156 -13.33 -3.72 -27.76
CA ALA G 156 -12.53 -2.84 -28.61
C ALA G 156 -12.78 -3.20 -30.06
N ARG G 157 -12.40 -2.30 -30.95
CA ARG G 157 -12.63 -2.47 -32.39
C ARG G 157 -11.56 -1.70 -33.14
N GLY G 158 -10.90 -2.36 -34.10
CA GLY G 158 -9.84 -1.72 -34.83
C GLY G 158 -9.62 -2.39 -36.17
N ASN G 159 -8.50 -2.08 -36.79
CA ASN G 159 -8.17 -2.61 -38.10
C ASN G 159 -6.68 -2.94 -38.14
N ALA G 160 -6.34 -4.15 -38.57
CA ALA G 160 -4.95 -4.57 -38.63
C ALA G 160 -4.47 -4.70 -40.08
N ASP G 161 -3.39 -3.99 -40.40
CA ASP G 161 -2.86 -3.82 -41.77
C ASP G 161 -4.00 -3.33 -42.67
N ASN G 162 -4.12 -3.82 -43.91
CA ASN G 162 -4.97 -3.19 -44.91
C ASN G 162 -6.29 -3.94 -45.08
N GLU G 163 -6.71 -4.63 -44.02
CA GLU G 163 -8.04 -5.20 -43.96
C GLU G 163 -9.08 -4.09 -44.02
N ALA G 164 -10.01 -4.19 -44.96
CA ALA G 164 -11.11 -3.24 -44.99
C ALA G 164 -11.98 -3.38 -43.74
N THR G 165 -12.16 -4.60 -43.26
CA THR G 165 -12.98 -4.90 -42.09
C THR G 165 -12.14 -4.89 -40.82
N PHE G 166 -12.81 -5.08 -39.69
CA PHE G 166 -12.24 -4.84 -38.37
C PHE G 166 -12.01 -6.16 -37.62
N ASP G 167 -11.19 -6.09 -36.58
CA ASP G 167 -11.15 -7.14 -35.57
C ASP G 167 -11.67 -6.61 -34.25
N ASP G 168 -12.37 -7.49 -33.53
CA ASP G 168 -13.07 -7.11 -32.31
C ASP G 168 -12.48 -7.90 -31.15
N TRP G 169 -12.38 -7.25 -29.99
CA TRP G 169 -11.97 -7.90 -28.76
C TRP G 169 -13.01 -7.63 -27.70
N VAL G 170 -13.04 -8.49 -26.68
CA VAL G 170 -13.90 -8.27 -25.52
C VAL G 170 -13.15 -8.68 -24.27
N ILE G 171 -13.52 -8.07 -23.16
CA ILE G 171 -13.01 -8.47 -21.85
C ILE G 171 -14.17 -8.40 -20.88
N ALA G 172 -14.27 -9.43 -20.03
CA ALA G 172 -15.38 -9.55 -19.10
C ALA G 172 -14.84 -9.82 -17.71
N GLY G 173 -15.65 -9.48 -16.71
CA GLY G 173 -15.35 -9.83 -15.35
C GLY G 173 -15.87 -11.19 -14.93
N PHE G 174 -16.46 -11.94 -15.86
CA PHE G 174 -17.05 -13.24 -15.59
C PHE G 174 -16.54 -14.25 -16.59
N GLU G 175 -16.63 -15.53 -16.22
CA GLU G 175 -16.16 -16.60 -17.09
C GLU G 175 -17.01 -16.70 -18.34
N GLY G 176 -16.40 -17.12 -19.43
CA GLY G 176 -17.10 -17.34 -20.67
C GLY G 176 -16.32 -18.31 -21.51
N SER G 177 -16.92 -18.70 -22.64
CA SER G 177 -16.27 -19.62 -23.55
C SER G 177 -16.45 -19.13 -24.97
N GLY G 178 -15.42 -19.31 -25.78
CA GLY G 178 -15.47 -18.94 -27.18
C GLY G 178 -16.08 -20.03 -28.03
N GLN G 179 -16.55 -19.64 -29.21
CA GLN G 179 -17.10 -20.57 -30.18
C GLN G 179 -16.20 -20.66 -31.40
N VAL G 180 -16.13 -21.84 -31.97
CA VAL G 180 -15.34 -22.05 -33.17
C VAL G 180 -16.06 -21.42 -34.36
N GLY G 181 -15.30 -20.77 -35.23
CA GLY G 181 -15.84 -20.12 -36.40
C GLY G 181 -14.74 -19.76 -37.37
N PRO G 182 -15.10 -19.18 -38.51
CA PRO G 182 -14.07 -18.83 -39.49
C PRO G 182 -13.07 -17.81 -38.98
N CYS G 183 -13.43 -17.00 -37.99
CA CYS G 183 -12.59 -15.90 -37.53
C CYS G 183 -12.42 -15.92 -36.02
N SER G 184 -12.64 -17.08 -35.39
CA SER G 184 -12.47 -17.18 -33.95
C SER G 184 -12.13 -18.62 -33.59
N GLU G 185 -11.47 -18.79 -32.47
CA GLU G 185 -10.91 -19.89 -31.69
C GLU G 185 -11.95 -20.44 -30.73
N ALA G 186 -11.77 -21.70 -30.38
CA ALA G 186 -12.65 -22.36 -29.43
C ALA G 186 -11.88 -22.68 -28.17
N GLY G 187 -12.45 -22.32 -27.03
CA GLY G 187 -11.84 -22.61 -25.75
C GLY G 187 -12.39 -21.68 -24.69
N ASN G 188 -12.26 -22.12 -23.45
CA ASN G 188 -12.76 -21.38 -22.30
C ASN G 188 -11.88 -20.19 -22.01
N VAL G 189 -12.50 -19.10 -21.57
CA VAL G 189 -11.82 -17.83 -21.30
C VAL G 189 -12.05 -17.47 -19.84
N ALA G 190 -10.96 -17.31 -19.10
CA ALA G 190 -11.05 -16.90 -17.71
C ALA G 190 -11.39 -15.43 -17.61
N SER G 191 -12.00 -15.04 -16.50
CA SER G 191 -12.35 -13.64 -16.29
C SER G 191 -11.08 -12.79 -16.25
N GLY G 192 -11.11 -11.68 -16.98
CA GLY G 192 -9.96 -10.82 -17.09
C GLY G 192 -8.98 -11.18 -18.19
N THR G 193 -9.38 -12.03 -19.13
CA THR G 193 -8.55 -12.40 -20.27
C THR G 193 -9.19 -11.91 -21.56
N PRO G 194 -8.54 -11.05 -22.34
CA PRO G 194 -9.14 -10.59 -23.59
C PRO G 194 -9.39 -11.73 -24.56
N TYR G 195 -10.49 -11.64 -25.29
CA TYR G 195 -10.89 -12.66 -26.25
C TYR G 195 -11.17 -12.02 -27.59
N ASN G 196 -10.69 -12.64 -28.67
CA ASN G 196 -10.77 -12.08 -30.01
C ASN G 196 -12.00 -12.65 -30.71
N THR G 197 -13.10 -11.89 -30.70
CA THR G 197 -14.32 -12.36 -31.33
C THR G 197 -14.19 -12.43 -32.84
N ARG G 198 -13.53 -11.46 -33.46
CA ARG G 198 -13.16 -11.49 -34.86
C ARG G 198 -11.75 -10.96 -34.96
N ASN G 199 -10.85 -11.71 -35.61
CA ASN G 199 -9.43 -11.39 -35.53
C ASN G 199 -8.91 -10.64 -36.75
N ASP G 200 -9.60 -10.71 -37.89
CA ASP G 200 -9.22 -9.91 -39.04
C ASP G 200 -7.91 -10.34 -39.68
N VAL G 201 -7.17 -11.23 -39.04
CA VAL G 201 -5.98 -11.80 -39.65
C VAL G 201 -6.29 -13.10 -40.36
N ALA G 202 -7.28 -13.83 -39.84
CA ALA G 202 -7.71 -15.07 -40.47
C ALA G 202 -8.61 -14.78 -41.66
N CYS G 203 -9.40 -13.71 -41.60
CA CYS G 203 -10.47 -13.52 -42.57
C CYS G 203 -10.60 -12.05 -42.94
N ASP G 204 -11.22 -11.82 -44.09
CA ASP G 204 -11.54 -10.48 -44.57
C ASP G 204 -12.72 -10.58 -45.50
N GLY G 205 -13.86 -10.02 -45.09
CA GLY G 205 -15.09 -10.10 -45.84
C GLY G 205 -16.26 -10.15 -44.89
N ALA G 206 -17.32 -10.84 -45.32
CA ALA G 206 -18.51 -10.97 -44.49
C ALA G 206 -18.28 -11.92 -43.32
N ALA G 207 -17.17 -12.66 -43.33
CA ALA G 207 -16.91 -13.64 -42.28
C ALA G 207 -16.90 -12.97 -40.91
N GLN G 208 -17.48 -13.65 -39.93
CA GLN G 208 -17.54 -13.14 -38.56
C GLN G 208 -16.88 -14.10 -37.56
N PHE H 1 27.74 -14.50 -62.92
CA PHE H 1 27.69 -15.75 -62.12
C PHE H 1 27.33 -16.94 -62.99
N THR H 2 27.43 -18.15 -62.42
CA THR H 2 27.26 -19.39 -63.14
C THR H 2 26.31 -20.30 -62.37
N LEU H 3 26.23 -21.56 -62.82
CA LEU H 3 25.26 -22.49 -62.23
C LEU H 3 25.64 -22.84 -60.79
N ILE H 4 26.93 -23.00 -60.52
CA ILE H 4 27.37 -23.37 -59.17
C ILE H 4 26.96 -22.30 -58.16
N GLU H 5 27.15 -21.03 -58.52
CA GLU H 5 26.74 -19.96 -57.60
C GLU H 5 25.26 -20.03 -57.30
N LEU H 6 24.44 -20.28 -58.31
CA LEU H 6 23.00 -20.25 -58.13
C LEU H 6 22.53 -21.43 -57.29
N MET H 7 23.13 -22.61 -57.53
CA MET H 7 22.83 -23.75 -56.69
C MET H 7 23.29 -23.54 -55.25
N ILE H 8 24.39 -22.83 -55.06
CA ILE H 8 24.83 -22.51 -53.71
C ILE H 8 23.85 -21.56 -53.05
N VAL H 9 23.27 -20.64 -53.80
CA VAL H 9 22.24 -19.76 -53.25
C VAL H 9 21.05 -20.58 -52.77
N VAL H 10 20.60 -21.53 -53.59
CA VAL H 10 19.49 -22.39 -53.20
C VAL H 10 19.85 -23.17 -51.95
N ALA H 11 21.07 -23.73 -51.91
CA ALA H 11 21.50 -24.49 -50.75
C ALA H 11 21.57 -23.64 -49.50
N ILE H 12 21.96 -22.37 -49.63
CA ILE H 12 22.06 -21.50 -48.46
C ILE H 12 20.69 -21.17 -47.91
N ILE H 13 19.71 -20.92 -48.79
CA ILE H 13 18.38 -20.70 -48.24
C ILE H 13 17.85 -21.97 -47.59
N GLY H 14 18.19 -23.13 -48.16
CA GLY H 14 17.86 -24.39 -47.50
C GLY H 14 18.50 -24.52 -46.13
N ILE H 15 19.75 -24.05 -46.00
CA ILE H 15 20.43 -24.07 -44.70
C ILE H 15 19.70 -23.17 -43.72
N LEU H 16 19.38 -21.95 -44.13
CA LEU H 16 18.72 -21.02 -43.21
C LEU H 16 17.37 -21.56 -42.77
N ALA H 17 16.68 -22.30 -43.64
CA ALA H 17 15.41 -22.88 -43.25
C ALA H 17 15.56 -23.85 -42.09
N ALA H 18 16.73 -24.47 -41.94
CA ALA H 18 16.97 -25.46 -40.88
C ALA H 18 17.97 -24.98 -39.84
N ILE H 19 18.10 -23.67 -39.65
CA ILE H 19 19.04 -23.14 -38.68
C ILE H 19 18.62 -23.53 -37.28
N ALA H 20 19.59 -23.62 -36.37
CA ALA H 20 19.32 -24.00 -34.98
C ALA H 20 19.45 -22.78 -34.06
N ILE H 21 18.30 -22.13 -33.85
CA ILE H 21 18.24 -20.93 -33.02
C ILE H 21 18.13 -21.33 -31.57
N PRO H 22 18.18 -20.39 -30.62
CA PRO H 22 17.96 -20.77 -29.22
C PRO H 22 16.56 -21.30 -29.00
N ASN H 23 16.40 -22.08 -27.93
CA ASN H 23 15.10 -22.61 -27.54
C ASN H 23 14.39 -21.55 -26.73
N PHE H 24 13.43 -20.86 -27.35
CA PHE H 24 12.75 -19.76 -26.68
C PHE H 24 11.58 -20.22 -25.84
N ILE H 25 11.21 -21.49 -25.93
CA ILE H 25 10.24 -22.05 -24.99
C ILE H 25 10.76 -21.96 -23.57
N LYS H 26 12.09 -22.03 -23.38
CA LYS H 26 12.66 -21.80 -22.06
C LYS H 26 12.37 -20.39 -21.57
N PHE H 27 12.54 -19.40 -22.44
CA PHE H 27 12.25 -18.01 -22.08
C PHE H 27 10.79 -17.82 -21.72
N GLN H 28 9.89 -18.43 -22.49
CA GLN H 28 8.47 -18.27 -22.20
C GLN H 28 8.08 -19.01 -20.93
N ALA H 29 8.70 -20.15 -20.64
CA ALA H 29 8.47 -20.81 -19.37
C ALA H 29 8.91 -19.93 -18.21
N ARG H 30 10.07 -19.29 -18.34
CA ARG H 30 10.51 -18.36 -17.30
C ARG H 30 9.55 -17.20 -17.15
N SER H 31 8.94 -16.75 -18.25
CA SER H 31 7.89 -15.75 -18.14
C SER H 31 6.69 -16.26 -17.35
N LYS H 32 6.28 -17.51 -17.61
CA LYS H 32 5.10 -18.06 -16.97
C LYS H 32 5.32 -18.35 -15.49
N GLN H 33 6.58 -18.52 -15.08
CA GLN H 33 6.87 -18.87 -13.69
C GLN H 33 6.57 -17.75 -12.70
N SER H 34 6.26 -16.54 -13.17
CA SER H 34 6.07 -15.41 -12.26
C SER H 34 4.77 -15.50 -11.48
N GLU H 35 3.78 -16.27 -11.94
CA GLU H 35 2.58 -16.49 -11.14
C GLU H 35 2.95 -17.05 -9.78
N ALA H 36 3.82 -18.06 -9.75
CA ALA H 36 4.17 -18.68 -8.48
C ALA H 36 4.78 -17.68 -7.53
N LYS H 37 5.70 -16.84 -8.02
CA LYS H 37 6.34 -15.86 -7.15
C LYS H 37 5.32 -14.88 -6.59
N THR H 38 4.49 -14.29 -7.44
CA THR H 38 3.54 -13.29 -6.97
C THR H 38 2.54 -13.89 -5.98
N ASN H 39 2.00 -15.07 -6.30
CA ASN H 39 0.97 -15.66 -5.46
C ASN H 39 1.55 -16.19 -4.15
N LEU H 40 2.79 -16.67 -4.16
CA LEU H 40 3.40 -17.09 -2.91
C LEU H 40 3.70 -15.89 -2.02
N LYS H 41 4.13 -14.77 -2.59
CA LYS H 41 4.33 -13.60 -1.76
C LYS H 41 3.00 -13.10 -1.19
N ALA H 42 1.91 -13.26 -1.94
CA ALA H 42 0.60 -12.94 -1.41
C ALA H 42 0.23 -13.87 -0.25
N LEU H 43 0.54 -15.17 -0.36
CA LEU H 43 0.38 -16.06 0.79
C LEU H 43 1.15 -15.56 2.00
N TYR H 44 2.40 -15.18 1.81
CA TYR H 44 3.22 -14.71 2.92
C TYR H 44 2.57 -13.51 3.59
N THR H 45 2.12 -12.54 2.79
CA THR H 45 1.50 -11.34 3.33
C THR H 45 0.24 -11.68 4.11
N ALA H 46 -0.62 -12.51 3.53
CA ALA H 46 -1.88 -12.83 4.19
C ALA H 46 -1.64 -13.57 5.50
N GLN H 47 -0.67 -14.49 5.51
CA GLN H 47 -0.34 -15.20 6.74
C GLN H 47 0.15 -14.23 7.81
N LYS H 48 1.00 -13.28 7.44
CA LYS H 48 1.52 -12.34 8.43
C LYS H 48 0.40 -11.50 9.02
N SER H 49 -0.50 -10.98 8.18
CA SER H 49 -1.58 -10.15 8.68
C SER H 49 -2.54 -10.98 9.56
N PHE H 50 -2.81 -12.21 9.15
CA PHE H 50 -3.67 -13.08 9.95
C PHE H 50 -3.05 -13.34 11.32
N PHE H 51 -1.76 -13.66 11.37
CA PHE H 51 -1.12 -13.88 12.65
C PHE H 51 -1.20 -12.63 13.52
N SER H 52 -0.92 -11.47 12.93
CA SER H 52 -0.96 -10.24 13.70
C SER H 52 -2.33 -10.04 14.33
N GLU H 53 -3.39 -10.20 13.55
CA GLU H 53 -4.73 -10.00 14.08
C GLU H 53 -5.08 -11.06 15.13
N LYS H 54 -4.69 -12.32 14.89
CA LYS H 54 -5.20 -13.45 15.65
C LYS H 54 -4.17 -14.13 16.53
N ASP H 55 -2.89 -13.75 16.43
CA ASP H 55 -1.83 -14.34 17.26
C ASP H 55 -1.66 -15.83 16.98
N ARG H 56 -1.78 -16.21 15.71
CA ARG H 56 -1.67 -17.61 15.32
C ARG H 56 -1.71 -17.69 13.80
N TYR H 57 -0.98 -18.65 13.25
CA TYR H 57 -0.99 -18.92 11.83
C TYR H 57 -2.09 -19.93 11.49
N SER H 58 -2.44 -20.00 10.21
CA SER H 58 -3.57 -20.78 9.75
C SER H 58 -3.11 -21.89 8.80
N ASP H 59 -3.86 -22.98 8.79
CA ASP H 59 -3.63 -24.09 7.87
C ASP H 59 -4.63 -24.11 6.72
N PHE H 60 -5.51 -23.12 6.61
CA PHE H 60 -6.56 -23.13 5.60
C PHE H 60 -6.55 -21.82 4.83
N ALA H 61 -6.77 -21.92 3.52
CA ALA H 61 -6.74 -20.74 2.67
C ALA H 61 -7.97 -19.88 2.87
N ASN H 62 -9.08 -20.48 3.29
CA ASN H 62 -10.31 -19.73 3.50
C ASN H 62 -10.21 -18.75 4.65
N GLU H 63 -9.54 -19.11 5.75
CA GLU H 63 -9.32 -18.19 6.86
C GLU H 63 -8.26 -17.16 6.57
N ILE H 64 -7.19 -17.54 5.89
CA ILE H 64 -6.13 -16.59 5.56
C ILE H 64 -6.68 -15.44 4.74
N GLY H 65 -7.56 -15.75 3.79
CA GLY H 65 -8.07 -14.78 2.85
C GLY H 65 -7.34 -14.75 1.53
N PHE H 66 -6.83 -15.88 1.06
CA PHE H 66 -6.00 -15.95 -0.14
C PHE H 66 -6.65 -16.84 -1.17
N ALA H 67 -6.69 -16.36 -2.41
CA ALA H 67 -7.17 -17.14 -3.54
C ALA H 67 -6.64 -16.48 -4.80
N PRO H 68 -5.98 -17.21 -5.70
CA PRO H 68 -5.57 -16.60 -6.97
C PRO H 68 -6.72 -16.53 -7.96
N GLU H 69 -6.57 -15.62 -8.90
CA GLU H 69 -7.59 -15.44 -9.93
C GLU H 69 -7.60 -16.63 -10.87
N ARG H 70 -8.68 -16.75 -11.65
CA ARG H 70 -8.83 -17.88 -12.55
C ARG H 70 -7.76 -17.84 -13.64
N GLY H 71 -7.35 -19.02 -14.09
CA GLY H 71 -6.24 -19.15 -15.01
C GLY H 71 -4.89 -19.21 -14.35
N ASN H 72 -4.78 -19.86 -13.18
CA ASN H 72 -3.59 -19.71 -12.34
C ASN H 72 -2.42 -20.59 -12.81
N ARG H 73 -2.71 -21.76 -13.38
CA ARG H 73 -1.69 -22.72 -13.84
C ARG H 73 -0.98 -23.44 -12.70
N TYR H 74 -1.15 -22.99 -11.46
CA TYR H 74 -0.41 -23.52 -10.33
C TYR H 74 -1.38 -23.89 -9.22
N GLY H 75 -1.13 -25.03 -8.59
CA GLY H 75 -1.87 -25.41 -7.41
C GLY H 75 -1.09 -25.05 -6.16
N TYR H 76 -1.79 -24.46 -5.19
CA TYR H 76 -1.17 -23.95 -3.98
C TYR H 76 -1.61 -24.75 -2.78
N ARG H 77 -0.66 -25.07 -1.91
CA ARG H 77 -0.93 -25.75 -0.65
C ARG H 77 -0.41 -24.92 0.50
N VAL H 78 -1.29 -24.57 1.44
CA VAL H 78 -0.89 -23.82 2.61
C VAL H 78 -0.64 -24.73 3.80
N SER H 79 -0.99 -26.00 3.71
CA SER H 79 -0.81 -26.91 4.83
C SER H 79 -1.02 -28.33 4.37
N ALA H 80 -0.57 -29.27 5.20
CA ALA H 80 -0.79 -30.69 4.97
C ALA H 80 -2.01 -31.22 5.71
N ALA H 81 -2.78 -30.35 6.36
CA ALA H 81 -3.99 -30.78 7.05
C ALA H 81 -4.92 -31.49 6.08
N ALA H 82 -5.93 -32.16 6.64
CA ALA H 82 -6.87 -32.91 5.83
C ALA H 82 -7.93 -31.98 5.23
N GLY H 83 -8.37 -32.32 4.03
CA GLY H 83 -9.40 -31.56 3.34
C GLY H 83 -9.22 -31.63 1.84
N ASP H 84 -10.29 -31.25 1.15
CA ASP H 84 -10.28 -31.23 -0.31
C ASP H 84 -9.59 -29.97 -0.82
N CYS H 85 -9.22 -29.96 -2.10
CA CYS H 85 -8.34 -28.96 -2.66
C CYS H 85 -9.07 -27.99 -3.59
N GLU H 86 -10.33 -27.69 -3.29
CA GLU H 86 -11.08 -26.67 -4.04
C GLU H 86 -10.85 -26.86 -5.54
N VAL H 87 -11.38 -27.97 -6.05
CA VAL H 87 -11.18 -28.29 -7.47
C VAL H 87 -11.84 -27.21 -8.32
N ARG H 88 -11.05 -26.57 -9.18
CA ARG H 88 -11.52 -25.53 -10.08
C ARG H 88 -11.71 -26.14 -11.47
N ASN H 89 -12.83 -26.85 -11.64
CA ASN H 89 -13.11 -27.56 -12.88
C ASN H 89 -14.39 -27.08 -13.54
N ALA H 90 -14.91 -25.92 -13.15
CA ALA H 90 -16.15 -25.41 -13.71
C ALA H 90 -16.14 -23.89 -13.63
N ALA H 91 -17.07 -23.28 -14.38
CA ALA H 91 -17.14 -21.82 -14.42
C ALA H 91 -17.46 -21.24 -13.04
N ASP H 92 -18.35 -21.90 -12.30
CA ASP H 92 -18.74 -21.43 -10.97
C ASP H 92 -18.05 -22.29 -9.92
N LEU H 93 -17.36 -21.65 -8.99
CA LEU H 93 -16.59 -22.37 -7.99
C LEU H 93 -17.51 -23.16 -7.07
N PRO H 94 -17.07 -24.33 -6.61
CA PRO H 94 -17.92 -25.15 -5.72
C PRO H 94 -18.04 -24.53 -4.34
N VAL H 95 -19.14 -24.85 -3.66
CA VAL H 95 -19.34 -24.41 -2.29
C VAL H 95 -18.57 -25.35 -1.36
N PRO H 96 -17.65 -24.83 -0.56
CA PRO H 96 -16.83 -25.72 0.27
C PRO H 96 -17.64 -26.41 1.36
N ALA H 97 -17.20 -27.62 1.72
CA ALA H 97 -17.84 -28.34 2.81
C ALA H 97 -17.15 -28.05 4.14
N ALA H 98 -15.84 -27.80 4.11
CA ALA H 98 -15.10 -27.39 5.29
C ALA H 98 -13.88 -26.59 4.84
N GLY H 99 -12.98 -26.33 5.78
CA GLY H 99 -11.79 -25.59 5.45
C GLY H 99 -10.97 -26.30 4.38
N VAL H 100 -10.41 -25.52 3.47
CA VAL H 100 -9.64 -26.07 2.35
C VAL H 100 -8.16 -25.73 2.55
N PRO H 101 -7.28 -26.72 2.70
CA PRO H 101 -5.86 -26.41 2.86
C PRO H 101 -5.10 -26.28 1.56
N CYS H 102 -5.73 -26.55 0.42
CA CYS H 102 -5.05 -26.53 -0.87
C CYS H 102 -6.01 -25.98 -1.91
N ILE H 103 -5.44 -25.33 -2.93
CA ILE H 103 -6.19 -24.79 -4.05
C ILE H 103 -5.69 -25.48 -5.31
N SER H 104 -6.59 -26.15 -6.01
CA SER H 104 -6.19 -26.94 -7.16
C SER H 104 -5.87 -26.03 -8.35
N ASN H 105 -5.28 -26.63 -9.36
CA ASN H 105 -5.05 -25.95 -10.62
C ASN H 105 -6.38 -25.64 -11.29
N ASP H 106 -6.40 -24.54 -12.06
CA ASP H 106 -7.62 -24.12 -12.75
C ASP H 106 -7.75 -24.92 -14.04
N SER H 107 -8.28 -26.13 -13.93
CA SER H 107 -8.43 -27.00 -15.10
C SER H 107 -9.65 -26.67 -15.93
N PHE H 108 -10.40 -25.63 -15.56
CA PHE H 108 -11.51 -25.20 -16.41
C PHE H 108 -11.00 -24.76 -17.78
N ARG H 109 -9.95 -23.97 -17.82
CA ARG H 109 -9.47 -23.41 -19.07
C ARG H 109 -8.16 -24.03 -19.55
N PHE H 110 -7.67 -25.07 -18.89
CA PHE H 110 -6.47 -25.76 -19.33
C PHE H 110 -6.70 -27.23 -19.67
N GLY H 111 -7.90 -27.74 -19.52
CA GLY H 111 -8.18 -29.11 -19.86
C GLY H 111 -8.24 -30.01 -18.64
N ALA H 112 -8.99 -31.11 -18.75
CA ALA H 112 -9.18 -32.02 -17.63
C ALA H 112 -7.91 -32.81 -17.33
N ASN H 113 -7.11 -33.13 -18.34
CA ASN H 113 -5.89 -33.90 -18.13
C ASN H 113 -4.78 -33.09 -17.47
N SER H 114 -4.92 -31.77 -17.39
CA SER H 114 -3.92 -30.92 -16.75
C SER H 114 -4.24 -30.65 -15.28
N ALA H 115 -5.23 -31.32 -14.72
CA ALA H 115 -5.66 -31.03 -13.37
C ALA H 115 -4.56 -31.38 -12.37
N ILE H 116 -4.43 -30.56 -11.33
CA ILE H 116 -3.56 -30.82 -10.19
C ILE H 116 -4.45 -30.71 -8.96
N ASP H 117 -4.96 -31.84 -8.49
CA ASP H 117 -5.85 -31.88 -7.34
C ASP H 117 -5.11 -32.12 -6.03
N ASP H 118 -3.79 -32.25 -6.07
CA ASP H 118 -2.99 -32.44 -4.86
C ASP H 118 -1.66 -31.73 -5.06
N PRO H 119 -1.65 -30.41 -4.96
CA PRO H 119 -0.46 -29.62 -5.30
C PRO H 119 0.56 -29.58 -4.17
N THR H 120 1.13 -30.74 -3.84
CA THR H 120 2.16 -30.82 -2.82
C THR H 120 3.53 -30.76 -3.46
N PRO H 121 4.36 -29.76 -3.17
CA PRO H 121 5.65 -29.64 -3.86
C PRO H 121 6.71 -30.56 -3.28
N VAL H 122 7.86 -30.56 -3.96
CA VAL H 122 9.04 -31.29 -3.50
C VAL H 122 9.89 -30.36 -2.64
N VAL H 123 10.35 -30.85 -1.50
CA VAL H 123 11.10 -30.06 -0.54
C VAL H 123 12.43 -30.70 -0.17
N ALA H 124 12.95 -31.59 -1.02
CA ALA H 124 14.20 -32.26 -0.69
C ALA H 124 15.39 -31.31 -0.70
N ARG H 125 15.37 -30.33 -1.60
CA ARG H 125 16.51 -29.43 -1.79
C ARG H 125 16.33 -28.08 -1.13
N PHE H 126 15.54 -28.00 -0.06
CA PHE H 126 15.46 -26.83 0.79
C PHE H 126 15.83 -27.25 2.20
N VAL H 127 16.87 -26.62 2.75
CA VAL H 127 17.41 -26.99 4.04
C VAL H 127 17.16 -25.83 5.01
N PRO H 128 16.28 -25.98 6.00
CA PRO H 128 16.10 -24.91 6.98
C PRO H 128 17.39 -24.62 7.74
N GLN H 129 17.62 -23.35 8.01
CA GLN H 129 18.78 -22.90 8.77
C GLN H 129 18.32 -22.29 10.08
N GLY H 130 19.22 -22.33 11.07
CA GLY H 130 18.95 -21.76 12.37
C GLY H 130 18.92 -22.81 13.47
N ALA H 131 18.97 -22.33 14.71
CA ALA H 131 19.00 -23.24 15.86
C ALA H 131 17.60 -23.69 16.25
N ALA H 132 16.56 -23.03 15.73
CA ALA H 132 15.20 -23.37 16.14
C ALA H 132 14.78 -24.75 15.64
N GLY H 133 15.55 -25.33 14.73
CA GLY H 133 15.26 -26.68 14.27
C GLY H 133 13.95 -26.82 13.51
N TRP H 134 13.68 -25.92 12.57
CA TRP H 134 12.44 -26.01 11.81
C TRP H 134 12.49 -27.16 10.81
N ASN H 135 11.30 -27.63 10.43
CA ASN H 135 11.15 -28.77 9.55
C ASN H 135 10.73 -28.30 8.15
N THR H 136 10.63 -29.25 7.23
CA THR H 136 10.15 -28.98 5.88
C THR H 136 8.71 -29.43 5.65
N THR H 137 7.99 -29.85 6.71
CA THR H 137 6.59 -30.19 6.54
C THR H 137 5.77 -28.93 6.31
N LEU H 138 4.92 -28.97 5.28
CA LEU H 138 4.12 -27.80 4.93
C LEU H 138 3.08 -27.53 5.99
N GLY H 139 2.82 -26.24 6.23
CA GLY H 139 1.81 -25.83 7.18
C GLY H 139 2.40 -25.10 8.35
N VAL H 140 1.61 -24.88 9.39
CA VAL H 140 2.10 -24.26 10.62
C VAL H 140 2.85 -25.32 11.41
N GLN H 141 4.07 -24.99 11.80
CA GLN H 141 4.93 -25.89 12.55
C GLN H 141 5.52 -25.16 13.75
N PRO H 142 5.88 -25.90 14.82
CA PRO H 142 5.81 -27.35 15.01
C PRO H 142 4.38 -27.87 15.09
N THR H 143 3.44 -27.01 15.47
CA THR H 143 2.03 -27.36 15.46
C THR H 143 1.23 -26.10 15.79
N ILE H 144 -0.03 -26.08 15.36
CA ILE H 144 -0.88 -24.94 15.61
C ILE H 144 -1.21 -24.80 17.09
N ALA H 145 -0.80 -25.77 17.91
CA ALA H 145 -1.08 -25.70 19.34
C ALA H 145 -0.32 -24.58 20.04
N ASP H 146 0.72 -24.05 19.41
CA ASP H 146 1.53 -22.98 19.99
C ASP H 146 1.16 -21.65 19.36
N CYS H 147 0.37 -20.83 20.06
CA CYS H 147 -0.07 -19.56 19.48
C CYS H 147 1.08 -18.66 19.08
N PRO H 148 2.08 -18.39 19.91
CA PRO H 148 3.30 -17.83 19.34
C PRO H 148 3.93 -18.81 18.35
N ASN H 149 3.22 -19.04 17.26
CA ASN H 149 3.56 -20.10 16.33
C ASN H 149 4.92 -19.86 15.70
N CYS H 150 5.69 -20.92 15.58
CA CYS H 150 6.88 -20.84 14.74
C CYS H 150 6.44 -20.67 13.30
N ASN H 151 7.38 -20.22 12.48
CA ASN H 151 7.07 -19.81 11.12
C ASN H 151 6.41 -20.93 10.33
N PHE H 152 5.46 -20.54 9.50
CA PHE H 152 4.77 -21.46 8.60
C PHE H 152 5.70 -21.92 7.47
N PHE H 153 5.15 -22.74 6.59
CA PHE H 153 5.83 -23.25 5.41
C PHE H 153 4.78 -23.60 4.37
N ALA H 154 4.98 -23.15 3.13
CA ALA H 154 3.97 -23.29 2.10
C ALA H 154 4.65 -23.53 0.76
N GLY H 155 3.86 -23.89 -0.25
CA GLY H 155 4.44 -24.12 -1.55
C GLY H 155 3.38 -24.21 -2.64
N ALA H 156 3.87 -24.39 -3.86
CA ALA H 156 3.03 -24.45 -5.05
C ALA H 156 3.57 -25.51 -6.00
N ARG H 157 2.77 -25.87 -6.99
CA ARG H 157 3.12 -26.93 -7.94
C ARG H 157 2.43 -26.63 -9.26
N GLY H 158 3.18 -26.69 -10.35
CA GLY H 158 2.63 -26.31 -11.63
C GLY H 158 3.42 -26.93 -12.76
N ASN H 159 3.06 -26.54 -13.99
CA ASN H 159 3.69 -27.06 -15.19
C ASN H 159 3.95 -25.91 -16.15
N ALA H 160 5.18 -25.79 -16.62
CA ALA H 160 5.54 -24.70 -17.53
C ALA H 160 5.78 -25.22 -18.94
N ASP H 161 5.04 -24.65 -19.90
CA ASP H 161 4.98 -25.09 -21.30
C ASP H 161 4.63 -26.58 -21.33
N ASN H 162 5.22 -27.38 -22.22
CA ASN H 162 4.74 -28.73 -22.49
C ASN H 162 5.56 -29.79 -21.76
N GLU H 163 6.14 -29.39 -20.63
CA GLU H 163 6.80 -30.33 -19.74
C GLU H 163 5.77 -31.31 -19.19
N ALA H 164 6.04 -32.60 -19.34
CA ALA H 164 5.14 -33.59 -18.75
C ALA H 164 5.17 -33.50 -17.22
N THR H 165 6.33 -33.22 -16.65
CA THR H 165 6.53 -33.13 -15.21
C THR H 165 6.33 -31.70 -14.74
N PHE H 166 6.38 -31.51 -13.42
CA PHE H 166 5.97 -30.27 -12.77
C PHE H 166 7.17 -29.48 -12.26
N ASP H 167 6.92 -28.21 -11.93
CA ASP H 167 7.90 -27.41 -11.22
C ASP H 167 7.33 -26.95 -9.88
N ASP H 168 8.20 -26.83 -8.89
CA ASP H 168 7.78 -26.68 -7.50
C ASP H 168 8.41 -25.44 -6.89
N TRP H 169 7.69 -24.80 -5.99
CA TRP H 169 8.16 -23.62 -5.27
C TRP H 169 7.85 -23.78 -3.80
N VAL H 170 8.60 -23.09 -2.96
CA VAL H 170 8.33 -23.04 -1.53
C VAL H 170 8.57 -21.63 -1.03
N ILE H 171 7.80 -21.24 -0.01
CA ILE H 171 8.02 -20.00 0.70
C ILE H 171 7.90 -20.31 2.19
N ALA H 172 8.84 -19.80 2.96
CA ALA H 172 8.93 -20.10 4.39
C ALA H 172 8.97 -18.81 5.16
N GLY H 173 8.54 -18.87 6.41
CA GLY H 173 8.72 -17.76 7.31
C GLY H 173 10.05 -17.74 8.01
N PHE H 174 10.92 -18.72 7.73
CA PHE H 174 12.22 -18.84 8.37
C PHE H 174 13.31 -18.92 7.30
N GLU H 175 14.56 -18.89 7.75
CA GLU H 175 15.69 -18.92 6.84
C GLU H 175 15.96 -20.34 6.36
N GLY H 176 16.55 -20.45 5.18
CA GLY H 176 16.94 -21.74 4.65
C GLY H 176 18.00 -21.53 3.59
N SER H 177 18.57 -22.64 3.12
CA SER H 177 19.57 -22.59 2.07
C SER H 177 19.24 -23.65 1.02
N GLY H 178 19.36 -23.25 -0.25
CA GLY H 178 19.15 -24.16 -1.34
C GLY H 178 20.34 -25.07 -1.57
N GLN H 179 20.06 -26.22 -2.18
CA GLN H 179 21.08 -27.20 -2.49
C GLN H 179 21.26 -27.29 -4.01
N VAL H 180 22.51 -27.43 -4.43
CA VAL H 180 22.81 -27.56 -5.85
C VAL H 180 22.35 -28.93 -6.33
N GLY H 181 21.75 -28.96 -7.51
CA GLY H 181 21.27 -30.19 -8.10
C GLY H 181 20.97 -29.98 -9.56
N PRO H 182 20.53 -31.04 -10.24
CA PRO H 182 20.22 -30.89 -11.67
C PRO H 182 19.14 -29.88 -11.97
N CYS H 183 18.24 -29.62 -11.02
CA CYS H 183 17.07 -28.78 -11.26
C CYS H 183 16.93 -27.71 -10.19
N SER H 184 18.02 -27.32 -9.55
CA SER H 184 17.95 -26.25 -8.55
C SER H 184 19.31 -25.59 -8.44
N GLU H 185 19.31 -24.36 -7.94
CA GLU H 185 20.26 -23.32 -7.60
C GLU H 185 20.79 -23.53 -6.20
N ALA H 186 22.00 -23.04 -5.96
CA ALA H 186 22.62 -23.11 -4.65
C ALA H 186 22.81 -21.70 -4.12
N GLY H 187 22.38 -21.48 -2.90
CA GLY H 187 22.51 -20.19 -2.25
C GLY H 187 21.51 -20.06 -1.14
N ASN H 188 21.73 -19.05 -0.30
CA ASN H 188 20.92 -18.82 0.89
C ASN H 188 19.66 -18.06 0.52
N VAL H 189 18.55 -18.41 1.19
CA VAL H 189 17.25 -17.84 0.91
C VAL H 189 16.77 -17.12 2.16
N ALA H 190 16.48 -15.83 2.02
CA ALA H 190 15.94 -15.06 3.13
C ALA H 190 14.49 -15.44 3.39
N SER H 191 14.03 -15.18 4.61
CA SER H 191 12.64 -15.46 4.93
C SER H 191 11.71 -14.60 4.09
N GLY H 192 10.68 -15.23 3.53
CA GLY H 192 9.73 -14.53 2.70
C GLY H 192 10.11 -14.44 1.24
N THR H 193 11.13 -15.16 0.79
CA THR H 193 11.55 -15.18 -0.60
C THR H 193 11.22 -16.53 -1.23
N PRO H 194 10.43 -16.59 -2.29
CA PRO H 194 10.12 -17.89 -2.91
C PRO H 194 11.39 -18.57 -3.42
N TYR H 195 11.42 -19.88 -3.27
CA TYR H 195 12.54 -20.69 -3.72
C TYR H 195 12.03 -21.78 -4.66
N ASN H 196 12.75 -22.03 -5.74
CA ASN H 196 12.34 -22.98 -6.77
C ASN H 196 13.04 -24.31 -6.52
N THR H 197 12.34 -25.23 -5.87
CA THR H 197 12.94 -26.53 -5.56
C THR H 197 13.20 -27.35 -6.83
N ARG H 198 12.25 -27.33 -7.77
CA ARG H 198 12.41 -27.94 -9.08
C ARG H 198 11.82 -26.98 -10.10
N ASN H 199 12.62 -26.58 -11.10
CA ASN H 199 12.20 -25.49 -11.99
C ASN H 199 11.57 -25.99 -13.29
N ASP H 200 11.87 -27.21 -13.71
CA ASP H 200 11.18 -27.85 -14.83
C ASP H 200 11.57 -27.19 -16.15
N VAL H 201 12.24 -26.05 -16.10
CA VAL H 201 12.78 -25.43 -17.32
C VAL H 201 14.18 -25.97 -17.60
N ALA H 202 14.90 -26.33 -16.55
CA ALA H 202 16.22 -26.93 -16.72
C ALA H 202 16.12 -28.41 -17.07
N CYS H 203 15.08 -29.08 -16.58
CA CYS H 203 15.03 -30.54 -16.65
C CYS H 203 13.62 -31.02 -16.90
N ASP H 204 13.51 -32.24 -17.42
CA ASP H 204 12.24 -32.91 -17.63
C ASP H 204 12.48 -34.41 -17.61
N GLY H 205 11.91 -35.09 -16.62
CA GLY H 205 12.10 -36.51 -16.43
C GLY H 205 12.11 -36.83 -14.96
N ALA H 206 12.94 -37.82 -14.59
CA ALA H 206 13.05 -38.20 -13.19
C ALA H 206 13.87 -37.20 -12.39
N ALA H 207 14.53 -36.26 -13.06
CA ALA H 207 15.40 -35.30 -12.38
C ALA H 207 14.61 -34.52 -11.33
N GLN H 208 15.23 -34.30 -10.17
CA GLN H 208 14.61 -33.56 -9.08
C GLN H 208 15.42 -32.33 -8.68
N PHE I 1 16.27 -13.56 -56.51
CA PHE I 1 17.43 -12.95 -55.80
C PHE I 1 18.74 -13.63 -56.18
N THR I 2 19.85 -13.06 -55.70
CA THR I 2 21.19 -13.46 -56.11
C THR I 2 22.02 -13.71 -54.87
N LEU I 3 23.33 -13.94 -55.08
CA LEU I 3 24.23 -14.18 -53.96
C LEU I 3 24.39 -12.94 -53.10
N ILE I 4 24.38 -11.75 -53.71
CA ILE I 4 24.58 -10.53 -52.96
C ILE I 4 23.46 -10.34 -51.94
N GLU I 5 22.22 -10.56 -52.35
CA GLU I 5 21.10 -10.43 -51.42
C GLU I 5 21.24 -11.38 -50.25
N LEU I 6 21.65 -12.61 -50.52
CA LEU I 6 21.69 -13.63 -49.48
C LEU I 6 22.83 -13.35 -48.49
N MET I 7 23.97 -12.91 -49.01
CA MET I 7 25.05 -12.49 -48.12
C MET I 7 24.67 -11.27 -47.31
N ILE I 8 23.89 -10.35 -47.90
CA ILE I 8 23.42 -9.20 -47.12
C ILE I 8 22.47 -9.65 -46.02
N VAL I 9 21.67 -10.68 -46.29
CA VAL I 9 20.79 -11.22 -45.26
C VAL I 9 21.59 -11.78 -44.10
N VAL I 10 22.63 -12.55 -44.41
CA VAL I 10 23.50 -13.07 -43.35
C VAL I 10 24.15 -11.92 -42.59
N ALA I 11 24.62 -10.90 -43.30
CA ALA I 11 25.26 -9.76 -42.64
C ALA I 11 24.27 -9.02 -41.74
N ILE I 12 23.01 -8.95 -42.14
CA ILE I 12 22.02 -8.22 -41.33
C ILE I 12 21.71 -8.99 -40.06
N ILE I 13 21.60 -10.32 -40.14
CA ILE I 13 21.39 -11.04 -38.89
C ILE I 13 22.62 -10.92 -38.00
N GLY I 14 23.81 -10.89 -38.60
CA GLY I 14 25.01 -10.59 -37.81
C GLY I 14 24.95 -9.23 -37.14
N ILE I 15 24.43 -8.23 -37.85
CA ILE I 15 24.28 -6.89 -37.27
C ILE I 15 23.31 -6.93 -36.10
N LEU I 16 22.17 -7.59 -36.27
CA LEU I 16 21.18 -7.62 -35.19
C LEU I 16 21.72 -8.37 -33.98
N ALA I 17 22.61 -9.34 -34.20
CA ALA I 17 23.22 -10.03 -33.08
C ALA I 17 24.06 -9.09 -32.22
N ALA I 18 24.58 -8.01 -32.80
CA ALA I 18 25.44 -7.07 -32.08
C ALA I 18 24.81 -5.69 -31.92
N ILE I 19 23.48 -5.61 -31.90
CA ILE I 19 22.79 -4.33 -31.75
C ILE I 19 23.07 -3.76 -30.37
N ALA I 20 23.05 -2.43 -30.27
CA ALA I 20 23.30 -1.74 -29.00
C ALA I 20 21.97 -1.23 -28.43
N ILE I 21 21.33 -2.08 -27.65
CA ILE I 21 20.05 -1.76 -27.02
C ILE I 21 20.32 -0.97 -25.74
N PRO I 22 19.31 -0.33 -25.17
CA PRO I 22 19.54 0.46 -23.95
C PRO I 22 20.06 -0.41 -22.81
N ASN I 23 20.84 0.21 -21.93
CA ASN I 23 21.37 -0.47 -20.76
C ASN I 23 20.25 -0.60 -19.74
N PHE I 24 19.68 -1.80 -19.62
CA PHE I 24 18.54 -2.01 -18.73
C PHE I 24 18.97 -2.33 -17.31
N ILE I 25 20.26 -2.57 -17.08
CA ILE I 25 20.75 -2.66 -15.71
C ILE I 25 20.49 -1.38 -14.95
N LYS I 26 20.48 -0.24 -15.65
CA LYS I 26 20.11 1.01 -15.00
C LYS I 26 18.68 0.96 -14.48
N PHE I 27 17.75 0.46 -15.30
CA PHE I 27 16.36 0.35 -14.88
C PHE I 27 16.21 -0.60 -13.71
N GLN I 28 16.94 -1.72 -13.71
CA GLN I 28 16.82 -2.66 -12.60
C GLN I 28 17.42 -2.11 -11.33
N ALA I 29 18.52 -1.36 -11.44
CA ALA I 29 19.06 -0.69 -10.25
C ALA I 29 18.07 0.33 -9.70
N ARG I 30 17.43 1.09 -10.59
CA ARG I 30 16.39 2.01 -10.14
C ARG I 30 15.26 1.28 -9.43
N SER I 31 14.92 0.07 -9.89
CA SER I 31 13.94 -0.74 -9.18
C SER I 31 14.45 -1.13 -7.79
N LYS I 32 15.71 -1.55 -7.69
CA LYS I 32 16.25 -2.01 -6.43
C LYS I 32 16.39 -0.87 -5.41
N GLN I 33 16.46 0.36 -5.89
CA GLN I 33 16.64 1.50 -4.98
C GLN I 33 15.44 1.77 -4.10
N SER I 34 14.31 1.11 -4.32
CA SER I 34 13.10 1.42 -3.56
C SER I 34 13.15 0.89 -2.13
N GLU I 35 14.02 -0.08 -1.83
CA GLU I 35 14.19 -0.50 -0.45
C GLU I 35 14.59 0.68 0.42
N ALA I 36 15.54 1.49 -0.05
CA ALA I 36 16.01 2.61 0.74
C ALA I 36 14.88 3.59 1.03
N LYS I 37 14.07 3.91 0.03
CA LYS I 37 12.96 4.83 0.24
C LYS I 37 11.98 4.29 1.27
N THR I 38 11.55 3.04 1.10
CA THR I 38 10.55 2.50 2.02
C THR I 38 11.09 2.43 3.45
N ASN I 39 12.31 1.93 3.61
CA ASN I 39 12.85 1.73 4.95
C ASN I 39 13.20 3.06 5.61
N LEU I 40 13.65 4.05 4.85
CA LEU I 40 13.90 5.35 5.44
C LEU I 40 12.62 6.03 5.87
N LYS I 41 11.54 5.88 5.11
CA LYS I 41 10.27 6.46 5.56
C LYS I 41 9.80 5.75 6.83
N ALA I 42 10.00 4.44 6.91
CA ALA I 42 9.66 3.73 8.14
C ALA I 42 10.48 4.21 9.32
N LEU I 43 11.78 4.48 9.10
CA LEU I 43 12.61 5.06 10.15
C LEU I 43 12.07 6.40 10.61
N TYR I 44 11.70 7.26 9.66
CA TYR I 44 11.13 8.56 10.00
C TYR I 44 9.89 8.41 10.86
N THR I 45 8.98 7.52 10.46
CA THR I 45 7.74 7.30 11.19
C THR I 45 8.02 6.80 12.61
N ALA I 46 8.92 5.83 12.75
CA ALA I 46 9.21 5.28 14.07
C ALA I 46 9.84 6.32 14.97
N GLN I 47 10.72 7.16 14.42
CA GLN I 47 11.32 8.23 15.22
C GLN I 47 10.25 9.20 15.70
N LYS I 48 9.32 9.59 14.83
CA LYS I 48 8.26 10.50 15.24
C LYS I 48 7.41 9.90 16.35
N SER I 49 7.04 8.62 16.22
CA SER I 49 6.23 7.98 17.25
C SER I 49 6.97 7.92 18.58
N PHE I 50 8.26 7.58 18.54
CA PHE I 50 9.05 7.52 19.76
C PHE I 50 9.12 8.89 20.43
N PHE I 51 9.37 9.94 19.64
CA PHE I 51 9.40 11.27 20.23
C PHE I 51 8.08 11.61 20.89
N SER I 52 6.98 11.33 20.19
CA SER I 52 5.67 11.66 20.74
C SER I 52 5.46 10.98 22.09
N GLU I 53 5.80 9.70 22.19
CA GLU I 53 5.57 8.98 23.43
C GLU I 53 6.52 9.45 24.53
N LYS I 54 7.77 9.79 24.17
CA LYS I 54 8.84 10.00 25.13
C LYS I 54 9.35 11.42 25.20
N ASP I 55 8.89 12.32 24.34
CA ASP I 55 9.34 13.71 24.31
C ASP I 55 10.85 13.80 24.06
N ARG I 56 11.35 12.94 23.18
CA ARG I 56 12.78 12.93 22.87
C ARG I 56 13.01 11.95 21.73
N TYR I 57 14.00 12.25 20.90
CA TYR I 57 14.44 11.35 19.84
C TYR I 57 15.53 10.42 20.35
N SER I 58 15.76 9.35 19.61
CA SER I 58 16.69 8.30 20.01
C SER I 58 17.82 8.15 19.00
N ASP I 59 18.95 7.65 19.47
CA ASP I 59 20.10 7.35 18.64
C ASP I 59 20.26 5.87 18.34
N PHE I 60 19.35 5.01 18.82
CA PHE I 60 19.52 3.58 18.69
C PHE I 60 18.30 2.96 18.02
N ALA I 61 18.54 1.94 17.20
CA ALA I 61 17.44 1.26 16.53
C ALA I 61 16.69 0.33 17.47
N ASN I 62 17.31 -0.04 18.60
CA ASN I 62 16.61 -0.84 19.59
C ASN I 62 15.38 -0.11 20.13
N GLU I 63 15.56 1.12 20.61
CA GLU I 63 14.50 1.88 21.22
C GLU I 63 13.45 2.33 20.23
N ILE I 64 13.86 2.72 19.03
CA ILE I 64 12.93 3.21 18.02
C ILE I 64 11.93 2.12 17.66
N GLY I 65 12.41 0.89 17.51
CA GLY I 65 11.60 -0.21 17.06
C GLY I 65 11.70 -0.46 15.57
N PHE I 66 12.83 -0.16 14.94
CA PHE I 66 12.99 -0.26 13.50
C PHE I 66 14.01 -1.34 13.16
N ALA I 67 13.65 -2.20 12.22
CA ALA I 67 14.55 -3.22 11.71
C ALA I 67 14.03 -3.66 10.36
N PRO I 68 14.83 -3.60 9.30
CA PRO I 68 14.37 -4.11 8.00
C PRO I 68 14.37 -5.63 7.94
N GLU I 69 13.55 -6.15 7.04
CA GLU I 69 13.49 -7.59 6.85
C GLU I 69 14.75 -8.08 6.18
N ARG I 70 15.04 -9.37 6.36
CA ARG I 70 16.26 -9.93 5.81
C ARG I 70 16.26 -9.88 4.28
N GLY I 71 17.47 -9.77 3.73
CA GLY I 71 17.65 -9.50 2.32
C GLY I 71 17.61 -8.03 1.95
N ASN I 72 18.17 -7.15 2.80
CA ASN I 72 17.87 -5.73 2.71
C ASN I 72 18.72 -5.00 1.68
N ARG I 73 19.96 -5.44 1.47
CA ARG I 73 20.90 -4.82 0.52
C ARG I 73 21.46 -3.48 0.96
N TYR I 74 20.90 -2.89 2.02
CA TYR I 74 21.27 -1.56 2.45
C TYR I 74 21.55 -1.56 3.94
N GLY I 75 22.62 -0.91 4.33
CA GLY I 75 22.90 -0.69 5.74
C GLY I 75 22.36 0.65 6.19
N TYR I 76 21.75 0.68 7.36
CA TYR I 76 21.08 1.87 7.86
C TYR I 76 21.79 2.36 9.12
N ARG I 77 21.93 3.67 9.23
CA ARG I 77 22.54 4.29 10.39
C ARG I 77 21.58 5.32 10.98
N VAL I 78 21.18 5.09 12.23
CA VAL I 78 20.30 6.01 12.93
C VAL I 78 21.08 7.09 13.69
N SER I 79 22.38 6.90 13.89
CA SER I 79 23.16 7.87 14.64
C SER I 79 24.63 7.58 14.47
N ALA I 80 25.45 8.55 14.86
CA ALA I 80 26.90 8.38 14.89
C ALA I 80 27.40 7.96 16.26
N ALA I 81 26.51 7.68 17.21
CA ALA I 81 26.92 7.22 18.52
C ALA I 81 27.75 5.95 18.41
N ALA I 82 28.40 5.59 19.52
CA ALA I 82 29.27 4.42 19.52
C ALA I 82 28.47 3.14 19.67
N GLY I 83 28.94 2.09 19.02
CA GLY I 83 28.30 0.79 19.09
C GLY I 83 28.52 0.01 17.82
N ASP I 84 28.31 -1.29 17.90
CA ASP I 84 28.45 -2.18 16.77
C ASP I 84 27.20 -2.12 15.90
N CYS I 85 27.30 -2.65 14.67
CA CYS I 85 26.31 -2.42 13.63
C CYS I 85 25.48 -3.66 13.33
N GLU I 86 25.18 -4.45 14.36
CA GLU I 86 24.26 -5.59 14.21
C GLU I 86 24.58 -6.35 12.92
N VAL I 87 25.74 -6.99 12.91
CA VAL I 87 26.19 -7.68 11.71
C VAL I 87 25.23 -8.83 11.41
N ARG I 88 24.69 -8.83 10.19
CA ARG I 88 23.77 -9.88 9.73
C ARG I 88 24.54 -10.83 8.83
N ASN I 89 25.29 -11.75 9.45
CA ASN I 89 26.14 -12.66 8.72
C ASN I 89 25.79 -14.12 8.99
N ALA I 90 24.62 -14.39 9.56
CA ALA I 90 24.23 -15.75 9.87
C ALA I 90 22.71 -15.84 9.87
N ALA I 91 22.21 -17.08 9.86
CA ALA I 91 20.77 -17.29 9.85
C ALA I 91 20.12 -16.72 11.10
N ASP I 92 20.73 -16.90 12.26
CA ASP I 92 20.22 -16.37 13.52
C ASP I 92 20.90 -15.04 13.81
N LEU I 93 20.10 -14.01 14.09
CA LEU I 93 20.66 -12.71 14.42
C LEU I 93 21.38 -12.77 15.77
N PRO I 94 22.47 -12.03 15.92
CA PRO I 94 23.22 -12.07 17.18
C PRO I 94 22.47 -11.36 18.31
N VAL I 95 22.76 -11.78 19.53
CA VAL I 95 22.19 -11.14 20.71
C VAL I 95 22.98 -9.85 20.96
N PRO I 96 22.32 -8.69 21.02
CA PRO I 96 23.08 -7.44 21.15
C PRO I 96 23.70 -7.29 22.53
N ALA I 97 24.91 -6.72 22.56
CA ALA I 97 25.56 -6.39 23.83
C ALA I 97 25.04 -5.08 24.39
N ALA I 98 24.70 -4.13 23.52
CA ALA I 98 24.13 -2.85 23.95
C ALA I 98 23.37 -2.28 22.76
N GLY I 99 22.84 -1.07 22.95
CA GLY I 99 22.09 -0.43 21.88
C GLY I 99 22.93 -0.29 20.62
N VAL I 100 22.31 -0.58 19.48
CA VAL I 100 23.01 -0.52 18.20
C VAL I 100 22.56 0.73 17.45
N PRO I 101 23.48 1.60 17.01
CA PRO I 101 23.07 2.75 16.20
C PRO I 101 22.96 2.44 14.72
N CYS I 102 23.49 1.31 14.25
CA CYS I 102 23.55 1.01 12.83
C CYS I 102 23.14 -0.45 12.63
N ILE I 103 22.56 -0.70 11.46
CA ILE I 103 22.17 -2.04 11.05
C ILE I 103 22.94 -2.38 9.78
N SER I 104 23.67 -3.48 9.82
CA SER I 104 24.55 -3.82 8.72
C SER I 104 23.76 -4.32 7.52
N ASN I 105 24.45 -4.42 6.39
CA ASN I 105 23.90 -5.10 5.23
C ASN I 105 23.71 -6.58 5.55
N ASP I 106 22.72 -7.18 4.90
CA ASP I 106 22.43 -8.60 5.10
C ASP I 106 23.37 -9.42 4.23
N SER I 107 24.55 -9.72 4.76
CA SER I 107 25.54 -10.48 4.02
C SER I 107 25.33 -11.98 4.12
N PHE I 108 24.29 -12.44 4.82
CA PHE I 108 23.99 -13.86 4.86
C PHE I 108 23.68 -14.39 3.47
N ARG I 109 22.86 -13.67 2.71
CA ARG I 109 22.44 -14.13 1.39
C ARG I 109 23.06 -13.33 0.25
N PHE I 110 23.94 -12.39 0.54
CA PHE I 110 24.65 -11.65 -0.50
C PHE I 110 26.14 -11.90 -0.52
N GLY I 111 26.67 -12.73 0.35
CA GLY I 111 28.09 -13.03 0.33
C GLY I 111 28.86 -12.21 1.34
N ALA I 112 30.02 -12.75 1.75
CA ALA I 112 30.82 -12.08 2.78
C ALA I 112 31.54 -10.85 2.23
N ASN I 113 31.87 -10.84 0.94
CA ASN I 113 32.56 -9.71 0.34
C ASN I 113 31.64 -8.52 0.12
N SER I 114 30.33 -8.70 0.22
CA SER I 114 29.37 -7.62 0.06
C SER I 114 29.00 -6.98 1.38
N ALA I 115 29.67 -7.33 2.46
CA ALA I 115 29.28 -6.83 3.78
C ALA I 115 29.46 -5.32 3.86
N ILE I 116 28.56 -4.68 4.60
CA ILE I 116 28.65 -3.26 4.93
C ILE I 116 28.47 -3.17 6.44
N ASP I 117 29.57 -3.14 7.18
CA ASP I 117 29.54 -3.08 8.63
C ASP I 117 29.62 -1.66 9.17
N ASP I 118 29.73 -0.66 8.29
CA ASP I 118 29.75 0.74 8.71
C ASP I 118 28.97 1.54 7.68
N PRO I 119 27.65 1.46 7.70
CA PRO I 119 26.82 2.10 6.67
C PRO I 119 26.60 3.59 6.91
N THR I 120 27.69 4.35 6.84
CA THR I 120 27.62 5.79 7.01
C THR I 120 27.55 6.46 5.64
N PRO I 121 26.47 7.17 5.31
CA PRO I 121 26.36 7.75 3.97
C PRO I 121 27.17 9.02 3.80
N VAL I 122 27.22 9.48 2.55
CA VAL I 122 27.81 10.75 2.20
C VAL I 122 26.74 11.83 2.29
N VAL I 123 27.08 12.97 2.89
CA VAL I 123 26.15 14.06 3.10
C VAL I 123 26.69 15.39 2.58
N ALA I 124 27.61 15.34 1.61
CA ALA I 124 28.21 16.58 1.12
C ALA I 124 27.21 17.41 0.31
N ARG I 125 26.28 16.76 -0.39
CA ARG I 125 25.38 17.45 -1.30
C ARG I 125 23.97 17.60 -0.75
N PHE I 126 23.82 17.60 0.57
CA PHE I 126 22.57 17.95 1.22
C PHE I 126 22.83 19.16 2.11
N VAL I 127 22.18 20.27 1.81
CA VAL I 127 22.41 21.54 2.51
C VAL I 127 21.16 21.83 3.35
N PRO I 128 21.23 21.76 4.67
CA PRO I 128 20.06 22.12 5.47
C PRO I 128 19.66 23.57 5.26
N GLN I 129 18.36 23.82 5.27
CA GLN I 129 17.79 25.15 5.11
C GLN I 129 17.08 25.55 6.40
N GLY I 130 16.93 26.86 6.58
CA GLY I 130 16.26 27.39 7.75
C GLY I 130 17.21 28.15 8.66
N ALA I 131 16.61 28.94 9.55
CA ALA I 131 17.39 29.73 10.49
C ALA I 131 17.83 28.94 11.71
N ALA I 132 17.27 27.75 11.92
CA ALA I 132 17.60 26.97 13.11
C ALA I 132 19.05 26.49 13.08
N GLY I 133 19.72 26.58 11.93
CA GLY I 133 21.11 26.21 11.84
C GLY I 133 21.41 24.75 12.10
N TRP I 134 20.65 23.85 11.48
CA TRP I 134 20.88 22.43 11.67
C TRP I 134 22.13 21.97 10.93
N ASN I 135 22.68 20.85 11.36
CA ASN I 135 23.90 20.28 10.80
C ASN I 135 23.59 19.04 9.96
N THR I 136 24.62 18.47 9.36
CA THR I 136 24.50 17.23 8.59
C THR I 136 25.02 16.02 9.34
N THR I 137 25.40 16.15 10.61
CA THR I 137 25.83 14.99 11.38
C THR I 137 24.64 14.09 11.68
N LEU I 138 24.84 12.79 11.49
CA LEU I 138 23.76 11.83 11.67
C LEU I 138 23.40 11.70 13.14
N GLY I 139 22.12 11.51 13.41
CA GLY I 139 21.65 11.32 14.77
C GLY I 139 20.83 12.49 15.26
N VAL I 140 20.45 12.47 16.54
CA VAL I 140 19.70 13.56 17.13
C VAL I 140 20.62 14.75 17.31
N GLN I 141 20.17 15.92 16.86
CA GLN I 141 20.94 17.14 16.95
C GLN I 141 20.10 18.22 17.60
N PRO I 142 20.72 19.22 18.23
CA PRO I 142 22.18 19.42 18.40
C PRO I 142 22.76 18.41 19.40
N THR I 143 21.94 17.93 20.32
CA THR I 143 22.32 16.88 21.25
C THR I 143 21.05 16.23 21.77
N ILE I 144 21.19 14.98 22.21
CA ILE I 144 20.05 14.31 22.82
C ILE I 144 19.77 14.88 24.21
N ALA I 145 20.64 15.77 24.69
CA ALA I 145 20.44 16.38 26.00
C ALA I 145 19.26 17.34 26.02
N ASP I 146 18.76 17.74 24.84
CA ASP I 146 17.61 18.65 24.75
C ASP I 146 16.36 17.84 24.46
N CYS I 147 15.48 17.68 25.44
CA CYS I 147 14.28 16.90 25.20
C CYS I 147 13.40 17.47 24.09
N PRO I 148 13.06 18.74 24.06
CA PRO I 148 12.45 19.28 22.82
C PRO I 148 13.47 19.30 21.69
N ASN I 149 13.84 18.10 21.26
CA ASN I 149 14.98 17.91 20.37
C ASN I 149 14.75 18.59 19.03
N CYS I 150 15.79 19.20 18.51
CA CYS I 150 15.76 19.55 17.11
C CYS I 150 15.72 18.27 16.29
N ASN I 151 15.30 18.43 15.03
CA ASN I 151 15.01 17.27 14.20
C ASN I 151 16.22 16.36 14.07
N PHE I 152 15.95 15.06 13.95
CA PHE I 152 17.00 14.07 13.75
C PHE I 152 17.54 14.12 12.33
N PHE I 153 18.45 13.20 12.03
CA PHE I 153 19.05 13.05 10.72
C PHE I 153 19.59 11.63 10.59
N ALA I 154 19.20 10.94 9.53
CA ALA I 154 19.55 9.52 9.35
C ALA I 154 19.83 9.25 7.88
N GLY I 155 20.34 8.06 7.60
CA GLY I 155 20.66 7.74 6.22
C GLY I 155 20.93 6.26 6.05
N ALA I 156 21.15 5.87 4.80
CA ALA I 156 21.43 4.48 4.44
C ALA I 156 22.54 4.46 3.40
N ARG I 157 23.05 3.26 3.14
CA ARG I 157 24.15 3.07 2.19
C ARG I 157 24.07 1.67 1.63
N GLY I 158 24.11 1.54 0.31
CA GLY I 158 23.98 0.24 -0.32
C GLY I 158 24.61 0.22 -1.68
N ASN I 159 24.41 -0.89 -2.38
CA ASN I 159 25.02 -1.11 -3.69
C ASN I 159 23.95 -1.61 -4.65
N ALA I 160 23.85 -0.98 -5.82
CA ALA I 160 22.85 -1.38 -6.80
C ALA I 160 23.50 -2.04 -8.01
N ASP I 161 23.06 -3.26 -8.32
CA ASP I 161 23.65 -4.14 -9.34
C ASP I 161 25.15 -4.26 -9.07
N ASN I 162 26.01 -4.25 -10.08
CA ASN I 162 27.41 -4.65 -9.93
C ASN I 162 28.34 -3.46 -9.79
N GLU I 163 27.80 -2.36 -9.28
CA GLU I 163 28.61 -1.20 -8.95
C GLU I 163 29.57 -1.55 -7.83
N ALA I 164 30.87 -1.32 -8.05
CA ALA I 164 31.82 -1.52 -6.97
C ALA I 164 31.58 -0.54 -5.84
N THR I 165 31.17 0.69 -6.17
CA THR I 165 30.89 1.74 -5.21
C THR I 165 29.42 1.71 -4.81
N PHE I 166 29.07 2.56 -3.84
CA PHE I 166 27.80 2.50 -3.14
C PHE I 166 26.91 3.69 -3.50
N ASP I 167 25.62 3.55 -3.22
CA ASP I 167 24.70 4.68 -3.30
C ASP I 167 24.17 5.03 -1.92
N ASP I 168 24.08 6.33 -1.66
CA ASP I 168 23.82 6.85 -0.32
C ASP I 168 22.49 7.57 -0.32
N TRP I 169 21.74 7.44 0.77
CA TRP I 169 20.48 8.14 0.97
C TRP I 169 20.51 8.85 2.32
N VAL I 170 19.69 9.87 2.47
CA VAL I 170 19.52 10.56 3.73
C VAL I 170 18.05 10.91 3.90
N ILE I 171 17.63 11.00 5.16
CA ILE I 171 16.30 11.51 5.50
C ILE I 171 16.45 12.38 6.73
N ALA I 172 15.76 13.51 6.74
CA ALA I 172 15.88 14.49 7.80
C ALA I 172 14.50 14.87 8.30
N GLY I 173 14.45 15.38 9.51
CA GLY I 173 13.25 15.99 10.04
C GLY I 173 13.11 17.46 9.72
N PHE I 174 14.05 18.05 8.99
CA PHE I 174 14.06 19.46 8.67
C PHE I 174 14.23 19.65 7.17
N GLU I 175 13.84 20.84 6.70
CA GLU I 175 13.92 21.15 5.28
C GLU I 175 15.37 21.23 4.83
N GLY I 176 15.61 20.90 3.57
CA GLY I 176 16.94 20.98 3.01
C GLY I 176 16.85 21.09 1.50
N SER I 177 18.00 21.31 0.88
CA SER I 177 18.07 21.41 -0.57
C SER I 177 19.23 20.59 -1.08
N GLY I 178 19.04 19.99 -2.26
CA GLY I 178 20.09 19.24 -2.91
C GLY I 178 20.94 20.12 -3.80
N GLN I 179 22.13 19.63 -4.13
CA GLN I 179 23.07 20.34 -4.97
C GLN I 179 23.27 19.60 -6.28
N VAL I 180 23.61 20.34 -7.33
CA VAL I 180 23.88 19.74 -8.62
C VAL I 180 25.25 19.08 -8.56
N GLY I 181 25.35 17.87 -9.10
CA GLY I 181 26.61 17.16 -9.13
C GLY I 181 26.57 16.02 -10.11
N PRO I 182 27.71 15.35 -10.30
CA PRO I 182 27.73 14.22 -11.23
C PRO I 182 26.84 13.07 -10.81
N CYS I 183 26.47 12.97 -9.54
CA CYS I 183 25.72 11.83 -9.02
C CYS I 183 24.55 12.29 -8.16
N SER I 184 24.07 13.51 -8.37
CA SER I 184 22.94 14.00 -7.59
C SER I 184 22.20 15.04 -8.40
N GLU I 185 20.91 15.18 -8.09
CA GLU I 185 19.78 15.99 -8.50
C GLU I 185 19.71 17.25 -7.65
N ALA I 186 19.15 18.31 -8.22
CA ALA I 186 19.04 19.58 -7.54
C ALA I 186 17.58 19.93 -7.35
N GLY I 187 17.26 20.41 -6.17
CA GLY I 187 15.93 20.82 -5.83
C GLY I 187 15.71 20.75 -4.35
N ASN I 188 14.65 21.41 -3.89
CA ASN I 188 14.34 21.48 -2.48
C ASN I 188 13.71 20.19 -2.01
N VAL I 189 14.04 19.78 -0.79
CA VAL I 189 13.59 18.52 -0.22
C VAL I 189 12.77 18.81 1.02
N ALA I 190 11.51 18.40 1.01
CA ALA I 190 10.65 18.58 2.18
C ALA I 190 11.05 17.62 3.28
N SER I 191 10.76 18.00 4.52
CA SER I 191 11.08 17.14 5.65
C SER I 191 10.30 15.84 5.55
N GLY I 192 11.00 14.72 5.77
CA GLY I 192 10.40 13.42 5.65
C GLY I 192 10.44 12.83 4.26
N THR I 193 11.24 13.38 3.36
CA THR I 193 11.41 12.87 2.01
C THR I 193 12.84 12.39 1.81
N PRO I 194 13.07 11.11 1.50
CA PRO I 194 14.45 10.65 1.28
C PRO I 194 15.11 11.37 0.12
N TYR I 195 16.41 11.61 0.25
CA TYR I 195 17.19 12.30 -0.77
C TYR I 195 18.41 11.46 -1.09
N ASN I 196 18.73 11.36 -2.38
CA ASN I 196 19.80 10.50 -2.87
C ASN I 196 21.07 11.32 -3.04
N THR I 197 21.96 11.27 -2.06
CA THR I 197 23.19 12.04 -2.12
C THR I 197 24.12 11.53 -3.21
N ARG I 198 24.25 10.21 -3.32
CA ARG I 198 24.98 9.55 -4.40
C ARG I 198 24.15 8.37 -4.85
N ASN I 199 23.83 8.29 -6.14
CA ASN I 199 22.83 7.33 -6.60
C ASN I 199 23.44 6.06 -7.17
N ASP I 200 24.66 6.12 -7.71
CA ASP I 200 25.37 4.92 -8.13
C ASP I 200 24.80 4.33 -9.42
N VAL I 201 23.65 4.81 -9.87
CA VAL I 201 23.14 4.44 -11.17
C VAL I 201 23.67 5.37 -12.24
N ALA I 202 23.93 6.62 -11.86
CA ALA I 202 24.48 7.58 -12.80
C ALA I 202 25.99 7.43 -12.94
N CYS I 203 26.67 7.01 -11.86
CA CYS I 203 28.12 7.09 -11.82
C CYS I 203 28.70 5.88 -11.11
N ASP I 204 29.97 5.61 -11.39
CA ASP I 204 30.72 4.56 -10.71
C ASP I 204 32.19 4.93 -10.76
N GLY I 205 32.79 5.21 -9.61
CA GLY I 205 34.17 5.61 -9.50
C GLY I 205 34.34 6.56 -8.34
N ALA I 206 35.23 7.55 -8.55
CA ALA I 206 35.47 8.54 -7.51
C ALA I 206 34.37 9.59 -7.45
N ALA I 207 33.48 9.61 -8.44
CA ALA I 207 32.43 10.61 -8.49
C ALA I 207 31.57 10.56 -7.24
N GLN I 208 31.21 11.74 -6.73
CA GLN I 208 30.39 11.84 -5.53
C GLN I 208 29.09 12.61 -5.80
N PHE J 1 15.13 -18.47 -44.31
CA PHE J 1 14.43 -17.16 -44.51
C PHE J 1 15.12 -16.34 -45.58
N THR J 2 14.46 -15.26 -45.99
CA THR J 2 14.90 -14.43 -47.12
C THR J 2 14.94 -12.98 -46.68
N LEU J 3 15.17 -12.09 -47.65
CA LEU J 3 15.29 -10.66 -47.34
C LEU J 3 13.98 -10.11 -46.81
N ILE J 4 12.86 -10.58 -47.35
CA ILE J 4 11.56 -10.00 -46.97
C ILE J 4 11.25 -10.30 -45.51
N GLU J 5 11.55 -11.52 -45.06
CA GLU J 5 11.35 -11.85 -43.65
C GLU J 5 12.17 -10.94 -42.76
N LEU J 6 13.41 -10.66 -43.15
CA LEU J 6 14.31 -9.91 -42.27
C LEU J 6 13.91 -8.44 -42.22
N MET J 7 13.53 -7.88 -43.37
CA MET J 7 12.97 -6.53 -43.38
C MET J 7 11.66 -6.46 -42.58
N ILE J 8 10.87 -7.53 -42.58
CA ILE J 8 9.66 -7.55 -41.77
C ILE J 8 10.01 -7.56 -40.29
N VAL J 9 11.08 -8.25 -39.92
CA VAL J 9 11.53 -8.23 -38.53
C VAL J 9 11.91 -6.81 -38.12
N VAL J 10 12.66 -6.12 -38.98
CA VAL J 10 13.02 -4.74 -38.69
C VAL J 10 11.76 -3.88 -38.56
N ALA J 11 10.81 -4.07 -39.47
CA ALA J 11 9.57 -3.30 -39.41
C ALA J 11 8.79 -3.58 -38.14
N ILE J 12 8.82 -4.82 -37.64
CA ILE J 12 8.08 -5.15 -36.44
C ILE J 12 8.71 -4.49 -35.22
N ILE J 13 10.04 -4.48 -35.14
CA ILE J 13 10.63 -3.78 -34.00
C ILE J 13 10.35 -2.28 -34.11
N GLY J 14 10.32 -1.74 -35.33
CA GLY J 14 9.88 -0.37 -35.50
C GLY J 14 8.45 -0.14 -35.03
N ILE J 15 7.56 -1.11 -35.30
CA ILE J 15 6.18 -0.99 -34.84
C ILE J 15 6.11 -0.98 -33.32
N LEU J 16 6.86 -1.88 -32.68
CA LEU J 16 6.82 -1.96 -31.23
C LEU J 16 7.38 -0.70 -30.59
N ALA J 17 8.37 -0.07 -31.24
CA ALA J 17 8.93 1.16 -30.68
C ALA J 17 7.88 2.27 -30.59
N ALA J 18 6.85 2.23 -31.44
CA ALA J 18 5.81 3.24 -31.45
C ALA J 18 4.46 2.70 -30.97
N ILE J 19 4.47 1.66 -30.14
CA ILE J 19 3.23 1.06 -29.65
C ILE J 19 2.48 2.08 -28.81
N ALA J 20 1.15 1.99 -28.82
CA ALA J 20 0.31 2.89 -28.04
C ALA J 20 -0.21 2.18 -26.80
N ILE J 21 0.59 2.26 -25.74
CA ILE J 21 0.27 1.61 -24.47
C ILE J 21 -0.61 2.54 -23.65
N PRO J 22 -1.26 2.07 -22.59
CA PRO J 22 -2.17 2.94 -21.84
C PRO J 22 -1.45 4.15 -21.25
N ASN J 23 -2.21 5.21 -21.05
CA ASN J 23 -1.68 6.43 -20.45
C ASN J 23 -1.58 6.24 -18.95
N PHE J 24 -0.37 5.98 -18.45
CA PHE J 24 -0.18 5.67 -17.03
C PHE J 24 -0.01 6.92 -16.19
N ILE J 25 0.17 8.09 -16.82
CA ILE J 25 0.16 9.34 -16.07
C ILE J 25 -1.16 9.50 -15.34
N LYS J 26 -2.25 8.97 -15.90
CA LYS J 26 -3.53 9.02 -15.21
C LYS J 26 -3.53 8.16 -13.96
N PHE J 27 -2.93 6.98 -14.02
CA PHE J 27 -2.80 6.15 -12.83
C PHE J 27 -1.98 6.86 -11.75
N GLN J 28 -0.90 7.53 -12.15
CA GLN J 28 -0.09 8.23 -11.17
C GLN J 28 -0.81 9.45 -10.60
N ALA J 29 -1.61 10.13 -11.42
CA ALA J 29 -2.44 11.22 -10.90
C ALA J 29 -3.44 10.71 -9.87
N ARG J 30 -4.06 9.56 -10.15
CA ARG J 30 -4.95 8.96 -9.17
C ARG J 30 -4.21 8.60 -7.90
N SER J 31 -2.94 8.18 -8.01
CA SER J 31 -2.14 7.95 -6.82
C SER J 31 -1.93 9.23 -6.03
N LYS J 32 -1.65 10.33 -6.73
CA LYS J 32 -1.35 11.60 -6.07
C LYS J 32 -2.58 12.21 -5.42
N GLN J 33 -3.78 11.85 -5.90
CA GLN J 33 -4.99 12.45 -5.36
C GLN J 33 -5.32 12.01 -3.93
N SER J 34 -4.56 11.07 -3.36
CA SER J 34 -4.88 10.57 -2.03
C SER J 34 -4.53 11.56 -0.92
N GLU J 35 -3.64 12.51 -1.19
CA GLU J 35 -3.39 13.57 -0.21
C GLU J 35 -4.68 14.29 0.14
N ALA J 36 -5.47 14.63 -0.88
CA ALA J 36 -6.68 15.39 -0.62
C ALA J 36 -7.63 14.62 0.28
N LYS J 37 -7.83 13.33 0.00
CA LYS J 37 -8.72 12.54 0.83
C LYS J 37 -8.23 12.47 2.27
N THR J 38 -6.96 12.12 2.47
CA THR J 38 -6.45 11.95 3.83
C THR J 38 -6.52 13.26 4.60
N ASN J 39 -6.10 14.36 3.98
CA ASN J 39 -6.05 15.63 4.68
C ASN J 39 -7.43 16.21 4.93
N LEU J 40 -8.37 15.99 4.00
CA LEU J 40 -9.73 16.46 4.25
C LEU J 40 -10.39 15.67 5.38
N LYS J 41 -10.12 14.37 5.47
CA LYS J 41 -10.66 13.62 6.60
C LYS J 41 -10.03 14.09 7.91
N ALA J 42 -8.74 14.42 7.90
CA ALA J 42 -8.13 14.99 9.10
C ALA J 42 -8.77 16.32 9.48
N LEU J 43 -9.07 17.16 8.49
CA LEU J 43 -9.80 18.39 8.75
C LEU J 43 -11.16 18.12 9.39
N TYR J 44 -11.89 17.15 8.85
CA TYR J 44 -13.19 16.79 9.39
C TYR J 44 -13.07 16.38 10.86
N THR J 45 -12.11 15.52 11.15
CA THR J 45 -11.91 15.05 12.53
C THR J 45 -11.57 16.20 13.46
N ALA J 46 -10.67 17.08 13.03
CA ALA J 46 -10.27 18.19 13.90
C ALA J 46 -11.42 19.14 14.15
N GLN J 47 -12.24 19.41 13.13
CA GLN J 47 -13.42 20.24 13.32
C GLN J 47 -14.39 19.61 14.32
N LYS J 48 -14.62 18.30 14.21
CA LYS J 48 -15.52 17.65 15.15
C LYS J 48 -15.00 17.74 16.58
N SER J 49 -13.70 17.51 16.77
CA SER J 49 -13.13 17.60 18.12
C SER J 49 -13.24 19.01 18.68
N PHE J 50 -12.94 20.02 17.86
CA PHE J 50 -13.05 21.40 18.30
C PHE J 50 -14.48 21.72 18.71
N PHE J 51 -15.46 21.33 17.90
CA PHE J 51 -16.85 21.59 18.24
C PHE J 51 -17.19 20.94 19.57
N SER J 52 -16.80 19.68 19.74
CA SER J 52 -17.14 18.97 20.95
C SER J 52 -16.63 19.71 22.17
N GLU J 53 -15.37 20.14 22.14
CA GLU J 53 -14.82 20.81 23.30
C GLU J 53 -15.42 22.20 23.51
N LYS J 54 -15.82 22.86 22.42
CA LYS J 54 -16.12 24.29 22.45
C LYS J 54 -17.56 24.64 22.08
N ASP J 55 -18.35 23.69 21.58
CA ASP J 55 -19.74 23.94 21.21
C ASP J 55 -19.86 24.96 20.08
N ARG J 56 -18.95 24.89 19.12
CA ARG J 56 -19.02 25.71 17.92
C ARG J 56 -17.90 25.27 16.97
N TYR J 57 -18.15 25.40 15.68
CA TYR J 57 -17.14 25.13 14.67
C TYR J 57 -16.29 26.37 14.46
N SER J 58 -15.13 26.18 13.84
CA SER J 58 -14.15 27.23 13.70
C SER J 58 -14.05 27.68 12.25
N ASP J 59 -13.74 28.96 12.06
CA ASP J 59 -13.51 29.52 10.74
C ASP J 59 -12.03 29.58 10.36
N PHE J 60 -11.12 29.16 11.24
CA PHE J 60 -9.69 29.32 11.02
C PHE J 60 -8.96 28.02 11.31
N ALA J 61 -7.84 27.81 10.62
CA ALA J 61 -7.07 26.59 10.81
C ALA J 61 -6.20 26.67 12.05
N ASN J 62 -5.96 27.88 12.56
CA ASN J 62 -5.18 28.02 13.78
C ASN J 62 -5.83 27.33 14.97
N GLU J 63 -7.10 27.63 15.23
CA GLU J 63 -7.81 27.07 16.37
C GLU J 63 -8.12 25.59 16.22
N ILE J 64 -8.45 25.14 15.02
CA ILE J 64 -8.76 23.73 14.80
C ILE J 64 -7.54 22.88 15.12
N GLY J 65 -6.36 23.33 14.73
CA GLY J 65 -5.14 22.58 14.91
C GLY J 65 -4.76 21.73 13.72
N PHE J 66 -5.11 22.13 12.51
CA PHE J 66 -4.88 21.34 11.31
C PHE J 66 -3.84 22.02 10.44
N ALA J 67 -2.87 21.21 9.99
CA ALA J 67 -1.86 21.68 9.05
C ALA J 67 -1.28 20.45 8.37
N PRO J 68 -1.26 20.39 7.05
CA PRO J 68 -0.58 19.29 6.38
C PRO J 68 0.93 19.46 6.39
N GLU J 69 1.62 18.33 6.27
CA GLU J 69 3.07 18.35 6.24
C GLU J 69 3.57 18.98 4.94
N ARG J 70 4.85 19.31 4.92
CA ARG J 70 5.41 19.98 3.75
C ARG J 70 5.43 19.05 2.54
N GLY J 71 5.34 19.66 1.35
CA GLY J 71 5.17 18.92 0.12
C GLY J 71 3.75 18.51 -0.17
N ASN J 72 2.77 19.37 0.13
CA ASN J 72 1.38 18.94 0.20
C ASN J 72 0.71 18.85 -1.19
N ARG J 73 1.10 19.70 -2.13
CA ARG J 73 0.53 19.76 -3.48
C ARG J 73 -0.87 20.35 -3.54
N TYR J 74 -1.51 20.54 -2.40
CA TYR J 74 -2.90 20.96 -2.34
C TYR J 74 -3.04 22.14 -1.39
N GLY J 75 -3.81 23.13 -1.79
CA GLY J 75 -4.19 24.19 -0.90
C GLY J 75 -5.55 23.92 -0.29
N TYR J 76 -5.65 24.10 1.02
CA TYR J 76 -6.84 23.78 1.77
C TYR J 76 -7.48 25.05 2.29
N ARG J 77 -8.81 25.14 2.18
CA ARG J 77 -9.56 26.28 2.69
C ARG J 77 -10.56 25.79 3.72
N VAL J 78 -10.45 26.32 4.94
CA VAL J 78 -11.39 25.99 6.00
C VAL J 78 -12.56 26.95 6.05
N SER J 79 -12.49 28.09 5.37
CA SER J 79 -13.57 29.05 5.41
C SER J 79 -13.31 30.15 4.40
N ALA J 80 -14.36 30.93 4.15
CA ALA J 80 -14.27 32.08 3.25
C ALA J 80 -14.03 33.39 3.99
N ALA J 81 -13.82 33.34 5.30
CA ALA J 81 -13.52 34.56 6.06
C ALA J 81 -12.28 35.24 5.50
N ALA J 82 -12.06 36.46 5.95
CA ALA J 82 -10.92 37.24 5.48
C ALA J 82 -9.64 36.83 6.19
N GLY J 83 -8.54 36.87 5.45
CA GLY J 83 -7.24 36.53 6.00
C GLY J 83 -6.33 35.99 4.93
N ASP J 84 -5.04 35.96 5.27
CA ASP J 84 -4.01 35.45 4.36
C ASP J 84 -3.97 33.92 4.43
N CYS J 85 -3.35 33.30 3.41
CA CYS J 85 -3.43 31.87 3.20
C CYS J 85 -2.14 31.15 3.60
N GLU J 86 -1.41 31.68 4.57
CA GLU J 86 -0.20 31.03 5.07
C GLU J 86 0.65 30.54 3.91
N VAL J 87 1.18 31.50 3.16
CA VAL J 87 1.97 31.17 1.98
C VAL J 87 3.19 30.37 2.39
N ARG J 88 3.35 29.18 1.81
CA ARG J 88 4.48 28.31 2.08
C ARG J 88 5.48 28.40 0.93
N ASN J 89 6.29 29.47 0.95
CA ASN J 89 7.24 29.73 -0.11
C ASN J 89 8.68 29.79 0.41
N ALA J 90 8.93 29.27 1.60
CA ALA J 90 10.27 29.31 2.17
C ALA J 90 10.43 28.13 3.13
N ALA J 91 11.68 27.82 3.44
CA ALA J 91 11.97 26.70 4.32
C ALA J 91 11.35 26.90 5.70
N ASP J 92 11.44 28.11 6.23
CA ASP J 92 10.86 28.43 7.53
C ASP J 92 9.49 29.08 7.32
N LEU J 93 8.48 28.57 8.00
CA LEU J 93 7.13 29.09 7.82
C LEU J 93 7.02 30.50 8.42
N PRO J 94 6.17 31.35 7.84
CA PRO J 94 6.04 32.71 8.35
C PRO J 94 5.26 32.75 9.66
N VAL J 95 5.50 33.81 10.43
CA VAL J 95 4.75 34.03 11.67
C VAL J 95 3.43 34.68 11.29
N PRO J 96 2.28 34.12 11.70
CA PRO J 96 1.00 34.67 11.25
C PRO J 96 0.66 35.98 11.94
N ALA J 97 0.06 36.89 11.17
CA ALA J 97 -0.43 38.13 11.75
C ALA J 97 -1.76 37.93 12.47
N ALA J 98 -2.60 37.05 11.94
CA ALA J 98 -3.89 36.76 12.56
C ALA J 98 -4.33 35.36 12.10
N GLY J 99 -5.56 35.01 12.44
CA GLY J 99 -6.08 33.71 12.05
C GLY J 99 -6.06 33.53 10.55
N VAL J 100 -5.71 32.32 10.12
CA VAL J 100 -5.61 32.01 8.70
C VAL J 100 -6.75 31.07 8.31
N PRO J 101 -7.61 31.43 7.35
CA PRO J 101 -8.66 30.50 6.92
C PRO J 101 -8.22 29.55 5.83
N CYS J 102 -7.05 29.74 5.24
CA CYS J 102 -6.60 28.93 4.12
C CYS J 102 -5.13 28.61 4.30
N ILE J 103 -4.73 27.47 3.75
CA ILE J 103 -3.33 27.05 3.73
C ILE J 103 -2.93 26.86 2.28
N SER J 104 -1.91 27.58 1.86
CA SER J 104 -1.54 27.60 0.46
C SER J 104 -0.81 26.32 0.07
N ASN J 105 -0.60 26.17 -1.23
CA ASN J 105 0.23 25.10 -1.75
C ASN J 105 1.68 25.31 -1.31
N ASP J 106 2.41 24.21 -1.16
CA ASP J 106 3.81 24.26 -0.74
C ASP J 106 4.67 24.53 -1.96
N SER J 107 4.86 25.82 -2.30
CA SER J 107 5.65 26.18 -3.45
C SER J 107 7.14 26.24 -3.17
N PHE J 108 7.56 25.93 -1.93
CA PHE J 108 8.99 25.84 -1.65
C PHE J 108 9.64 24.77 -2.52
N ARG J 109 9.02 23.61 -2.63
CA ARG J 109 9.60 22.49 -3.34
C ARG J 109 8.90 22.17 -4.66
N PHE J 110 7.92 22.98 -5.08
CA PHE J 110 7.27 22.80 -6.36
C PHE J 110 7.44 23.97 -7.32
N GLY J 111 8.16 25.00 -6.93
CA GLY J 111 8.40 26.12 -7.82
C GLY J 111 7.46 27.28 -7.56
N ALA J 112 7.91 28.49 -7.91
CA ALA J 112 7.13 29.68 -7.63
C ALA J 112 5.93 29.81 -8.57
N ASN J 113 6.01 29.21 -9.75
CA ASN J 113 4.91 29.28 -10.71
C ASN J 113 3.78 28.31 -10.40
N SER J 114 3.99 27.38 -9.47
CA SER J 114 2.96 26.43 -9.07
C SER J 114 2.20 26.87 -7.84
N ALA J 115 2.43 28.09 -7.36
CA ALA J 115 1.81 28.54 -6.12
C ALA J 115 0.29 28.60 -6.27
N ILE J 116 -0.41 28.26 -5.18
CA ILE J 116 -1.85 28.40 -5.07
C ILE J 116 -2.10 29.18 -3.78
N ASP J 117 -2.20 30.51 -3.90
CA ASP J 117 -2.40 31.37 -2.74
C ASP J 117 -3.86 31.61 -2.43
N ASP J 118 -4.78 31.09 -3.23
CA ASP J 118 -6.21 31.23 -3.00
C ASP J 118 -6.89 29.92 -3.35
N PRO J 119 -6.72 28.90 -2.51
CA PRO J 119 -7.20 27.55 -2.86
C PRO J 119 -8.69 27.36 -2.59
N THR J 120 -9.51 28.12 -3.33
CA THR J 120 -10.95 28.01 -3.20
C THR J 120 -11.49 27.05 -4.25
N PRO J 121 -12.11 25.94 -3.87
CA PRO J 121 -12.52 24.95 -4.86
C PRO J 121 -13.80 25.32 -5.59
N VAL J 122 -14.15 24.48 -6.56
CA VAL J 122 -15.40 24.60 -7.29
C VAL J 122 -16.45 23.74 -6.58
N VAL J 123 -17.65 24.29 -6.40
CA VAL J 123 -18.72 23.62 -5.69
C VAL J 123 -20.02 23.59 -6.49
N ALA J 124 -19.93 23.69 -7.82
CA ALA J 124 -21.14 23.73 -8.64
C ALA J 124 -21.84 22.39 -8.69
N ARG J 125 -21.09 21.29 -8.68
CA ARG J 125 -21.65 19.96 -8.86
C ARG J 125 -21.79 19.18 -7.56
N PHE J 126 -21.91 19.87 -6.43
CA PHE J 126 -22.26 19.28 -5.16
C PHE J 126 -23.55 19.91 -4.68
N VAL J 127 -24.59 19.10 -4.51
CA VAL J 127 -25.92 19.58 -4.18
C VAL J 127 -26.25 19.12 -2.77
N PRO J 128 -26.31 20.01 -1.78
CA PRO J 128 -26.70 19.58 -0.44
C PRO J 128 -28.10 18.99 -0.41
N GLN J 129 -28.28 17.96 0.41
CA GLN J 129 -29.56 17.29 0.58
C GLN J 129 -30.04 17.48 2.01
N GLY J 130 -31.36 17.41 2.18
CA GLY J 130 -31.97 17.55 3.48
C GLY J 130 -32.88 18.76 3.57
N ALA J 131 -33.72 18.76 4.60
CA ALA J 131 -34.67 19.85 4.80
C ALA J 131 -34.01 21.05 5.48
N ALA J 132 -32.83 20.88 6.05
CA ALA J 132 -32.19 21.96 6.78
C ALA J 132 -31.77 23.09 5.86
N GLY J 133 -31.75 22.86 4.55
CA GLY J 133 -31.42 23.91 3.61
C GLY J 133 -30.01 24.44 3.70
N TRP J 134 -29.02 23.56 3.78
CA TRP J 134 -27.64 24.01 3.85
C TRP J 134 -27.16 24.55 2.50
N ASN J 135 -26.13 25.38 2.54
CA ASN J 135 -25.58 26.04 1.37
C ASN J 135 -24.24 25.41 0.99
N THR J 136 -23.68 25.89 -0.12
CA THR J 136 -22.36 25.45 -0.58
C THR J 136 -21.25 26.46 -0.28
N THR J 137 -21.53 27.50 0.50
CA THR J 137 -20.48 28.44 0.88
C THR J 137 -19.55 27.79 1.89
N LEU J 138 -18.25 27.94 1.68
CA LEU J 138 -17.26 27.32 2.55
C LEU J 138 -17.26 27.97 3.92
N GLY J 139 -16.98 27.17 4.94
CA GLY J 139 -16.90 27.67 6.30
C GLY J 139 -18.06 27.24 7.15
N VAL J 140 -18.15 27.74 8.36
CA VAL J 140 -19.26 27.43 9.25
C VAL J 140 -20.50 28.17 8.74
N GLN J 141 -21.59 27.44 8.59
CA GLN J 141 -22.84 27.97 8.09
C GLN J 141 -23.98 27.51 8.98
N PRO J 142 -25.09 28.26 9.03
CA PRO J 142 -25.39 29.50 8.31
C PRO J 142 -24.54 30.68 8.77
N THR J 143 -24.14 30.69 10.04
CA THR J 143 -23.23 31.70 10.55
C THR J 143 -22.53 31.13 11.77
N ILE J 144 -21.33 31.65 12.05
CA ILE J 144 -20.59 31.23 13.22
C ILE J 144 -21.27 31.75 14.48
N ALA J 145 -22.28 32.61 14.33
CA ALA J 145 -22.96 33.21 15.48
C ALA J 145 -23.84 32.20 16.21
N ASP J 146 -24.17 31.07 15.58
CA ASP J 146 -25.01 30.05 16.20
C ASP J 146 -24.15 28.95 16.80
N CYS J 147 -24.04 28.92 18.13
CA CYS J 147 -23.17 27.93 18.76
C CYS J 147 -23.58 26.50 18.42
N PRO J 148 -24.83 26.08 18.57
CA PRO J 148 -25.19 24.77 17.99
C PRO J 148 -25.16 24.83 16.47
N ASN J 149 -23.93 25.00 15.96
CA ASN J 149 -23.71 25.32 14.56
C ASN J 149 -24.25 24.25 13.64
N CYS J 150 -24.86 24.67 12.55
CA CYS J 150 -25.06 23.74 11.46
C CYS J 150 -23.70 23.34 10.91
N ASN J 151 -23.69 22.23 10.18
CA ASN J 151 -22.43 21.61 9.80
C ASN J 151 -21.59 22.54 8.95
N PHE J 152 -20.28 22.37 9.07
CA PHE J 152 -19.30 23.12 8.29
C PHE J 152 -19.25 22.63 6.85
N PHE J 153 -18.39 23.28 6.07
CA PHE J 153 -18.14 22.95 4.68
C PHE J 153 -16.74 23.41 4.32
N ALA J 154 -15.90 22.50 3.82
CA ALA J 154 -14.50 22.79 3.56
C ALA J 154 -14.09 22.13 2.26
N GLY J 155 -12.93 22.54 1.75
CA GLY J 155 -12.50 22.00 0.48
C GLY J 155 -11.01 22.16 0.26
N ALA J 156 -10.55 21.71 -0.91
CA ALA J 156 -9.15 21.71 -1.27
C ALA J 156 -9.04 22.00 -2.76
N ARG J 157 -7.82 22.32 -3.21
CA ARG J 157 -7.57 22.68 -4.60
C ARG J 157 -6.12 22.39 -4.91
N GLY J 158 -5.87 21.60 -5.95
CA GLY J 158 -4.51 21.22 -6.27
C GLY J 158 -4.39 20.87 -7.73
N ASN J 159 -3.22 20.33 -8.09
CA ASN J 159 -2.94 19.99 -9.48
C ASN J 159 -2.26 18.63 -9.52
N ALA J 160 -2.74 17.74 -10.39
CA ALA J 160 -2.17 16.39 -10.49
C ALA J 160 -1.46 16.20 -11.83
N ASP J 161 -0.19 15.81 -11.75
CA ASP J 161 0.73 15.73 -12.89
C ASP J 161 0.74 17.07 -13.62
N ASN J 162 0.80 17.11 -14.95
CA ASN J 162 1.09 18.34 -15.69
C ASN J 162 -0.18 18.98 -16.23
N GLU J 163 -1.30 18.73 -15.56
CA GLU J 163 -2.53 19.45 -15.84
C GLU J 163 -2.34 20.93 -15.55
N ALA J 164 -2.57 21.78 -16.54
CA ALA J 164 -2.51 23.21 -16.31
C ALA J 164 -3.56 23.64 -15.29
N THR J 165 -4.74 23.03 -15.36
CA THR J 165 -5.86 23.32 -14.47
C THR J 165 -5.81 22.45 -13.22
N PHE J 166 -6.74 22.70 -12.31
CA PHE J 166 -6.72 22.14 -10.97
C PHE J 166 -7.82 21.11 -10.78
N ASP J 167 -7.67 20.26 -9.77
CA ASP J 167 -8.77 19.45 -9.28
C ASP J 167 -9.21 19.94 -7.91
N ASP J 168 -10.52 19.83 -7.67
CA ASP J 168 -11.13 20.42 -6.49
C ASP J 168 -11.79 19.31 -5.68
N TRP J 169 -11.70 19.38 -4.37
CA TRP J 169 -12.37 18.46 -3.47
C TRP J 169 -13.17 19.26 -2.46
N VAL J 170 -14.20 18.62 -1.89
CA VAL J 170 -15.00 19.20 -0.84
C VAL J 170 -15.29 18.13 0.21
N ILE J 171 -15.48 18.58 1.45
CA ILE J 171 -15.93 17.71 2.52
C ILE J 171 -16.95 18.52 3.34
N ALA J 172 -18.04 17.86 3.71
CA ALA J 172 -19.12 18.52 4.41
C ALA J 172 -19.50 17.71 5.63
N GLY J 173 -20.04 18.40 6.63
CA GLY J 173 -20.63 17.73 7.76
C GLY J 173 -22.08 17.35 7.56
N PHE J 174 -22.63 17.60 6.37
CA PHE J 174 -24.01 17.29 6.04
C PHE J 174 -24.04 16.46 4.75
N GLU J 175 -25.20 15.92 4.45
CA GLU J 175 -25.33 15.01 3.33
C GLU J 175 -25.56 15.76 2.03
N GLY J 176 -25.08 15.18 0.93
CA GLY J 176 -25.24 15.80 -0.37
C GLY J 176 -25.16 14.75 -1.46
N SER J 177 -25.34 15.20 -2.70
CA SER J 177 -25.29 14.30 -3.84
C SER J 177 -24.49 14.94 -4.95
N GLY J 178 -23.71 14.13 -5.64
CA GLY J 178 -22.94 14.59 -6.78
C GLY J 178 -23.79 14.68 -8.03
N GLN J 179 -23.29 15.46 -8.98
CA GLN J 179 -23.95 15.62 -10.27
C GLN J 179 -23.06 15.08 -11.38
N VAL J 180 -23.68 14.41 -12.34
CA VAL J 180 -22.94 13.87 -13.47
C VAL J 180 -22.47 15.01 -14.36
N GLY J 181 -21.23 14.92 -14.82
CA GLY J 181 -20.66 15.94 -15.67
C GLY J 181 -19.39 15.43 -16.34
N PRO J 182 -18.77 16.27 -17.16
CA PRO J 182 -17.53 15.83 -17.82
C PRO J 182 -16.41 15.50 -16.87
N CYS J 183 -16.41 16.08 -15.66
CA CYS J 183 -15.32 15.93 -14.71
C CYS J 183 -15.83 15.54 -13.34
N SER J 184 -16.98 14.88 -13.27
CA SER J 184 -17.50 14.44 -11.98
C SER J 184 -18.41 13.24 -12.22
N GLU J 185 -18.57 12.43 -11.18
CA GLU J 185 -19.30 11.22 -10.85
C GLU J 185 -20.63 11.56 -10.20
N ALA J 186 -21.61 10.70 -10.42
CA ALA J 186 -22.94 10.89 -9.87
C ALA J 186 -23.20 9.84 -8.80
N GLY J 187 -23.70 10.29 -7.67
CA GLY J 187 -24.05 9.41 -6.58
C GLY J 187 -24.12 10.19 -5.29
N ASN J 188 -24.77 9.60 -4.30
CA ASN J 188 -24.98 10.23 -3.01
C ASN J 188 -23.72 10.14 -2.17
N VAL J 189 -23.42 11.22 -1.45
CA VAL J 189 -22.21 11.35 -0.66
C VAL J 189 -22.62 11.48 0.80
N ALA J 190 -22.11 10.58 1.65
CA ALA J 190 -22.43 10.63 3.06
C ALA J 190 -21.65 11.74 3.74
N SER J 191 -22.13 12.15 4.92
CA SER J 191 -21.44 13.18 5.67
C SER J 191 -20.09 12.65 6.14
N GLY J 192 -19.04 13.42 5.87
CA GLY J 192 -17.69 13.02 6.21
C GLY J 192 -16.96 12.24 5.14
N THR J 193 -17.45 12.24 3.90
CA THR J 193 -16.79 11.58 2.78
C THR J 193 -16.36 12.62 1.76
N PRO J 194 -15.07 12.74 1.43
CA PRO J 194 -14.66 13.72 0.43
C PRO J 194 -15.27 13.46 -0.93
N TYR J 195 -15.57 14.53 -1.65
CA TYR J 195 -16.18 14.44 -2.97
C TYR J 195 -15.34 15.26 -3.94
N ASN J 196 -15.12 14.71 -5.14
CA ASN J 196 -14.26 15.33 -6.15
C ASN J 196 -15.12 16.11 -7.13
N THR J 197 -15.21 17.43 -6.92
CA THR J 197 -16.04 18.26 -7.78
C THR J 197 -15.45 18.36 -9.19
N ARG J 198 -14.13 18.46 -9.30
CA ARG J 198 -13.42 18.41 -10.57
C ARG J 198 -12.17 17.59 -10.33
N ASN J 199 -11.97 16.54 -11.11
CA ASN J 199 -10.92 15.57 -10.80
C ASN J 199 -9.63 15.81 -11.58
N ASP J 200 -9.71 16.49 -12.72
CA ASP J 200 -8.51 16.93 -13.43
C ASP J 200 -7.75 15.76 -14.06
N VAL J 201 -8.13 14.53 -13.73
CA VAL J 201 -7.58 13.36 -14.41
C VAL J 201 -8.44 12.99 -15.60
N ALA J 202 -9.73 13.26 -15.50
CA ALA J 202 -10.65 13.00 -16.60
C ALA J 202 -10.54 14.09 -17.67
N CYS J 203 -10.24 15.32 -17.26
CA CYS J 203 -10.38 16.45 -18.17
C CYS J 203 -9.28 17.47 -17.92
N ASP J 204 -9.08 18.34 -18.92
CA ASP J 204 -8.14 19.44 -18.82
C ASP J 204 -8.58 20.51 -19.83
N GLY J 205 -8.94 21.68 -19.33
CA GLY J 205 -9.43 22.76 -20.15
C GLY J 205 -10.50 23.53 -19.41
N ALA J 206 -11.49 24.01 -20.17
CA ALA J 206 -12.59 24.75 -19.57
C ALA J 206 -13.57 23.82 -18.87
N ALA J 207 -13.46 22.52 -19.09
CA ALA J 207 -14.40 21.56 -18.50
C ALA J 207 -14.43 21.69 -16.99
N GLN J 208 -15.62 21.61 -16.42
CA GLN J 208 -15.80 21.71 -14.97
C GLN J 208 -16.46 20.46 -14.39
N PHE K 1 18.91 -11.23 -33.91
CA PHE K 1 17.68 -12.03 -33.68
C PHE K 1 16.90 -12.26 -34.97
N THR K 2 15.95 -13.19 -34.92
CA THR K 2 15.23 -13.66 -36.10
C THR K 2 13.73 -13.51 -35.86
N LEU K 3 12.94 -14.03 -36.81
CA LEU K 3 11.48 -13.89 -36.71
C LEU K 3 10.93 -14.64 -35.51
N ILE K 4 11.48 -15.81 -35.21
CA ILE K 4 10.94 -16.62 -34.12
C ILE K 4 11.09 -15.90 -32.79
N GLU K 5 12.26 -15.28 -32.57
CA GLU K 5 12.45 -14.50 -31.35
C GLU K 5 11.41 -13.39 -31.22
N LEU K 6 11.13 -12.71 -32.32
CA LEU K 6 10.25 -11.54 -32.26
C LEU K 6 8.81 -11.96 -32.02
N MET K 7 8.39 -13.05 -32.68
CA MET K 7 7.08 -13.61 -32.40
C MET K 7 6.98 -14.11 -30.96
N ILE K 8 8.07 -14.63 -30.41
CA ILE K 8 8.05 -15.05 -29.01
C ILE K 8 7.91 -13.85 -28.09
N VAL K 9 8.53 -12.73 -28.45
CA VAL K 9 8.35 -11.51 -27.67
C VAL K 9 6.89 -11.09 -27.67
N VAL K 10 6.26 -11.11 -28.83
CA VAL K 10 4.83 -10.76 -28.91
C VAL K 10 4.01 -11.72 -28.06
N ALA K 11 4.32 -13.02 -28.14
CA ALA K 11 3.57 -14.01 -27.37
C ALA K 11 3.77 -13.82 -25.88
N ILE K 12 4.96 -13.38 -25.46
CA ILE K 12 5.21 -13.18 -24.04
C ILE K 12 4.43 -11.98 -23.51
N ILE K 13 4.36 -10.90 -24.30
CA ILE K 13 3.52 -9.80 -23.82
C ILE K 13 2.06 -10.23 -23.79
N GLY K 14 1.64 -11.07 -24.74
CA GLY K 14 0.30 -11.63 -24.67
C GLY K 14 0.09 -12.47 -23.41
N ILE K 15 1.11 -13.22 -23.00
CA ILE K 15 1.03 -14.01 -21.78
C ILE K 15 0.88 -13.10 -20.57
N LEU K 16 1.70 -12.06 -20.50
CA LEU K 16 1.63 -11.18 -19.33
C LEU K 16 0.29 -10.48 -19.26
N ALA K 17 -0.33 -10.21 -20.41
CA ALA K 17 -1.66 -9.60 -20.40
C ALA K 17 -2.69 -10.48 -19.70
N ALA K 18 -2.52 -11.80 -19.76
CA ALA K 18 -3.47 -12.73 -19.16
C ALA K 18 -2.93 -13.41 -17.91
N ILE K 19 -1.99 -12.77 -17.21
CA ILE K 19 -1.41 -13.35 -16.01
C ILE K 19 -2.47 -13.48 -14.94
N ALA K 20 -2.34 -14.49 -14.08
CA ALA K 20 -3.29 -14.72 -13.00
C ALA K 20 -2.67 -14.30 -11.67
N ILE K 21 -2.91 -13.04 -11.32
CA ILE K 21 -2.36 -12.44 -10.11
C ILE K 21 -3.32 -12.71 -8.96
N PRO K 22 -2.92 -12.48 -7.71
CA PRO K 22 -3.81 -12.78 -6.59
C PRO K 22 -5.10 -11.98 -6.66
N ASN K 23 -6.16 -12.54 -6.10
CA ASN K 23 -7.46 -11.88 -6.03
C ASN K 23 -7.41 -10.86 -4.91
N PHE K 24 -7.25 -9.59 -5.27
CA PHE K 24 -7.11 -8.54 -4.27
C PHE K 24 -8.45 -8.01 -3.79
N ILE K 25 -9.55 -8.41 -4.42
CA ILE K 25 -10.86 -8.11 -3.88
C ILE K 25 -11.01 -8.73 -2.50
N LYS K 26 -10.37 -9.86 -2.23
CA LYS K 26 -10.36 -10.42 -0.89
C LYS K 26 -9.71 -9.48 0.10
N PHE K 27 -8.56 -8.90 -0.26
CA PHE K 27 -7.89 -7.94 0.61
C PHE K 27 -8.75 -6.73 0.87
N GLN K 28 -9.42 -6.22 -0.16
CA GLN K 28 -10.25 -5.03 0.05
C GLN K 28 -11.50 -5.34 0.88
N ALA K 29 -12.05 -6.55 0.73
CA ALA K 29 -13.14 -6.96 1.61
C ALA K 29 -12.68 -7.05 3.05
N ARG K 30 -11.51 -7.62 3.28
CA ARG K 30 -10.98 -7.64 4.64
C ARG K 30 -10.77 -6.24 5.18
N SER K 31 -10.39 -5.29 4.32
CA SER K 31 -10.32 -3.89 4.75
C SER K 31 -11.69 -3.37 5.16
N LYS K 32 -12.73 -3.68 4.38
CA LYS K 32 -14.06 -3.16 4.65
C LYS K 32 -14.68 -3.78 5.90
N GLN K 33 -14.21 -4.97 6.30
CA GLN K 33 -14.80 -5.65 7.45
C GLN K 33 -14.53 -4.96 8.78
N SER K 34 -13.68 -3.95 8.82
CA SER K 34 -13.32 -3.32 10.09
C SER K 34 -14.42 -2.42 10.65
N GLU K 35 -15.36 -1.97 9.83
CA GLU K 35 -16.52 -1.28 10.35
C GLU K 35 -17.22 -2.12 11.40
N ALA K 36 -17.43 -3.40 11.11
CA ALA K 36 -18.16 -4.25 12.04
C ALA K 36 -17.44 -4.33 13.37
N LYS K 37 -16.13 -4.52 13.35
CA LYS K 37 -15.37 -4.62 14.59
C LYS K 37 -15.47 -3.33 15.40
N THR K 38 -15.19 -2.19 14.78
CA THR K 38 -15.20 -0.94 15.52
C THR K 38 -16.58 -0.66 16.10
N ASN K 39 -17.63 -0.84 15.30
CA ASN K 39 -18.97 -0.50 15.75
C ASN K 39 -19.49 -1.47 16.79
N LEU K 40 -19.14 -2.76 16.68
CA LEU K 40 -19.55 -3.70 17.70
C LEU K 40 -18.85 -3.42 19.03
N LYS K 41 -17.58 -3.00 18.99
CA LYS K 41 -16.93 -2.67 20.25
C LYS K 41 -17.53 -1.41 20.85
N ALA K 42 -17.94 -0.45 20.01
CA ALA K 42 -18.67 0.70 20.52
C ALA K 42 -19.98 0.28 21.18
N LEU K 43 -20.68 -0.69 20.57
CA LEU K 43 -21.89 -1.22 21.18
C LEU K 43 -21.61 -1.83 22.55
N TYR K 44 -20.54 -2.62 22.66
CA TYR K 44 -20.14 -3.21 23.93
C TYR K 44 -19.92 -2.12 24.98
N THR K 45 -19.17 -1.08 24.61
CA THR K 45 -18.87 0.00 25.54
C THR K 45 -20.13 0.69 26.02
N ALA K 46 -21.03 1.02 25.09
CA ALA K 46 -22.25 1.72 25.45
C ALA K 46 -23.14 0.85 26.35
N GLN K 47 -23.21 -0.45 26.07
CA GLN K 47 -23.98 -1.35 26.92
C GLN K 47 -23.42 -1.37 28.34
N LYS K 48 -22.09 -1.45 28.48
CA LYS K 48 -21.49 -1.47 29.80
C LYS K 48 -21.78 -0.19 30.56
N SER K 49 -21.64 0.96 29.90
CA SER K 49 -21.92 2.22 30.57
C SER K 49 -23.39 2.32 31.00
N PHE K 50 -24.31 1.89 30.13
CA PHE K 50 -25.72 1.94 30.47
C PHE K 50 -26.01 1.06 31.67
N PHE K 51 -25.46 -0.16 31.69
CA PHE K 51 -25.68 -1.03 32.85
C PHE K 51 -25.16 -0.38 34.11
N SER K 52 -23.94 0.17 34.05
CA SER K 52 -23.36 0.79 35.23
C SER K 52 -24.28 1.86 35.79
N GLU K 53 -24.77 2.75 34.93
CA GLU K 53 -25.60 3.83 35.43
C GLU K 53 -26.96 3.33 35.92
N LYS K 54 -27.50 2.30 35.28
CA LYS K 54 -28.90 1.93 35.44
C LYS K 54 -29.11 0.54 36.03
N ASP K 55 -28.05 -0.24 36.24
CA ASP K 55 -28.18 -1.58 36.81
C ASP K 55 -29.06 -2.49 35.95
N ARG K 56 -28.91 -2.38 34.63
CA ARG K 56 -29.69 -3.19 33.73
C ARG K 56 -29.17 -2.94 32.31
N TYR K 57 -29.22 -3.99 31.49
CA TYR K 57 -28.87 -3.86 30.08
C TYR K 57 -30.11 -3.48 29.27
N SER K 58 -29.87 -2.91 28.11
CA SER K 58 -30.94 -2.35 27.29
C SER K 58 -31.22 -3.22 26.07
N ASP K 59 -32.48 -3.21 25.63
CA ASP K 59 -32.92 -3.91 24.45
C ASP K 59 -33.03 -3.01 23.23
N PHE K 60 -32.73 -1.71 23.36
CA PHE K 60 -32.95 -0.74 22.31
C PHE K 60 -31.71 0.11 22.10
N ALA K 61 -31.50 0.55 20.86
CA ALA K 61 -30.36 1.40 20.55
C ALA K 61 -30.61 2.84 20.97
N ASN K 62 -31.87 3.22 21.16
CA ASN K 62 -32.18 4.58 21.61
C ASN K 62 -31.60 4.87 22.98
N GLU K 63 -31.84 4.00 23.95
CA GLU K 63 -31.39 4.20 25.32
C GLU K 63 -29.90 4.01 25.49
N ILE K 64 -29.31 3.06 24.77
CA ILE K 64 -27.88 2.81 24.85
C ILE K 64 -27.12 4.06 24.42
N GLY K 65 -27.58 4.72 23.37
CA GLY K 65 -26.88 5.85 22.80
C GLY K 65 -25.93 5.49 21.69
N PHE K 66 -26.15 4.38 20.99
CA PHE K 66 -25.27 3.91 19.94
C PHE K 66 -25.91 4.14 18.58
N ALA K 67 -25.12 4.67 17.64
CA ALA K 67 -25.55 4.85 16.27
C ALA K 67 -24.32 4.98 15.41
N PRO K 68 -24.17 4.18 14.36
CA PRO K 68 -23.02 4.35 13.47
C PRO K 68 -23.24 5.51 12.50
N GLU K 69 -22.14 6.09 12.06
CA GLU K 69 -22.21 7.18 11.12
C GLU K 69 -22.66 6.68 9.75
N ARG K 70 -23.22 7.59 8.96
CA ARG K 70 -23.75 7.21 7.66
C ARG K 70 -22.65 6.69 6.73
N GLY K 71 -23.06 5.80 5.82
CA GLY K 71 -22.12 5.03 5.02
C GLY K 71 -21.64 3.76 5.68
N ASN K 72 -22.51 3.09 6.44
CA ASN K 72 -22.04 2.08 7.39
C ASN K 72 -21.80 0.70 6.74
N ARG K 73 -22.59 0.35 5.73
CA ARG K 73 -22.51 -0.94 5.05
C ARG K 73 -23.03 -2.12 5.87
N TYR K 74 -23.29 -1.91 7.15
CA TYR K 74 -23.66 -2.99 8.06
C TYR K 74 -24.91 -2.61 8.83
N GLY K 75 -25.83 -3.56 8.95
CA GLY K 75 -26.97 -3.38 9.82
C GLY K 75 -26.73 -4.01 11.16
N TYR K 76 -27.02 -3.25 12.22
CA TYR K 76 -26.70 -3.66 13.57
C TYR K 76 -27.97 -3.97 14.34
N ARG K 77 -27.97 -5.10 15.03
CA ARG K 77 -29.10 -5.52 15.84
C ARG K 77 -28.68 -5.61 17.30
N VAL K 78 -29.36 -4.85 18.15
CA VAL K 78 -29.09 -4.86 19.58
C VAL K 78 -29.97 -5.85 20.32
N SER K 79 -31.06 -6.32 19.71
CA SER K 79 -31.97 -7.21 20.39
C SER K 79 -32.98 -7.78 19.41
N ALA K 80 -33.67 -8.82 19.84
CA ALA K 80 -34.73 -9.43 19.07
C ALA K 80 -36.11 -8.87 19.44
N ALA K 81 -36.18 -7.88 20.30
CA ALA K 81 -37.45 -7.26 20.65
C ALA K 81 -38.14 -6.73 19.40
N ALA K 82 -39.43 -6.41 19.54
CA ALA K 82 -40.22 -5.95 18.41
C ALA K 82 -39.98 -4.46 18.16
N GLY K 83 -40.03 -4.10 16.89
CA GLY K 83 -39.85 -2.71 16.48
C GLY K 83 -39.24 -2.62 15.11
N ASP K 84 -39.26 -1.40 14.57
CA ASP K 84 -38.70 -1.12 13.25
C ASP K 84 -37.19 -0.96 13.35
N CYS K 85 -36.52 -0.96 12.21
CA CYS K 85 -35.06 -1.02 12.13
C CYS K 85 -34.45 0.27 11.64
N GLU K 86 -35.05 1.41 11.99
CA GLU K 86 -34.48 2.72 11.68
C GLU K 86 -33.96 2.76 10.24
N VAL K 87 -34.87 2.60 9.29
CA VAL K 87 -34.47 2.50 7.89
C VAL K 87 -33.77 3.79 7.47
N ARG K 88 -32.55 3.66 6.96
CA ARG K 88 -31.75 4.79 6.49
C ARG K 88 -31.79 4.81 4.97
N ASN K 89 -32.85 5.39 4.42
CA ASN K 89 -33.04 5.44 2.98
C ASN K 89 -33.23 6.86 2.47
N ALA K 90 -32.81 7.86 3.24
CA ALA K 90 -32.98 9.25 2.83
C ALA K 90 -31.93 10.10 3.51
N ALA K 91 -31.76 11.32 3.03
CA ALA K 91 -30.76 12.22 3.59
C ALA K 91 -31.05 12.54 5.05
N ASP K 92 -32.32 12.73 5.39
CA ASP K 92 -32.74 13.06 6.74
C ASP K 92 -33.32 11.82 7.42
N LEU K 93 -32.80 11.48 8.59
CA LEU K 93 -33.25 10.28 9.27
C LEU K 93 -34.70 10.42 9.72
N PRO K 94 -35.46 9.32 9.71
CA PRO K 94 -36.87 9.39 10.10
C PRO K 94 -37.02 9.61 11.60
N VAL K 95 -38.16 10.17 11.98
CA VAL K 95 -38.48 10.34 13.39
C VAL K 95 -39.03 9.01 13.92
N PRO K 96 -38.43 8.43 14.95
CA PRO K 96 -38.87 7.11 15.41
C PRO K 96 -40.24 7.16 16.08
N ALA K 97 -40.96 6.05 15.98
CA ALA K 97 -42.25 5.94 16.67
C ALA K 97 -42.09 5.32 18.04
N ALA K 98 -41.12 4.43 18.21
CA ALA K 98 -40.82 3.84 19.51
C ALA K 98 -39.38 3.37 19.50
N GLY K 99 -38.99 2.70 20.58
CA GLY K 99 -37.63 2.20 20.67
C GLY K 99 -37.27 1.30 19.51
N VAL K 100 -36.08 1.50 18.94
CA VAL K 100 -35.63 0.74 17.79
C VAL K 100 -34.60 -0.29 18.23
N PRO K 101 -34.84 -1.59 18.02
CA PRO K 101 -33.83 -2.59 18.39
C PRO K 101 -32.78 -2.83 17.33
N CYS K 102 -32.99 -2.36 16.11
CA CYS K 102 -32.08 -2.64 15.01
C CYS K 102 -31.86 -1.37 14.21
N ILE K 103 -30.67 -1.27 13.61
CA ILE K 103 -30.30 -0.15 12.76
C ILE K 103 -30.04 -0.71 11.37
N SER K 104 -30.78 -0.22 10.40
CA SER K 104 -30.70 -0.77 9.06
C SER K 104 -29.39 -0.37 8.38
N ASN K 105 -29.10 -1.04 7.28
CA ASN K 105 -28.00 -0.64 6.43
C ASN K 105 -28.30 0.72 5.79
N ASP K 106 -27.24 1.48 5.52
CA ASP K 106 -27.38 2.82 4.96
C ASP K 106 -27.56 2.70 3.45
N SER K 107 -28.80 2.53 3.01
CA SER K 107 -29.09 2.36 1.58
C SER K 107 -29.24 3.68 0.85
N PHE K 108 -29.09 4.81 1.54
CA PHE K 108 -29.11 6.10 0.85
C PHE K 108 -28.02 6.19 -0.19
N ARG K 109 -26.80 5.77 0.16
CA ARG K 109 -25.65 5.90 -0.72
C ARG K 109 -25.17 4.56 -1.25
N PHE K 110 -25.88 3.47 -1.01
CA PHE K 110 -25.53 2.17 -1.57
C PHE K 110 -26.60 1.59 -2.48
N GLY K 111 -27.71 2.29 -2.69
CA GLY K 111 -28.74 1.79 -3.58
C GLY K 111 -29.87 1.12 -2.84
N ALA K 112 -31.05 1.12 -3.45
CA ALA K 112 -32.23 0.56 -2.80
C ALA K 112 -32.19 -0.96 -2.75
N ASN K 113 -31.52 -1.59 -3.71
CA ASN K 113 -31.43 -3.05 -3.75
C ASN K 113 -30.44 -3.59 -2.72
N SER K 114 -29.62 -2.75 -2.11
CA SER K 114 -28.66 -3.18 -1.11
C SER K 114 -29.19 -3.03 0.30
N ALA K 115 -30.48 -2.73 0.47
CA ALA K 115 -31.02 -2.47 1.79
C ALA K 115 -30.99 -3.73 2.65
N ILE K 116 -30.74 -3.53 3.94
CA ILE K 116 -30.85 -4.58 4.96
C ILE K 116 -31.75 -4.03 6.05
N ASP K 117 -33.04 -4.36 6.00
CA ASP K 117 -34.00 -3.89 6.98
C ASP K 117 -34.21 -4.88 8.12
N ASP K 118 -33.57 -6.04 8.08
CA ASP K 118 -33.66 -7.02 9.16
C ASP K 118 -32.27 -7.61 9.39
N PRO K 119 -31.38 -6.85 10.00
CA PRO K 119 -29.97 -7.28 10.13
C PRO K 119 -29.75 -8.26 11.28
N THR K 120 -30.32 -9.45 11.14
CA THR K 120 -30.16 -10.49 12.15
C THR K 120 -29.06 -11.46 11.72
N PRO K 121 -27.96 -11.57 12.45
CA PRO K 121 -26.85 -12.42 12.00
C PRO K 121 -27.10 -13.90 12.26
N VAL K 122 -26.21 -14.70 11.69
CA VAL K 122 -26.19 -16.14 11.92
C VAL K 122 -25.36 -16.42 13.17
N VAL K 123 -25.86 -17.30 14.03
CA VAL K 123 -25.21 -17.63 15.30
C VAL K 123 -25.03 -19.13 15.47
N ALA K 124 -25.02 -19.89 14.39
CA ALA K 124 -24.90 -21.34 14.51
C ALA K 124 -23.52 -21.75 15.01
N ARG K 125 -22.47 -21.05 14.59
CA ARG K 125 -21.10 -21.45 14.88
C ARG K 125 -20.48 -20.66 16.02
N PHE K 126 -21.29 -20.16 16.95
CA PHE K 126 -20.80 -19.57 18.19
C PHE K 126 -21.41 -20.35 19.34
N VAL K 127 -20.56 -20.96 20.15
CA VAL K 127 -21.01 -21.84 21.24
C VAL K 127 -20.68 -21.14 22.57
N PRO K 128 -21.66 -20.65 23.31
CA PRO K 128 -21.35 -20.05 24.62
C PRO K 128 -20.71 -21.07 25.55
N GLN K 129 -19.75 -20.60 26.34
CA GLN K 129 -19.06 -21.42 27.32
C GLN K 129 -19.36 -20.93 28.72
N GLY K 130 -19.17 -21.81 29.69
CA GLY K 130 -19.42 -21.49 31.08
C GLY K 130 -20.58 -22.28 31.66
N ALA K 131 -20.68 -22.26 32.99
CA ALA K 131 -21.73 -22.99 33.67
C ALA K 131 -23.03 -22.20 33.72
N ALA K 132 -22.99 -20.90 33.41
CA ALA K 132 -24.18 -20.08 33.53
C ALA K 132 -25.24 -20.44 32.49
N GLY K 133 -24.85 -21.22 31.48
CA GLY K 133 -25.82 -21.67 30.48
C GLY K 133 -26.42 -20.58 29.63
N TRP K 134 -25.61 -19.66 29.11
CA TRP K 134 -26.13 -18.60 28.27
C TRP K 134 -26.54 -19.13 26.91
N ASN K 135 -27.43 -18.38 26.25
CA ASN K 135 -27.99 -18.77 24.97
C ASN K 135 -27.38 -17.94 23.84
N THR K 136 -27.84 -18.19 22.62
CA THR K 136 -27.45 -17.41 21.45
C THR K 136 -28.56 -16.52 20.93
N THR K 137 -29.61 -16.28 21.70
CA THR K 137 -30.62 -15.32 21.29
C THR K 137 -30.11 -13.90 21.52
N LEU K 138 -30.25 -13.06 20.50
CA LEU K 138 -29.76 -11.68 20.57
C LEU K 138 -30.55 -10.88 21.59
N GLY K 139 -29.86 -9.96 22.25
CA GLY K 139 -30.50 -9.10 23.23
C GLY K 139 -30.10 -9.45 24.64
N VAL K 140 -30.74 -8.81 25.62
CA VAL K 140 -30.47 -9.11 27.02
C VAL K 140 -31.10 -10.45 27.35
N GLN K 141 -30.31 -11.32 27.97
CA GLN K 141 -30.74 -12.65 28.36
C GLN K 141 -30.31 -12.92 29.79
N PRO K 142 -31.01 -13.81 30.51
CA PRO K 142 -32.16 -14.63 30.09
C PRO K 142 -33.42 -13.80 29.84
N THR K 143 -33.56 -12.69 30.55
CA THR K 143 -34.64 -11.74 30.32
C THR K 143 -34.22 -10.40 30.90
N ILE K 144 -34.80 -9.33 30.35
CA ILE K 144 -34.51 -8.00 30.88
C ILE K 144 -35.17 -7.80 32.23
N ALA K 145 -35.95 -8.79 32.70
CA ALA K 145 -36.61 -8.67 34.00
C ALA K 145 -35.64 -8.77 35.17
N ASP K 146 -34.47 -9.36 34.96
CA ASP K 146 -33.47 -9.49 36.02
C ASP K 146 -32.49 -8.32 35.95
N CYS K 147 -32.60 -7.39 36.90
CA CYS K 147 -31.73 -6.22 36.83
C CYS K 147 -30.25 -6.58 36.88
N PRO K 148 -29.76 -7.38 37.83
CA PRO K 148 -28.39 -7.90 37.64
C PRO K 148 -28.33 -8.81 36.41
N ASN K 149 -28.55 -8.19 35.26
CA ASN K 149 -28.77 -8.93 34.02
C ASN K 149 -27.55 -9.77 33.67
N CYS K 150 -27.82 -10.99 33.22
CA CYS K 150 -26.76 -11.74 32.58
C CYS K 150 -26.33 -11.03 31.31
N ASN K 151 -25.15 -11.39 30.83
CA ASN K 151 -24.52 -10.67 29.75
C ASN K 151 -25.39 -10.63 28.51
N PHE K 152 -25.35 -9.50 27.81
CA PHE K 152 -26.09 -9.30 26.58
C PHE K 152 -25.47 -10.10 25.43
N PHE K 153 -26.06 -9.94 24.25
CA PHE K 153 -25.60 -10.58 23.03
C PHE K 153 -26.10 -9.77 21.84
N ALA K 154 -25.19 -9.41 20.93
CA ALA K 154 -25.51 -8.52 19.83
C ALA K 154 -24.74 -8.96 18.59
N GLY K 155 -25.09 -8.37 17.46
CA GLY K 155 -24.42 -8.74 16.23
C GLY K 155 -24.75 -7.80 15.09
N ALA K 156 -24.15 -8.05 13.95
CA ALA K 156 -24.28 -7.20 12.78
C ALA K 156 -24.33 -8.08 11.53
N ARG K 157 -24.78 -7.48 10.43
CA ARG K 157 -24.93 -8.18 9.16
C ARG K 157 -24.63 -7.21 8.03
N GLY K 158 -23.82 -7.64 7.08
CA GLY K 158 -23.42 -6.77 6.00
C GLY K 158 -22.95 -7.54 4.80
N ASN K 159 -22.41 -6.82 3.83
CA ASN K 159 -21.94 -7.43 2.59
C ASN K 159 -20.61 -6.81 2.21
N ALA K 160 -19.62 -7.64 1.89
CA ALA K 160 -18.29 -7.16 1.54
C ALA K 160 -18.02 -7.37 0.05
N ASP K 161 -17.69 -6.28 -0.63
CA ASP K 161 -17.54 -6.23 -2.10
C ASP K 161 -18.79 -6.81 -2.74
N ASN K 162 -18.67 -7.59 -3.83
CA ASN K 162 -19.82 -7.92 -4.67
C ASN K 162 -20.37 -9.31 -4.35
N GLU K 163 -20.20 -9.74 -3.11
CA GLU K 163 -20.82 -10.96 -2.63
C GLU K 163 -22.33 -10.77 -2.58
N ALA K 164 -23.06 -11.68 -3.21
CA ALA K 164 -24.53 -11.61 -3.12
C ALA K 164 -24.99 -11.87 -1.70
N THR K 165 -24.31 -12.75 -0.98
CA THR K 165 -24.63 -13.11 0.39
C THR K 165 -23.90 -12.22 1.38
N PHE K 166 -24.23 -12.38 2.65
CA PHE K 166 -23.81 -11.46 3.71
C PHE K 166 -22.71 -12.07 4.59
N ASP K 167 -22.02 -11.22 5.34
CA ASP K 167 -21.18 -11.69 6.42
C ASP K 167 -21.73 -11.24 7.76
N ASP K 168 -21.58 -12.08 8.77
CA ASP K 168 -22.23 -11.89 10.06
C ASP K 168 -21.19 -11.82 11.16
N TRP K 169 -21.39 -10.92 12.11
CA TRP K 169 -20.54 -10.78 13.28
C TRP K 169 -21.40 -10.88 14.53
N VAL K 170 -20.77 -11.24 15.65
CA VAL K 170 -21.45 -11.23 16.95
C VAL K 170 -20.48 -10.70 17.99
N ILE K 171 -21.04 -10.11 19.03
CA ILE K 171 -20.30 -9.71 20.22
C ILE K 171 -21.13 -10.07 21.43
N ALA K 172 -20.48 -10.63 22.44
CA ALA K 172 -21.17 -11.12 23.62
C ALA K 172 -20.49 -10.55 24.85
N GLY K 173 -21.24 -10.50 25.95
CA GLY K 173 -20.68 -10.17 27.23
C GLY K 173 -20.13 -11.37 27.98
N PHE K 174 -20.20 -12.56 27.39
CA PHE K 174 -19.77 -13.79 28.03
C PHE K 174 -18.81 -14.53 27.11
N GLU K 175 -18.06 -15.46 27.70
CA GLU K 175 -17.09 -16.23 26.95
C GLU K 175 -17.78 -17.25 26.06
N GLY K 176 -17.18 -17.53 24.91
CA GLY K 176 -17.68 -18.52 24.00
C GLY K 176 -16.55 -19.01 23.12
N SER K 177 -16.85 -20.00 22.29
CA SER K 177 -15.86 -20.57 21.40
C SER K 177 -16.45 -20.72 20.01
N GLY K 178 -15.64 -20.45 19.01
CA GLY K 178 -16.05 -20.61 17.63
C GLY K 178 -15.87 -22.04 17.15
N GLN K 179 -16.60 -22.38 16.10
CA GLN K 179 -16.54 -23.70 15.48
C GLN K 179 -15.92 -23.60 14.10
N VAL K 180 -15.18 -24.62 13.72
CA VAL K 180 -14.56 -24.67 12.40
C VAL K 180 -15.63 -25.00 11.38
N GLY K 181 -15.56 -24.34 10.23
CA GLY K 181 -16.50 -24.57 9.16
C GLY K 181 -16.01 -23.94 7.87
N PRO K 182 -16.79 -24.07 6.80
CA PRO K 182 -16.35 -23.49 5.53
C PRO K 182 -16.17 -22.00 5.56
N CYS K 183 -16.84 -21.29 6.47
CA CYS K 183 -16.84 -19.83 6.49
C CYS K 183 -16.56 -19.29 7.88
N SER K 184 -15.86 -20.06 8.70
CA SER K 184 -15.49 -19.58 10.03
C SER K 184 -14.27 -20.35 10.52
N GLU K 185 -13.55 -19.73 11.44
CA GLU K 185 -12.34 -19.97 12.22
C GLU K 185 -12.70 -20.68 13.52
N ALA K 186 -11.76 -21.48 14.03
CA ALA K 186 -11.94 -22.20 15.26
C ALA K 186 -11.04 -21.60 16.33
N GLY K 187 -11.59 -21.38 17.51
CA GLY K 187 -10.82 -20.89 18.62
C GLY K 187 -11.72 -20.19 19.61
N ASN K 188 -11.18 -20.00 20.81
CA ASN K 188 -11.92 -19.42 21.92
C ASN K 188 -11.98 -17.91 21.77
N VAL K 189 -13.12 -17.34 22.16
CA VAL K 189 -13.38 -15.91 22.02
C VAL K 189 -13.60 -15.32 23.40
N ALA K 190 -12.80 -14.34 23.77
CA ALA K 190 -12.97 -13.68 25.05
C ALA K 190 -14.19 -12.76 25.03
N SER K 191 -14.74 -12.51 26.20
CA SER K 191 -15.89 -11.61 26.29
C SER K 191 -15.48 -10.22 25.84
N GLY K 192 -16.30 -9.63 24.97
CA GLY K 192 -16.01 -8.33 24.41
C GLY K 192 -15.16 -8.33 23.16
N THR K 193 -15.02 -9.48 22.49
CA THR K 193 -14.27 -9.59 21.25
C THR K 193 -15.19 -10.01 20.12
N PRO K 194 -15.31 -9.23 19.04
CA PRO K 194 -16.19 -9.65 17.94
C PRO K 194 -15.74 -10.96 17.31
N TYR K 195 -16.73 -11.76 16.89
CA TYR K 195 -16.48 -13.05 16.26
C TYR K 195 -17.23 -13.09 14.93
N ASN K 196 -16.60 -13.66 13.91
CA ASN K 196 -17.15 -13.65 12.55
C ASN K 196 -17.79 -15.00 12.28
N THR K 197 -19.11 -15.09 12.44
CA THR K 197 -19.81 -16.35 12.23
C THR K 197 -19.78 -16.77 10.75
N ARG K 198 -19.95 -15.81 9.85
CA ARG K 198 -19.80 -16.03 8.41
C ARG K 198 -19.07 -14.83 7.85
N ASN K 199 -17.98 -15.04 7.12
CA ASN K 199 -17.11 -13.93 6.75
C ASN K 199 -17.33 -13.44 5.32
N ASP K 200 -17.85 -14.27 4.44
CA ASP K 200 -18.20 -13.82 3.09
C ASP K 200 -16.99 -13.51 2.23
N VAL K 201 -15.80 -13.50 2.81
CA VAL K 201 -14.58 -13.42 2.02
C VAL K 201 -14.09 -14.81 1.66
N ALA K 202 -14.36 -15.78 2.54
CA ALA K 202 -13.99 -17.15 2.27
C ALA K 202 -14.97 -17.81 1.30
N CYS K 203 -16.26 -17.48 1.40
CA CYS K 203 -17.27 -18.26 0.72
C CYS K 203 -18.36 -17.34 0.15
N ASP K 204 -19.10 -17.88 -0.81
CA ASP K 204 -20.25 -17.20 -1.39
C ASP K 204 -21.19 -18.27 -1.93
N GLY K 205 -22.36 -18.39 -1.30
CA GLY K 205 -23.34 -19.39 -1.66
C GLY K 205 -24.10 -19.85 -0.45
N ALA K 206 -24.50 -21.12 -0.46
CA ALA K 206 -25.23 -21.67 0.67
C ALA K 206 -24.33 -21.89 1.88
N ALA K 207 -23.02 -21.80 1.69
CA ALA K 207 -22.08 -22.06 2.78
C ALA K 207 -22.36 -21.14 3.97
N GLN K 208 -22.28 -21.71 5.17
CA GLN K 208 -22.52 -20.96 6.40
C GLN K 208 -21.31 -20.98 7.32
N PHE L 1 10.47 -2.57 -28.59
CA PHE L 1 11.30 -3.30 -27.59
C PHE L 1 11.71 -4.67 -28.12
N THR L 2 12.63 -5.32 -27.41
CA THR L 2 13.23 -6.58 -27.84
C THR L 2 13.14 -7.59 -26.72
N LEU L 3 13.82 -8.73 -26.90
CA LEU L 3 13.74 -9.81 -25.92
C LEU L 3 14.38 -9.42 -24.60
N ILE L 4 15.50 -8.69 -24.64
CA ILE L 4 16.21 -8.34 -23.41
C ILE L 4 15.33 -7.48 -22.52
N GLU L 5 14.62 -6.51 -23.11
CA GLU L 5 13.71 -5.67 -22.33
C GLU L 5 12.66 -6.52 -21.63
N LEU L 6 12.12 -7.51 -22.33
CA LEU L 6 11.00 -8.27 -21.79
C LEU L 6 11.47 -9.19 -20.67
N MET L 7 12.64 -9.81 -20.85
CA MET L 7 13.22 -10.60 -19.76
C MET L 7 13.57 -9.71 -18.58
N ILE L 8 13.97 -8.46 -18.84
CA ILE L 8 14.26 -7.55 -17.73
C ILE L 8 12.99 -7.20 -16.98
N VAL L 9 11.86 -7.08 -17.70
CA VAL L 9 10.58 -6.87 -17.04
C VAL L 9 10.27 -8.04 -16.12
N VAL L 10 10.44 -9.26 -16.63
CA VAL L 10 10.19 -10.44 -15.81
C VAL L 10 11.10 -10.46 -14.59
N ALA L 11 12.38 -10.13 -14.79
CA ALA L 11 13.34 -10.13 -13.68
C ALA L 11 13.01 -9.05 -12.65
N ILE L 12 12.50 -7.90 -13.10
CA ILE L 12 12.13 -6.85 -12.16
C ILE L 12 10.93 -7.28 -11.31
N ILE L 13 9.97 -7.98 -11.91
CA ILE L 13 8.87 -8.50 -11.11
C ILE L 13 9.40 -9.55 -10.13
N GLY L 14 10.36 -10.38 -10.55
CA GLY L 14 10.98 -11.29 -9.61
C GLY L 14 11.66 -10.56 -8.47
N ILE L 15 12.26 -9.41 -8.76
CA ILE L 15 12.90 -8.61 -7.73
C ILE L 15 11.87 -8.08 -6.74
N LEU L 16 10.78 -7.51 -7.25
CA LEU L 16 9.78 -6.92 -6.36
C LEU L 16 9.12 -7.99 -5.50
N ALA L 17 9.01 -9.21 -6.01
CA ALA L 17 8.45 -10.28 -5.20
C ALA L 17 9.28 -10.56 -3.96
N ALA L 18 10.60 -10.30 -4.03
CA ALA L 18 11.50 -10.58 -2.92
C ALA L 18 12.09 -9.32 -2.30
N ILE L 19 11.35 -8.20 -2.35
CA ILE L 19 11.84 -6.95 -1.79
C ILE L 19 11.91 -7.06 -0.28
N ALA L 20 12.79 -6.28 0.34
CA ALA L 20 12.97 -6.29 1.80
C ALA L 20 12.37 -5.03 2.40
N ILE L 21 11.11 -5.16 2.82
CA ILE L 21 10.36 -4.05 3.41
C ILE L 21 10.69 -3.98 4.90
N PRO L 22 10.20 -2.97 5.63
CA PRO L 22 10.41 -2.95 7.07
C PRO L 22 9.70 -4.11 7.74
N ASN L 23 10.20 -4.50 8.91
CA ASN L 23 9.59 -5.56 9.69
C ASN L 23 8.44 -4.95 10.48
N PHE L 24 7.21 -5.19 10.03
CA PHE L 24 6.04 -4.55 10.64
C PHE L 24 5.53 -5.33 11.84
N ILE L 25 6.02 -6.56 12.07
CA ILE L 25 5.71 -7.26 13.29
C ILE L 25 6.17 -6.45 14.49
N LYS L 26 7.23 -5.66 14.35
CA LYS L 26 7.67 -4.80 15.43
C LYS L 26 6.65 -3.70 15.73
N PHE L 27 6.10 -3.09 14.69
CA PHE L 27 5.05 -2.09 14.90
C PHE L 27 3.84 -2.71 15.58
N GLN L 28 3.46 -3.92 15.19
CA GLN L 28 2.30 -4.55 15.82
C GLN L 28 2.59 -4.95 17.26
N ALA L 29 3.83 -5.36 17.55
CA ALA L 29 4.20 -5.64 18.93
C ALA L 29 4.11 -4.37 19.78
N ARG L 30 4.58 -3.25 19.25
CA ARG L 30 4.43 -1.98 19.96
C ARG L 30 2.96 -1.63 20.16
N SER L 31 2.10 -1.99 19.22
CA SER L 31 0.67 -1.82 19.43
C SER L 31 0.18 -2.67 20.59
N LYS L 32 0.62 -3.92 20.65
CA LYS L 32 0.13 -4.84 21.68
C LYS L 32 0.65 -4.50 23.06
N GLN L 33 1.76 -3.75 23.13
CA GLN L 33 2.35 -3.41 24.43
C GLN L 33 1.52 -2.43 25.25
N SER L 34 0.45 -1.86 24.68
CA SER L 34 -0.32 -0.85 25.40
C SER L 34 -1.20 -1.43 26.50
N GLU L 35 -1.51 -2.73 26.45
CA GLU L 35 -2.20 -3.36 27.57
C GLU L 35 -1.43 -3.16 28.87
N ALA L 36 -0.13 -3.39 28.83
CA ALA L 36 0.68 -3.28 30.04
C ALA L 36 0.60 -1.87 30.62
N LYS L 37 0.73 -0.85 29.77
CA LYS L 37 0.66 0.52 30.25
C LYS L 37 -0.68 0.82 30.90
N THR L 38 -1.77 0.52 30.19
CA THR L 38 -3.09 0.87 30.72
C THR L 38 -3.36 0.13 32.03
N ASN L 39 -3.05 -1.17 32.08
CA ASN L 39 -3.37 -1.95 33.25
C ASN L 39 -2.47 -1.62 34.42
N LEU L 40 -1.20 -1.29 34.17
CA LEU L 40 -0.34 -0.87 35.27
C LEU L 40 -0.78 0.47 35.84
N LYS L 41 -1.25 1.38 35.00
CA LYS L 41 -1.75 2.64 35.53
C LYS L 41 -3.03 2.43 36.33
N ALA L 42 -3.89 1.51 35.89
CA ALA L 42 -5.07 1.17 36.69
C ALA L 42 -4.67 0.57 38.03
N LEU L 43 -3.64 -0.28 38.04
CA LEU L 43 -3.12 -0.81 39.31
C LEU L 43 -2.64 0.30 40.24
N TYR L 44 -1.88 1.25 39.70
CA TYR L 44 -1.44 2.41 40.47
C TYR L 44 -2.63 3.13 41.08
N THR L 45 -3.65 3.42 40.26
CA THR L 45 -4.82 4.15 40.74
C THR L 45 -5.53 3.40 41.86
N ALA L 46 -5.73 2.10 41.68
CA ALA L 46 -6.43 1.32 42.69
C ALA L 46 -5.63 1.26 43.99
N GLN L 47 -4.32 1.14 43.89
CA GLN L 47 -3.48 1.15 45.10
C GLN L 47 -3.61 2.47 45.83
N LYS L 48 -3.59 3.58 45.10
CA LYS L 48 -3.71 4.88 45.76
C LYS L 48 -5.06 5.03 46.46
N SER L 49 -6.15 4.60 45.80
CA SER L 49 -7.46 4.69 46.45
C SER L 49 -7.52 3.81 47.70
N PHE L 50 -6.97 2.60 47.61
CA PHE L 50 -6.97 1.71 48.76
C PHE L 50 -6.20 2.32 49.93
N PHE L 51 -5.02 2.89 49.66
CA PHE L 51 -4.28 3.54 50.73
C PHE L 51 -5.09 4.67 51.33
N SER L 52 -5.69 5.49 50.49
CA SER L 52 -6.43 6.64 50.98
C SER L 52 -7.53 6.22 51.94
N GLU L 53 -8.25 5.17 51.59
CA GLU L 53 -9.37 4.75 52.43
C GLU L 53 -8.88 4.01 53.67
N LYS L 54 -7.77 3.27 53.56
CA LYS L 54 -7.34 2.34 54.60
C LYS L 54 -6.02 2.70 55.26
N ASP L 55 -5.34 3.75 54.81
CA ASP L 55 -4.06 4.16 55.40
C ASP L 55 -3.01 3.06 55.29
N ARG L 56 -3.00 2.34 54.18
CA ARG L 56 -2.05 1.25 54.00
C ARG L 56 -2.19 0.70 52.60
N TYR L 57 -1.09 0.20 52.05
CA TYR L 57 -1.10 -0.48 50.77
C TYR L 57 -1.33 -1.98 50.96
N SER L 58 -1.64 -2.65 49.87
CA SER L 58 -2.00 -4.07 49.91
C SER L 58 -1.06 -4.89 49.04
N ASP L 59 -0.93 -6.17 49.39
CA ASP L 59 -0.15 -7.12 48.61
C ASP L 59 -1.01 -8.04 47.77
N PHE L 60 -2.33 -7.85 47.73
CA PHE L 60 -3.23 -8.76 47.05
C PHE L 60 -4.13 -8.00 46.10
N ALA L 61 -4.44 -8.63 44.96
CA ALA L 61 -5.31 -7.99 43.97
C ALA L 61 -6.77 -8.08 44.38
N ASN L 62 -7.12 -9.02 45.28
CA ASN L 62 -8.47 -9.07 45.81
C ASN L 62 -8.85 -7.78 46.52
N GLU L 63 -8.03 -7.34 47.45
CA GLU L 63 -8.29 -6.15 48.24
C GLU L 63 -8.28 -4.87 47.43
N ILE L 64 -7.32 -4.75 46.51
CA ILE L 64 -7.18 -3.53 45.72
C ILE L 64 -8.42 -3.30 44.87
N GLY L 65 -8.95 -4.37 44.29
CA GLY L 65 -10.05 -4.26 43.35
C GLY L 65 -9.62 -4.20 41.91
N PHE L 66 -8.50 -4.82 41.55
CA PHE L 66 -7.93 -4.74 40.23
C PHE L 66 -7.94 -6.11 39.56
N ALA L 67 -8.44 -6.15 38.33
CA ALA L 67 -8.41 -7.36 37.53
C ALA L 67 -8.55 -6.95 36.07
N PRO L 68 -7.66 -7.37 35.19
CA PRO L 68 -7.84 -7.07 33.77
C PRO L 68 -8.91 -7.95 33.15
N GLU L 69 -9.44 -7.47 32.03
CA GLU L 69 -10.44 -8.22 31.30
C GLU L 69 -9.83 -9.45 30.64
N ARG L 70 -10.68 -10.35 30.17
CA ARG L 70 -10.20 -11.57 29.54
C ARG L 70 -9.48 -11.25 28.23
N GLY L 71 -8.46 -12.05 27.94
CA GLY L 71 -7.62 -11.81 26.78
C GLY L 71 -6.48 -10.85 27.04
N ASN L 72 -5.82 -10.94 28.19
CA ASN L 72 -4.96 -9.85 28.65
C ASN L 72 -3.55 -9.93 28.07
N ARG L 73 -3.06 -11.14 27.76
CA ARG L 73 -1.72 -11.36 27.22
C ARG L 73 -0.60 -11.16 28.23
N TYR L 74 -0.91 -10.59 29.38
CA TYR L 74 0.11 -10.21 30.35
C TYR L 74 -0.30 -10.71 31.73
N GLY L 75 0.65 -11.27 32.45
CA GLY L 75 0.43 -11.60 33.84
C GLY L 75 0.92 -10.48 34.74
N TYR L 76 0.12 -10.15 35.73
CA TYR L 76 0.41 -9.03 36.62
C TYR L 76 0.69 -9.55 38.01
N ARG L 77 1.71 -8.98 38.65
CA ARG L 77 2.07 -9.32 40.02
C ARG L 77 1.99 -8.07 40.88
N VAL L 78 1.19 -8.13 41.94
CA VAL L 78 1.06 -7.02 42.87
C VAL L 78 2.03 -7.14 44.04
N SER L 79 2.61 -8.32 44.26
CA SER L 79 3.48 -8.52 45.40
C SER L 79 4.20 -9.85 45.27
N ALA L 80 5.22 -10.01 46.11
CA ALA L 80 5.96 -11.26 46.20
C ALA L 80 5.46 -12.17 47.31
N ALA L 81 4.36 -11.80 47.97
CA ALA L 81 3.80 -12.64 49.02
C ALA L 81 3.42 -14.01 48.47
N ALA L 82 3.11 -14.92 49.37
CA ALA L 82 2.78 -16.28 48.99
C ALA L 82 1.33 -16.39 48.56
N GLY L 83 1.08 -17.22 47.56
CA GLY L 83 -0.26 -17.46 47.05
C GLY L 83 -0.22 -17.82 45.59
N ASP L 84 -1.32 -18.44 45.14
CA ASP L 84 -1.45 -18.85 43.75
C ASP L 84 -1.84 -17.65 42.89
N CYS L 85 -1.67 -17.79 41.57
CA CYS L 85 -1.71 -16.66 40.65
C CYS L 85 -2.99 -16.62 39.82
N GLU L 86 -4.11 -17.05 40.39
CA GLU L 86 -5.40 -16.98 39.71
C GLU L 86 -5.24 -17.42 38.25
N VAL L 87 -5.01 -18.72 38.08
CA VAL L 87 -4.80 -19.26 36.74
C VAL L 87 -6.08 -19.08 35.93
N ARG L 88 -5.96 -18.44 34.78
CA ARG L 88 -7.08 -18.21 33.86
C ARG L 88 -6.97 -19.20 32.71
N ASN L 89 -7.40 -20.44 32.98
CA ASN L 89 -7.29 -21.51 32.00
C ASN L 89 -8.65 -22.11 31.63
N ALA L 90 -9.74 -21.41 31.93
CA ALA L 90 -11.07 -21.93 31.63
C ALA L 90 -12.03 -20.76 31.51
N ALA L 91 -13.21 -21.06 30.96
CA ALA L 91 -14.22 -20.02 30.76
C ALA L 91 -14.65 -19.41 32.08
N ASP L 92 -14.87 -20.24 33.11
CA ASP L 92 -15.24 -19.77 34.42
C ASP L 92 -13.99 -19.57 35.26
N LEU L 93 -13.83 -18.37 35.83
CA LEU L 93 -12.69 -18.13 36.69
C LEU L 93 -12.81 -18.97 37.97
N PRO L 94 -11.68 -19.47 38.49
CA PRO L 94 -11.75 -20.32 39.68
C PRO L 94 -12.11 -19.52 40.92
N VAL L 95 -12.69 -20.22 41.89
CA VAL L 95 -12.99 -19.60 43.18
C VAL L 95 -11.71 -19.56 44.00
N PRO L 96 -11.27 -18.39 44.46
CA PRO L 96 -9.98 -18.31 45.16
C PRO L 96 -10.03 -19.00 46.52
N ALA L 97 -8.88 -19.52 46.94
CA ALA L 97 -8.77 -20.12 48.27
C ALA L 97 -8.32 -19.08 49.29
N ALA L 98 -7.50 -18.12 48.87
CA ALA L 98 -7.09 -17.02 49.72
C ALA L 98 -6.68 -15.87 48.82
N GLY L 99 -6.17 -14.80 49.43
CA GLY L 99 -5.74 -13.65 48.66
C GLY L 99 -4.71 -14.02 47.62
N VAL L 100 -4.86 -13.45 46.42
CA VAL L 100 -3.97 -13.76 45.31
C VAL L 100 -3.07 -12.57 45.03
N PRO L 101 -1.74 -12.71 45.08
CA PRO L 101 -0.87 -11.58 44.78
C PRO L 101 -0.53 -11.42 43.31
N CYS L 102 -0.91 -12.37 42.47
CA CYS L 102 -0.54 -12.36 41.06
C CYS L 102 -1.72 -12.82 40.24
N ILE L 103 -1.81 -12.29 39.03
CA ILE L 103 -2.85 -12.66 38.07
C ILE L 103 -2.16 -13.25 36.84
N SER L 104 -2.54 -14.46 36.49
CA SER L 104 -1.86 -15.16 35.42
C SER L 104 -2.28 -14.64 34.06
N ASN L 105 -1.52 -15.04 33.05
CA ASN L 105 -1.89 -14.79 31.67
C ASN L 105 -3.18 -15.53 31.34
N ASP L 106 -3.97 -14.97 30.44
CA ASP L 106 -5.24 -15.57 30.04
C ASP L 106 -4.95 -16.64 28.99
N SER L 107 -4.65 -17.85 29.44
CA SER L 107 -4.33 -18.94 28.54
C SER L 107 -5.57 -19.64 28.01
N PHE L 108 -6.76 -19.18 28.37
CA PHE L 108 -7.98 -19.75 27.79
C PHE L 108 -8.01 -19.53 26.28
N ARG L 109 -7.69 -18.33 25.83
CA ARG L 109 -7.78 -18.00 24.41
C ARG L 109 -6.42 -17.89 23.74
N PHE L 110 -5.33 -18.20 24.42
CA PHE L 110 -4.01 -18.16 23.83
C PHE L 110 -3.29 -19.51 23.81
N GLY L 111 -3.89 -20.55 24.36
CA GLY L 111 -3.25 -21.86 24.35
C GLY L 111 -2.62 -22.19 25.69
N ALA L 112 -2.47 -23.49 25.94
CA ALA L 112 -1.93 -23.95 27.22
C ALA L 112 -0.43 -23.74 27.30
N ASN L 113 0.27 -23.73 26.17
CA ASN L 113 1.72 -23.55 26.16
C ASN L 113 2.12 -22.10 26.37
N SER L 114 1.20 -21.16 26.26
CA SER L 114 1.47 -19.75 26.47
C SER L 114 1.23 -19.32 27.91
N ALA L 115 0.92 -20.25 28.80
CA ALA L 115 0.56 -19.88 30.16
C ALA L 115 1.72 -19.21 30.87
N ILE L 116 1.39 -18.22 31.71
CA ILE L 116 2.34 -17.54 32.57
C ILE L 116 1.75 -17.59 33.97
N ASP L 117 2.13 -18.60 34.75
CA ASP L 117 1.59 -18.81 36.08
C ASP L 117 2.44 -18.16 37.17
N ASP L 118 3.55 -17.52 36.80
CA ASP L 118 4.41 -16.81 37.75
C ASP L 118 4.92 -15.55 37.08
N PRO L 119 4.07 -14.54 36.97
CA PRO L 119 4.40 -13.34 36.19
C PRO L 119 5.27 -12.35 36.97
N THR L 120 6.48 -12.80 37.34
CA THR L 120 7.41 -11.94 38.05
C THR L 120 8.35 -11.27 37.05
N PRO L 121 8.36 -9.94 36.95
CA PRO L 121 9.20 -9.30 35.93
C PRO L 121 10.65 -9.18 36.35
N VAL L 122 11.45 -8.72 35.39
CA VAL L 122 12.86 -8.41 35.63
C VAL L 122 12.98 -6.96 36.06
N VAL L 123 13.78 -6.71 37.09
CA VAL L 123 13.95 -5.38 37.65
C VAL L 123 15.42 -4.97 37.73
N ALA L 124 16.29 -5.59 36.94
CA ALA L 124 17.71 -5.29 37.01
C ALA L 124 18.01 -3.86 36.56
N ARG L 125 17.29 -3.38 35.54
CA ARG L 125 17.60 -2.10 34.92
C ARG L 125 16.66 -0.99 35.38
N PHE L 126 16.19 -1.05 36.62
CA PHE L 126 15.44 0.04 37.24
C PHE L 126 16.13 0.37 38.56
N VAL L 127 16.60 1.61 38.70
CA VAL L 127 17.37 2.03 39.86
C VAL L 127 16.55 3.06 40.62
N PRO L 128 16.02 2.73 41.81
CA PRO L 128 15.28 3.72 42.58
C PRO L 128 16.16 4.90 42.95
N GLN L 129 15.57 6.10 42.92
CA GLN L 129 16.27 7.33 43.25
C GLN L 129 15.65 7.96 44.49
N GLY L 130 16.48 8.69 45.23
CA GLY L 130 16.04 9.35 46.44
C GLY L 130 16.76 8.83 47.67
N ALA L 131 16.68 9.62 48.74
CA ALA L 131 17.35 9.27 49.99
C ALA L 131 16.60 8.23 50.79
N ALA L 132 15.33 7.97 50.47
CA ALA L 132 14.54 7.03 51.26
C ALA L 132 15.07 5.60 51.14
N GLY L 133 15.94 5.34 50.16
CA GLY L 133 16.53 4.02 50.04
C GLY L 133 15.56 2.92 49.70
N TRP L 134 14.68 3.14 48.73
CA TRP L 134 13.72 2.11 48.34
C TRP L 134 14.40 0.98 47.58
N ASN L 135 13.84 -0.21 47.68
CA ASN L 135 14.33 -1.42 47.04
C ASN L 135 13.56 -1.69 45.75
N THR L 136 13.96 -2.76 45.06
CA THR L 136 13.25 -3.21 43.86
C THR L 136 12.41 -4.45 44.09
N THR L 137 12.22 -4.89 45.34
CA THR L 137 11.35 -6.02 45.60
C THR L 137 9.90 -5.64 45.40
N LEU L 138 9.17 -6.48 44.68
CA LEU L 138 7.77 -6.18 44.35
C LEU L 138 6.90 -6.26 45.59
N GLY L 139 5.89 -5.39 45.64
CA GLY L 139 4.97 -5.36 46.76
C GLY L 139 5.16 -4.13 47.62
N VAL L 140 4.49 -4.08 48.76
CA VAL L 140 4.62 -2.95 49.68
C VAL L 140 5.97 -3.05 50.38
N GLN L 141 6.70 -1.95 50.41
CA GLN L 141 8.00 -1.89 51.04
C GLN L 141 8.05 -0.69 51.97
N PRO L 142 8.91 -0.72 53.00
CA PRO L 142 9.82 -1.80 53.40
C PRO L 142 9.07 -3.02 53.94
N THR L 143 7.90 -2.79 54.54
CA THR L 143 7.04 -3.87 54.99
C THR L 143 5.64 -3.32 55.13
N ILE L 144 4.65 -4.22 55.06
CA ILE L 144 3.28 -3.80 55.26
C ILE L 144 3.03 -3.48 56.73
N ALA L 145 4.01 -3.71 57.59
CA ALA L 145 3.86 -3.43 59.02
C ALA L 145 3.84 -1.93 59.31
N ASP L 146 4.32 -1.10 58.37
CA ASP L 146 4.34 0.35 58.55
C ASP L 146 3.14 0.96 57.82
N CYS L 147 2.11 1.35 58.56
CA CYS L 147 0.91 1.86 57.91
C CYS L 147 1.18 3.09 57.05
N PRO L 148 1.84 4.13 57.53
CA PRO L 148 2.32 5.12 56.54
C PRO L 148 3.32 4.49 55.59
N ASN L 149 2.81 3.56 54.79
CA ASN L 149 3.65 2.67 54.00
C ASN L 149 4.48 3.47 53.01
N CYS L 150 5.75 3.10 52.90
CA CYS L 150 6.51 3.59 51.77
C CYS L 150 5.90 3.03 50.49
N ASN L 151 6.21 3.68 49.38
CA ASN L 151 5.54 3.41 48.13
C ASN L 151 5.63 1.94 47.76
N PHE L 152 4.61 1.46 47.05
CA PHE L 152 4.57 0.10 46.54
C PHE L 152 5.46 -0.05 45.31
N PHE L 153 5.43 -1.25 44.74
CA PHE L 153 6.18 -1.60 43.54
C PHE L 153 5.52 -2.83 42.91
N ALA L 154 5.28 -2.77 41.60
CA ALA L 154 4.54 -3.82 40.93
C ALA L 154 5.01 -3.91 39.48
N GLY L 155 4.64 -5.00 38.82
CA GLY L 155 5.05 -5.17 37.44
C GLY L 155 4.24 -6.22 36.72
N ALA L 156 4.57 -6.42 35.45
CA ALA L 156 3.84 -7.31 34.56
C ALA L 156 4.84 -8.05 33.69
N ARG L 157 4.38 -9.13 33.04
CA ARG L 157 5.23 -9.98 32.23
C ARG L 157 4.39 -10.60 31.13
N GLY L 158 4.81 -10.44 29.89
CA GLY L 158 4.04 -10.97 28.79
C GLY L 158 4.91 -11.24 27.59
N ASN L 159 4.26 -11.59 26.48
CA ASN L 159 4.97 -11.95 25.26
C ASN L 159 4.32 -11.22 24.08
N ALA L 160 5.12 -10.53 23.28
CA ALA L 160 4.60 -9.76 22.16
C ALA L 160 4.96 -10.41 20.83
N ASP L 161 3.94 -10.68 20.03
CA ASP L 161 4.04 -11.47 18.78
C ASP L 161 4.73 -12.79 19.10
N ASN L 162 5.62 -13.30 18.24
CA ASN L 162 6.10 -14.68 18.34
C ASN L 162 7.46 -14.77 19.00
N GLU L 163 7.76 -13.79 19.85
CA GLU L 163 8.95 -13.86 20.69
C GLU L 163 8.84 -15.05 21.63
N ALA L 164 9.87 -15.90 21.63
CA ALA L 164 9.90 -16.98 22.61
C ALA L 164 10.01 -16.42 24.03
N THR L 165 10.77 -15.35 24.20
CA THR L 165 11.01 -14.70 25.47
C THR L 165 9.98 -13.60 25.73
N PHE L 166 10.04 -13.02 26.92
CA PHE L 166 9.00 -12.15 27.44
C PHE L 166 9.45 -10.70 27.48
N ASP L 167 8.50 -9.79 27.63
CA ASP L 167 8.80 -8.40 27.93
C ASP L 167 8.21 -8.02 29.27
N ASP L 168 8.95 -7.21 30.03
CA ASP L 168 8.64 -6.95 31.42
C ASP L 168 8.41 -5.46 31.61
N TRP L 169 7.45 -5.12 32.45
CA TRP L 169 7.15 -3.74 32.82
C TRP L 169 7.14 -3.62 34.33
N VAL L 170 7.42 -2.42 34.83
CA VAL L 170 7.33 -2.13 36.25
C VAL L 170 6.64 -0.78 36.43
N ILE L 171 6.02 -0.61 37.59
CA ILE L 171 5.47 0.68 37.99
C ILE L 171 5.69 0.83 39.47
N ALA L 172 6.09 2.03 39.89
CA ALA L 172 6.46 2.29 41.26
C ALA L 172 5.77 3.54 41.75
N GLY L 173 5.61 3.63 43.06
CA GLY L 173 5.16 4.86 43.67
C GLY L 173 6.26 5.83 43.99
N PHE L 174 7.51 5.48 43.68
CA PHE L 174 8.66 6.31 43.96
C PHE L 174 9.43 6.55 42.67
N GLU L 175 10.30 7.55 42.70
CA GLU L 175 11.07 7.91 41.52
C GLU L 175 12.16 6.88 41.25
N GLY L 176 12.54 6.76 39.99
CA GLY L 176 13.62 5.87 39.61
C GLY L 176 14.21 6.33 38.30
N SER L 177 15.26 5.63 37.87
CA SER L 177 15.90 5.92 36.61
C SER L 177 16.20 4.63 35.88
N GLY L 178 15.98 4.64 34.57
CA GLY L 178 16.29 3.50 33.75
C GLY L 178 17.75 3.47 33.35
N GLN L 179 18.25 2.26 33.11
CA GLN L 179 19.62 2.06 32.67
C GLN L 179 19.64 1.66 31.20
N VAL L 180 20.63 2.15 30.48
CA VAL L 180 20.78 1.81 29.08
C VAL L 180 21.24 0.36 28.97
N GLY L 181 20.69 -0.36 27.99
CA GLY L 181 21.02 -1.74 27.77
C GLY L 181 20.54 -2.21 26.43
N PRO L 182 20.81 -3.48 26.11
CA PRO L 182 20.36 -4.00 24.81
C PRO L 182 18.85 -4.01 24.65
N CYS L 183 18.09 -4.04 25.75
CA CYS L 183 16.64 -4.18 25.71
C CYS L 183 15.96 -3.14 26.57
N SER L 184 16.61 -2.01 26.83
CA SER L 184 15.99 -0.96 27.61
C SER L 184 16.63 0.37 27.26
N GLU L 185 15.88 1.44 27.49
CA GLU L 185 15.98 2.90 27.37
C GLU L 185 16.63 3.48 28.62
N ALA L 186 17.25 4.65 28.45
CA ALA L 186 17.84 5.37 29.55
C ALA L 186 17.12 6.69 29.73
N GLY L 187 16.78 6.99 30.97
CA GLY L 187 16.12 8.24 31.30
C GLY L 187 15.37 8.10 32.60
N ASN L 188 15.11 9.25 33.22
CA ASN L 188 14.46 9.29 34.52
C ASN L 188 12.97 9.00 34.38
N VAL L 189 12.44 8.27 35.37
CA VAL L 189 11.05 7.83 35.35
C VAL L 189 10.35 8.45 36.55
N ALA L 190 9.31 9.23 36.29
CA ALA L 190 8.52 9.82 37.35
C ALA L 190 7.65 8.76 38.02
N SER L 191 7.28 9.01 39.27
CA SER L 191 6.39 8.09 39.96
C SER L 191 5.06 7.99 39.24
N GLY L 192 4.57 6.78 39.09
CA GLY L 192 3.33 6.54 38.39
C GLY L 192 3.44 6.37 36.89
N THR L 193 4.66 6.22 36.35
CA THR L 193 4.87 6.02 34.93
C THR L 193 5.44 4.63 34.68
N PRO L 194 4.78 3.77 33.91
CA PRO L 194 5.33 2.44 33.65
C PRO L 194 6.66 2.52 32.93
N TYR L 195 7.56 1.60 33.30
CA TYR L 195 8.89 1.52 32.70
C TYR L 195 9.10 0.13 32.14
N ASN L 196 9.63 0.05 30.92
CA ASN L 196 9.80 -1.21 30.21
C ASN L 196 11.20 -1.73 30.48
N THR L 197 11.33 -2.62 31.47
CA THR L 197 12.63 -3.14 31.84
C THR L 197 13.23 -4.00 30.73
N ARG L 198 12.40 -4.81 30.08
CA ARG L 198 12.78 -5.56 28.88
C ARG L 198 11.61 -5.49 27.93
N ASN L 199 11.86 -5.08 26.68
CA ASN L 199 10.78 -4.76 25.77
C ASN L 199 10.47 -5.89 24.78
N ASP L 200 11.41 -6.78 24.52
CA ASP L 200 11.15 -7.96 23.71
C ASP L 200 10.90 -7.62 22.25
N VAL L 201 10.76 -6.34 21.92
CA VAL L 201 10.71 -5.93 20.53
C VAL L 201 12.10 -5.64 20.00
N ALA L 202 12.96 -5.10 20.87
CA ALA L 202 14.33 -4.81 20.46
C ALA L 202 15.17 -6.08 20.41
N CYS L 203 14.83 -7.08 21.22
CA CYS L 203 15.71 -8.22 21.40
C CYS L 203 14.90 -9.50 21.59
N ASP L 204 15.58 -10.63 21.39
CA ASP L 204 15.02 -11.95 21.65
C ASP L 204 16.17 -12.92 21.87
N GLY L 205 16.25 -13.49 23.06
CA GLY L 205 17.31 -14.38 23.43
C GLY L 205 17.68 -14.20 24.88
N ALA L 206 18.97 -14.31 25.17
CA ALA L 206 19.44 -14.11 26.53
C ALA L 206 19.50 -12.64 26.91
N ALA L 207 19.35 -11.75 25.94
CA ALA L 207 19.47 -10.31 26.20
C ALA L 207 18.46 -9.87 27.25
N GLN L 208 18.91 -9.00 28.15
CA GLN L 208 18.06 -8.49 29.23
C GLN L 208 17.94 -6.96 29.17
N PHE M 1 1.60 -6.52 -19.77
CA PHE M 1 2.25 -5.22 -19.44
C PHE M 1 3.67 -5.13 -20.01
N THR M 2 4.25 -3.93 -19.96
CA THR M 2 5.52 -3.65 -20.60
C THR M 2 6.42 -2.90 -19.61
N LEU M 3 7.52 -2.36 -20.13
CA LEU M 3 8.50 -1.69 -19.26
C LEU M 3 7.92 -0.41 -18.65
N ILE M 4 7.14 0.34 -19.42
CA ILE M 4 6.61 1.61 -18.92
C ILE M 4 5.72 1.37 -17.71
N GLU M 5 4.86 0.36 -17.77
CA GLU M 5 4.01 0.06 -16.63
C GLU M 5 4.83 -0.25 -15.39
N LEU M 6 5.91 -1.01 -15.54
CA LEU M 6 6.67 -1.46 -14.39
C LEU M 6 7.46 -0.31 -13.77
N MET M 7 8.04 0.54 -14.62
CA MET M 7 8.71 1.73 -14.11
C MET M 7 7.70 2.69 -13.46
N ILE M 8 6.46 2.73 -13.97
CA ILE M 8 5.45 3.55 -13.34
C ILE M 8 5.08 3.00 -11.98
N VAL M 9 5.07 1.68 -11.83
CA VAL M 9 4.84 1.07 -10.52
C VAL M 9 5.94 1.50 -9.55
N VAL M 10 7.18 1.43 -9.98
CA VAL M 10 8.29 1.86 -9.14
C VAL M 10 8.13 3.34 -8.76
N ALA M 11 7.79 4.17 -9.74
CA ALA M 11 7.60 5.59 -9.47
C ALA M 11 6.46 5.84 -8.50
N ILE M 12 5.40 5.03 -8.56
CA ILE M 12 4.27 5.24 -7.67
C ILE M 12 4.64 4.87 -6.24
N ILE M 13 5.38 3.79 -6.05
CA ILE M 13 5.81 3.51 -4.67
C ILE M 13 6.76 4.59 -4.19
N GLY M 14 7.58 5.14 -5.08
CA GLY M 14 8.39 6.30 -4.71
C GLY M 14 7.54 7.49 -4.31
N ILE M 15 6.44 7.72 -5.01
CA ILE M 15 5.53 8.81 -4.66
C ILE M 15 4.95 8.58 -3.27
N LEU M 16 4.47 7.37 -3.01
CA LEU M 16 3.84 7.09 -1.72
C LEU M 16 4.84 7.23 -0.58
N ALA M 17 6.11 6.90 -0.82
CA ALA M 17 7.11 7.07 0.22
C ALA M 17 7.24 8.53 0.66
N ALA M 18 6.94 9.46 -0.23
CA ALA M 18 7.06 10.89 0.07
C ALA M 18 5.71 11.59 0.18
N ILE M 19 4.66 10.87 0.56
CA ILE M 19 3.32 11.45 0.66
C ILE M 19 3.31 12.50 1.77
N ALA M 20 2.46 13.51 1.61
CA ALA M 20 2.33 14.58 2.61
C ALA M 20 1.06 14.36 3.44
N ILE M 21 1.20 13.54 4.47
CA ILE M 21 0.11 13.21 5.37
C ILE M 21 -0.06 14.34 6.38
N PRO M 22 -1.17 14.40 7.12
CA PRO M 22 -1.37 15.49 8.07
C PRO M 22 -0.31 15.49 9.15
N ASN M 23 -0.02 16.67 9.68
CA ASN M 23 0.92 16.84 10.78
C ASN M 23 0.25 16.38 12.07
N PHE M 24 0.60 15.18 12.53
CA PHE M 24 -0.06 14.62 13.72
C PHE M 24 0.62 15.04 15.02
N ILE M 25 1.79 15.69 14.94
CA ILE M 25 2.38 16.29 16.12
C ILE M 25 1.43 17.31 16.74
N LYS M 26 0.61 17.97 15.92
CA LYS M 26 -0.38 18.89 16.44
C LYS M 26 -1.45 18.16 17.25
N PHE M 27 -1.92 17.02 16.77
CA PHE M 27 -2.86 16.22 17.54
C PHE M 27 -2.26 15.77 18.87
N GLN M 28 -0.99 15.38 18.85
CA GLN M 28 -0.37 14.94 20.10
C GLN M 28 -0.14 16.10 21.05
N ALA M 29 0.17 17.29 20.53
CA ALA M 29 0.27 18.46 21.38
C ALA M 29 -1.08 18.79 22.02
N ARG M 30 -2.16 18.68 21.25
CA ARG M 30 -3.48 18.85 21.83
C ARG M 30 -3.75 17.82 22.91
N SER M 31 -3.27 16.60 22.74
CA SER M 31 -3.38 15.61 23.80
C SER M 31 -2.62 16.04 25.05
N LYS M 32 -1.41 16.57 24.88
CA LYS M 32 -0.57 16.92 26.01
C LYS M 32 -1.10 18.15 26.74
N GLN M 33 -1.88 18.98 26.06
CA GLN M 33 -2.37 20.22 26.70
C GLN M 33 -3.37 19.96 27.82
N SER M 34 -3.85 18.72 27.98
CA SER M 34 -4.88 18.47 28.99
C SER M 34 -4.36 18.55 30.42
N GLU M 35 -3.05 18.41 30.62
CA GLU M 35 -2.50 18.63 31.96
C GLU M 35 -2.87 20.01 32.47
N ALA M 36 -2.71 21.03 31.62
CA ALA M 36 -2.97 22.39 32.06
C ALA M 36 -4.43 22.57 32.47
N LYS M 37 -5.36 22.07 31.65
CA LYS M 37 -6.77 22.21 31.99
C LYS M 37 -7.08 21.53 33.32
N THR M 38 -6.68 20.28 33.48
CA THR M 38 -7.02 19.55 34.71
C THR M 38 -6.41 20.22 35.94
N ASN M 39 -5.14 20.60 35.85
CA ASN M 39 -4.46 21.17 37.02
C ASN M 39 -4.96 22.57 37.34
N LEU M 40 -5.33 23.35 36.33
CA LEU M 40 -5.88 24.67 36.61
C LEU M 40 -7.25 24.55 37.27
N LYS M 41 -8.06 23.59 36.84
CA LYS M 41 -9.32 23.39 37.55
C LYS M 41 -9.08 22.94 38.98
N ALA M 42 -8.03 22.16 39.22
CA ALA M 42 -7.67 21.80 40.59
C ALA M 42 -7.27 23.02 41.41
N LEU M 43 -6.49 23.92 40.83
CA LEU M 43 -6.22 25.20 41.49
C LEU M 43 -7.49 25.92 41.87
N TYR M 44 -8.42 26.03 40.91
CA TYR M 44 -9.67 26.73 41.15
C TYR M 44 -10.41 26.13 42.34
N THR M 45 -10.53 24.80 42.35
CA THR M 45 -11.24 24.12 43.43
C THR M 45 -10.57 24.34 44.78
N ALA M 46 -9.25 24.20 44.83
CA ALA M 46 -8.55 24.34 46.10
C ALA M 46 -8.65 25.77 46.62
N GLN M 47 -8.56 26.76 45.73
CA GLN M 47 -8.72 28.15 46.15
C GLN M 47 -10.11 28.39 46.71
N LYS M 48 -11.14 27.85 46.06
CA LYS M 48 -12.51 28.04 46.56
C LYS M 48 -12.67 27.42 47.94
N SER M 49 -12.14 26.22 48.14
CA SER M 49 -12.24 25.57 49.45
C SER M 49 -11.52 26.37 50.52
N PHE M 50 -10.32 26.87 50.19
CA PHE M 50 -9.56 27.66 51.14
C PHE M 50 -10.32 28.92 51.53
N PHE M 51 -10.92 29.61 50.55
CA PHE M 51 -11.71 30.79 50.87
C PHE M 51 -12.86 30.44 51.79
N SER M 52 -13.58 29.36 51.46
CA SER M 52 -14.73 28.98 52.26
C SER M 52 -14.33 28.77 53.71
N GLU M 53 -13.20 28.10 53.94
CA GLU M 53 -12.82 27.79 55.31
C GLU M 53 -12.23 29.02 56.02
N LYS M 54 -11.51 29.87 55.29
CA LYS M 54 -10.70 30.92 55.90
C LYS M 54 -11.18 32.34 55.58
N ASP M 55 -12.20 32.50 54.74
CA ASP M 55 -12.73 33.83 54.39
C ASP M 55 -11.65 34.70 53.74
N ARG M 56 -10.84 34.09 52.87
CA ARG M 56 -9.78 34.83 52.20
C ARG M 56 -9.12 33.91 51.19
N TYR M 57 -8.63 34.49 50.10
CA TYR M 57 -7.84 33.76 49.12
C TYR M 57 -6.36 33.85 49.46
N SER M 58 -5.60 32.89 48.97
CA SER M 58 -4.19 32.76 49.31
C SER M 58 -3.32 33.07 48.10
N ASP M 59 -2.11 33.54 48.38
CA ASP M 59 -1.12 33.83 47.35
C ASP M 59 -0.07 32.73 47.20
N PHE M 60 -0.17 31.64 47.96
CA PHE M 60 0.87 30.62 47.97
C PHE M 60 0.25 29.24 47.76
N ALA M 61 1.02 28.36 47.11
CA ALA M 61 0.51 27.01 46.83
C ALA M 61 0.57 26.13 48.07
N ASN M 62 1.41 26.47 49.05
CA ASN M 62 1.46 25.70 50.28
C ASN M 62 0.13 25.72 51.02
N GLU M 63 -0.40 26.90 51.29
CA GLU M 63 -1.65 27.05 52.01
C GLU M 63 -2.84 26.48 51.27
N ILE M 64 -2.90 26.68 49.96
CA ILE M 64 -4.01 26.15 49.16
C ILE M 64 -4.05 24.64 49.27
N GLY M 65 -2.88 23.99 49.19
CA GLY M 65 -2.80 22.55 49.14
C GLY M 65 -2.75 21.98 47.76
N PHE M 66 -2.19 22.70 46.80
CA PHE M 66 -2.15 22.29 45.40
C PHE M 66 -0.72 21.99 44.98
N ALA M 67 -0.54 20.82 44.37
CA ALA M 67 0.75 20.44 43.81
C ALA M 67 0.48 19.39 42.75
N PRO M 68 0.93 19.57 41.51
CA PRO M 68 0.77 18.53 40.51
C PRO M 68 1.77 17.40 40.71
N GLU M 69 1.40 16.23 40.19
CA GLU M 69 2.29 15.08 40.26
C GLU M 69 3.49 15.28 39.34
N ARG M 70 4.55 14.52 39.60
CA ARG M 70 5.77 14.66 38.83
C ARG M 70 5.55 14.26 37.37
N GLY M 71 6.37 14.87 36.50
CA GLY M 71 6.16 14.77 35.06
C GLY M 71 5.15 15.75 34.52
N ASN M 72 5.09 16.97 35.07
CA ASN M 72 3.94 17.84 34.83
C ASN M 72 4.02 18.60 33.50
N ARG M 73 5.23 18.90 33.03
CA ARG M 73 5.46 19.63 31.77
C ARG M 73 5.10 21.11 31.85
N TYR M 74 4.43 21.54 32.91
CA TYR M 74 3.91 22.89 33.02
C TYR M 74 4.30 23.48 34.36
N GLY M 75 4.66 24.75 34.36
CA GLY M 75 4.84 25.48 35.59
C GLY M 75 3.62 26.30 35.91
N TYR M 76 3.24 26.31 37.18
CA TYR M 76 2.02 26.96 37.62
C TYR M 76 2.36 28.11 38.56
N ARG M 77 1.68 29.23 38.38
CA ARG M 77 1.85 30.40 39.23
C ARG M 77 0.50 30.77 39.83
N VAL M 78 0.43 30.83 41.15
CA VAL M 78 -0.81 31.23 41.82
C VAL M 78 -0.79 32.69 42.21
N SER M 79 0.36 33.35 42.18
CA SER M 79 0.43 34.76 42.53
C SER M 79 1.76 35.32 42.05
N ALA M 80 1.82 36.65 42.02
CA ALA M 80 3.05 37.37 41.69
C ALA M 80 3.85 37.76 42.92
N ALA M 81 3.44 37.32 44.11
CA ALA M 81 4.20 37.61 45.32
C ALA M 81 5.63 37.10 45.18
N ALA M 82 6.49 37.55 46.10
CA ALA M 82 7.89 37.18 46.04
C ALA M 82 8.12 35.80 46.63
N GLY M 83 9.06 35.08 46.05
CA GLY M 83 9.42 33.75 46.52
C GLY M 83 9.96 32.91 45.39
N ASP M 84 10.53 31.76 45.77
CA ASP M 84 11.09 30.82 44.81
C ASP M 84 9.99 29.93 44.23
N CYS M 85 10.31 29.21 43.16
CA CYS M 85 9.33 28.47 42.38
C CYS M 85 9.45 26.97 42.55
N GLU M 86 9.87 26.51 43.73
CA GLU M 86 9.90 25.09 44.04
C GLU M 86 10.52 24.30 42.87
N VAL M 87 11.80 24.54 42.65
CA VAL M 87 12.48 23.93 41.51
C VAL M 87 12.43 22.41 41.66
N ARG M 88 11.89 21.73 40.64
CA ARG M 88 11.81 20.27 40.62
C ARG M 88 12.92 19.75 39.71
N ASN M 89 14.13 19.67 40.26
CA ASN M 89 15.30 19.27 39.50
C ASN M 89 16.01 18.07 40.11
N ALA M 90 15.33 17.33 40.99
CA ALA M 90 15.94 16.17 41.63
C ALA M 90 14.84 15.22 42.06
N ALA M 91 15.25 13.99 42.40
CA ALA M 91 14.28 12.98 42.81
C ALA M 91 13.55 13.41 44.08
N ASP M 92 14.26 13.98 45.04
CA ASP M 92 13.67 14.46 46.28
C ASP M 92 13.35 15.95 46.14
N LEU M 93 12.11 16.32 46.43
CA LEU M 93 11.74 17.72 46.37
C LEU M 93 12.46 18.51 47.47
N PRO M 94 12.84 19.75 47.21
CA PRO M 94 13.56 20.54 48.23
C PRO M 94 12.65 20.95 49.37
N VAL M 95 13.26 21.19 50.53
CA VAL M 95 12.52 21.69 51.69
C VAL M 95 12.35 23.19 51.50
N PRO M 96 11.12 23.72 51.54
CA PRO M 96 10.93 25.14 51.25
C PRO M 96 11.45 26.03 52.38
N ALA M 97 12.03 27.15 52.00
CA ALA M 97 12.46 28.14 52.98
C ALA M 97 11.30 29.00 53.44
N ALA M 98 10.35 29.29 52.55
CA ALA M 98 9.18 30.08 52.90
C ALA M 98 8.08 29.74 51.90
N GLY M 99 6.99 30.51 51.96
CA GLY M 99 5.89 30.26 51.05
C GLY M 99 6.32 30.37 49.60
N VAL M 100 5.78 29.47 48.78
CA VAL M 100 6.12 29.42 47.36
C VAL M 100 4.93 29.87 46.53
N PRO M 101 5.06 30.91 45.70
CA PRO M 101 3.94 31.30 44.85
C PRO M 101 3.88 30.59 43.51
N CYS M 102 4.93 29.85 43.14
CA CYS M 102 4.98 29.22 41.84
C CYS M 102 5.57 27.83 41.98
N ILE M 103 5.18 26.95 41.06
CA ILE M 103 5.69 25.59 41.00
C ILE M 103 6.39 25.42 39.66
N SER M 104 7.67 25.07 39.69
CA SER M 104 8.44 25.00 38.48
C SER M 104 8.05 23.80 37.65
N ASN M 105 8.52 23.81 36.40
CA ASN M 105 8.41 22.63 35.54
C ASN M 105 9.25 21.50 36.12
N ASP M 106 8.81 20.26 35.88
CA ASP M 106 9.53 19.09 36.38
C ASP M 106 10.69 18.79 35.44
N SER M 107 11.84 19.41 35.70
CA SER M 107 13.01 19.21 34.86
C SER M 107 13.81 17.99 35.24
N PHE M 108 13.37 17.23 36.26
CA PHE M 108 14.05 16.00 36.62
C PHE M 108 14.03 15.01 35.45
N ARG M 109 12.89 14.84 34.81
CA ARG M 109 12.74 13.85 33.75
C ARG M 109 12.58 14.47 32.37
N PHE M 110 12.63 15.79 32.25
CA PHE M 110 12.57 16.45 30.95
C PHE M 110 13.87 17.15 30.57
N GLY M 111 14.90 17.09 31.38
CA GLY M 111 16.16 17.70 31.03
C GLY M 111 16.34 19.07 31.66
N ALA M 112 17.61 19.45 31.84
CA ALA M 112 17.91 20.72 32.51
C ALA M 112 17.65 21.91 31.61
N ASN M 113 17.72 21.73 30.29
CA ASN M 113 17.47 22.82 29.35
C ASN M 113 15.99 23.11 29.16
N SER M 114 15.10 22.25 29.65
CA SER M 114 13.67 22.47 29.57
C SER M 114 13.11 23.11 30.83
N ALA M 115 13.97 23.52 31.77
CA ALA M 115 13.49 24.05 33.03
C ALA M 115 12.69 25.32 32.82
N ILE M 116 11.62 25.47 33.60
CA ILE M 116 10.82 26.69 33.65
C ILE M 116 10.77 27.11 35.11
N ASP M 117 11.66 28.01 35.51
CA ASP M 117 11.75 28.47 36.89
C ASP M 117 10.96 29.75 37.14
N ASP M 118 10.29 30.27 36.11
CA ASP M 118 9.46 31.47 36.26
C ASP M 118 8.26 31.32 35.36
N PRO M 119 7.31 30.46 35.73
CA PRO M 119 6.18 30.14 34.85
C PRO M 119 5.08 31.22 34.88
N THR M 120 5.43 32.41 34.43
CA THR M 120 4.48 33.51 34.37
C THR M 120 3.85 33.55 32.97
N PRO M 121 2.54 33.36 32.84
CA PRO M 121 1.94 33.31 31.50
C PRO M 121 1.73 34.70 30.91
N VAL M 122 1.38 34.70 29.63
CA VAL M 122 0.99 35.90 28.91
C VAL M 122 -0.49 36.14 29.11
N VAL M 123 -0.88 37.38 29.40
CA VAL M 123 -2.25 37.73 29.68
C VAL M 123 -2.74 38.89 28.81
N ALA M 124 -2.13 39.09 27.65
CA ALA M 124 -2.52 40.21 26.79
C ALA M 124 -3.91 39.99 26.19
N ARG M 125 -4.24 38.76 25.84
CA ARG M 125 -5.47 38.44 25.14
C ARG M 125 -6.54 37.87 26.03
N PHE M 126 -6.62 38.32 27.28
CA PHE M 126 -7.73 38.01 28.18
C PHE M 126 -8.23 39.33 28.75
N VAL M 127 -9.48 39.66 28.47
CA VAL M 127 -10.06 40.95 28.84
C VAL M 127 -11.11 40.72 29.91
N PRO M 128 -10.87 41.08 31.17
CA PRO M 128 -11.91 40.90 32.18
C PRO M 128 -13.17 41.68 31.84
N GLN M 129 -14.32 41.09 32.16
CA GLN M 129 -15.62 41.71 31.93
C GLN M 129 -16.32 41.95 33.27
N GLY M 130 -17.19 42.95 33.28
CA GLY M 130 -17.93 43.30 34.47
C GLY M 130 -17.61 44.70 34.97
N ALA M 131 -18.46 45.19 35.86
CA ALA M 131 -18.29 46.54 36.40
C ALA M 131 -17.31 46.57 37.56
N ALA M 132 -16.94 45.41 38.10
CA ALA M 132 -16.06 45.37 39.26
C ALA M 132 -14.66 45.86 38.93
N GLY M 133 -14.32 45.96 37.65
CA GLY M 133 -13.02 46.48 37.27
C GLY M 133 -11.85 45.61 37.67
N TRP M 134 -11.92 44.31 37.44
CA TRP M 134 -10.82 43.42 37.80
C TRP M 134 -9.64 43.59 36.83
N ASN M 135 -8.47 43.16 37.27
CA ASN M 135 -7.23 43.30 36.52
C ASN M 135 -6.76 41.94 36.01
N THR M 136 -5.68 41.96 35.23
CA THR M 136 -5.05 40.74 34.75
C THR M 136 -3.77 40.39 35.51
N THR M 137 -3.50 41.06 36.62
CA THR M 137 -2.34 40.70 37.43
C THR M 137 -2.62 39.41 38.19
N LEU M 138 -1.68 38.47 38.14
CA LEU M 138 -1.88 37.19 38.79
C LEU M 138 -1.90 37.34 40.30
N GLY M 139 -2.70 36.50 40.96
CA GLY M 139 -2.76 36.48 42.41
C GLY M 139 -4.09 36.96 42.92
N VAL M 140 -4.22 37.09 44.24
CA VAL M 140 -5.43 37.63 44.86
C VAL M 140 -5.45 39.12 44.60
N GLN M 141 -6.56 39.62 44.08
CA GLN M 141 -6.73 41.02 43.73
C GLN M 141 -8.07 41.52 44.25
N PRO M 142 -8.20 42.82 44.48
CA PRO M 142 -7.22 43.90 44.29
C PRO M 142 -6.04 43.81 45.25
N THR M 143 -6.28 43.28 46.46
CA THR M 143 -5.21 43.01 47.41
C THR M 143 -5.70 41.92 48.34
N ILE M 144 -4.74 41.20 48.94
CA ILE M 144 -5.10 40.19 49.91
C ILE M 144 -5.56 40.83 51.21
N ALA M 145 -5.50 42.16 51.31
CA ALA M 145 -5.89 42.86 52.53
C ALA M 145 -7.39 42.87 52.73
N ASP M 146 -8.18 42.63 51.68
CA ASP M 146 -9.64 42.59 51.79
C ASP M 146 -10.09 41.14 51.97
N CYS M 147 -10.55 40.80 53.16
CA CYS M 147 -11.00 39.42 53.39
C CYS M 147 -12.12 39.00 52.47
N PRO M 148 -13.20 39.75 52.30
CA PRO M 148 -14.13 39.41 51.19
C PRO M 148 -13.46 39.68 49.86
N ASN M 149 -12.43 38.88 49.59
CA ASN M 149 -11.53 39.11 48.47
C ASN M 149 -12.27 39.06 47.15
N CYS M 150 -11.92 39.97 46.27
CA CYS M 150 -12.35 39.81 44.89
C CYS M 150 -11.67 38.58 44.31
N ASN M 151 -12.20 38.13 43.19
CA ASN M 151 -11.81 36.84 42.64
C ASN M 151 -10.32 36.80 42.35
N PHE M 152 -9.74 35.60 42.46
CA PHE M 152 -8.33 35.39 42.19
C PHE M 152 -8.06 35.31 40.69
N PHE M 153 -6.79 35.10 40.34
CA PHE M 153 -6.34 34.96 38.97
C PHE M 153 -5.03 34.17 38.97
N ALA M 154 -4.97 33.11 38.17
CA ALA M 154 -3.82 32.21 38.16
C ALA M 154 -3.58 31.73 36.74
N GLY M 155 -2.44 31.10 36.53
CA GLY M 155 -2.12 30.61 35.20
C GLY M 155 -1.01 29.61 35.21
N ALA M 156 -0.72 29.08 34.02
CA ALA M 156 0.32 28.07 33.83
C ALA M 156 1.08 28.39 32.57
N ARG M 157 2.22 27.70 32.39
CA ARG M 157 3.09 27.93 31.25
C ARG M 157 3.84 26.65 30.95
N GLY M 158 3.93 26.27 29.69
CA GLY M 158 4.55 25.01 29.34
C GLY M 158 4.93 24.98 27.88
N ASN M 159 5.31 23.79 27.42
CA ASN M 159 5.77 23.61 26.05
C ASN M 159 5.22 22.30 25.52
N ALA M 160 4.56 22.35 24.35
CA ALA M 160 3.98 21.16 23.76
C ALA M 160 4.79 20.70 22.55
N ASP M 161 5.21 19.43 22.58
CA ASP M 161 6.13 18.83 21.60
C ASP M 161 7.37 19.71 21.49
N ASN M 162 7.91 19.95 20.29
CA ASN M 162 9.24 20.53 20.14
C ASN M 162 9.19 22.01 19.79
N GLU M 163 8.11 22.67 20.18
CA GLU M 163 8.03 24.12 20.09
C GLU M 163 9.10 24.73 20.98
N ALA M 164 9.93 25.60 20.39
CA ALA M 164 10.91 26.32 21.20
C ALA M 164 10.22 27.25 22.19
N THR M 165 9.12 27.87 21.77
CA THR M 165 8.34 28.79 22.57
C THR M 165 7.30 28.04 23.39
N PHE M 166 6.61 28.76 24.27
CA PHE M 166 5.75 28.19 25.29
C PHE M 166 4.28 28.44 24.99
N ASP M 167 3.42 27.64 25.62
CA ASP M 167 1.99 27.90 25.59
C ASP M 167 1.50 28.30 26.97
N ASP M 168 0.51 29.17 27.01
CA ASP M 168 0.09 29.83 28.24
C ASP M 168 -1.40 29.62 28.46
N TRP M 169 -1.78 29.39 29.71
CA TRP M 169 -3.17 29.26 30.12
C TRP M 169 -3.44 30.19 31.28
N VAL M 170 -4.72 30.49 31.51
CA VAL M 170 -5.14 31.28 32.66
C VAL M 170 -6.49 30.76 33.14
N ILE M 171 -6.68 30.81 34.45
CA ILE M 171 -7.97 30.53 35.06
C ILE M 171 -8.26 31.65 36.04
N ALA M 172 -9.48 32.19 35.96
CA ALA M 172 -9.86 33.33 36.77
C ALA M 172 -11.13 32.99 37.54
N GLY M 173 -11.36 33.72 38.62
CA GLY M 173 -12.60 33.61 39.35
C GLY M 173 -13.68 34.54 38.88
N PHE M 174 -13.43 35.31 37.81
CA PHE M 174 -14.37 36.29 37.29
C PHE M 174 -14.54 36.09 35.80
N GLU M 175 -15.61 36.68 35.27
CA GLU M 175 -15.91 36.55 33.85
C GLU M 175 -14.87 37.27 33.01
N GLY M 176 -14.68 36.80 31.79
CA GLY M 176 -13.74 37.44 30.88
C GLY M 176 -14.08 37.05 29.46
N SER M 177 -13.32 37.62 28.53
CA SER M 177 -13.51 37.31 27.11
C SER M 177 -12.16 37.19 26.44
N GLY M 178 -12.10 36.34 25.42
CA GLY M 178 -10.89 36.17 24.65
C GLY M 178 -10.84 37.12 23.48
N GLN M 179 -9.63 37.39 23.00
CA GLN M 179 -9.41 38.23 21.85
C GLN M 179 -8.83 37.39 20.70
N VAL M 180 -9.38 37.59 19.51
CA VAL M 180 -8.90 36.88 18.34
C VAL M 180 -7.48 37.33 18.04
N GLY M 181 -6.63 36.36 17.70
CA GLY M 181 -5.24 36.64 17.37
C GLY M 181 -4.62 35.46 16.68
N PRO M 182 -3.34 35.57 16.32
CA PRO M 182 -2.68 34.45 15.62
C PRO M 182 -2.61 33.19 16.45
N CYS M 183 -2.66 33.28 17.78
CA CYS M 183 -2.46 32.14 18.67
C CYS M 183 -3.56 32.06 19.72
N SER M 184 -4.73 32.63 19.43
CA SER M 184 -5.83 32.56 20.38
C SER M 184 -7.14 32.68 19.63
N GLU M 185 -8.21 32.20 20.25
CA GLU M 185 -9.64 32.04 20.02
C GLU M 185 -10.40 33.24 20.59
N ALA M 186 -11.52 33.55 19.97
CA ALA M 186 -12.37 34.65 20.39
C ALA M 186 -13.68 34.11 20.92
N GLY M 187 -14.07 34.56 22.09
CA GLY M 187 -15.30 34.15 22.70
C GLY M 187 -15.26 34.37 24.20
N ASN M 188 -16.44 34.42 24.79
CA ASN M 188 -16.60 34.69 26.20
C ASN M 188 -16.21 33.48 27.03
N VAL M 189 -15.59 33.73 28.17
CA VAL M 189 -15.09 32.68 29.05
C VAL M 189 -15.80 32.81 30.39
N ALA M 190 -16.46 31.75 30.82
CA ALA M 190 -17.12 31.75 32.12
C ALA M 190 -16.09 31.62 33.24
N SER M 191 -16.45 32.11 34.41
CA SER M 191 -15.55 32.00 35.55
C SER M 191 -15.35 30.52 35.90
N GLY M 192 -14.09 30.16 36.10
CA GLY M 192 -13.75 28.78 36.38
C GLY M 192 -13.44 27.93 35.17
N THR M 193 -13.23 28.54 34.00
CA THR M 193 -12.90 27.83 32.79
C THR M 193 -11.52 28.22 32.29
N PRO M 194 -10.58 27.29 32.14
CA PRO M 194 -9.25 27.67 31.64
C PRO M 194 -9.32 28.26 30.24
N TYR M 195 -8.46 29.24 29.99
CA TYR M 195 -8.40 29.92 28.70
C TYR M 195 -6.97 29.92 28.20
N ASN M 196 -6.78 29.58 26.92
CA ASN M 196 -5.47 29.41 26.32
C ASN M 196 -5.04 30.72 25.68
N THR M 197 -4.24 31.51 26.41
CA THR M 197 -3.81 32.80 25.88
C THR M 197 -2.88 32.63 24.68
N ARG M 198 -1.95 31.70 24.75
CA ARG M 198 -1.10 31.32 23.63
C ARG M 198 -1.05 29.80 23.61
N ASN M 199 -1.39 29.19 22.48
CA ASN M 199 -1.60 27.75 22.46
C ASN M 199 -0.39 26.96 21.94
N ASP M 200 0.49 27.60 21.17
CA ASP M 200 1.74 26.98 20.78
C ASP M 200 1.56 25.82 19.80
N VAL M 201 0.33 25.40 19.55
CA VAL M 201 0.08 24.43 18.50
C VAL M 201 -0.22 25.15 17.19
N ALA M 202 -0.83 26.32 17.29
CA ALA M 202 -1.11 27.13 16.11
C ALA M 202 0.14 27.83 15.60
N CYS M 203 1.04 28.21 16.50
CA CYS M 203 2.11 29.13 16.15
C CYS M 203 3.39 28.76 16.87
N ASP M 204 4.51 29.25 16.32
CA ASP M 204 5.83 29.10 16.92
C ASP M 204 6.70 30.24 16.42
N GLY M 205 7.11 31.11 17.33
CA GLY M 205 7.90 32.28 17.00
C GLY M 205 7.53 33.43 17.88
N ALA M 206 7.58 34.64 17.31
CA ALA M 206 7.25 35.83 18.07
C ALA M 206 5.74 36.01 18.24
N ALA M 207 4.94 35.21 17.53
CA ALA M 207 3.50 35.34 17.60
C ALA M 207 3.00 35.19 19.03
N GLN M 208 2.01 35.99 19.39
CA GLN M 208 1.43 35.95 20.74
C GLN M 208 -0.07 35.67 20.69
N PHE N 1 5.30 -7.36 -6.88
CA PHE N 1 3.91 -6.87 -7.09
C PHE N 1 3.77 -6.17 -8.44
N THR N 2 2.53 -5.91 -8.84
CA THR N 2 2.21 -5.39 -10.15
C THR N 2 1.32 -4.16 -10.02
N LEU N 3 0.79 -3.69 -11.15
CA LEU N 3 0.00 -2.47 -11.14
C LEU N 3 -1.30 -2.65 -10.37
N ILE N 4 -1.93 -3.81 -10.50
CA ILE N 4 -3.23 -4.04 -9.86
C ILE N 4 -3.08 -3.96 -8.35
N GLU N 5 -2.02 -4.55 -7.80
CA GLU N 5 -1.80 -4.48 -6.37
C GLU N 5 -1.66 -3.04 -5.89
N LEU N 6 -0.92 -2.22 -6.64
CA LEU N 6 -0.65 -0.86 -6.20
C LEU N 6 -1.90 0.00 -6.29
N MET N 7 -2.69 -0.19 -7.34
CA MET N 7 -3.98 0.48 -7.42
C MET N 7 -4.92 0.02 -6.31
N ILE N 8 -4.85 -1.25 -5.91
CA ILE N 8 -5.67 -1.71 -4.80
C ILE N 8 -5.21 -1.06 -3.50
N VAL N 9 -3.92 -0.83 -3.34
CA VAL N 9 -3.43 -0.12 -2.16
C VAL N 9 -4.01 1.29 -2.11
N VAL N 10 -3.97 1.99 -3.25
CA VAL N 10 -4.54 3.33 -3.31
C VAL N 10 -6.03 3.29 -3.00
N ALA N 11 -6.74 2.30 -3.55
CA ALA N 11 -8.17 2.18 -3.31
C ALA N 11 -8.46 1.89 -1.84
N ILE N 12 -7.59 1.14 -1.18
CA ILE N 12 -7.83 0.81 0.24
C ILE N 12 -7.63 2.04 1.11
N ILE N 13 -6.61 2.85 0.82
CA ILE N 13 -6.49 4.06 1.61
C ILE N 13 -7.66 4.99 1.32
N GLY N 14 -8.14 5.02 0.09
CA GLY N 14 -9.37 5.75 -0.20
C GLY N 14 -10.56 5.24 0.59
N ILE N 15 -10.66 3.93 0.76
CA ILE N 15 -11.74 3.36 1.56
C ILE N 15 -11.63 3.78 3.01
N LEU N 16 -10.42 3.68 3.59
CA LEU N 16 -10.26 4.05 4.98
C LEU N 16 -10.53 5.53 5.20
N ALA N 17 -10.29 6.35 4.18
CA ALA N 17 -10.61 7.77 4.30
C ALA N 17 -12.10 8.02 4.40
N ALA N 18 -12.93 7.03 4.09
CA ALA N 18 -14.38 7.17 4.16
C ALA N 18 -15.03 6.14 5.06
N ILE N 19 -14.29 5.59 6.03
CA ILE N 19 -14.84 4.57 6.93
C ILE N 19 -15.95 5.18 7.76
N ALA N 20 -16.94 4.35 8.10
CA ALA N 20 -18.08 4.80 8.92
C ALA N 20 -17.90 4.33 10.36
N ILE N 21 -17.20 5.16 11.13
CA ILE N 21 -16.91 4.86 12.53
C ILE N 21 -18.08 5.31 13.39
N PRO N 22 -18.17 4.88 14.65
CA PRO N 22 -19.34 5.21 15.46
C PRO N 22 -19.50 6.71 15.63
N ASN N 23 -20.75 7.13 15.82
CA ASN N 23 -21.07 8.54 16.04
C ASN N 23 -20.71 8.88 17.48
N PHE N 24 -19.58 9.57 17.67
CA PHE N 24 -19.10 9.86 19.02
C PHE N 24 -19.70 11.15 19.57
N ILE N 25 -20.39 11.93 18.75
CA ILE N 25 -21.16 13.04 19.27
C ILE N 25 -22.20 12.57 20.27
N LYS N 26 -22.72 11.35 20.10
CA LYS N 26 -23.62 10.79 21.10
C LYS N 26 -22.93 10.62 22.45
N PHE N 27 -21.71 10.09 22.44
CA PHE N 27 -20.95 9.93 23.68
C PHE N 27 -20.68 11.27 24.34
N GLN N 28 -20.33 12.28 23.55
CA GLN N 28 -20.05 13.59 24.13
C GLN N 28 -21.31 14.26 24.68
N ALA N 29 -22.45 14.06 24.00
CA ALA N 29 -23.71 14.55 24.54
C ALA N 29 -24.03 13.88 25.86
N ARG N 30 -23.79 12.57 25.95
CA ARG N 30 -24.00 11.87 27.21
C ARG N 30 -23.09 12.42 28.30
N SER N 31 -21.85 12.77 27.98
CA SER N 31 -21.00 13.42 28.97
C SER N 31 -21.56 14.77 29.40
N LYS N 32 -22.08 15.54 28.45
CA LYS N 32 -22.60 16.87 28.77
C LYS N 32 -23.87 16.81 29.60
N GLN N 33 -24.61 15.70 29.53
CA GLN N 33 -25.88 15.60 30.24
C GLN N 33 -25.73 15.57 31.76
N SER N 34 -24.51 15.44 32.28
CA SER N 34 -24.33 15.27 33.72
C SER N 34 -24.56 16.57 34.51
N GLU N 35 -24.49 17.72 33.86
CA GLU N 35 -24.89 18.96 34.53
C GLU N 35 -26.29 18.84 35.09
N ALA N 36 -27.22 18.33 34.28
CA ALA N 36 -28.60 18.24 34.73
C ALA N 36 -28.72 17.38 35.98
N LYS N 37 -28.06 16.23 35.98
CA LYS N 37 -28.13 15.34 37.14
C LYS N 37 -27.59 16.02 38.39
N THR N 38 -26.38 16.58 38.31
CA THR N 38 -25.77 17.18 39.49
C THR N 38 -26.61 18.34 40.02
N ASN N 39 -27.05 19.22 39.10
CA ASN N 39 -27.77 20.41 39.54
C ASN N 39 -29.17 20.08 40.04
N LEU N 40 -29.81 19.06 39.47
CA LEU N 40 -31.13 18.67 39.97
C LEU N 40 -31.01 18.05 41.36
N LYS N 41 -29.98 17.26 41.60
CA LYS N 41 -29.80 16.73 42.95
C LYS N 41 -29.49 17.87 43.92
N ALA N 42 -28.79 18.90 43.47
CA ALA N 42 -28.58 20.08 44.32
C ALA N 42 -29.91 20.77 44.64
N LEU N 43 -30.80 20.91 43.65
CA LEU N 43 -32.15 21.40 43.92
C LEU N 43 -32.84 20.56 44.99
N TYR N 44 -32.78 19.25 44.84
CA TYR N 44 -33.47 18.37 45.77
C TYR N 44 -32.95 18.59 47.19
N THR N 45 -31.63 18.66 47.34
CA THR N 45 -31.02 18.86 48.66
C THR N 45 -31.42 20.20 49.26
N ALA N 46 -31.35 21.27 48.46
CA ALA N 46 -31.67 22.59 48.97
C ALA N 46 -33.13 22.68 49.38
N GLN N 47 -34.02 22.07 48.60
CA GLN N 47 -35.44 22.04 48.95
C GLN N 47 -35.66 21.31 50.27
N LYS N 48 -34.99 20.17 50.46
CA LYS N 48 -35.14 19.44 51.71
C LYS N 48 -34.68 20.28 52.89
N SER N 49 -33.53 20.94 52.77
CA SER N 49 -33.03 21.76 53.87
C SER N 49 -33.98 22.92 54.17
N PHE N 50 -34.49 23.57 53.13
CA PHE N 50 -35.43 24.66 53.34
C PHE N 50 -36.68 24.17 54.07
N PHE N 51 -37.22 23.03 53.65
CA PHE N 51 -38.40 22.49 54.34
C PHE N 51 -38.07 22.22 55.80
N SER N 52 -36.93 21.58 56.05
CA SER N 52 -36.58 21.23 57.42
C SER N 52 -36.52 22.47 58.31
N GLU N 53 -35.93 23.55 57.79
CA GLU N 53 -35.78 24.74 58.63
C GLU N 53 -37.11 25.47 58.81
N LYS N 54 -37.94 25.52 57.76
CA LYS N 54 -39.11 26.39 57.72
C LYS N 54 -40.45 25.67 57.63
N ASP N 55 -40.45 24.34 57.50
CA ASP N 55 -41.68 23.54 57.51
C ASP N 55 -42.55 23.82 56.28
N ARG N 56 -41.92 24.00 55.13
CA ARG N 56 -42.63 24.19 53.88
C ARG N 56 -41.62 24.23 52.75
N TYR N 57 -42.05 23.81 51.57
CA TYR N 57 -41.22 23.90 50.36
C TYR N 57 -41.42 25.27 49.72
N SER N 58 -40.45 25.66 48.91
CA SER N 58 -40.43 26.99 48.32
C SER N 58 -40.74 26.93 46.83
N ASP N 59 -41.29 28.03 46.32
CA ASP N 59 -41.59 28.18 44.91
C ASP N 59 -40.53 28.95 44.15
N PHE N 60 -39.48 29.42 44.82
CA PHE N 60 -38.50 30.32 44.22
C PHE N 60 -37.09 29.84 44.50
N ALA N 61 -36.18 30.17 43.59
CA ALA N 61 -34.79 29.74 43.74
C ALA N 61 -34.03 30.64 44.71
N ASN N 62 -34.50 31.88 44.92
CA ASN N 62 -33.84 32.77 45.87
C ASN N 62 -33.91 32.23 47.30
N GLU N 63 -35.09 31.88 47.77
CA GLU N 63 -35.25 31.34 49.11
C GLU N 63 -34.58 30.00 49.28
N ILE N 64 -34.60 29.17 48.25
CA ILE N 64 -33.99 27.84 48.33
C ILE N 64 -32.48 27.98 48.53
N GLY N 65 -31.88 28.94 47.85
CA GLY N 65 -30.44 29.10 47.87
C GLY N 65 -29.71 28.35 46.79
N PHE N 66 -30.34 28.10 45.66
CA PHE N 66 -29.78 27.29 44.58
C PHE N 66 -29.52 28.17 43.37
N ALA N 67 -28.34 28.00 42.78
CA ALA N 67 -27.99 28.67 41.54
C ALA N 67 -26.85 27.90 40.91
N PRO N 68 -26.95 27.46 39.66
CA PRO N 68 -25.81 26.81 39.01
C PRO N 68 -24.75 27.82 38.59
N GLU N 69 -23.52 27.33 38.55
CA GLU N 69 -22.41 28.18 38.13
C GLU N 69 -22.54 28.52 36.64
N ARG N 70 -21.83 29.55 36.24
CA ARG N 70 -21.92 30.03 34.86
C ARG N 70 -21.40 28.99 33.87
N GLY N 71 -21.92 29.05 32.66
CA GLY N 71 -21.70 28.03 31.66
C GLY N 71 -22.56 26.80 31.82
N ASN N 72 -23.83 26.97 32.21
CA ASN N 72 -24.60 25.84 32.71
C ASN N 72 -25.22 24.99 31.59
N ARG N 73 -25.55 25.60 30.45
CA ARG N 73 -26.16 24.91 29.31
C ARG N 73 -27.62 24.53 29.52
N TYR N 74 -28.12 24.63 30.74
CA TYR N 74 -29.45 24.15 31.09
C TYR N 74 -30.20 25.24 31.84
N GLY N 75 -31.47 25.40 31.52
CA GLY N 75 -32.34 26.24 32.30
C GLY N 75 -33.14 25.40 33.29
N TYR N 76 -33.25 25.90 34.51
CA TYR N 76 -33.89 25.18 35.60
C TYR N 76 -35.14 25.90 36.04
N ARG N 77 -36.20 25.13 36.30
CA ARG N 77 -37.45 25.68 36.80
C ARG N 77 -37.80 24.98 38.10
N VAL N 78 -37.99 25.74 39.17
CA VAL N 78 -38.39 25.18 40.45
C VAL N 78 -39.89 25.33 40.69
N SER N 79 -40.58 26.10 39.85
CA SER N 79 -42.00 26.34 40.05
C SER N 79 -42.60 26.90 38.78
N ALA N 80 -43.92 26.80 38.68
CA ALA N 80 -44.67 27.41 37.60
C ALA N 80 -45.24 28.77 37.99
N ALA N 81 -44.92 29.28 39.17
CA ALA N 81 -45.38 30.59 39.59
C ALA N 81 -44.91 31.66 38.63
N ALA N 82 -45.49 32.85 38.76
CA ALA N 82 -45.17 33.95 37.88
C ALA N 82 -43.86 34.64 38.30
N GLY N 83 -43.11 35.09 37.31
CA GLY N 83 -41.87 35.79 37.56
C GLY N 83 -40.92 35.67 36.39
N ASP N 84 -39.86 36.45 36.44
CA ASP N 84 -38.82 36.42 35.42
C ASP N 84 -37.88 35.24 35.67
N CYS N 85 -37.08 34.89 34.66
CA CYS N 85 -36.26 33.68 34.68
C CYS N 85 -34.78 34.00 34.82
N GLU N 86 -34.44 35.11 35.47
CA GLU N 86 -33.05 35.47 35.73
C GLU N 86 -32.22 35.26 34.45
N VAL N 87 -32.47 36.12 33.48
CA VAL N 87 -31.79 36.01 32.19
C VAL N 87 -30.29 36.22 32.41
N ARG N 88 -29.49 35.24 31.99
CA ARG N 88 -28.04 35.31 32.09
C ARG N 88 -27.47 35.62 30.70
N ASN N 89 -27.47 36.90 30.35
CA ASN N 89 -27.02 37.35 29.04
C ASN N 89 -25.90 38.38 29.12
N ALA N 90 -25.27 38.52 30.28
CA ALA N 90 -24.20 39.50 30.46
C ALA N 90 -23.24 38.99 31.53
N ALA N 91 -22.06 39.59 31.57
CA ALA N 91 -21.05 39.16 32.52
C ALA N 91 -21.54 39.35 33.96
N ASP N 92 -22.22 40.45 34.23
CA ASP N 92 -22.73 40.75 35.55
C ASP N 92 -24.22 40.40 35.61
N LEU N 93 -24.60 39.59 36.60
CA LEU N 93 -25.98 39.16 36.70
C LEU N 93 -26.89 40.33 37.07
N PRO N 94 -28.14 40.32 36.60
CA PRO N 94 -29.05 41.42 36.90
C PRO N 94 -29.53 41.38 38.34
N VAL N 95 -29.95 42.54 38.84
CA VAL N 95 -30.55 42.63 40.17
C VAL N 95 -32.01 42.20 40.06
N PRO N 96 -32.47 41.23 40.85
CA PRO N 96 -33.84 40.75 40.67
C PRO N 96 -34.86 41.74 41.17
N ALA N 97 -35.97 41.86 40.43
CA ALA N 97 -37.07 42.71 40.87
C ALA N 97 -37.92 42.01 41.92
N ALA N 98 -38.07 40.69 41.81
CA ALA N 98 -38.85 39.92 42.77
C ALA N 98 -38.37 38.48 42.72
N GLY N 99 -39.13 37.59 43.36
CA GLY N 99 -38.77 36.19 43.37
C GLY N 99 -38.69 35.62 41.96
N VAL N 100 -37.70 34.76 41.74
CA VAL N 100 -37.49 34.15 40.44
C VAL N 100 -37.79 32.65 40.51
N PRO N 101 -38.78 32.15 39.76
CA PRO N 101 -39.04 30.70 39.77
C PRO N 101 -38.19 29.91 38.80
N CYS N 102 -37.47 30.57 37.89
CA CYS N 102 -36.73 29.89 36.85
C CYS N 102 -35.40 30.58 36.67
N ILE N 103 -34.41 29.79 36.25
CA ILE N 103 -33.08 30.29 35.94
C ILE N 103 -32.80 30.00 34.47
N SER N 104 -32.50 31.04 33.72
CA SER N 104 -32.35 30.89 32.28
C SER N 104 -31.04 30.18 31.96
N ASN N 105 -30.94 29.75 30.70
CA ASN N 105 -29.68 29.26 30.17
C ASN N 105 -28.67 30.39 30.13
N ASP N 106 -27.39 30.05 30.31
CA ASP N 106 -26.32 31.04 30.32
C ASP N 106 -25.93 31.35 28.89
N SER N 107 -26.59 32.34 28.28
CA SER N 107 -26.33 32.70 26.90
C SER N 107 -25.20 33.70 26.75
N PHE N 108 -24.56 34.11 27.84
CA PHE N 108 -23.39 34.98 27.73
C PHE N 108 -22.29 34.30 26.93
N ARG N 109 -22.03 33.02 27.20
CA ARG N 109 -20.94 32.32 26.56
C ARG N 109 -21.38 31.28 25.55
N PHE N 110 -22.69 31.16 25.30
CA PHE N 110 -23.20 30.24 24.29
C PHE N 110 -23.91 30.93 23.14
N GLY N 111 -24.02 32.24 23.14
CA GLY N 111 -24.63 32.95 22.03
C GLY N 111 -26.07 33.32 22.33
N ALA N 112 -26.53 34.40 21.69
CA ALA N 112 -27.87 34.90 21.95
C ALA N 112 -28.95 33.99 21.37
N ASN N 113 -28.65 33.31 20.27
CA ASN N 113 -29.62 32.40 19.66
C ASN N 113 -29.82 31.11 20.44
N SER N 114 -28.96 30.84 21.43
CA SER N 114 -29.09 29.67 22.27
C SER N 114 -29.85 29.93 23.55
N ALA N 115 -30.41 31.13 23.70
CA ALA N 115 -31.07 31.49 24.96
C ALA N 115 -32.26 30.59 25.22
N ILE N 116 -32.45 30.24 26.49
CA ILE N 116 -33.64 29.54 26.96
C ILE N 116 -34.20 30.38 28.11
N ASP N 117 -35.17 31.24 27.80
CA ASP N 117 -35.76 32.13 28.78
C ASP N 117 -37.00 31.56 29.44
N ASP N 118 -37.42 30.36 29.05
CA ASP N 118 -38.58 29.70 29.65
C ASP N 118 -38.30 28.21 29.71
N PRO N 119 -37.45 27.79 30.64
CA PRO N 119 -37.00 26.38 30.66
C PRO N 119 -37.99 25.45 31.34
N THR N 120 -39.17 25.29 30.73
CA THR N 120 -40.19 24.39 31.24
C THR N 120 -40.06 23.04 30.55
N PRO N 121 -39.77 21.96 31.28
CA PRO N 121 -39.57 20.67 30.61
C PRO N 121 -40.87 19.99 30.22
N VAL N 122 -40.70 18.89 29.49
CA VAL N 122 -41.81 18.02 29.12
C VAL N 122 -41.99 16.97 30.22
N VAL N 123 -43.23 16.71 30.60
CA VAL N 123 -43.55 15.79 31.69
C VAL N 123 -44.60 14.76 31.27
N ALA N 124 -44.74 14.50 29.98
CA ALA N 124 -45.76 13.55 29.53
C ALA N 124 -45.41 12.12 29.91
N ARG N 125 -44.13 11.76 29.89
CA ARG N 125 -43.70 10.40 30.10
C ARG N 125 -43.17 10.15 31.50
N PHE N 126 -43.59 10.93 32.48
CA PHE N 126 -43.36 10.65 33.90
C PHE N 126 -44.72 10.49 34.56
N VAL N 127 -44.95 9.32 35.16
CA VAL N 127 -46.25 8.98 35.73
C VAL N 127 -46.08 8.86 37.25
N PRO N 128 -46.59 9.80 38.03
CA PRO N 128 -46.48 9.67 39.49
C PRO N 128 -47.15 8.41 39.99
N GLN N 129 -46.55 7.80 41.01
CA GLN N 129 -47.06 6.59 41.64
C GLN N 129 -47.43 6.89 43.08
N GLY N 130 -48.29 6.03 43.63
CA GLY N 130 -48.73 6.18 44.99
C GLY N 130 -50.20 6.57 45.08
N ALA N 131 -50.77 6.38 46.28
CA ALA N 131 -52.17 6.69 46.50
C ALA N 131 -52.40 8.16 46.79
N ALA N 132 -51.34 8.92 47.07
CA ALA N 132 -51.49 10.32 47.41
C ALA N 132 -52.00 11.14 46.23
N GLY N 133 -51.99 10.58 45.03
CA GLY N 133 -52.52 11.27 43.87
C GLY N 133 -51.76 12.52 43.48
N TRP N 134 -50.44 12.45 43.42
CA TRP N 134 -49.65 13.63 43.04
C TRP N 134 -49.77 13.92 41.56
N ASN N 135 -49.50 15.16 41.19
CA ASN N 135 -49.62 15.65 39.83
C ASN N 135 -48.24 15.89 39.22
N THR N 136 -48.21 16.24 37.93
CA THR N 136 -46.98 16.57 37.24
C THR N 136 -46.77 18.07 37.05
N THR N 137 -47.56 18.92 37.71
CA THR N 137 -47.31 20.35 37.65
C THR N 137 -46.07 20.70 38.46
N LEU N 138 -45.20 21.51 37.87
CA LEU N 138 -43.94 21.87 38.52
C LEU N 138 -44.19 22.77 39.71
N GLY N 139 -43.37 22.59 40.75
CA GLY N 139 -43.45 23.42 41.93
C GLY N 139 -44.00 22.67 43.12
N VAL N 140 -44.29 23.39 44.20
CA VAL N 140 -44.88 22.78 45.38
C VAL N 140 -46.34 22.47 45.08
N GLN N 141 -46.72 21.23 45.36
CA GLN N 141 -48.08 20.74 45.12
C GLN N 141 -48.56 19.99 46.35
N PRO N 142 -49.89 19.92 46.57
CA PRO N 142 -50.98 20.47 45.76
C PRO N 142 -51.04 21.99 45.78
N THR N 143 -50.60 22.61 46.87
CA THR N 143 -50.50 24.06 46.94
C THR N 143 -49.49 24.41 48.01
N ILE N 144 -48.88 25.59 47.86
CA ILE N 144 -47.94 26.06 48.87
C ILE N 144 -48.67 26.39 50.16
N ALA N 145 -50.01 26.46 50.13
CA ALA N 145 -50.78 26.81 51.31
C ALA N 145 -50.76 25.74 52.38
N ASP N 146 -50.28 24.54 52.06
CA ASP N 146 -50.21 23.44 53.03
C ASP N 146 -48.79 23.31 53.57
N CYS N 147 -48.56 23.77 54.80
CA CYS N 147 -47.21 23.72 55.35
C CYS N 147 -46.65 22.29 55.39
N PRO N 148 -47.35 21.29 55.90
CA PRO N 148 -46.88 19.90 55.65
C PRO N 148 -47.04 19.55 54.18
N ASN N 149 -46.24 20.24 53.36
CA ASN N 149 -46.40 20.20 51.92
C ASN N 149 -46.20 18.80 51.38
N CYS N 150 -47.04 18.43 50.44
CA CYS N 150 -46.70 17.29 49.62
C CYS N 150 -45.48 17.65 48.79
N ASN N 151 -44.81 16.63 48.29
CA ASN N 151 -43.49 16.82 47.71
C ASN N 151 -43.52 17.78 46.53
N PHE N 152 -42.39 18.44 46.33
CA PHE N 152 -42.20 19.34 45.20
C PHE N 152 -42.00 18.57 43.90
N PHE N 153 -41.84 19.32 42.81
CA PHE N 153 -41.59 18.79 41.49
C PHE N 153 -40.87 19.85 40.68
N ALA N 154 -39.73 19.49 40.08
CA ALA N 154 -38.89 20.46 39.40
C ALA N 154 -38.26 19.79 38.18
N GLY N 155 -37.70 20.61 37.30
CA GLY N 155 -37.08 20.07 36.11
C GLY N 155 -36.16 21.06 35.43
N ALA N 156 -35.59 20.62 34.31
CA ALA N 156 -34.58 21.38 33.59
C ALA N 156 -34.82 21.20 32.10
N ARG N 157 -34.16 22.05 31.31
CA ARG N 157 -34.32 22.03 29.86
C ARG N 157 -33.04 22.56 29.23
N GLY N 158 -32.46 21.80 28.32
CA GLY N 158 -31.19 22.17 27.76
C GLY N 158 -31.03 21.62 26.36
N ASN N 159 -29.81 21.67 25.85
CA ASN N 159 -29.52 21.18 24.51
C ASN N 159 -28.14 20.56 24.51
N ALA N 160 -28.04 19.33 23.98
CA ALA N 160 -26.77 18.62 23.94
C ALA N 160 -26.23 18.55 22.51
N ASP N 161 -25.00 19.04 22.34
CA ASP N 161 -24.35 19.18 21.02
C ASP N 161 -25.27 19.99 20.10
N ASN N 162 -25.39 19.64 18.82
CA ASN N 162 -26.01 20.52 17.83
C ASN N 162 -27.45 20.12 17.54
N GLU N 163 -28.09 19.47 18.50
CA GLU N 163 -29.52 19.21 18.44
C GLU N 163 -30.27 20.53 18.42
N ALA N 164 -31.12 20.71 17.42
CA ALA N 164 -31.98 21.90 17.41
C ALA N 164 -32.96 21.89 18.57
N THR N 165 -33.47 20.71 18.92
CA THR N 165 -34.44 20.52 19.98
C THR N 165 -33.74 20.24 21.31
N PHE N 166 -34.52 20.16 22.38
CA PHE N 166 -34.03 20.16 23.75
C PHE N 166 -34.19 18.79 24.39
N ASP N 167 -33.39 18.53 25.41
CA ASP N 167 -33.64 17.41 26.32
C ASP N 167 -34.16 17.91 27.66
N ASP N 168 -35.00 17.11 28.29
CA ASP N 168 -35.76 17.53 29.46
C ASP N 168 -35.47 16.55 30.59
N TRP N 169 -35.30 17.09 31.79
CA TRP N 169 -35.12 16.30 33.00
C TRP N 169 -36.15 16.73 34.03
N VAL N 170 -36.52 15.81 34.92
CA VAL N 170 -37.39 16.13 36.04
C VAL N 170 -36.80 15.49 37.29
N ILE N 171 -37.13 16.06 38.43
CA ILE N 171 -36.84 15.47 39.73
C ILE N 171 -38.03 15.73 40.63
N ALA N 172 -38.44 14.70 41.36
CA ALA N 172 -39.63 14.77 42.18
C ALA N 172 -39.29 14.28 43.57
N GLY N 173 -40.00 14.78 44.56
CA GLY N 173 -39.90 14.27 45.91
C GLY N 173 -40.78 13.07 46.18
N PHE N 174 -41.47 12.58 45.15
CA PHE N 174 -42.35 11.41 45.28
C PHE N 174 -41.95 10.38 44.23
N GLU N 175 -42.50 9.18 44.38
CA GLU N 175 -42.17 8.09 43.47
C GLU N 175 -42.90 8.26 42.15
N GLY N 176 -42.31 7.71 41.09
CA GLY N 176 -42.94 7.72 39.79
C GLY N 176 -42.36 6.61 38.94
N SER N 177 -42.94 6.44 37.75
CA SER N 177 -42.45 5.45 36.82
C SER N 177 -42.37 6.06 35.44
N GLY N 178 -41.28 5.79 34.74
CA GLY N 178 -41.10 6.26 33.38
C GLY N 178 -41.89 5.42 32.39
N GLN N 179 -42.12 6.01 31.22
CA GLN N 179 -42.84 5.35 30.15
C GLN N 179 -41.93 5.17 28.94
N VAL N 180 -42.06 4.02 28.30
CA VAL N 180 -41.25 3.72 27.12
C VAL N 180 -41.71 4.60 25.96
N GLY N 181 -40.75 5.10 25.20
CA GLY N 181 -41.05 5.94 24.07
C GLY N 181 -39.84 6.10 23.18
N PRO N 182 -39.97 6.84 22.09
CA PRO N 182 -38.81 7.03 21.20
C PRO N 182 -37.66 7.76 21.86
N CYS N 183 -37.90 8.51 22.93
CA CYS N 183 -36.89 9.35 23.55
C CYS N 183 -36.85 9.15 25.06
N SER N 184 -37.38 8.03 25.54
CA SER N 184 -37.36 7.76 26.97
C SER N 184 -37.36 6.26 27.19
N GLU N 185 -36.87 5.84 28.35
CA GLU N 185 -36.63 4.59 29.05
C GLU N 185 -37.83 4.22 29.90
N ALA N 186 -37.95 2.92 30.19
CA ALA N 186 -39.01 2.41 31.02
C ALA N 186 -38.42 1.83 32.30
N GLY N 187 -39.02 2.19 33.42
CA GLY N 187 -38.61 1.69 34.70
C GLY N 187 -39.03 2.64 35.80
N ASN N 188 -39.08 2.11 37.02
CA ASN N 188 -39.50 2.86 38.18
C ASN N 188 -38.39 3.81 38.62
N VAL N 189 -38.79 4.98 39.09
CA VAL N 189 -37.85 6.02 39.51
C VAL N 189 -38.09 6.31 40.98
N ALA N 190 -37.05 6.16 41.79
CA ALA N 190 -37.17 6.44 43.22
C ALA N 190 -37.19 7.95 43.45
N SER N 191 -37.75 8.35 44.58
CA SER N 191 -37.80 9.77 44.91
C SER N 191 -36.38 10.32 45.09
N GLY N 192 -36.11 11.44 44.44
CA GLY N 192 -34.81 12.04 44.49
C GLY N 192 -33.84 11.59 43.42
N THR N 193 -34.32 10.94 42.36
CA THR N 193 -33.51 10.51 41.25
C THR N 193 -33.95 11.21 39.97
N PRO N 194 -33.07 11.94 39.28
CA PRO N 194 -33.49 12.61 38.04
C PRO N 194 -33.93 11.61 36.98
N TYR N 195 -34.92 12.00 36.19
CA TYR N 195 -35.45 11.19 35.11
C TYR N 195 -35.42 12.01 33.84
N ASN N 196 -35.02 11.38 32.73
CA ASN N 196 -34.83 12.06 31.46
C ASN N 196 -36.07 11.85 30.60
N THR N 197 -36.98 12.83 30.63
CA THR N 197 -38.23 12.71 29.90
C THR N 197 -38.00 12.72 28.39
N ARG N 198 -37.08 13.55 27.92
CA ARG N 198 -36.62 13.56 26.53
C ARG N 198 -35.12 13.76 26.58
N ASN N 199 -34.36 12.88 25.92
CA ASN N 199 -32.91 12.88 26.11
C ASN N 199 -32.16 13.58 24.97
N ASP N 200 -32.78 13.74 23.81
CA ASP N 200 -32.16 14.51 22.73
C ASP N 200 -30.95 13.84 22.11
N VAL N 201 -30.44 12.77 22.74
CA VAL N 201 -29.37 11.99 22.13
C VAL N 201 -29.94 10.87 21.29
N ALA N 202 -31.09 10.33 21.71
CA ALA N 202 -31.75 9.29 20.95
C ALA N 202 -32.49 9.87 19.75
N CYS N 203 -33.02 11.08 19.86
CA CYS N 203 -33.94 11.60 18.87
C CYS N 203 -33.70 13.08 18.63
N ASP N 204 -34.15 13.54 17.46
CA ASP N 204 -34.12 14.96 17.10
C ASP N 204 -35.23 15.21 16.10
N GLY N 205 -36.22 16.00 16.48
CA GLY N 205 -37.36 16.28 15.66
C GLY N 205 -38.59 16.42 16.52
N ALA N 206 -39.74 16.00 15.95
CA ALA N 206 -40.99 16.09 16.70
C ALA N 206 -41.08 15.02 17.78
N ALA N 207 -40.16 14.05 17.78
CA ALA N 207 -40.22 12.96 18.75
C ALA N 207 -40.16 13.49 20.17
N GLN N 208 -40.94 12.88 21.05
CA GLN N 208 -40.99 13.28 22.46
C GLN N 208 -40.64 12.12 23.39
N PHE O 1 4.53 3.43 0.74
CA PHE O 1 4.16 2.16 1.43
C PHE O 1 3.59 1.13 0.45
N THR O 2 3.46 -0.11 0.91
CA THR O 2 3.09 -1.24 0.08
C THR O 2 1.88 -1.94 0.67
N LEU O 3 1.53 -3.09 0.09
CA LEU O 3 0.34 -3.82 0.52
C LEU O 3 0.50 -4.34 1.94
N ILE O 4 1.69 -4.82 2.29
CA ILE O 4 1.90 -5.43 3.60
C ILE O 4 1.68 -4.39 4.70
N GLU O 5 2.21 -3.18 4.50
CA GLU O 5 1.98 -2.11 5.48
C GLU O 5 0.50 -1.86 5.68
N LEU O 6 -0.27 -1.86 4.61
CA LEU O 6 -1.68 -1.49 4.69
C LEU O 6 -2.48 -2.58 5.37
N MET O 7 -2.19 -3.85 5.04
CA MET O 7 -2.81 -4.95 5.77
C MET O 7 -2.41 -4.93 7.24
N ILE O 8 -1.20 -4.50 7.56
CA ILE O 8 -0.79 -4.41 8.95
C ILE O 8 -1.57 -3.32 9.66
N VAL O 9 -1.86 -2.22 8.97
CA VAL O 9 -2.70 -1.18 9.55
C VAL O 9 -4.08 -1.73 9.89
N VAL O 10 -4.66 -2.48 8.95
CA VAL O 10 -5.96 -3.11 9.20
C VAL O 10 -5.87 -4.05 10.39
N ALA O 11 -4.81 -4.85 10.44
CA ALA O 11 -4.66 -5.80 11.54
C ALA O 11 -4.49 -5.09 12.88
N ILE O 12 -3.84 -3.93 12.88
CA ILE O 12 -3.63 -3.20 14.13
C ILE O 12 -4.94 -2.62 14.64
N ILE O 13 -5.79 -2.11 13.74
CA ILE O 13 -7.08 -1.63 14.24
C ILE O 13 -7.92 -2.83 14.70
N GLY O 14 -7.78 -3.98 14.03
CA GLY O 14 -8.41 -5.19 14.54
C GLY O 14 -7.94 -5.57 15.93
N ILE O 15 -6.64 -5.39 16.20
CA ILE O 15 -6.10 -5.66 17.52
C ILE O 15 -6.69 -4.71 18.55
N LEU O 16 -6.72 -3.42 18.23
CA LEU O 16 -7.21 -2.43 19.19
C LEU O 16 -8.68 -2.66 19.49
N ALA O 17 -9.43 -3.18 18.53
CA ALA O 17 -10.84 -3.49 18.80
C ALA O 17 -11.00 -4.55 19.89
N ALA O 18 -9.98 -5.40 20.08
CA ALA O 18 -10.06 -6.49 21.04
C ALA O 18 -9.04 -6.35 22.18
N ILE O 19 -8.60 -5.14 22.49
CA ILE O 19 -7.63 -4.93 23.56
C ILE O 19 -8.29 -5.25 24.90
N ALA O 20 -7.49 -5.73 25.85
CA ALA O 20 -7.99 -6.11 27.18
C ALA O 20 -7.67 -5.02 28.19
N ILE O 21 -8.62 -4.12 28.36
CA ILE O 21 -8.49 -3.00 29.29
C ILE O 21 -8.78 -3.49 30.71
N PRO O 22 -8.60 -2.66 31.73
CA PRO O 22 -8.99 -3.08 33.08
C PRO O 22 -10.50 -3.29 33.18
N ASN O 23 -10.89 -4.10 34.16
CA ASN O 23 -12.30 -4.36 34.42
C ASN O 23 -12.82 -3.21 35.28
N PHE O 24 -13.53 -2.27 34.66
CA PHE O 24 -13.99 -1.08 35.39
C PHE O 24 -15.31 -1.32 36.11
N ILE O 25 -15.97 -2.45 35.86
CA ILE O 25 -17.10 -2.84 36.67
C ILE O 25 -16.69 -3.00 38.14
N LYS O 26 -15.43 -3.39 38.39
CA LYS O 26 -14.93 -3.41 39.75
C LYS O 26 -14.93 -2.01 40.36
N PHE O 27 -14.46 -1.02 39.61
CA PHE O 27 -14.45 0.36 40.10
C PHE O 27 -15.86 0.85 40.39
N GLN O 28 -16.81 0.54 39.52
CA GLN O 28 -18.18 1.00 39.75
C GLN O 28 -18.84 0.27 40.90
N ALA O 29 -18.51 -1.00 41.11
CA ALA O 29 -18.98 -1.70 42.29
C ALA O 29 -18.43 -1.05 43.57
N ARG O 30 -17.15 -0.70 43.56
CA ARG O 30 -16.60 0.01 44.71
C ARG O 30 -17.28 1.36 44.91
N SER O 31 -17.70 2.02 43.83
CA SER O 31 -18.51 3.22 43.97
C SER O 31 -19.85 2.93 44.65
N LYS O 32 -20.51 1.85 44.24
CA LYS O 32 -21.84 1.54 44.76
C LYS O 32 -21.78 1.08 46.22
N GLN O 33 -20.62 0.61 46.68
CA GLN O 33 -20.50 0.12 48.05
C GLN O 33 -20.59 1.21 49.11
N SER O 34 -20.62 2.49 48.72
CA SER O 34 -20.62 3.57 49.71
C SER O 34 -21.97 3.72 50.41
N GLU O 35 -23.06 3.22 49.81
CA GLU O 35 -24.34 3.22 50.52
C GLU O 35 -24.23 2.48 51.84
N ALA O 36 -23.61 1.31 51.82
CA ALA O 36 -23.52 0.51 53.04
C ALA O 36 -22.78 1.27 54.13
N LYS O 37 -21.66 1.89 53.79
CA LYS O 37 -20.90 2.63 54.78
C LYS O 37 -21.72 3.77 55.37
N THR O 38 -22.31 4.60 54.52
CA THR O 38 -23.04 5.75 55.02
C THR O 38 -24.22 5.33 55.90
N ASN O 39 -24.97 4.33 55.44
CA ASN O 39 -26.17 3.93 56.16
C ASN O 39 -25.83 3.20 57.46
N LEU O 40 -24.75 2.41 57.47
CA LEU O 40 -24.34 1.77 58.71
C LEU O 40 -23.87 2.78 59.73
N LYS O 41 -23.18 3.83 59.29
CA LYS O 41 -22.76 4.84 60.26
C LYS O 41 -23.97 5.61 60.79
N ALA O 42 -24.97 5.84 59.93
CA ALA O 42 -26.22 6.43 60.42
C ALA O 42 -26.90 5.54 61.45
N LEU O 43 -26.89 4.22 61.21
CA LEU O 43 -27.41 3.28 62.20
C LEU O 43 -26.66 3.40 63.52
N TYR O 44 -25.34 3.45 63.47
CA TYR O 44 -24.53 3.60 64.67
C TYR O 44 -24.92 4.86 65.44
N THR O 45 -25.03 5.99 64.73
CA THR O 45 -25.37 7.25 65.36
C THR O 45 -26.74 7.20 66.03
N ALA O 46 -27.72 6.64 65.32
CA ALA O 46 -29.07 6.57 65.87
C ALA O 46 -29.11 5.66 67.10
N GLN O 47 -28.38 4.55 67.07
CA GLN O 47 -28.31 3.68 68.25
C GLN O 47 -27.71 4.40 69.44
N LYS O 48 -26.61 5.12 69.23
CA LYS O 48 -25.98 5.84 70.33
C LYS O 48 -26.91 6.90 70.92
N SER O 49 -27.59 7.65 70.05
CA SER O 49 -28.52 8.67 70.55
C SER O 49 -29.67 8.03 71.33
N PHE O 50 -30.20 6.93 70.81
CA PHE O 50 -31.29 6.24 71.50
C PHE O 50 -30.84 5.76 72.88
N PHE O 51 -29.64 5.20 72.97
CA PHE O 51 -29.14 4.78 74.28
C PHE O 51 -29.02 5.96 75.21
N SER O 52 -28.38 7.03 74.75
CA SER O 52 -28.15 8.18 75.63
C SER O 52 -29.47 8.70 76.19
N GLU O 53 -30.53 8.71 75.37
CA GLU O 53 -31.81 9.20 75.86
C GLU O 53 -32.50 8.18 76.77
N LYS O 54 -32.41 6.89 76.45
CA LYS O 54 -33.24 5.86 77.05
C LYS O 54 -32.47 4.87 77.93
N ASP O 55 -31.14 4.97 77.99
CA ASP O 55 -30.31 4.09 78.81
C ASP O 55 -30.51 2.62 78.40
N ARG O 56 -30.62 2.38 77.11
CA ARG O 56 -30.79 1.03 76.59
C ARG O 56 -30.70 1.10 75.08
N TYR O 57 -30.14 0.06 74.47
CA TYR O 57 -30.10 -0.04 73.02
C TYR O 57 -31.37 -0.71 72.51
N SER O 58 -31.74 -0.36 71.28
CA SER O 58 -32.98 -0.81 70.68
C SER O 58 -32.76 -2.06 69.85
N ASP O 59 -33.81 -2.88 69.77
CA ASP O 59 -33.79 -4.10 69.02
C ASP O 59 -34.51 -3.98 67.67
N PHE O 60 -35.11 -2.83 67.39
CA PHE O 60 -35.95 -2.63 66.21
C PHE O 60 -35.60 -1.31 65.54
N ALA O 61 -35.88 -1.22 64.23
CA ALA O 61 -35.55 -0.01 63.49
C ALA O 61 -36.61 1.06 63.67
N ASN O 62 -37.82 0.69 64.11
CA ASN O 62 -38.86 1.67 64.36
C ASN O 62 -38.47 2.68 65.42
N GLU O 63 -38.01 2.20 66.58
CA GLU O 63 -37.69 3.05 67.71
C GLU O 63 -36.39 3.82 67.52
N ILE O 64 -35.45 3.25 66.78
CA ILE O 64 -34.16 3.91 66.54
C ILE O 64 -34.38 5.20 65.75
N GLY O 65 -35.28 5.16 64.77
CA GLY O 65 -35.48 6.26 63.87
C GLY O 65 -34.63 6.21 62.63
N PHE O 66 -34.27 5.02 62.17
CA PHE O 66 -33.38 4.83 61.03
C PHE O 66 -34.15 4.20 59.88
N ALA O 67 -33.99 4.77 58.69
CA ALA O 67 -34.54 4.21 57.47
C ALA O 67 -33.77 4.79 56.31
N PRO O 68 -33.23 3.97 55.42
CA PRO O 68 -32.57 4.53 54.23
C PRO O 68 -33.58 5.01 53.21
N GLU O 69 -33.16 5.98 52.41
CA GLU O 69 -34.00 6.48 51.35
C GLU O 69 -34.17 5.42 50.26
N ARG O 70 -35.23 5.56 49.48
CA ARG O 70 -35.53 4.57 48.46
C ARG O 70 -34.45 4.51 47.40
N GLY O 71 -34.28 3.32 46.83
CA GLY O 71 -33.17 3.03 45.95
C GLY O 71 -31.92 2.56 46.65
N ASN O 72 -32.06 1.76 47.72
CA ASN O 72 -30.97 1.57 48.66
C ASN O 72 -29.99 0.48 48.22
N ARG O 73 -30.47 -0.56 47.53
CA ARG O 73 -29.66 -1.69 47.05
C ARG O 73 -29.22 -2.64 48.15
N TYR O 74 -29.40 -2.26 49.41
CA TYR O 74 -28.88 -3.03 50.54
C TYR O 74 -30.00 -3.23 51.55
N GLY O 75 -30.10 -4.45 52.06
CA GLY O 75 -30.99 -4.72 53.16
C GLY O 75 -30.24 -4.65 54.47
N TYR O 76 -30.84 -3.97 55.44
CA TYR O 76 -30.20 -3.69 56.71
C TYR O 76 -30.90 -4.46 57.82
N ARG O 77 -30.12 -5.13 58.66
CA ARG O 77 -30.65 -5.85 59.80
C ARG O 77 -30.12 -5.21 61.07
N VAL O 78 -31.04 -4.76 61.92
CA VAL O 78 -30.68 -4.18 63.21
C VAL O 78 -30.64 -5.23 64.31
N SER O 79 -31.19 -6.41 64.07
CA SER O 79 -31.22 -7.42 65.11
C SER O 79 -31.76 -8.73 64.55
N ALA O 80 -31.56 -9.80 65.31
CA ALA O 80 -32.07 -11.11 64.96
C ALA O 80 -33.43 -11.40 65.59
N ALA O 81 -34.02 -10.44 66.28
CA ALA O 81 -35.34 -10.63 66.87
C ALA O 81 -36.36 -11.00 65.79
N ALA O 82 -37.52 -11.47 66.25
CA ALA O 82 -38.56 -11.89 65.32
C ALA O 82 -39.34 -10.70 64.78
N GLY O 83 -39.73 -10.79 63.53
CA GLY O 83 -40.51 -9.75 62.88
C GLY O 83 -40.27 -9.74 61.39
N ASP O 84 -41.14 -9.01 60.70
CA ASP O 84 -41.06 -8.87 59.26
C ASP O 84 -40.00 -7.83 58.87
N CYS O 85 -39.57 -7.86 57.62
CA CYS O 85 -38.43 -7.08 57.15
C CYS O 85 -38.85 -5.90 56.27
N GLU O 86 -40.00 -5.30 56.57
CA GLU O 86 -40.44 -4.08 55.89
C GLU O 86 -40.19 -4.17 54.39
N VAL O 87 -40.89 -5.10 53.75
CA VAL O 87 -40.68 -5.35 52.32
C VAL O 87 -41.01 -4.08 51.54
N ARG O 88 -40.04 -3.61 50.76
CA ARG O 88 -40.21 -2.42 49.92
C ARG O 88 -40.42 -2.87 48.48
N ASN O 89 -41.67 -3.23 48.16
CA ASN O 89 -41.99 -3.76 46.83
C ASN O 89 -43.09 -2.95 46.15
N ALA O 90 -43.36 -1.73 46.61
CA ALA O 90 -44.40 -0.91 46.02
C ALA O 90 -44.06 0.56 46.26
N ALA O 91 -44.77 1.43 45.53
CA ALA O 91 -44.50 2.86 45.64
C ALA O 91 -44.77 3.36 47.04
N ASP O 92 -45.85 2.89 47.67
CA ASP O 92 -46.24 3.32 49.00
C ASP O 92 -45.83 2.25 50.02
N LEU O 93 -45.09 2.66 51.04
CA LEU O 93 -44.58 1.71 52.01
C LEU O 93 -45.73 1.09 52.80
N PRO O 94 -45.60 -0.19 53.19
CA PRO O 94 -46.69 -0.84 53.94
C PRO O 94 -46.78 -0.32 55.36
N VAL O 95 -47.96 -0.45 55.94
CA VAL O 95 -48.17 -0.08 57.34
C VAL O 95 -47.70 -1.24 58.21
N PRO O 96 -46.75 -1.02 59.12
CA PRO O 96 -46.20 -2.14 59.90
C PRO O 96 -47.21 -2.70 60.88
N ALA O 97 -47.07 -3.99 61.18
CA ALA O 97 -47.91 -4.63 62.19
C ALA O 97 -47.25 -4.59 63.56
N ALA O 98 -45.93 -4.64 63.61
CA ALA O 98 -45.18 -4.53 64.86
C ALA O 98 -43.79 -4.01 64.54
N GLY O 99 -42.94 -3.99 65.56
CA GLY O 99 -41.57 -3.52 65.35
C GLY O 99 -40.87 -4.33 64.28
N VAL O 100 -40.13 -3.64 63.43
CA VAL O 100 -39.41 -4.29 62.33
C VAL O 100 -37.92 -4.32 62.64
N PRO O 101 -37.30 -5.50 62.77
CA PRO O 101 -35.85 -5.54 63.02
C PRO O 101 -35.02 -5.44 61.76
N CYS O 102 -35.61 -5.57 60.58
CA CYS O 102 -34.87 -5.59 59.33
C CYS O 102 -35.61 -4.75 58.31
N ILE O 103 -34.83 -4.18 57.39
CA ILE O 103 -35.36 -3.38 56.28
C ILE O 103 -34.94 -4.07 54.99
N SER O 104 -35.90 -4.41 54.16
CA SER O 104 -35.61 -5.17 52.97
C SER O 104 -34.94 -4.29 51.92
N ASN O 105 -34.43 -4.95 50.88
CA ASN O 105 -33.94 -4.25 49.71
C ASN O 105 -35.10 -3.56 49.00
N ASP O 106 -34.81 -2.44 48.35
CA ASP O 106 -35.83 -1.68 47.63
C ASP O 106 -36.03 -2.33 46.27
N SER O 107 -36.84 -3.38 46.23
CA SER O 107 -37.08 -4.12 44.99
C SER O 107 -38.12 -3.44 44.10
N PHE O 108 -38.68 -2.31 44.52
CA PHE O 108 -39.60 -1.59 43.65
C PHE O 108 -38.90 -1.15 42.37
N ARG O 109 -37.68 -0.62 42.49
CA ARG O 109 -36.98 -0.08 41.34
C ARG O 109 -35.83 -0.96 40.88
N PHE O 110 -35.65 -2.14 41.47
CA PHE O 110 -34.63 -3.07 41.03
C PHE O 110 -35.17 -4.40 40.55
N GLY O 111 -36.47 -4.62 40.57
CA GLY O 111 -37.03 -5.86 40.09
C GLY O 111 -37.38 -6.82 41.21
N ALA O 112 -38.32 -7.72 40.93
CA ALA O 112 -38.80 -8.64 41.95
C ALA O 112 -37.79 -9.74 42.24
N ASN O 113 -36.98 -10.12 41.25
CA ASN O 113 -35.98 -11.16 41.43
C ASN O 113 -34.78 -10.70 42.25
N SER O 114 -34.62 -9.39 42.45
CA SER O 114 -33.53 -8.85 43.24
C SER O 114 -33.91 -8.62 44.69
N ALA O 115 -35.09 -9.07 45.11
CA ALA O 115 -35.54 -8.81 46.46
C ALA O 115 -34.62 -9.48 47.48
N ILE O 116 -34.39 -8.79 48.58
CA ILE O 116 -33.67 -9.33 49.74
C ILE O 116 -34.62 -9.18 50.92
N ASP O 117 -35.37 -10.23 51.23
CA ASP O 117 -36.36 -10.20 52.30
C ASP O 117 -35.79 -10.65 53.64
N ASP O 118 -34.52 -11.09 53.66
CA ASP O 118 -33.88 -11.53 54.90
C ASP O 118 -32.41 -11.11 54.85
N PRO O 119 -32.14 -9.83 55.09
CA PRO O 119 -30.77 -9.30 54.91
C PRO O 119 -29.87 -9.58 56.11
N THR O 120 -29.63 -10.86 56.37
CA THR O 120 -28.72 -11.26 57.43
C THR O 120 -27.32 -11.45 56.88
N PRO O 121 -26.33 -10.68 57.31
CA PRO O 121 -25.00 -10.79 56.72
C PRO O 121 -24.19 -11.95 57.27
N VAL O 122 -23.05 -12.17 56.65
CA VAL O 122 -22.07 -13.15 57.11
C VAL O 122 -21.13 -12.50 58.10
N VAL O 123 -20.84 -13.21 59.20
CA VAL O 123 -20.02 -12.69 60.28
C VAL O 123 -18.91 -13.65 60.67
N ALA O 124 -18.52 -14.55 59.77
CA ALA O 124 -17.51 -15.55 60.12
C ALA O 124 -16.13 -14.93 60.28
N ARG O 125 -15.82 -13.89 59.50
CA ARG O 125 -14.47 -13.32 59.47
C ARG O 125 -14.36 -12.04 60.26
N PHE O 126 -15.26 -11.80 61.22
CA PHE O 126 -15.13 -10.71 62.18
C PHE O 126 -14.98 -11.33 63.56
N VAL O 127 -13.87 -11.05 64.23
CA VAL O 127 -13.54 -11.65 65.51
C VAL O 127 -13.58 -10.56 66.57
N PRO O 128 -14.57 -10.54 67.47
CA PRO O 128 -14.58 -9.52 68.52
C PRO O 128 -13.34 -9.61 69.40
N GLN O 129 -12.83 -8.46 69.83
CA GLN O 129 -11.68 -8.36 70.69
C GLN O 129 -12.09 -7.78 72.04
N GLY O 130 -11.27 -8.04 73.05
CA GLY O 130 -11.52 -7.53 74.38
C GLY O 130 -11.86 -8.64 75.36
N ALA O 131 -11.77 -8.29 76.65
CA ALA O 131 -12.04 -9.26 77.70
C ALA O 131 -13.53 -9.41 77.97
N ALA O 132 -14.35 -8.50 77.46
CA ALA O 132 -15.79 -8.55 77.75
C ALA O 132 -16.45 -9.75 77.10
N GLY O 133 -15.78 -10.41 76.17
CA GLY O 133 -16.32 -11.61 75.55
C GLY O 133 -17.57 -11.38 74.73
N TRP O 134 -17.58 -10.37 73.87
CA TRP O 134 -18.74 -10.10 73.04
C TRP O 134 -18.87 -11.16 71.94
N ASN O 135 -20.07 -11.26 71.39
CA ASN O 135 -20.41 -12.27 70.40
C ASN O 135 -20.60 -11.62 69.03
N THR O 136 -20.91 -12.46 68.03
CA THR O 136 -21.22 -11.98 66.69
C THR O 136 -22.71 -12.10 66.35
N THR O 137 -23.57 -12.36 67.33
CA THR O 137 -25.00 -12.36 67.07
C THR O 137 -25.49 -10.92 66.88
N LEU O 138 -26.26 -10.70 65.83
CA LEU O 138 -26.74 -9.35 65.53
C LEU O 138 -27.75 -8.89 66.57
N GLY O 139 -27.72 -7.59 66.87
CA GLY O 139 -28.66 -7.01 67.80
C GLY O 139 -28.01 -6.64 69.11
N VAL O 140 -28.80 -6.23 70.08
CA VAL O 140 -28.29 -5.89 71.41
C VAL O 140 -27.86 -7.17 72.10
N GLN O 141 -26.66 -7.16 72.64
CA GLN O 141 -26.08 -8.31 73.33
C GLN O 141 -25.43 -7.85 74.62
N PRO O 142 -25.32 -8.74 75.63
CA PRO O 142 -25.73 -10.15 75.65
C PRO O 142 -27.24 -10.33 75.61
N THR O 143 -27.98 -9.39 76.17
CA THR O 143 -29.43 -9.39 76.08
C THR O 143 -29.92 -7.96 76.28
N ILE O 144 -31.10 -7.67 75.73
CA ILE O 144 -31.68 -6.34 75.92
C ILE O 144 -32.17 -6.16 77.35
N ALA O 145 -32.10 -7.22 78.17
CA ALA O 145 -32.58 -7.14 79.54
C ALA O 145 -31.66 -6.31 80.43
N ASP O 146 -30.43 -6.06 80.00
CA ASP O 146 -29.49 -5.25 80.77
C ASP O 146 -29.55 -3.80 80.32
N CYS O 147 -29.95 -2.90 81.22
CA CYS O 147 -29.99 -1.49 80.87
C CYS O 147 -28.62 -0.94 80.51
N PRO O 148 -27.57 -1.10 81.31
CA PRO O 148 -26.22 -0.75 80.82
C PRO O 148 -25.77 -1.73 79.74
N ASN O 149 -26.49 -1.68 78.62
CA ASN O 149 -26.33 -2.68 77.57
C ASN O 149 -24.91 -2.71 77.06
N CYS O 150 -24.39 -3.92 76.89
CA CYS O 150 -23.17 -4.07 76.12
C CYS O 150 -23.46 -3.68 74.67
N ASN O 151 -22.39 -3.39 73.95
CA ASN O 151 -22.51 -2.79 72.64
C ASN O 151 -23.35 -3.65 71.71
N PHE O 152 -24.12 -2.99 70.85
CA PHE O 152 -24.92 -3.65 69.84
C PHE O 152 -24.05 -4.23 68.72
N PHE O 153 -24.72 -4.84 67.75
CA PHE O 153 -24.09 -5.39 66.56
C PHE O 153 -25.11 -5.39 65.43
N ALA O 154 -24.70 -4.92 64.25
CA ALA O 154 -25.62 -4.75 63.14
C ALA O 154 -24.88 -5.05 61.84
N GLY O 155 -25.65 -5.14 60.76
CA GLY O 155 -25.02 -5.42 59.48
C GLY O 155 -25.95 -5.16 58.33
N ALA O 156 -25.43 -5.41 57.12
CA ALA O 156 -26.14 -5.13 55.88
C ALA O 156 -25.77 -6.18 54.84
N ARG O 157 -26.61 -6.31 53.82
CA ARG O 157 -26.44 -7.32 52.80
C ARG O 157 -26.96 -6.77 51.48
N GLY O 158 -26.19 -6.92 50.41
CA GLY O 158 -26.58 -6.35 49.14
C GLY O 158 -25.85 -7.00 47.99
N ASN O 159 -26.00 -6.41 46.82
CA ASN O 159 -25.40 -6.96 45.61
C ASN O 159 -24.84 -5.81 44.78
N ALA O 160 -23.58 -5.94 44.35
CA ALA O 160 -22.93 -4.88 43.59
C ALA O 160 -22.68 -5.30 42.15
N ASP O 161 -23.18 -4.50 41.22
CA ASP O 161 -23.22 -4.80 39.78
C ASP O 161 -23.87 -6.18 39.59
N ASN O 162 -23.39 -7.03 38.68
CA ASN O 162 -24.13 -8.22 38.26
C ASN O 162 -23.61 -9.48 38.94
N GLU O 163 -23.07 -9.31 40.14
CA GLU O 163 -22.73 -10.45 40.98
C GLU O 163 -24.00 -11.20 41.36
N ALA O 164 -24.02 -12.51 41.12
CA ALA O 164 -25.15 -13.31 41.59
C ALA O 164 -25.20 -13.34 43.11
N THR O 165 -24.04 -13.37 43.76
CA THR O 165 -23.93 -13.42 45.20
C THR O 165 -23.80 -12.02 45.79
N PHE O 166 -23.80 -11.95 47.12
CA PHE O 166 -23.96 -10.71 47.86
C PHE O 166 -22.65 -10.27 48.51
N ASP O 167 -22.59 -9.01 48.91
CA ASP O 167 -21.58 -8.55 49.84
C ASP O 167 -22.20 -8.12 51.16
N ASP O 168 -21.50 -8.41 52.25
CA ASP O 168 -22.03 -8.24 53.59
C ASP O 168 -21.14 -7.25 54.34
N TRP O 169 -21.77 -6.40 55.13
CA TRP O 169 -21.07 -5.46 55.99
C TRP O 169 -21.53 -5.67 57.43
N VAL O 170 -20.72 -5.24 58.37
CA VAL O 170 -21.08 -5.25 59.78
C VAL O 170 -20.59 -3.96 60.42
N ILE O 171 -21.31 -3.50 61.44
CA ILE O 171 -20.87 -2.41 62.29
C ILE O 171 -21.14 -2.81 63.73
N ALA O 172 -20.18 -2.54 64.60
CA ALA O 172 -20.26 -2.96 65.99
C ALA O 172 -19.96 -1.78 66.88
N GLY O 173 -20.46 -1.84 68.11
CA GLY O 173 -20.10 -0.89 69.13
C GLY O 173 -18.85 -1.25 69.90
N PHE O 174 -18.21 -2.36 69.56
CA PHE O 174 -17.04 -2.84 70.27
C PHE O 174 -15.91 -3.10 69.28
N GLU O 175 -14.71 -3.29 69.82
CA GLU O 175 -13.53 -3.49 68.98
C GLU O 175 -13.56 -4.89 68.37
N GLY O 176 -12.93 -5.01 67.21
CA GLY O 176 -12.84 -6.30 66.55
C GLY O 176 -11.69 -6.28 65.58
N SER O 177 -11.42 -7.45 65.01
CA SER O 177 -10.35 -7.57 64.03
C SER O 177 -10.83 -8.46 62.89
N GLY O 178 -10.44 -8.09 61.67
CA GLY O 178 -10.78 -8.86 60.51
C GLY O 178 -9.82 -10.02 60.28
N GLN O 179 -10.29 -11.02 59.56
CA GLN O 179 -9.49 -12.18 59.20
C GLN O 179 -9.22 -12.18 57.71
N VAL O 180 -8.01 -12.55 57.34
CA VAL O 180 -7.64 -12.63 55.94
C VAL O 180 -8.37 -13.80 55.30
N GLY O 181 -8.86 -13.58 54.08
CA GLY O 181 -9.58 -14.61 53.36
C GLY O 181 -9.70 -14.24 51.90
N PRO O 182 -10.33 -15.12 51.11
CA PRO O 182 -10.48 -14.82 49.69
C PRO O 182 -11.28 -13.56 49.40
N CYS O 183 -12.16 -13.16 50.32
CA CYS O 183 -13.07 -12.04 50.10
C CYS O 183 -13.06 -11.08 51.27
N SER O 184 -11.95 -10.98 51.99
CA SER O 184 -11.86 -10.05 53.10
C SER O 184 -10.40 -9.69 53.32
N GLU O 185 -10.19 -8.54 53.96
CA GLU O 185 -9.06 -7.75 54.45
C GLU O 185 -8.70 -8.18 55.86
N ALA O 186 -7.42 -8.06 56.19
CA ALA O 186 -6.94 -8.34 57.52
C ALA O 186 -6.49 -7.04 58.17
N GLY O 187 -6.98 -6.80 59.37
CA GLY O 187 -6.62 -5.62 60.12
C GLY O 187 -7.61 -5.38 61.24
N ASN O 188 -7.20 -4.56 62.19
CA ASN O 188 -8.01 -4.25 63.36
C ASN O 188 -9.04 -3.19 63.02
N VAL O 189 -10.23 -3.36 63.57
CA VAL O 189 -11.37 -2.49 63.27
C VAL O 189 -11.78 -1.80 64.57
N ALA O 190 -11.74 -0.47 64.57
CA ALA O 190 -12.20 0.28 65.73
C ALA O 190 -13.72 0.29 65.80
N SER O 191 -14.24 0.50 67.01
CA SER O 191 -15.68 0.56 67.18
C SER O 191 -16.26 1.71 66.37
N GLY O 192 -17.39 1.44 65.70
CA GLY O 192 -18.03 2.44 64.88
C GLY O 192 -17.49 2.55 63.47
N THR O 193 -16.70 1.58 63.00
CA THR O 193 -16.19 1.57 61.65
C THR O 193 -16.75 0.37 60.89
N PRO O 194 -17.45 0.56 59.77
CA PRO O 194 -17.99 -0.59 59.05
C PRO O 194 -16.90 -1.52 58.56
N TYR O 195 -17.21 -2.82 58.54
CA TYR O 195 -16.28 -3.84 58.10
C TYR O 195 -16.94 -4.69 57.03
N ASN O 196 -16.19 -5.02 55.98
CA ASN O 196 -16.71 -5.75 54.83
C ASN O 196 -16.37 -7.22 54.99
N THR O 197 -17.30 -8.00 55.53
CA THR O 197 -17.05 -9.41 55.74
C THR O 197 -16.88 -10.16 54.42
N ARG O 198 -17.71 -9.83 53.43
CA ARG O 198 -17.58 -10.34 52.06
C ARG O 198 -17.84 -9.17 51.13
N ASN O 199 -16.90 -8.91 50.21
CA ASN O 199 -17.00 -7.69 49.42
C ASN O 199 -17.64 -7.90 48.05
N ASP O 200 -17.61 -9.11 47.53
CA ASP O 200 -18.34 -9.45 46.31
C ASP O 200 -17.73 -8.77 45.08
N VAL O 201 -16.78 -7.87 45.28
CA VAL O 201 -16.01 -7.33 44.17
C VAL O 201 -14.80 -8.19 43.90
N ALA O 202 -14.22 -8.76 44.96
CA ALA O 202 -13.07 -9.63 44.80
C ALA O 202 -13.48 -11.01 44.29
N CYS O 203 -14.69 -11.45 44.63
CA CYS O 203 -15.05 -12.85 44.41
C CYS O 203 -16.52 -12.95 44.03
N ASP O 204 -16.85 -14.08 43.39
CA ASP O 204 -18.23 -14.41 43.06
C ASP O 204 -18.33 -15.92 42.95
N GLY O 205 -19.07 -16.53 43.87
CA GLY O 205 -19.21 -17.96 43.95
C GLY O 205 -19.38 -18.40 45.38
N ALA O 206 -18.85 -19.57 45.70
CA ALA O 206 -18.93 -20.08 47.07
C ALA O 206 -17.98 -19.35 48.00
N ALA O 207 -17.07 -18.55 47.46
CA ALA O 207 -16.07 -17.87 48.28
C ALA O 207 -16.74 -17.00 49.33
N GLN O 208 -16.17 -16.99 50.53
CA GLN O 208 -16.71 -16.21 51.64
C GLN O 208 -15.68 -15.22 52.19
N PHE P 1 -6.87 6.47 6.58
CA PHE P 1 -5.67 6.72 7.42
C PHE P 1 -4.52 5.78 7.05
N THR P 2 -3.35 6.04 7.61
CA THR P 2 -2.13 5.33 7.25
C THR P 2 -1.42 4.86 8.52
N LEU P 3 -0.21 4.34 8.35
CA LEU P 3 0.52 3.79 9.49
C LEU P 3 0.90 4.86 10.50
N ILE P 4 1.30 6.04 10.02
CA ILE P 4 1.73 7.10 10.92
C ILE P 4 0.60 7.51 11.86
N GLU P 5 -0.62 7.64 11.32
CA GLU P 5 -1.76 7.96 12.17
C GLU P 5 -1.97 6.93 13.25
N LEU P 6 -1.85 5.65 12.90
CA LEU P 6 -2.16 4.59 13.85
C LEU P 6 -1.10 4.51 14.94
N MET P 7 0.16 4.70 14.57
CA MET P 7 1.21 4.75 15.58
C MET P 7 1.08 5.99 16.45
N ILE P 8 0.59 7.10 15.88
CA ILE P 8 0.34 8.28 16.71
C ILE P 8 -0.78 8.01 17.70
N VAL P 9 -1.79 7.24 17.28
CA VAL P 9 -2.85 6.84 18.22
C VAL P 9 -2.26 6.03 19.38
N VAL P 10 -1.40 5.07 19.06
CA VAL P 10 -0.76 4.27 20.11
C VAL P 10 0.07 5.17 21.02
N ALA P 11 0.82 6.09 20.44
CA ALA P 11 1.64 6.99 21.24
C ALA P 11 0.79 7.88 22.13
N ILE P 12 -0.38 8.29 21.66
CA ILE P 12 -1.24 9.16 22.45
C ILE P 12 -1.82 8.40 23.63
N ILE P 13 -2.22 7.14 23.44
CA ILE P 13 -2.68 6.41 24.60
C ILE P 13 -1.53 6.16 25.57
N GLY P 14 -0.31 5.97 25.06
CA GLY P 14 0.84 5.93 25.93
C GLY P 14 1.04 7.21 26.71
N ILE P 15 0.80 8.35 26.07
CA ILE P 15 0.90 9.64 26.75
C ILE P 15 -0.13 9.73 27.87
N LEU P 16 -1.37 9.35 27.57
CA LEU P 16 -2.43 9.45 28.58
C LEU P 16 -2.15 8.52 29.75
N ALA P 17 -1.49 7.40 29.51
CA ALA P 17 -1.14 6.50 30.61
C ALA P 17 -0.19 7.17 31.60
N ALA P 18 0.63 8.11 31.14
CA ALA P 18 1.61 8.77 31.99
C ALA P 18 1.30 10.24 32.22
N ILE P 19 0.03 10.62 32.15
CA ILE P 19 -0.36 12.01 32.35
C ILE P 19 -0.10 12.40 33.80
N ALA P 20 0.17 13.68 34.03
CA ALA P 20 0.46 14.20 35.38
C ALA P 20 -0.77 14.92 35.94
N ILE P 21 -1.59 14.16 36.64
CA ILE P 21 -2.80 14.68 37.27
C ILE P 21 -2.43 15.36 38.59
N PRO P 22 -3.34 16.12 39.20
CA PRO P 22 -3.02 16.72 40.50
C PRO P 22 -2.80 15.65 41.56
N ASN P 23 -2.00 16.01 42.55
CA ASN P 23 -1.73 15.12 43.69
C ASN P 23 -2.94 15.17 44.61
N PHE P 24 -3.78 14.13 44.55
CA PHE P 24 -5.01 14.12 45.34
C PHE P 24 -4.78 13.60 46.75
N ILE P 25 -3.59 13.07 47.04
CA ILE P 25 -3.25 12.75 48.42
C ILE P 25 -3.28 14.00 49.28
N LYS P 26 -2.99 15.17 48.71
CA LYS P 26 -3.13 16.42 49.45
C LYS P 26 -4.58 16.66 49.85
N PHE P 27 -5.52 16.46 48.92
CA PHE P 27 -6.93 16.64 49.23
C PHE P 27 -7.39 15.66 50.30
N GLN P 28 -6.95 14.41 50.22
CA GLN P 28 -7.36 13.42 51.21
C GLN P 28 -6.75 13.72 52.57
N ALA P 29 -5.52 14.23 52.61
CA ALA P 29 -4.94 14.66 53.88
C ALA P 29 -5.71 15.82 54.49
N ARG P 30 -6.10 16.79 53.66
CA ARG P 30 -6.95 17.87 54.13
C ARG P 30 -8.28 17.34 54.68
N SER P 31 -8.80 16.27 54.09
CA SER P 31 -9.99 15.62 54.65
C SER P 31 -9.69 15.03 56.02
N LYS P 32 -8.55 14.37 56.16
CA LYS P 32 -8.23 13.69 57.42
C LYS P 32 -7.93 14.67 58.54
N GLN P 33 -7.54 15.90 58.20
CA GLN P 33 -7.20 16.89 59.22
C GLN P 33 -8.40 17.38 60.02
N SER P 34 -9.63 17.03 59.63
CA SER P 34 -10.80 17.55 60.33
C SER P 34 -10.99 16.94 61.71
N GLU P 35 -10.41 15.77 61.96
CA GLU P 35 -10.43 15.21 63.32
C GLU P 35 -9.83 16.19 64.31
N ALA P 36 -8.68 16.78 63.97
CA ALA P 36 -8.00 17.66 64.89
C ALA P 36 -8.88 18.85 65.26
N LYS P 37 -9.51 19.46 64.27
CA LYS P 37 -10.36 20.61 64.55
C LYS P 37 -11.53 20.22 65.44
N THR P 38 -12.24 19.15 65.08
CA THR P 38 -13.40 18.75 65.87
C THR P 38 -13.01 18.45 67.31
N ASN P 39 -11.94 17.68 67.50
CA ASN P 39 -11.58 17.24 68.85
C ASN P 39 -10.98 18.38 69.66
N LEU P 40 -10.23 19.29 69.03
CA LEU P 40 -9.73 20.43 69.76
C LEU P 40 -10.85 21.35 70.22
N LYS P 41 -11.88 21.54 69.38
CA LYS P 41 -12.99 22.36 69.83
C LYS P 41 -13.76 21.67 70.95
N ALA P 42 -13.85 20.34 70.90
CA ALA P 42 -14.45 19.61 72.02
C ALA P 42 -13.64 19.81 73.31
N LEU P 43 -12.31 19.79 73.20
CA LEU P 43 -11.46 20.08 74.34
C LEU P 43 -11.74 21.47 74.90
N TYR P 44 -11.83 22.46 74.02
CA TYR P 44 -12.11 23.83 74.45
C TYR P 44 -13.44 23.90 75.20
N THR P 45 -14.47 23.26 74.66
CA THR P 45 -15.79 23.28 75.30
C THR P 45 -15.75 22.62 76.67
N ALA P 46 -15.09 21.47 76.77
CA ALA P 46 -15.00 20.77 78.05
C ALA P 46 -14.24 21.60 79.08
N GLN P 47 -13.16 22.25 78.66
CA GLN P 47 -12.42 23.11 79.58
C GLN P 47 -13.29 24.25 80.09
N LYS P 48 -14.06 24.86 79.19
CA LYS P 48 -14.93 25.96 79.61
C LYS P 48 -15.96 25.50 80.62
N SER P 49 -16.58 24.34 80.37
CA SER P 49 -17.58 23.82 81.30
C SER P 49 -16.96 23.51 82.66
N PHE P 50 -15.77 22.88 82.64
CA PHE P 50 -15.10 22.56 83.89
C PHE P 50 -14.80 23.82 84.69
N PHE P 51 -14.30 24.86 84.02
CA PHE P 51 -14.04 26.11 84.72
C PHE P 51 -15.32 26.66 85.33
N SER P 52 -16.38 26.76 84.52
CA SER P 52 -17.60 27.38 85.00
C SER P 52 -18.12 26.66 86.23
N GLU P 53 -18.00 25.34 86.27
CA GLU P 53 -18.49 24.60 87.42
C GLU P 53 -17.55 24.72 88.62
N LYS P 54 -16.24 24.75 88.36
CA LYS P 54 -15.23 24.55 89.40
C LYS P 54 -14.36 25.78 89.67
N ASP P 55 -14.46 26.83 88.86
CA ASP P 55 -13.68 28.05 89.06
C ASP P 55 -12.18 27.81 88.91
N ARG P 56 -11.81 26.97 87.95
CA ARG P 56 -10.41 26.73 87.63
C ARG P 56 -10.35 25.78 86.43
N TYR P 57 -9.30 25.92 85.64
CA TYR P 57 -9.05 25.02 84.54
C TYR P 57 -8.25 23.80 85.03
N SER P 58 -8.29 22.73 84.24
CA SER P 58 -7.70 21.46 84.63
C SER P 58 -6.44 21.18 83.82
N ASP P 59 -5.51 20.48 84.46
CA ASP P 59 -4.29 20.03 83.80
C ASP P 59 -4.39 18.62 83.24
N PHE P 60 -5.51 17.92 83.44
CA PHE P 60 -5.62 16.52 83.11
C PHE P 60 -6.87 16.25 82.30
N ALA P 61 -6.82 15.23 81.45
CA ALA P 61 -7.96 14.90 80.62
C ALA P 61 -9.00 14.09 81.39
N ASN P 62 -8.60 13.46 82.49
CA ASN P 62 -9.55 12.73 83.33
C ASN P 62 -10.62 13.64 83.91
N GLU P 63 -10.23 14.73 84.55
CA GLU P 63 -11.16 15.67 85.14
C GLU P 63 -12.01 16.40 84.13
N ILE P 64 -11.42 16.76 82.99
CA ILE P 64 -12.15 17.51 81.98
C ILE P 64 -13.33 16.71 81.46
N GLY P 65 -13.13 15.42 81.25
CA GLY P 65 -14.13 14.57 80.65
C GLY P 65 -14.01 14.45 79.15
N PHE P 66 -12.82 14.60 78.59
CA PHE P 66 -12.60 14.58 77.16
C PHE P 66 -11.82 13.33 76.77
N ALA P 67 -12.28 12.64 75.74
CA ALA P 67 -11.59 11.49 75.19
C ALA P 67 -12.07 11.30 73.76
N PRO P 68 -11.19 11.24 72.77
CA PRO P 68 -11.65 10.95 71.41
C PRO P 68 -12.00 9.48 71.23
N GLU P 69 -12.84 9.23 70.23
CA GLU P 69 -13.21 7.87 69.90
C GLU P 69 -12.03 7.14 69.27
N ARG P 70 -12.07 5.82 69.33
CA ARG P 70 -10.96 5.03 68.82
C ARG P 70 -10.81 5.17 67.31
N GLY P 71 -9.57 5.07 66.85
CA GLY P 71 -9.22 5.39 65.48
C GLY P 71 -8.93 6.86 65.25
N ASN P 72 -8.26 7.52 66.20
CA ASN P 72 -8.27 8.99 66.22
C ASN P 72 -7.21 9.60 65.30
N ARG P 73 -6.10 8.90 65.08
CA ARG P 73 -4.99 9.36 64.23
C ARG P 73 -4.16 10.48 64.86
N TYR P 74 -4.60 11.05 65.96
CA TYR P 74 -3.97 12.21 66.55
C TYR P 74 -3.79 12.00 68.04
N GLY P 75 -2.64 12.40 68.56
CA GLY P 75 -2.43 12.45 69.99
C GLY P 75 -2.66 13.85 70.52
N TYR P 76 -3.36 13.93 71.65
CA TYR P 76 -3.77 15.20 72.21
C TYR P 76 -3.08 15.41 73.54
N ARG P 77 -2.66 16.65 73.80
CA ARG P 77 -2.04 17.02 75.06
C ARG P 77 -2.80 18.17 75.68
N VAL P 78 -3.28 17.97 76.90
CA VAL P 78 -3.98 19.01 77.63
C VAL P 78 -3.05 19.84 78.51
N SER P 79 -1.86 19.33 78.83
CA SER P 79 -0.93 20.09 79.65
C SER P 79 0.43 19.43 79.61
N ALA P 80 1.42 20.14 80.14
CA ALA P 80 2.78 19.63 80.23
C ALA P 80 3.09 19.00 81.58
N ALA P 81 2.10 18.85 82.45
CA ALA P 81 2.31 18.19 83.73
C ALA P 81 2.85 16.79 83.52
N ALA P 82 3.30 16.18 84.62
CA ALA P 82 3.87 14.84 84.55
C ALA P 82 2.79 13.78 84.53
N GLY P 83 3.04 12.70 83.79
CA GLY P 83 2.12 11.59 83.71
C GLY P 83 2.24 10.89 82.38
N ASP P 84 1.69 9.68 82.33
CA ASP P 84 1.72 8.88 81.11
C ASP P 84 0.59 9.33 80.17
N CYS P 85 0.68 8.91 78.91
CA CYS P 85 -0.16 9.44 77.84
C CYS P 85 -1.23 8.46 77.42
N GLU P 86 -1.75 7.66 78.34
CA GLU P 86 -2.87 6.76 78.06
C GLU P 86 -2.64 6.04 76.72
N VAL P 87 -1.63 5.18 76.71
CA VAL P 87 -1.26 4.48 75.47
C VAL P 87 -2.43 3.62 75.02
N ARG P 88 -2.86 3.81 73.78
CA ARG P 88 -3.94 3.04 73.18
C ARG P 88 -3.34 2.00 72.23
N ASN P 89 -2.87 0.89 72.81
CA ASN P 89 -2.19 -0.15 72.04
C ASN P 89 -2.89 -1.49 72.17
N ALA P 90 -4.14 -1.52 72.60
CA ALA P 90 -4.86 -2.78 72.77
C ALA P 90 -6.35 -2.50 72.67
N ALA P 91 -7.12 -3.58 72.54
CA ALA P 91 -8.58 -3.44 72.43
C ALA P 91 -9.17 -2.81 73.68
N ASP P 92 -8.70 -3.21 74.86
CA ASP P 92 -9.17 -2.66 76.12
C ASP P 92 -8.22 -1.55 76.58
N LEU P 93 -8.78 -0.38 76.89
CA LEU P 93 -7.96 0.71 77.37
C LEU P 93 -7.38 0.37 78.75
N PRO P 94 -6.16 0.82 79.03
CA PRO P 94 -5.54 0.49 80.32
C PRO P 94 -6.20 1.26 81.46
N VAL P 95 -6.11 0.68 82.66
CA VAL P 95 -6.61 1.35 83.86
C VAL P 95 -5.57 2.38 84.28
N PRO P 96 -5.93 3.65 84.40
CA PRO P 96 -4.92 4.68 84.71
C PRO P 96 -4.39 4.55 86.12
N ALA P 97 -3.12 4.92 86.29
CA ALA P 97 -2.53 4.95 87.63
C ALA P 97 -2.76 6.30 88.30
N ALA P 98 -2.80 7.37 87.51
CA ALA P 98 -3.10 8.70 88.02
C ALA P 98 -3.61 9.55 86.88
N GLY P 99 -3.80 10.84 87.14
CA GLY P 99 -4.28 11.73 86.11
C GLY P 99 -3.37 11.72 84.89
N VAL P 100 -3.98 11.70 83.71
CA VAL P 100 -3.23 11.65 82.46
C VAL P 100 -3.35 13.00 81.75
N PRO P 101 -2.23 13.67 81.46
CA PRO P 101 -2.32 14.95 80.74
C PRO P 101 -2.37 14.80 79.23
N CYS P 102 -2.10 13.61 78.69
CA CYS P 102 -2.01 13.42 77.26
C CYS P 102 -2.70 12.11 76.89
N ILE P 103 -3.20 12.07 75.66
CA ILE P 103 -3.84 10.89 75.10
C ILE P 103 -3.06 10.49 73.86
N SER P 104 -2.60 9.26 73.81
CA SER P 104 -1.75 8.82 72.72
C SER P 104 -2.55 8.60 71.45
N ASN P 105 -1.82 8.42 70.36
CA ASN P 105 -2.43 7.98 69.12
C ASN P 105 -2.97 6.57 69.27
N ASP P 106 -4.04 6.26 68.54
CA ASP P 106 -4.66 4.94 68.61
C ASP P 106 -3.88 3.98 67.72
N SER P 107 -2.79 3.42 68.26
CA SER P 107 -1.95 2.51 67.49
C SER P 107 -2.51 1.10 67.45
N PHE P 108 -3.66 0.85 68.06
CA PHE P 108 -4.29 -0.46 67.94
C PHE P 108 -4.61 -0.78 66.49
N ARG P 109 -5.18 0.19 65.77
CA ARG P 109 -5.61 -0.03 64.41
C ARG P 109 -4.75 0.68 63.37
N PHE P 110 -3.65 1.31 63.77
CA PHE P 110 -2.73 1.94 62.83
C PHE P 110 -1.32 1.37 62.87
N GLY P 111 -1.05 0.36 63.68
CA GLY P 111 0.27 -0.23 63.71
C GLY P 111 1.11 0.30 64.86
N ALA P 112 2.09 -0.51 65.27
CA ALA P 112 2.92 -0.15 66.41
C ALA P 112 3.93 0.93 66.06
N ASN P 113 4.39 0.98 64.81
CA ASN P 113 5.37 1.96 64.39
C ASN P 113 4.77 3.36 64.22
N SER P 114 3.45 3.47 64.19
CA SER P 114 2.77 4.76 64.07
C SER P 114 2.46 5.38 65.42
N ALA P 115 2.94 4.79 66.51
CA ALA P 115 2.56 5.25 67.84
C ALA P 115 3.06 6.66 68.10
N ILE P 116 2.25 7.43 68.82
CA ILE P 116 2.62 8.75 69.31
C ILE P 116 2.35 8.75 70.80
N ASP P 117 3.38 8.45 71.60
CA ASP P 117 3.26 8.40 73.04
C ASP P 117 3.62 9.73 73.72
N ASP P 118 4.03 10.73 72.94
CA ASP P 118 4.33 12.06 73.48
C ASP P 118 3.83 13.10 72.49
N PRO P 119 2.52 13.31 72.46
CA PRO P 119 1.93 14.20 71.44
C PRO P 119 2.06 15.67 71.79
N THR P 120 3.29 16.15 71.88
CA THR P 120 3.55 17.55 72.18
C THR P 120 3.74 18.32 70.89
N PRO P 121 2.89 19.29 70.56
CA PRO P 121 3.00 19.98 69.28
C PRO P 121 4.06 21.06 69.27
N VAL P 122 4.28 21.59 68.07
CA VAL P 122 5.18 22.72 67.86
C VAL P 122 4.39 24.01 68.02
N VAL P 123 4.96 24.97 68.75
CA VAL P 123 4.30 26.24 69.03
C VAL P 123 5.16 27.43 68.65
N ALA P 124 6.10 27.26 67.72
CA ALA P 124 7.00 28.35 67.37
C ALA P 124 6.29 29.45 66.60
N ARG P 125 5.31 29.09 65.77
CA ARG P 125 4.67 30.05 64.88
C ARG P 125 3.29 30.46 65.37
N PHE P 126 3.07 30.46 66.68
CA PHE P 126 1.88 31.04 67.29
C PHE P 126 2.34 32.08 68.30
N VAL P 127 1.96 33.33 68.07
CA VAL P 127 2.41 34.45 68.88
C VAL P 127 1.21 34.96 69.69
N PRO P 128 1.16 34.76 71.00
CA PRO P 128 0.04 35.30 71.77
C PRO P 128 -0.02 36.82 71.68
N GLN P 129 -1.23 37.34 71.63
CA GLN P 129 -1.49 38.77 71.56
C GLN P 129 -2.19 39.24 72.83
N GLY P 130 -2.02 40.51 73.14
CA GLY P 130 -2.63 41.10 74.31
C GLY P 130 -1.61 41.54 75.34
N ALA P 131 -2.08 42.36 76.28
CA ALA P 131 -1.20 42.88 77.33
C ALA P 131 -1.06 41.90 78.49
N ALA P 132 -1.90 40.87 78.53
CA ALA P 132 -1.85 39.94 79.65
C ALA P 132 -0.56 39.13 79.68
N GLY P 133 0.20 39.15 78.58
CA GLY P 133 1.47 38.46 78.55
C GLY P 133 1.38 36.95 78.66
N TRP P 134 0.48 36.31 77.92
CA TRP P 134 0.37 34.87 77.98
C TRP P 134 1.53 34.20 77.26
N ASN P 135 1.78 32.95 77.61
CA ASN P 135 2.88 32.16 77.07
C ASN P 135 2.37 31.12 76.09
N THR P 136 3.30 30.38 75.49
CA THR P 136 2.96 29.25 74.62
C THR P 136 3.18 27.90 75.28
N THR P 137 3.42 27.85 76.59
CA THR P 137 3.53 26.57 77.27
C THR P 137 2.15 25.94 77.41
N LEU P 138 2.06 24.66 77.09
CA LEU P 138 0.79 23.96 77.12
C LEU P 138 0.30 23.81 78.56
N GLY P 139 -1.02 23.92 78.73
CA GLY P 139 -1.63 23.74 80.04
C GLY P 139 -2.23 25.01 80.57
N VAL P 140 -2.60 24.99 81.84
CA VAL P 140 -3.13 26.18 82.51
C VAL P 140 -1.98 27.11 82.84
N GLN P 141 -2.14 28.37 82.50
CA GLN P 141 -1.14 29.40 82.77
C GLN P 141 -1.80 30.58 83.44
N PRO P 142 -1.03 31.39 84.18
CA PRO P 142 0.41 31.27 84.45
C PRO P 142 0.73 30.09 85.35
N THR P 143 -0.22 29.70 86.19
CA THR P 143 -0.07 28.53 87.04
C THR P 143 -1.47 28.07 87.43
N ILE P 144 -1.59 26.75 87.70
CA ILE P 144 -2.87 26.21 88.12
C ILE P 144 -3.26 26.76 89.48
N ALA P 145 -2.34 27.44 90.18
CA ALA P 145 -2.59 27.90 91.54
C ALA P 145 -3.56 29.07 91.60
N ASP P 146 -3.77 29.77 90.49
CA ASP P 146 -4.68 30.91 90.44
C ASP P 146 -6.08 30.43 90.07
N CYS P 147 -7.04 30.55 90.99
CA CYS P 147 -8.39 30.12 90.67
C CYS P 147 -9.00 30.87 89.49
N PRO P 148 -9.04 32.20 89.48
CA PRO P 148 -9.39 32.92 88.23
C PRO P 148 -8.28 32.77 87.18
N ASN P 149 -8.14 31.54 86.70
CA ASN P 149 -7.01 31.18 85.86
C ASN P 149 -6.99 32.00 84.57
N CYS P 150 -5.80 32.41 84.18
CA CYS P 150 -5.63 32.85 82.81
C CYS P 150 -5.89 31.65 81.90
N ASN P 151 -6.25 31.96 80.66
CA ASN P 151 -6.79 30.94 79.78
C ASN P 151 -5.80 29.79 79.58
N PHE P 152 -6.34 28.63 79.24
CA PHE P 152 -5.56 27.43 79.01
C PHE P 152 -4.89 27.47 77.63
N PHE P 153 -4.15 26.40 77.33
CA PHE P 153 -3.47 26.22 76.06
C PHE P 153 -3.26 24.74 75.83
N ALA P 154 -3.66 24.25 74.65
CA ALA P 154 -3.66 22.83 74.37
C ALA P 154 -3.30 22.61 72.90
N GLY P 155 -3.03 21.36 72.55
CA GLY P 155 -2.67 21.07 71.18
C GLY P 155 -2.73 19.58 70.88
N ALA P 156 -2.42 19.25 69.62
CA ALA P 156 -2.50 17.89 69.12
C ALA P 156 -1.36 17.67 68.13
N ARG P 157 -1.11 16.40 67.82
CA ARG P 157 0.00 16.03 66.94
C ARG P 157 -0.38 14.75 66.20
N GLY P 158 -0.24 14.76 64.88
CA GLY P 158 -0.66 13.62 64.11
C GLY P 158 0.09 13.54 62.80
N ASN P 159 -0.32 12.59 61.97
CA ASN P 159 0.34 12.34 60.70
C ASN P 159 -0.72 12.14 59.63
N ALA P 160 -0.64 12.92 58.55
CA ALA P 160 -1.64 12.83 57.49
C ALA P 160 -1.06 12.15 56.25
N ASP P 161 -1.73 11.07 55.82
CA ASP P 161 -1.26 10.17 54.76
C ASP P 161 0.16 9.70 55.11
N ASN P 162 1.08 9.59 54.14
CA ASN P 162 2.32 8.86 54.34
C ASN P 162 3.50 9.79 54.61
N GLU P 163 3.19 10.96 55.16
CA GLU P 163 4.22 11.85 55.67
C GLU P 163 4.99 11.18 56.79
N ALA P 164 6.31 11.12 56.66
CA ALA P 164 7.12 10.62 57.77
C ALA P 164 7.00 11.53 58.99
N THR P 165 6.95 12.84 58.75
CA THR P 165 6.84 13.85 59.80
C THR P 165 5.38 14.14 60.12
N PHE P 166 5.18 14.96 61.14
CA PHE P 166 3.87 15.15 61.77
C PHE P 166 3.29 16.52 61.44
N ASP P 167 1.99 16.67 61.68
CA ASP P 167 1.35 17.98 61.66
C ASP P 167 0.82 18.33 63.04
N ASP P 168 0.86 19.61 63.37
CA ASP P 168 0.62 20.07 64.74
C ASP P 168 -0.48 21.11 64.73
N TRP P 169 -1.37 21.03 65.72
CA TRP P 169 -2.43 22.00 65.93
C TRP P 169 -2.36 22.50 67.35
N VAL P 170 -2.85 23.73 67.56
CA VAL P 170 -2.94 24.31 68.89
C VAL P 170 -4.29 24.98 69.01
N ILE P 171 -4.81 25.01 70.24
CA ILE P 171 -6.01 25.77 70.56
C ILE P 171 -5.76 26.48 71.87
N ALA P 172 -6.15 27.76 71.91
CA ALA P 172 -5.90 28.60 73.08
C ALA P 172 -7.20 29.26 73.48
N GLY P 173 -7.28 29.62 74.76
CA GLY P 173 -8.36 30.42 75.27
C GLY P 173 -8.14 31.90 75.13
N PHE P 174 -7.07 32.32 74.47
CA PHE P 174 -6.72 33.72 74.31
C PHE P 174 -6.36 33.99 72.85
N GLU P 175 -6.24 35.26 72.52
CA GLU P 175 -5.97 35.65 71.15
C GLU P 175 -4.50 35.50 70.80
N GLY P 176 -4.23 35.21 69.53
CA GLY P 176 -2.87 35.12 69.04
C GLY P 176 -2.87 35.36 67.55
N SER P 177 -1.68 35.40 66.97
CA SER P 177 -1.54 35.59 65.54
C SER P 177 -0.53 34.59 64.99
N GLY P 178 -0.86 34.02 63.84
CA GLY P 178 0.04 33.10 63.17
C GLY P 178 1.14 33.83 62.42
N GLN P 179 2.24 33.13 62.23
CA GLN P 179 3.38 33.66 61.49
C GLN P 179 3.52 32.93 60.16
N VAL P 180 3.87 33.68 59.14
CA VAL P 180 4.08 33.10 57.81
C VAL P 180 5.34 32.26 57.84
N GLY P 181 5.28 31.09 57.20
CA GLY P 181 6.40 30.20 57.14
C GLY P 181 6.20 29.14 56.08
N PRO P 182 7.17 28.25 55.92
CA PRO P 182 7.03 27.21 54.89
C PRO P 182 5.85 26.28 55.12
N CYS P 183 5.37 26.15 56.35
CA CYS P 183 4.33 25.18 56.69
C CYS P 183 3.24 25.83 57.55
N SER P 184 3.06 27.14 57.43
CA SER P 184 2.02 27.80 58.19
C SER P 184 1.60 29.06 57.43
N GLU P 185 0.37 29.50 57.70
CA GLU P 185 -0.51 30.59 57.32
C GLU P 185 -0.29 31.79 58.23
N ALA P 186 -0.52 32.98 57.69
CA ALA P 186 -0.41 34.21 58.45
C ALA P 186 -1.79 34.82 58.60
N GLY P 187 -2.10 35.23 59.81
CA GLY P 187 -3.37 35.86 60.10
C GLY P 187 -3.71 35.71 61.57
N ASN P 188 -4.60 36.58 62.03
CA ASN P 188 -4.99 36.62 63.43
C ASN P 188 -5.95 35.49 63.74
N VAL P 189 -5.81 34.90 64.92
CA VAL P 189 -6.60 33.75 65.34
C VAL P 189 -7.43 34.17 66.55
N ALA P 190 -8.74 34.04 66.43
CA ALA P 190 -9.62 34.33 67.55
C ALA P 190 -9.53 33.22 68.60
N SER P 191 -9.85 33.57 69.84
CA SER P 191 -9.83 32.58 70.90
C SER P 191 -10.86 31.49 70.62
N GLY P 192 -10.45 30.24 70.82
CA GLY P 192 -11.31 29.11 70.55
C GLY P 192 -11.27 28.60 69.13
N THR P 193 -10.31 29.05 68.32
CA THR P 193 -10.17 28.60 66.94
C THR P 193 -8.87 27.84 66.79
N PRO P 194 -8.89 26.57 66.35
CA PRO P 194 -7.64 25.84 66.17
C PRO P 194 -6.74 26.49 65.13
N TYR P 195 -5.43 26.44 65.39
CA TYR P 195 -4.44 26.99 64.48
C TYR P 195 -3.42 25.92 64.15
N ASN P 196 -3.04 25.83 62.88
CA ASN P 196 -2.18 24.76 62.38
C ASN P 196 -0.75 25.25 62.35
N THR P 197 0.02 24.93 63.39
CA THR P 197 1.40 25.38 63.45
C THR P 197 2.26 24.75 62.37
N ARG P 198 2.05 23.45 62.11
CA ARG P 198 2.69 22.74 61.01
C ARG P 198 1.64 21.83 60.39
N ASN P 199 1.45 21.91 59.09
CA ASN P 199 0.30 21.27 58.46
C ASN P 199 0.65 19.94 57.79
N ASP P 200 1.89 19.72 57.40
CA ASP P 200 2.31 18.43 56.89
C ASP P 200 1.71 18.09 55.53
N VAL P 201 0.75 18.88 55.06
CA VAL P 201 0.27 18.74 53.70
C VAL P 201 1.09 19.61 52.76
N ALA P 202 1.58 20.74 53.28
CA ALA P 202 2.42 21.60 52.48
C ALA P 202 3.85 21.06 52.40
N CYS P 203 4.35 20.46 53.48
CA CYS P 203 5.76 20.18 53.58
C CYS P 203 6.00 18.82 54.21
N ASP P 204 7.19 18.28 53.98
CA ASP P 204 7.64 17.03 54.58
C ASP P 204 9.15 17.05 54.65
N GLY P 205 9.70 17.16 55.85
CA GLY P 205 11.12 17.24 56.06
C GLY P 205 11.42 18.05 57.31
N ALA P 206 12.55 18.74 57.29
CA ALA P 206 12.93 19.56 58.43
C ALA P 206 12.09 20.83 58.55
N ALA P 207 11.29 21.13 57.51
CA ALA P 207 10.50 22.36 57.50
C ALA P 207 9.58 22.42 58.70
N GLN P 208 9.43 23.61 59.27
CA GLN P 208 8.57 23.82 60.42
C GLN P 208 7.51 24.89 60.16
N PHE Q 1 -10.01 0.97 18.12
CA PHE Q 1 -10.38 2.41 18.01
C PHE Q 1 -9.45 3.14 17.06
N THR Q 2 -9.83 4.37 16.71
CA THR Q 2 -9.14 5.16 15.69
C THR Q 2 -8.82 6.54 16.25
N LEU Q 3 -8.36 7.43 15.37
CA LEU Q 3 -7.96 8.77 15.80
C LEU Q 3 -9.14 9.56 16.34
N ILE Q 4 -10.31 9.45 15.70
CA ILE Q 4 -11.45 10.26 16.10
C ILE Q 4 -11.88 9.91 17.52
N GLU Q 5 -11.88 8.62 17.86
CA GLU Q 5 -12.23 8.24 19.22
C GLU Q 5 -11.29 8.85 20.24
N LEU Q 6 -10.00 8.87 19.95
CA LEU Q 6 -9.02 9.35 20.91
C LEU Q 6 -9.10 10.86 21.06
N MET Q 7 -9.29 11.57 19.94
CA MET Q 7 -9.54 13.00 20.02
C MET Q 7 -10.82 13.31 20.77
N ILE Q 8 -11.83 12.46 20.64
CA ILE Q 8 -13.07 12.67 21.39
C ILE Q 8 -12.85 12.45 22.88
N VAL Q 9 -11.98 11.51 23.23
CA VAL Q 9 -11.63 11.31 24.64
C VAL Q 9 -10.98 12.56 25.20
N VAL Q 10 -10.04 13.13 24.45
CA VAL Q 10 -9.39 14.37 24.89
C VAL Q 10 -10.43 15.48 25.02
N ALA Q 11 -11.34 15.58 24.05
CA ALA Q 11 -12.36 16.63 24.10
C ALA Q 11 -13.28 16.44 25.31
N ILE Q 12 -13.58 15.20 25.67
CA ILE Q 12 -14.48 14.95 26.80
C ILE Q 12 -13.81 15.32 28.11
N ILE Q 13 -12.52 15.01 28.26
CA ILE Q 13 -11.88 15.46 29.50
C ILE Q 13 -11.80 16.99 29.52
N GLY Q 14 -11.60 17.61 28.35
CA GLY Q 14 -11.70 19.06 28.29
C GLY Q 14 -13.06 19.58 28.72
N ILE Q 15 -14.12 18.89 28.32
CA ILE Q 15 -15.48 19.27 28.74
C ILE Q 15 -15.62 19.16 30.25
N LEU Q 16 -15.19 18.04 30.82
CA LEU Q 16 -15.34 17.85 32.26
C LEU Q 16 -14.53 18.87 33.04
N ALA Q 17 -13.43 19.35 32.46
CA ALA Q 17 -12.65 20.39 33.12
C ALA Q 17 -13.38 21.73 33.17
N ALA Q 18 -14.46 21.88 32.41
CA ALA Q 18 -15.23 23.12 32.38
C ALA Q 18 -16.69 22.91 32.75
N ILE Q 19 -16.99 21.84 33.50
CA ILE Q 19 -18.36 21.53 33.88
C ILE Q 19 -18.90 22.65 34.78
N ALA Q 20 -20.21 22.89 34.68
CA ALA Q 20 -20.87 23.91 35.50
C ALA Q 20 -21.62 23.24 36.66
N ILE Q 21 -20.88 22.96 37.71
CA ILE Q 21 -21.42 22.32 38.92
C ILE Q 21 -22.16 23.37 39.73
N PRO Q 22 -22.98 22.98 40.70
CA PRO Q 22 -23.72 23.97 41.49
C PRO Q 22 -22.80 24.92 42.23
N ASN Q 23 -23.29 26.13 42.46
CA ASN Q 23 -22.55 27.15 43.21
C ASN Q 23 -22.64 26.80 44.69
N PHE Q 24 -21.55 26.26 45.25
CA PHE Q 24 -21.57 25.82 46.65
C PHE Q 24 -21.21 26.94 47.62
N ILE Q 25 -20.78 28.10 47.12
CA ILE Q 25 -20.63 29.25 47.99
C ILE Q 25 -21.96 29.63 48.61
N LYS Q 26 -23.06 29.38 47.92
CA LYS Q 26 -24.37 29.59 48.53
C LYS Q 26 -24.58 28.69 49.74
N PHE Q 27 -24.24 27.42 49.63
CA PHE Q 27 -24.37 26.50 50.75
C PHE Q 27 -23.48 26.92 51.92
N GLN Q 28 -22.26 27.36 51.62
CA GLN Q 28 -21.36 27.75 52.70
C GLN Q 28 -21.82 29.05 53.36
N ALA Q 29 -22.39 29.98 52.59
CA ALA Q 29 -22.96 31.18 53.18
C ALA Q 29 -24.14 30.84 54.08
N ARG Q 30 -24.99 29.91 53.64
CA ARG Q 30 -26.07 29.45 54.50
C ARG Q 30 -25.54 28.82 55.77
N SER Q 31 -24.40 28.14 55.71
CA SER Q 31 -23.75 27.63 56.91
C SER Q 31 -23.31 28.78 57.83
N LYS Q 32 -22.73 29.82 57.25
CA LYS Q 32 -22.20 30.92 58.05
C LYS Q 32 -23.31 31.73 58.70
N GLN Q 33 -24.52 31.72 58.11
CA GLN Q 33 -25.62 32.53 58.64
C GLN Q 33 -26.13 32.04 60.00
N SER Q 34 -25.69 30.88 60.47
CA SER Q 34 -26.21 30.35 61.73
C SER Q 34 -25.74 31.14 62.96
N GLU Q 35 -24.63 31.87 62.84
CA GLU Q 35 -24.21 32.74 63.92
C GLU Q 35 -25.31 33.72 64.28
N ALA Q 36 -25.92 34.34 63.27
CA ALA Q 36 -26.93 35.35 63.53
C ALA Q 36 -28.11 34.78 64.28
N LYS Q 37 -28.60 33.61 63.87
CA LYS Q 37 -29.71 33.00 64.58
C LYS Q 37 -29.35 32.70 66.02
N THR Q 38 -28.21 32.04 66.24
CA THR Q 38 -27.84 31.67 67.61
C THR Q 38 -27.71 32.90 68.50
N ASN Q 39 -27.02 33.93 68.01
CA ASN Q 39 -26.73 35.08 68.85
C ASN Q 39 -27.97 35.96 69.05
N LEU Q 40 -28.84 36.05 68.05
CA LEU Q 40 -30.08 36.79 68.26
C LEU Q 40 -30.98 36.08 69.27
N LYS Q 41 -31.01 34.76 69.25
CA LYS Q 41 -31.80 34.07 70.27
C LYS Q 41 -31.20 34.27 71.65
N ALA Q 42 -29.87 34.31 71.76
CA ALA Q 42 -29.24 34.62 73.04
C ALA Q 42 -29.60 36.03 73.51
N LEU Q 43 -29.63 36.99 72.59
CA LEU Q 43 -30.07 38.34 72.93
C LEU Q 43 -31.51 38.34 73.45
N TYR Q 44 -32.39 37.61 72.77
CA TYR Q 44 -33.78 37.52 73.21
C TYR Q 44 -33.87 36.97 74.62
N THR Q 45 -33.14 35.88 74.89
CA THR Q 45 -33.15 35.28 76.23
C THR Q 45 -32.65 36.26 77.29
N ALA Q 46 -31.54 36.96 77.00
CA ALA Q 46 -30.98 37.87 77.99
C ALA Q 46 -31.93 39.02 78.26
N GLN Q 47 -32.59 39.54 77.22
CA GLN Q 47 -33.58 40.60 77.43
C GLN Q 47 -34.72 40.12 78.31
N LYS Q 48 -35.22 38.90 78.06
CA LYS Q 48 -36.32 38.40 78.89
C LYS Q 48 -35.89 38.26 80.34
N SER Q 49 -34.69 37.75 80.58
CA SER Q 49 -34.21 37.59 81.95
C SER Q 49 -34.06 38.95 82.64
N PHE Q 50 -33.49 39.93 81.94
CA PHE Q 50 -33.35 41.26 82.50
C PHE Q 50 -34.70 41.84 82.87
N PHE Q 51 -35.69 41.69 81.98
CA PHE Q 51 -37.02 42.20 82.31
C PHE Q 51 -37.58 41.52 83.54
N SER Q 52 -37.53 40.18 83.58
CA SER Q 52 -38.12 39.47 84.70
C SER Q 52 -37.52 39.92 86.02
N GLU Q 53 -36.21 40.17 86.04
CA GLU Q 53 -35.59 40.60 87.28
C GLU Q 53 -35.91 42.06 87.59
N LYS Q 54 -35.92 42.93 86.57
CA LYS Q 54 -35.91 44.37 86.75
C LYS Q 54 -37.20 45.08 86.33
N ASP Q 55 -38.17 44.35 85.77
CA ASP Q 55 -39.45 44.94 85.37
C ASP Q 55 -39.26 46.03 84.32
N ARG Q 56 -38.33 45.82 83.40
CA ARG Q 56 -38.07 46.78 82.33
C ARG Q 56 -37.04 46.20 81.37
N TYR Q 57 -37.16 46.56 80.11
CA TYR Q 57 -36.18 46.18 79.11
C TYR Q 57 -35.08 47.23 79.02
N SER Q 58 -33.94 46.82 78.49
CA SER Q 58 -32.75 47.66 78.46
C SER Q 58 -32.41 48.07 77.03
N ASP Q 59 -31.77 49.22 76.90
CA ASP Q 59 -31.32 49.72 75.62
C ASP Q 59 -29.84 49.46 75.36
N PHE Q 60 -29.13 48.81 76.29
CA PHE Q 60 -27.69 48.66 76.21
C PHE Q 60 -27.29 47.21 76.41
N ALA Q 61 -26.22 46.79 75.74
CA ALA Q 61 -25.76 45.41 75.86
C ALA Q 61 -24.99 45.19 77.15
N ASN Q 62 -24.50 46.26 77.77
CA ASN Q 62 -23.81 46.13 79.05
C ASN Q 62 -24.71 45.57 80.14
N GLU Q 63 -25.88 46.16 80.36
CA GLU Q 63 -26.81 45.72 81.38
C GLU Q 63 -27.44 44.37 81.08
N ILE Q 64 -27.74 44.10 79.81
CA ILE Q 64 -28.35 42.83 79.43
C ILE Q 64 -27.41 41.68 79.78
N GLY Q 65 -26.12 41.84 79.51
CA GLY Q 65 -25.16 40.80 79.70
C GLY Q 65 -24.89 39.98 78.46
N PHE Q 66 -24.98 40.57 77.28
CA PHE Q 66 -24.84 39.86 76.02
C PHE Q 66 -23.60 40.35 75.29
N ALA Q 67 -22.78 39.40 74.84
CA ALA Q 67 -21.62 39.69 74.01
C ALA Q 67 -21.26 38.43 73.26
N PRO Q 68 -21.19 38.46 71.94
CA PRO Q 68 -20.77 37.27 71.20
C PRO Q 68 -19.26 37.06 71.30
N GLU Q 69 -18.86 35.79 71.14
CA GLU Q 69 -17.45 35.46 71.17
C GLU Q 69 -16.74 36.05 69.95
N ARG Q 70 -15.42 36.20 70.08
CA ARG Q 70 -14.65 36.79 68.99
C ARG Q 70 -14.67 35.92 67.75
N GLY Q 71 -14.58 36.58 66.59
CA GLY Q 71 -14.80 35.93 65.31
C GLY Q 71 -16.25 35.90 64.88
N ASN Q 72 -17.01 36.96 65.19
CA ASN Q 72 -18.47 36.87 65.12
C ASN Q 72 -19.02 37.09 63.71
N ARG Q 73 -18.36 37.92 62.90
CA ARG Q 73 -18.78 38.24 61.53
C ARG Q 73 -19.99 39.15 61.43
N TYR Q 74 -20.70 39.38 62.53
CA TYR Q 74 -21.94 40.13 62.52
C TYR Q 74 -21.89 41.21 63.58
N GLY Q 75 -22.38 42.39 63.24
CA GLY Q 75 -22.57 43.43 64.22
C GLY Q 75 -24.00 43.43 64.72
N TYR Q 76 -24.16 43.54 66.03
CA TYR Q 76 -25.46 43.44 66.67
C TYR Q 76 -25.85 44.78 67.26
N ARG Q 77 -27.12 45.14 67.11
CA ARG Q 77 -27.64 46.38 67.67
C ARG Q 77 -28.79 46.06 68.60
N VAL Q 78 -28.68 46.52 69.84
CA VAL Q 78 -29.72 46.31 70.84
C VAL Q 78 -30.68 47.50 70.91
N SER Q 79 -30.28 48.67 70.42
CA SER Q 79 -31.16 49.83 70.41
C SER Q 79 -30.55 50.92 69.56
N ALA Q 80 -31.35 51.95 69.31
CA ALA Q 80 -30.90 53.11 68.55
C ALA Q 80 -30.43 54.25 69.44
N ALA Q 81 -30.32 54.03 70.74
CA ALA Q 81 -29.80 55.04 71.65
C ALA Q 81 -28.40 55.47 71.21
N ALA Q 82 -27.93 56.57 71.79
CA ALA Q 82 -26.63 57.10 71.43
C ALA Q 82 -25.51 56.38 72.17
N GLY Q 83 -24.39 56.20 71.49
CA GLY Q 83 -23.23 55.56 72.08
C GLY Q 83 -22.38 54.91 71.02
N ASP Q 84 -21.17 54.53 71.44
CA ASP Q 84 -20.23 53.85 70.56
C ASP Q 84 -20.58 52.37 70.43
N CYS Q 85 -20.02 51.71 69.42
CA CYS Q 85 -20.41 50.36 69.06
C CYS Q 85 -19.34 49.34 69.43
N GLU Q 86 -18.61 49.57 70.51
CA GLU Q 86 -17.63 48.60 71.02
C GLU Q 86 -16.80 48.06 69.85
N VAL Q 87 -16.00 48.94 69.27
CA VAL Q 87 -15.20 48.55 68.11
C VAL Q 87 -14.24 47.45 68.51
N ARG Q 88 -14.29 46.33 67.78
CA ARG Q 88 -13.42 45.19 68.02
C ARG Q 88 -12.35 45.17 66.94
N ASN Q 89 -11.28 45.93 67.16
CA ASN Q 89 -10.20 46.07 66.19
C ASN Q 89 -8.84 45.75 66.80
N ALA Q 90 -8.81 45.10 67.96
CA ALA Q 90 -7.55 44.78 68.60
C ALA Q 90 -7.75 43.54 69.47
N ALA Q 91 -6.62 42.96 69.89
CA ALA Q 91 -6.68 41.75 70.71
C ALA Q 91 -7.39 42.02 72.03
N ASP Q 92 -7.12 43.16 72.65
CA ASP Q 92 -7.77 43.54 73.90
C ASP Q 92 -8.97 44.42 73.61
N LEU Q 93 -10.13 44.07 74.15
CA LEU Q 93 -11.31 44.89 73.97
C LEU Q 93 -11.15 46.23 74.70
N PRO Q 94 -11.67 47.31 74.13
CA PRO Q 94 -11.50 48.61 74.76
C PRO Q 94 -12.36 48.75 76.01
N VAL Q 95 -11.92 49.62 76.91
CA VAL Q 95 -12.69 49.91 78.12
C VAL Q 95 -13.80 50.87 77.74
N PRO Q 96 -15.07 50.56 78.03
CA PRO Q 96 -16.16 51.42 77.56
C PRO Q 96 -16.24 52.72 78.33
N ALA Q 97 -16.60 53.79 77.62
CA ALA Q 97 -16.81 55.07 78.28
C ALA Q 97 -18.21 55.15 78.89
N ALA Q 98 -19.20 54.53 78.25
CA ALA Q 98 -20.56 54.49 78.76
C ALA Q 98 -21.25 53.28 78.17
N GLY Q 99 -22.57 53.21 78.38
CA GLY Q 99 -23.33 52.09 77.85
C GLY Q 99 -23.20 51.99 76.34
N VAL Q 100 -23.07 50.77 75.84
CA VAL Q 100 -22.92 50.52 74.41
C VAL Q 100 -24.21 49.93 73.87
N PRO Q 101 -24.89 50.58 72.92
CA PRO Q 101 -26.09 49.97 72.33
C PRO Q 101 -25.81 49.02 71.19
N CYS Q 102 -24.57 48.96 70.70
CA CYS Q 102 -24.24 48.17 69.53
C CYS Q 102 -22.88 47.52 69.75
N ILE Q 103 -22.69 46.37 69.12
CA ILE Q 103 -21.44 45.63 69.16
C ILE Q 103 -20.94 45.49 67.74
N SER Q 104 -19.75 46.01 67.47
CA SER Q 104 -19.24 46.05 66.11
C SER Q 104 -18.85 44.65 65.64
N ASN Q 105 -18.60 44.57 64.35
CA ASN Q 105 -18.02 43.37 63.76
C ASN Q 105 -16.60 43.18 64.28
N ASP Q 106 -16.16 41.93 64.36
CA ASP Q 106 -14.81 41.61 64.85
C ASP Q 106 -13.83 41.80 63.70
N SER Q 107 -13.34 43.01 63.53
CA SER Q 107 -12.40 43.31 62.45
C SER Q 107 -10.96 42.98 62.83
N PHE Q 108 -10.72 42.47 64.04
CA PHE Q 108 -9.39 42.03 64.39
C PHE Q 108 -8.92 40.91 63.47
N ARG Q 109 -9.78 39.93 63.22
CA ARG Q 109 -9.39 38.77 62.43
C ARG Q 109 -10.03 38.72 61.05
N PHE Q 110 -10.77 39.76 60.66
CA PHE Q 110 -11.34 39.83 59.32
C PHE Q 110 -10.83 41.01 58.49
N GLY Q 111 -9.93 41.82 59.02
CA GLY Q 111 -9.38 42.92 58.25
C GLY Q 111 -10.06 44.24 58.56
N ALA Q 112 -9.33 45.33 58.33
CA ALA Q 112 -9.86 46.65 58.66
C ALA Q 112 -10.92 47.11 57.68
N ASN Q 113 -10.88 46.62 56.44
CA ASN Q 113 -11.87 46.99 55.44
C ASN Q 113 -13.19 46.26 55.61
N SER Q 114 -13.25 45.24 56.46
CA SER Q 114 -14.48 44.51 56.73
C SER Q 114 -15.21 45.02 57.96
N ALA Q 115 -14.75 46.11 58.56
CA ALA Q 115 -15.33 46.58 59.81
C ALA Q 115 -16.77 47.03 59.59
N ILE Q 116 -17.62 46.76 60.59
CA ILE Q 116 -18.98 47.25 60.63
C ILE Q 116 -19.12 47.98 61.96
N ASP Q 117 -18.96 49.29 61.95
CA ASP Q 117 -19.04 50.10 63.16
C ASP Q 117 -20.44 50.66 63.39
N ASP Q 118 -21.39 50.37 62.52
CA ASP Q 118 -22.77 50.82 62.68
C ASP Q 118 -23.69 49.73 62.14
N PRO Q 119 -23.86 48.65 62.89
CA PRO Q 119 -24.61 47.50 62.38
C PRO Q 119 -26.12 47.65 62.53
N THR Q 120 -26.68 48.65 61.85
CA THR Q 120 -28.11 48.87 61.87
C THR Q 120 -28.76 48.14 60.70
N PRO Q 121 -29.63 47.15 60.94
CA PRO Q 121 -30.18 46.37 59.84
C PRO Q 121 -31.33 47.08 59.13
N VAL Q 122 -31.75 46.45 58.03
CA VAL Q 122 -32.91 46.92 57.27
C VAL Q 122 -34.16 46.29 57.85
N VAL Q 123 -35.23 47.08 57.95
CA VAL Q 123 -36.49 46.63 58.53
C VAL Q 123 -37.67 46.94 57.64
N ALA Q 124 -37.44 47.13 56.33
CA ALA Q 124 -38.54 47.49 55.44
C ALA Q 124 -39.50 46.33 55.25
N ARG Q 125 -38.99 45.09 55.22
CA ARG Q 125 -39.80 43.92 54.90
C ARG Q 125 -40.21 43.12 56.12
N PHE Q 126 -40.28 43.73 57.28
CA PHE Q 126 -40.86 43.15 58.48
C PHE Q 126 -42.01 44.02 58.92
N VAL Q 127 -43.22 43.47 58.94
CA VAL Q 127 -44.44 44.21 59.26
C VAL Q 127 -44.95 43.71 60.61
N PRO Q 128 -44.92 44.52 61.66
CA PRO Q 128 -45.51 44.09 62.93
C PRO Q 128 -47.00 43.83 62.78
N GLN Q 129 -47.48 42.82 63.51
CA GLN Q 129 -48.90 42.45 63.53
C GLN Q 129 -49.44 42.65 64.93
N GLY Q 130 -50.75 42.84 65.01
CA GLY Q 130 -51.43 43.03 66.27
C GLY Q 130 -52.01 44.43 66.42
N ALA Q 131 -52.93 44.55 67.39
CA ALA Q 131 -53.58 45.82 67.64
C ALA Q 131 -52.74 46.76 68.49
N ALA Q 132 -51.68 46.25 69.12
CA ALA Q 132 -50.88 47.09 70.01
C ALA Q 132 -50.14 48.19 69.24
N GLY Q 133 -50.08 48.09 67.92
CA GLY Q 133 -49.46 49.11 67.12
C GLY Q 133 -47.97 49.29 67.34
N TRP Q 134 -47.22 48.19 67.35
CA TRP Q 134 -45.78 48.28 67.54
C TRP Q 134 -45.09 48.80 66.29
N ASN Q 135 -43.89 49.34 66.47
CA ASN Q 135 -43.11 49.96 65.42
C ASN Q 135 -41.93 49.06 65.02
N THR Q 136 -41.17 49.49 64.02
CA THR Q 136 -39.96 48.81 63.60
C THR Q 136 -38.68 49.51 64.05
N THR Q 137 -38.78 50.52 64.91
CA THR Q 137 -37.57 51.15 65.42
C THR Q 137 -36.90 50.23 66.43
N LEU Q 138 -35.58 50.08 66.29
CA LEU Q 138 -34.84 49.19 67.16
C LEU Q 138 -34.79 49.73 68.59
N GLY Q 139 -34.79 48.82 69.55
CA GLY Q 139 -34.72 49.19 70.95
C GLY Q 139 -35.99 48.87 71.70
N VAL Q 140 -36.14 49.42 72.89
CA VAL Q 140 -37.36 49.29 73.67
C VAL Q 140 -38.37 50.31 73.16
N GLN Q 141 -39.57 49.84 72.87
CA GLN Q 141 -40.64 50.69 72.38
C GLN Q 141 -41.88 50.47 73.23
N PRO Q 142 -42.77 51.47 73.31
CA PRO Q 142 -42.72 52.80 72.67
C PRO Q 142 -41.65 53.69 73.29
N THR Q 143 -41.34 53.47 74.56
CA THR Q 143 -40.26 54.18 75.23
C THR Q 143 -39.82 53.35 76.42
N ILE Q 144 -38.56 53.52 76.82
CA ILE Q 144 -38.08 52.83 78.00
C ILE Q 144 -38.69 53.43 79.27
N ALA Q 145 -39.43 54.53 79.14
CA ALA Q 145 -40.03 55.18 80.29
C ALA Q 145 -41.21 54.39 80.86
N ASP Q 146 -41.69 53.37 80.15
CA ASP Q 146 -42.77 52.52 80.62
C ASP Q 146 -42.18 51.27 81.27
N CYS Q 147 -42.39 51.09 82.57
CA CYS Q 147 -41.88 49.89 83.23
C CYS Q 147 -42.48 48.61 82.65
N PRO Q 148 -43.80 48.45 82.56
CA PRO Q 148 -44.34 47.31 81.80
C PRO Q 148 -44.12 47.51 80.30
N ASN Q 149 -42.85 47.48 79.91
CA ASN Q 149 -42.45 47.86 78.58
C ASN Q 149 -43.14 47.01 77.53
N CYS Q 150 -43.61 47.66 76.47
CA CYS Q 150 -43.95 46.91 75.29
C CYS Q 150 -42.67 46.27 74.76
N ASN Q 151 -42.84 45.21 73.97
CA ASN Q 151 -41.73 44.37 73.61
C ASN Q 151 -40.60 45.15 72.94
N PHE Q 152 -39.41 44.57 72.97
CA PHE Q 152 -38.23 45.16 72.36
C PHE Q 152 -38.16 44.81 70.87
N PHE Q 153 -37.08 45.28 70.24
CA PHE Q 153 -36.79 45.00 68.84
C PHE Q 153 -35.30 45.17 68.61
N ALA Q 154 -34.66 44.18 67.98
CA ALA Q 154 -33.22 44.16 67.82
C ALA Q 154 -32.87 43.55 66.48
N GLY Q 155 -31.60 43.62 66.11
CA GLY Q 155 -31.19 43.05 64.85
C GLY Q 155 -29.68 42.94 64.73
N ALA Q 156 -29.25 42.47 63.57
CA ALA Q 156 -27.83 42.21 63.30
C ALA Q 156 -27.55 42.54 61.84
N ARG Q 157 -26.27 42.62 61.50
CA ARG Q 157 -25.84 43.02 60.17
C ARG Q 157 -24.49 42.41 59.89
N GLY Q 158 -24.35 41.69 58.79
CA GLY Q 158 -23.12 41.01 58.51
C GLY Q 158 -22.93 40.78 57.03
N ASN Q 159 -21.91 40.00 56.69
CA ASN Q 159 -21.57 39.71 55.31
C ASN Q 159 -21.24 38.23 55.19
N ALA Q 160 -21.84 37.55 54.22
CA ALA Q 160 -21.61 36.13 54.02
C ALA Q 160 -20.81 35.87 52.73
N ASP Q 161 -19.68 35.19 52.89
CA ASP Q 161 -18.69 34.98 51.82
C ASP Q 161 -18.32 36.33 51.23
N ASN Q 162 -18.18 36.47 49.91
CA ASN Q 162 -17.55 37.64 49.30
C ASN Q 162 -18.57 38.63 48.75
N GLU Q 163 -19.77 38.60 49.32
CA GLU Q 163 -20.78 39.61 49.02
C GLU Q 163 -20.27 40.99 49.43
N ALA Q 164 -20.27 41.93 48.49
CA ALA Q 164 -19.93 43.30 48.86
C ALA Q 164 -20.95 43.90 49.81
N THR Q 165 -22.22 43.56 49.62
CA THR Q 165 -23.32 44.06 50.43
C THR Q 165 -23.58 43.12 51.60
N PHE Q 166 -24.44 43.56 52.52
CA PHE Q 166 -24.63 42.93 53.81
C PHE Q 166 -25.93 42.15 53.86
N ASP Q 167 -26.03 41.23 54.82
CA ASP Q 167 -27.30 40.59 55.11
C ASP Q 167 -27.78 40.99 56.50
N ASP Q 168 -29.09 41.07 56.66
CA ASP Q 168 -29.70 41.71 57.82
C ASP Q 168 -30.65 40.73 58.50
N TRP Q 169 -30.71 40.78 59.83
CA TRP Q 169 -31.61 39.97 60.62
C TRP Q 169 -32.32 40.85 61.63
N VAL Q 170 -33.47 40.39 62.11
CA VAL Q 170 -34.19 41.06 63.18
C VAL Q 170 -34.85 40.02 64.07
N ILE Q 171 -34.94 40.34 65.35
CA ILE Q 171 -35.69 39.54 66.31
C ILE Q 171 -36.54 40.50 67.13
N ALA Q 172 -37.79 40.11 67.36
CA ALA Q 172 -38.74 40.96 68.03
C ALA Q 172 -39.42 40.19 69.15
N GLY Q 173 -39.89 40.93 70.15
CA GLY Q 173 -40.69 40.35 71.19
C GLY Q 173 -42.17 40.30 70.89
N PHE Q 174 -42.56 40.74 69.69
CA PHE Q 174 -43.95 40.76 69.26
C PHE Q 174 -44.08 40.04 67.92
N GLU Q 175 -45.32 39.85 67.49
CA GLU Q 175 -45.57 39.08 66.28
C GLU Q 175 -45.50 39.96 65.05
N GLY Q 176 -45.05 39.40 63.94
CA GLY Q 176 -44.95 40.13 62.69
C GLY Q 176 -45.01 39.16 61.54
N SER Q 177 -45.01 39.72 60.34
CA SER Q 177 -45.05 38.91 59.13
C SER Q 177 -44.03 39.44 58.14
N GLY Q 178 -43.43 38.53 57.39
CA GLY Q 178 -42.48 38.91 56.37
C GLY Q 178 -43.17 39.25 55.07
N GLN Q 179 -42.50 40.05 54.25
CA GLN Q 179 -43.00 40.44 52.94
C GLN Q 179 -42.16 39.79 51.85
N VAL Q 180 -42.83 39.36 50.79
CA VAL Q 180 -42.13 38.74 49.66
C VAL Q 180 -41.34 39.81 48.92
N GLY Q 181 -40.12 39.47 48.53
CA GLY Q 181 -39.26 40.38 47.82
C GLY Q 181 -38.10 39.64 47.18
N PRO Q 182 -37.24 40.38 46.48
CA PRO Q 182 -36.10 39.72 45.83
C PRO Q 182 -35.15 39.05 46.80
N CYS Q 183 -35.09 39.52 48.05
CA CYS Q 183 -34.12 39.04 49.02
C CYS Q 183 -34.79 38.66 50.34
N SER Q 184 -36.08 38.32 50.28
CA SER Q 184 -36.78 37.91 51.49
C SER Q 184 -37.96 37.02 51.10
N GLU Q 185 -38.39 36.22 52.05
CA GLU Q 185 -39.41 35.19 52.24
C GLU Q 185 -40.69 35.79 52.78
N ALA Q 186 -41.81 35.14 52.49
CA ALA Q 186 -43.11 35.57 52.95
C ALA Q 186 -43.68 34.52 53.89
N GLY Q 187 -44.16 34.98 55.03
CA GLY Q 187 -44.79 34.12 56.00
C GLY Q 187 -44.72 34.74 57.38
N ASN Q 188 -45.65 34.33 58.22
CA ASN Q 188 -45.79 34.90 59.55
C ASN Q 188 -44.63 34.46 60.44
N VAL Q 189 -44.17 35.37 61.28
CA VAL Q 189 -43.03 35.14 62.16
C VAL Q 189 -43.52 35.25 63.59
N ALA Q 190 -43.29 34.19 64.37
CA ALA Q 190 -43.69 34.20 65.77
C ALA Q 190 -42.67 34.98 66.60
N SER Q 191 -43.14 35.54 67.71
CA SER Q 191 -42.25 36.30 68.58
C SER Q 191 -41.14 35.41 69.09
N GLY Q 192 -39.91 35.91 69.00
CA GLY Q 192 -38.75 35.16 69.41
C GLY Q 192 -38.10 34.32 68.33
N THR Q 193 -38.46 34.53 67.06
CA THR Q 193 -37.87 33.82 65.94
C THR Q 193 -37.14 34.80 65.04
N PRO Q 194 -35.83 34.63 64.80
CA PRO Q 194 -35.13 35.58 63.93
C PRO Q 194 -35.70 35.57 62.51
N TYR Q 195 -35.70 36.74 61.89
CA TYR Q 195 -36.22 36.89 60.53
C TYR Q 195 -35.16 37.57 59.67
N ASN Q 196 -34.98 37.07 58.45
CA ASN Q 196 -33.92 37.52 57.55
C ASN Q 196 -34.49 38.58 56.62
N THR Q 197 -34.29 39.85 56.97
CA THR Q 197 -34.83 40.93 56.15
C THR Q 197 -34.15 41.00 54.79
N ARG Q 198 -32.83 40.82 54.75
CA ARG Q 198 -32.06 40.70 53.53
C ARG Q 198 -31.04 39.60 53.75
N ASN Q 199 -31.01 38.61 52.86
CA ASN Q 199 -30.24 37.40 53.13
C ASN Q 199 -28.87 37.39 52.47
N ASP Q 200 -28.69 38.12 51.37
CA ASP Q 200 -27.37 38.28 50.77
C ASP Q 200 -26.88 37.02 50.08
N VAL Q 201 -27.55 35.91 50.28
CA VAL Q 201 -27.26 34.70 49.52
C VAL Q 201 -28.10 34.65 48.26
N ALA Q 202 -29.28 35.24 48.33
CA ALA Q 202 -30.14 35.33 47.16
C ALA Q 202 -29.69 36.43 46.21
N CYS Q 203 -29.16 37.52 46.75
CA CYS Q 203 -28.96 38.73 45.96
C CYS Q 203 -27.68 39.43 46.37
N ASP Q 204 -27.19 40.28 45.46
CA ASP Q 204 -26.04 41.13 45.73
C ASP Q 204 -26.13 42.34 44.81
N GLY Q 205 -26.31 43.52 45.39
CA GLY Q 205 -26.47 44.75 44.66
C GLY Q 205 -27.41 45.68 45.40
N ALA Q 206 -28.21 46.42 44.63
CA ALA Q 206 -29.17 47.34 45.24
C ALA Q 206 -30.39 46.61 45.78
N ALA Q 207 -30.53 45.32 45.48
CA ALA Q 207 -31.70 44.57 45.92
C ALA Q 207 -31.83 44.61 47.43
N GLN Q 208 -33.07 44.74 47.90
CA GLN Q 208 -33.36 44.78 49.33
C GLN Q 208 -34.32 43.68 49.75
N PHE R 1 -5.55 6.31 29.45
CA PHE R 1 -6.95 5.81 29.51
C PHE R 1 -7.61 5.86 28.15
N THR R 2 -8.78 5.23 28.05
CA THR R 2 -9.49 5.05 26.78
C THR R 2 -10.92 5.53 26.92
N LEU R 3 -11.72 5.26 25.88
CA LEU R 3 -13.11 5.72 25.89
C LEU R 3 -13.91 5.03 26.99
N ILE R 4 -13.68 3.74 27.21
CA ILE R 4 -14.47 3.00 28.17
C ILE R 4 -14.26 3.56 29.57
N GLU R 5 -13.01 3.87 29.92
CA GLU R 5 -12.74 4.47 31.23
C GLU R 5 -13.50 5.77 31.41
N LEU R 6 -13.53 6.60 30.37
CA LEU R 6 -14.13 7.92 30.50
C LEU R 6 -15.64 7.82 30.61
N MET R 7 -16.24 6.91 29.84
CA MET R 7 -17.67 6.65 29.98
C MET R 7 -17.99 6.07 31.35
N ILE R 8 -17.09 5.28 31.92
CA ILE R 8 -17.31 4.76 33.28
C ILE R 8 -17.24 5.90 34.28
N VAL R 9 -16.36 6.87 34.07
CA VAL R 9 -16.32 8.03 34.96
C VAL R 9 -17.65 8.78 34.92
N VAL R 10 -18.17 8.99 33.71
CA VAL R 10 -19.47 9.66 33.59
C VAL R 10 -20.56 8.85 34.29
N ALA R 11 -20.53 7.52 34.12
CA ALA R 11 -21.53 6.68 34.77
C ALA R 11 -21.38 6.71 36.29
N ILE R 12 -20.16 6.85 36.80
CA ILE R 12 -19.96 6.88 38.24
C ILE R 12 -20.54 8.16 38.83
N ILE R 13 -20.32 9.29 38.16
CA ILE R 13 -20.93 10.51 38.69
C ILE R 13 -22.45 10.43 38.57
N GLY R 14 -22.95 9.79 37.51
CA GLY R 14 -24.39 9.54 37.43
C GLY R 14 -24.90 8.69 38.57
N ILE R 15 -24.12 7.70 38.98
CA ILE R 15 -24.49 6.86 40.13
C ILE R 15 -24.53 7.69 41.39
N LEU R 16 -23.48 8.48 41.64
CA LEU R 16 -23.44 9.27 42.86
C LEU R 16 -24.58 10.26 42.92
N ALA R 17 -25.04 10.72 41.76
CA ALA R 17 -26.19 11.63 41.74
C ALA R 17 -27.45 10.97 42.27
N ALA R 18 -27.54 9.63 42.20
CA ALA R 18 -28.72 8.91 42.64
C ALA R 18 -28.47 8.02 43.85
N ILE R 19 -27.45 8.35 44.65
CA ILE R 19 -27.13 7.55 45.83
C ILE R 19 -28.28 7.60 46.82
N ALA R 20 -28.45 6.51 47.57
CA ALA R 20 -29.51 6.42 48.57
C ALA R 20 -28.93 6.62 49.96
N ILE R 21 -28.85 7.88 50.36
CA ILE R 21 -28.30 8.25 51.67
C ILE R 21 -29.40 8.11 52.71
N PRO R 22 -29.08 8.11 54.00
CA PRO R 22 -30.12 7.91 55.01
C PRO R 22 -31.19 8.99 54.95
N ASN R 23 -32.37 8.65 55.46
CA ASN R 23 -33.49 9.59 55.50
C ASN R 23 -33.29 10.50 56.72
N PHE R 24 -32.81 11.72 56.48
CA PHE R 24 -32.50 12.64 57.58
C PHE R 24 -33.72 13.42 58.04
N ILE R 25 -34.83 13.34 57.31
CA ILE R 25 -36.08 13.89 57.81
C ILE R 25 -36.47 13.22 59.12
N LYS R 26 -36.10 11.95 59.30
CA LYS R 26 -36.33 11.29 60.58
C LYS R 26 -35.56 11.98 61.71
N PHE R 27 -34.29 12.31 61.48
CA PHE R 27 -33.50 13.00 62.49
C PHE R 27 -34.07 14.38 62.79
N GLN R 28 -34.50 15.10 61.77
CA GLN R 28 -35.06 16.42 61.99
C GLN R 28 -36.39 16.35 62.75
N ALA R 29 -37.20 15.33 62.46
CA ALA R 29 -38.43 15.12 63.23
C ALA R 29 -38.11 14.82 64.68
N ARG R 30 -37.10 13.99 64.92
CA ARG R 30 -36.70 13.71 66.30
C ARG R 30 -36.26 14.97 67.02
N SER R 31 -35.58 15.89 66.32
CA SER R 31 -35.25 17.17 66.93
C SER R 31 -36.51 17.97 67.26
N LYS R 32 -37.47 17.99 66.33
CA LYS R 32 -38.68 18.79 66.54
C LYS R 32 -39.52 18.23 67.67
N GLN R 33 -39.39 16.94 68.00
CA GLN R 33 -40.21 16.34 69.05
C GLN R 33 -39.88 16.84 70.45
N SER R 34 -38.80 17.61 70.63
CA SER R 34 -38.41 18.03 71.96
C SER R 34 -39.33 19.09 72.56
N GLU R 35 -40.10 19.81 71.72
CA GLU R 35 -41.10 20.72 72.24
C GLU R 35 -42.06 19.99 73.16
N ALA R 36 -42.54 18.82 72.74
CA ALA R 36 -43.51 18.09 73.53
C ALA R 36 -42.95 17.72 74.89
N LYS R 37 -41.71 17.22 74.93
CA LYS R 37 -41.12 16.85 76.20
C LYS R 37 -40.99 18.05 77.13
N THR R 38 -40.42 19.16 76.62
CA THR R 38 -40.21 20.32 77.48
C THR R 38 -41.53 20.85 78.00
N ASN R 39 -42.53 20.97 77.13
CA ASN R 39 -43.79 21.57 77.54
C ASN R 39 -44.60 20.65 78.44
N LEU R 40 -44.52 19.34 78.23
CA LEU R 40 -45.22 18.42 79.13
C LEU R 40 -44.58 18.42 80.52
N LYS R 41 -43.25 18.54 80.59
CA LYS R 41 -42.64 18.65 81.91
C LYS R 41 -43.01 19.96 82.58
N ALA R 42 -43.13 21.04 81.81
CA ALA R 42 -43.62 22.30 82.38
C ALA R 42 -45.04 22.16 82.90
N LEU R 43 -45.89 21.44 82.17
CA LEU R 43 -47.25 21.16 82.64
C LEU R 43 -47.23 20.39 83.95
N TYR R 44 -46.38 19.37 84.03
CA TYR R 44 -46.24 18.61 85.26
C TYR R 44 -45.84 19.51 86.43
N THR R 45 -44.84 20.37 86.21
CA THR R 45 -44.37 21.23 87.29
C THR R 45 -45.45 22.20 87.74
N ALA R 46 -46.18 22.77 86.78
CA ALA R 46 -47.24 23.71 87.14
C ALA R 46 -48.37 23.03 87.90
N GLN R 47 -48.73 21.80 87.48
CA GLN R 47 -49.75 21.06 88.20
C GLN R 47 -49.33 20.76 89.63
N LYS R 48 -48.07 20.36 89.82
CA LYS R 48 -47.59 20.07 91.17
C LYS R 48 -47.60 21.32 92.03
N SER R 49 -47.15 22.45 91.49
CA SER R 49 -47.16 23.69 92.26
C SER R 49 -48.58 24.11 92.62
N PHE R 50 -49.50 23.99 91.67
CA PHE R 50 -50.89 24.33 91.93
C PHE R 50 -51.47 23.45 93.03
N PHE R 51 -51.18 22.14 93.00
CA PHE R 51 -51.67 21.27 94.05
C PHE R 51 -51.09 21.67 95.40
N SER R 52 -49.77 21.94 95.44
CA SER R 52 -49.16 22.32 96.71
C SER R 52 -49.82 23.56 97.29
N GLU R 53 -50.15 24.53 96.45
CA GLU R 53 -50.73 25.77 96.96
C GLU R 53 -52.21 25.60 97.33
N LYS R 54 -52.96 24.83 96.54
CA LYS R 54 -54.41 24.78 96.65
C LYS R 54 -54.95 23.44 97.13
N ASP R 55 -54.11 22.42 97.26
CA ASP R 55 -54.54 21.09 97.73
C ASP R 55 -55.55 20.46 96.77
N ARG R 56 -55.34 20.66 95.46
CA ARG R 56 -56.15 20.01 94.45
C ARG R 56 -55.51 20.25 93.10
N TYR R 57 -55.69 19.31 92.18
CA TYR R 57 -55.24 19.47 90.81
C TYR R 57 -56.33 20.17 90.00
N SER R 58 -55.92 20.84 88.93
CA SER R 58 -56.82 21.66 88.14
C SER R 58 -57.16 20.98 86.83
N ASP R 59 -58.34 21.30 86.31
CA ASP R 59 -58.80 20.80 85.03
C ASP R 59 -58.59 21.79 83.88
N PHE R 60 -58.02 22.97 84.15
CA PHE R 60 -57.93 24.03 83.17
C PHE R 60 -56.52 24.60 83.15
N ALA R 61 -56.12 25.13 81.99
CA ALA R 61 -54.77 25.65 81.84
C ALA R 61 -54.64 27.06 82.41
N ASN R 62 -55.74 27.80 82.50
CA ASN R 62 -55.67 29.16 83.06
C ASN R 62 -55.23 29.16 84.50
N GLU R 63 -55.83 28.32 85.34
CA GLU R 63 -55.49 28.25 86.75
C GLU R 63 -54.11 27.68 86.99
N ILE R 64 -53.70 26.70 86.20
CA ILE R 64 -52.38 26.11 86.33
C ILE R 64 -51.31 27.17 86.06
N GLY R 65 -51.55 28.03 85.08
CA GLY R 65 -50.59 29.01 84.67
C GLY R 65 -49.65 28.55 83.58
N PHE R 66 -50.07 27.62 82.74
CA PHE R 66 -49.23 27.02 81.72
C PHE R 66 -49.69 27.48 80.35
N ALA R 67 -48.73 27.91 79.53
CA ALA R 67 -49.00 28.28 78.15
C ALA R 67 -47.70 28.19 77.38
N PRO R 68 -47.62 27.45 76.29
CA PRO R 68 -46.40 27.46 75.49
C PRO R 68 -46.27 28.72 74.64
N GLU R 69 -45.03 29.04 74.31
CA GLU R 69 -44.77 30.19 73.46
C GLU R 69 -45.26 29.93 72.04
N ARG R 70 -45.49 30.99 71.30
CA ARG R 70 -46.02 30.86 69.95
C ARG R 70 -45.03 30.14 69.03
N GLY R 71 -45.60 29.45 68.05
CA GLY R 71 -44.83 28.54 67.21
C GLY R 71 -44.67 27.16 67.78
N ASN R 72 -45.70 26.63 68.44
CA ASN R 72 -45.50 25.47 69.31
C ASN R 72 -45.53 24.14 68.55
N ARG R 73 -46.31 24.04 67.48
CA ARG R 73 -46.47 22.82 66.67
C ARG R 73 -47.30 21.74 67.35
N TYR R 74 -47.59 21.88 68.62
CA TYR R 74 -48.28 20.84 69.39
C TYR R 74 -49.47 21.45 70.12
N GLY R 75 -50.57 20.73 70.13
CA GLY R 75 -51.70 21.10 70.94
C GLY R 75 -51.73 20.30 72.22
N TYR R 76 -51.98 20.98 73.33
CA TYR R 76 -51.89 20.37 74.65
C TYR R 76 -53.27 20.30 75.28
N ARG R 77 -53.58 19.16 75.89
CA ARG R 77 -54.85 18.98 76.60
C ARG R 77 -54.57 18.68 78.06
N VAL R 78 -55.07 19.54 78.93
CA VAL R 78 -54.91 19.36 80.37
C VAL R 78 -56.06 18.57 80.97
N SER R 79 -57.18 18.45 80.27
CA SER R 79 -58.34 17.78 80.81
C SER R 79 -59.32 17.46 79.68
N ALA R 80 -60.25 16.56 79.98
CA ALA R 80 -61.35 16.26 79.07
C ALA R 80 -62.60 17.08 79.37
N ALA R 81 -62.53 18.00 80.31
CA ALA R 81 -63.67 18.85 80.63
C ALA R 81 -64.12 19.63 79.40
N ALA R 82 -65.28 20.26 79.50
CA ALA R 82 -65.84 20.99 78.38
C ALA R 82 -65.25 22.40 78.30
N GLY R 83 -65.08 22.88 77.08
CA GLY R 83 -64.57 24.22 76.85
C GLY R 83 -63.87 24.31 75.51
N ASP R 84 -63.55 25.55 75.13
CA ASP R 84 -62.84 25.81 73.90
C ASP R 84 -61.34 25.55 74.08
N CYS R 85 -60.62 25.46 72.97
CA CYS R 85 -59.22 25.06 72.98
C CYS R 85 -58.29 26.22 72.66
N GLU R 86 -58.68 27.44 73.02
CA GLU R 86 -57.83 28.61 72.85
C GLU R 86 -57.17 28.59 71.46
N VAL R 87 -58.01 28.76 70.44
CA VAL R 87 -57.54 28.71 69.07
C VAL R 87 -56.52 29.82 68.84
N ARG R 88 -55.33 29.44 68.38
CA ARG R 88 -54.26 30.38 68.07
C ARG R 88 -54.16 30.54 66.56
N ASN R 89 -55.01 31.39 66.01
CA ASN R 89 -55.07 31.60 64.57
C ASN R 89 -54.89 33.06 64.18
N ALA R 90 -54.34 33.87 65.06
CA ALA R 90 -54.15 35.29 64.78
C ALA R 90 -53.00 35.81 65.62
N ALA R 91 -52.51 37.00 65.25
CA ALA R 91 -51.40 37.60 65.97
C ALA R 91 -51.74 37.86 67.42
N ASP R 92 -52.97 38.31 67.68
CA ASP R 92 -53.42 38.62 69.02
C ASP R 92 -54.31 37.50 69.53
N LEU R 93 -53.98 36.97 70.72
CA LEU R 93 -54.74 35.85 71.26
C LEU R 93 -56.15 36.28 71.64
N PRO R 94 -57.13 35.38 71.53
CA PRO R 94 -58.51 35.75 71.86
C PRO R 94 -58.70 35.89 73.36
N VAL R 95 -59.71 36.66 73.74
CA VAL R 95 -60.09 36.79 75.15
C VAL R 95 -60.95 35.58 75.51
N PRO R 96 -60.58 34.80 76.54
CA PRO R 96 -61.34 33.59 76.83
C PRO R 96 -62.70 33.89 77.41
N ALA R 97 -63.70 33.11 76.99
CA ALA R 97 -65.03 33.22 77.56
C ALA R 97 -65.12 32.49 78.90
N ALA R 98 -64.41 31.39 79.03
CA ALA R 98 -64.40 30.62 80.29
C ALA R 98 -63.11 29.83 80.35
N GLY R 99 -63.04 28.93 81.34
CA GLY R 99 -61.85 28.12 81.49
C GLY R 99 -61.57 27.28 80.25
N VAL R 100 -60.30 27.18 79.90
CA VAL R 100 -59.88 26.44 78.70
C VAL R 100 -59.14 25.17 79.11
N PRO R 101 -59.64 23.98 78.75
CA PRO R 101 -58.91 22.76 79.09
C PRO R 101 -57.85 22.37 78.09
N CYS R 102 -57.84 22.96 76.90
CA CYS R 102 -56.93 22.58 75.84
C CYS R 102 -56.36 23.84 75.20
N ILE R 103 -55.12 23.74 74.71
CA ILE R 103 -54.47 24.80 73.99
C ILE R 103 -54.20 24.31 72.57
N SER R 104 -54.75 25.01 71.59
CA SER R 104 -54.68 24.53 70.22
C SER R 104 -53.27 24.69 69.66
N ASN R 105 -53.07 24.08 68.50
CA ASN R 105 -51.86 24.31 67.74
C ASN R 105 -51.83 25.75 67.24
N ASP R 106 -50.63 26.29 67.10
CA ASP R 106 -50.47 27.67 66.64
C ASP R 106 -50.51 27.65 65.12
N SER R 107 -51.70 27.84 64.56
CA SER R 107 -51.87 27.85 63.11
C SER R 107 -51.66 29.22 62.50
N PHE R 108 -51.30 30.23 63.29
CA PHE R 108 -50.98 31.53 62.74
C PHE R 108 -49.81 31.44 61.77
N ARG R 109 -48.75 30.72 62.16
CA ARG R 109 -47.54 30.63 61.36
C ARG R 109 -47.33 29.26 60.72
N PHE R 110 -48.28 28.34 60.86
CA PHE R 110 -48.19 27.04 60.20
C PHE R 110 -49.29 26.80 59.18
N GLY R 111 -50.19 27.73 58.96
CA GLY R 111 -51.23 27.56 57.97
C GLY R 111 -52.53 27.10 58.59
N ALA R 112 -53.64 27.40 57.92
CA ALA R 112 -54.95 27.07 58.46
C ALA R 112 -55.25 25.58 58.36
N ASN R 113 -54.68 24.90 57.36
CA ASN R 113 -54.92 23.46 57.20
C ASN R 113 -54.16 22.62 58.21
N SER R 114 -53.22 23.19 58.94
CA SER R 114 -52.48 22.48 59.96
C SER R 114 -53.08 22.64 61.35
N ALA R 115 -54.26 23.23 61.46
CA ALA R 115 -54.84 23.53 62.76
C ALA R 115 -55.20 22.25 63.51
N ILE R 116 -55.02 22.29 64.82
CA ILE R 116 -55.44 21.21 65.72
C ILE R 116 -56.28 21.87 66.81
N ASP R 117 -57.60 21.86 66.64
CA ASP R 117 -58.51 22.46 67.61
C ASP R 117 -59.01 21.46 68.65
N ASP R 118 -58.60 20.20 68.55
CA ASP R 118 -58.97 19.18 69.52
C ASP R 118 -57.78 18.26 69.74
N PRO R 119 -56.77 18.72 70.46
CA PRO R 119 -55.53 17.96 70.60
C PRO R 119 -55.62 16.86 71.66
N THR R 120 -56.47 15.87 71.41
CA THR R 120 -56.64 14.76 72.33
C THR R 120 -55.77 13.60 71.86
N PRO R 121 -54.78 13.16 72.65
CA PRO R 121 -53.87 12.12 72.18
C PRO R 121 -54.47 10.72 72.26
N VAL R 122 -53.72 9.78 71.71
CA VAL R 122 -54.05 8.35 71.81
C VAL R 122 -53.40 7.81 73.07
N VAL R 123 -54.14 6.99 73.82
CA VAL R 123 -53.68 6.44 75.09
C VAL R 123 -53.86 4.94 75.16
N ALA R 124 -53.95 4.26 74.02
CA ALA R 124 -54.16 2.82 74.02
C ALA R 124 -52.94 2.08 74.56
N ARG R 125 -51.73 2.55 74.25
CA ARG R 125 -50.51 1.83 74.57
C ARG R 125 -49.81 2.38 75.82
N PHE R 126 -50.55 2.98 76.74
CA PHE R 126 -50.05 3.34 78.05
C PHE R 126 -50.91 2.62 79.08
N VAL R 127 -50.29 1.78 79.90
CA VAL R 127 -51.00 0.92 80.84
C VAL R 127 -50.62 1.36 82.25
N PRO R 128 -51.51 2.02 83.01
CA PRO R 128 -51.17 2.40 84.38
C PRO R 128 -50.86 1.18 85.24
N GLN R 129 -49.86 1.34 86.10
CA GLN R 129 -49.48 0.31 87.06
C GLN R 129 -49.80 0.77 88.47
N GLY R 130 -49.94 -0.19 89.36
CA GLY R 130 -50.23 0.09 90.76
C GLY R 130 -51.58 -0.45 91.18
N ALA R 131 -51.75 -0.55 92.51
CA ALA R 131 -53.00 -1.06 93.06
C ALA R 131 -54.07 0.02 93.13
N ALA R 132 -53.68 1.29 92.96
CA ALA R 132 -54.66 2.38 93.07
C ALA R 132 -55.66 2.35 91.93
N GLY R 133 -55.36 1.61 90.86
CA GLY R 133 -56.31 1.48 89.76
C GLY R 133 -56.58 2.76 89.00
N TRP R 134 -55.54 3.50 88.65
CA TRP R 134 -55.73 4.73 87.87
C TRP R 134 -56.15 4.40 86.44
N ASN R 135 -56.83 5.35 85.82
CA ASN R 135 -57.37 5.20 84.48
C ASN R 135 -56.53 5.98 83.46
N THR R 136 -56.92 5.91 82.19
CA THR R 136 -56.27 6.66 81.14
C THR R 136 -57.10 7.86 80.65
N THR R 137 -58.17 8.21 81.34
CA THR R 137 -58.91 9.41 80.98
C THR R 137 -58.12 10.65 81.36
N LEU R 138 -58.02 11.60 80.44
CA LEU R 138 -57.21 12.78 80.67
C LEU R 138 -57.83 13.67 81.72
N GLY R 139 -56.98 14.33 82.50
CA GLY R 139 -57.43 15.28 83.49
C GLY R 139 -57.22 14.79 84.91
N VAL R 140 -57.84 15.44 85.87
CA VAL R 140 -57.81 14.98 87.26
C VAL R 140 -58.73 13.79 87.40
N GLN R 141 -58.24 12.73 88.00
CA GLN R 141 -59.00 11.51 88.23
C GLN R 141 -58.79 11.04 89.65
N PRO R 142 -59.77 10.32 90.24
CA PRO R 142 -61.07 9.91 89.68
C PRO R 142 -61.99 11.07 89.37
N THR R 143 -61.92 12.14 90.15
CA THR R 143 -62.71 13.33 89.91
C THR R 143 -62.10 14.48 90.70
N ILE R 144 -62.30 15.70 90.20
CA ILE R 144 -61.72 16.87 90.85
C ILE R 144 -62.43 17.19 92.15
N ALA R 145 -63.56 16.53 92.43
CA ALA R 145 -64.28 16.79 93.66
C ALA R 145 -63.49 16.38 94.90
N ASP R 146 -62.55 15.46 94.76
CA ASP R 146 -61.76 14.95 95.87
C ASP R 146 -60.52 15.82 96.06
N CYS R 147 -60.45 16.55 97.18
CA CYS R 147 -59.29 17.40 97.42
C CYS R 147 -57.98 16.64 97.40
N PRO R 148 -57.81 15.52 98.12
CA PRO R 148 -56.58 14.72 97.95
C PRO R 148 -56.59 13.98 96.62
N ASN R 149 -56.60 14.78 95.55
CA ASN R 149 -56.79 14.22 94.20
C ASN R 149 -55.72 13.19 93.89
N CYS R 150 -56.16 12.08 93.31
CA CYS R 150 -55.20 11.17 92.73
C CYS R 150 -54.53 11.87 91.55
N ASN R 151 -53.43 11.28 91.10
CA ASN R 151 -52.58 11.94 90.14
C ASN R 151 -53.34 12.29 88.85
N PHE R 152 -52.93 13.37 88.22
CA PHE R 152 -53.51 13.84 86.98
C PHE R 152 -53.00 13.04 85.79
N PHE R 153 -53.48 13.40 84.60
CA PHE R 153 -53.09 12.77 83.35
C PHE R 153 -53.31 13.76 82.22
N ALA R 154 -52.28 14.00 81.41
CA ALA R 154 -52.32 15.02 80.39
C ALA R 154 -51.60 14.52 79.15
N GLY R 155 -51.74 15.25 78.05
CA GLY R 155 -51.07 14.85 76.83
C GLY R 155 -51.04 15.95 75.79
N ALA R 156 -50.42 15.62 74.66
CA ALA R 156 -50.23 16.56 73.57
C ALA R 156 -50.46 15.83 72.25
N ARG R 157 -50.59 16.61 71.17
CA ARG R 157 -50.84 16.06 69.85
C ARG R 157 -50.24 17.01 68.83
N GLY R 158 -49.43 16.48 67.93
CA GLY R 158 -48.73 17.33 66.99
C GLY R 158 -48.42 16.58 65.72
N ASN R 159 -47.60 17.21 64.89
CA ASN R 159 -47.21 16.63 63.61
C ASN R 159 -45.74 16.93 63.37
N ALA R 160 -44.97 15.91 63.01
CA ALA R 160 -43.54 16.08 62.78
C ALA R 160 -43.20 15.95 61.31
N ASP R 161 -42.58 17.00 60.76
CA ASP R 161 -42.29 17.15 59.32
C ASP R 161 -43.58 16.93 58.54
N ASN R 162 -43.57 16.22 57.42
CA ASN R 162 -44.69 16.22 56.47
C ASN R 162 -45.56 14.98 56.63
N GLU R 163 -45.58 14.43 57.84
CA GLU R 163 -46.51 13.37 58.18
C GLU R 163 -47.93 13.90 58.15
N ALA R 164 -48.81 13.22 57.40
CA ALA R 164 -50.21 13.61 57.41
C ALA R 164 -50.83 13.37 58.79
N THR R 165 -50.43 12.27 59.44
CA THR R 165 -50.94 11.88 60.75
C THR R 165 -50.10 12.49 61.86
N PHE R 166 -50.56 12.29 63.10
CA PHE R 166 -50.05 13.00 64.26
C PHE R 166 -49.19 12.09 65.14
N ASP R 167 -48.37 12.70 66.00
CA ASP R 167 -47.73 11.97 67.07
C ASP R 167 -48.28 12.42 68.42
N ASP R 168 -48.39 11.49 69.34
CA ASP R 168 -49.10 11.71 70.59
C ASP R 168 -48.18 11.43 71.76
N TRP R 169 -48.27 12.26 72.80
CA TRP R 169 -47.49 12.10 74.02
C TRP R 169 -48.44 12.09 75.21
N VAL R 170 -47.97 11.56 76.33
CA VAL R 170 -48.72 11.60 77.57
C VAL R 170 -47.75 11.81 78.72
N ILE R 171 -48.24 12.47 79.76
CA ILE R 171 -47.50 12.60 81.01
C ILE R 171 -48.49 12.37 82.14
N ALA R 172 -48.08 11.55 83.11
CA ALA R 172 -48.95 11.14 84.19
C ALA R 172 -48.26 11.41 85.52
N GLY R 173 -49.05 11.58 86.55
CA GLY R 173 -48.51 11.69 87.89
C GLY R 173 -48.31 10.36 88.58
N PHE R 174 -48.57 9.26 87.89
CA PHE R 174 -48.47 7.92 88.46
C PHE R 174 -47.66 7.03 87.54
N GLU R 175 -47.29 5.86 88.06
CA GLU R 175 -46.46 4.93 87.30
C GLU R 175 -47.28 4.27 86.20
N GLY R 176 -46.60 3.88 85.13
CA GLY R 176 -47.23 3.16 84.05
C GLY R 176 -46.17 2.48 83.21
N SER R 177 -46.63 1.66 82.27
CA SER R 177 -45.72 0.95 81.38
C SER R 177 -46.21 1.08 79.96
N GLY R 178 -45.27 1.17 79.03
CA GLY R 178 -45.58 1.22 77.63
C GLY R 178 -45.77 -0.17 77.04
N GLN R 179 -46.43 -0.22 75.90
CA GLN R 179 -46.66 -1.47 75.18
C GLN R 179 -45.95 -1.44 73.84
N VAL R 180 -45.36 -2.56 73.47
CA VAL R 180 -44.67 -2.67 72.19
C VAL R 180 -45.70 -2.64 71.07
N GLY R 181 -45.37 -1.94 69.99
CA GLY R 181 -46.26 -1.82 68.86
C GLY R 181 -45.54 -1.21 67.68
N PRO R 182 -46.26 -1.04 66.57
CA PRO R 182 -45.60 -0.48 65.38
C PRO R 182 -45.10 0.94 65.57
N CYS R 183 -45.66 1.69 66.52
CA CYS R 183 -45.34 3.11 66.69
C CYS R 183 -45.04 3.44 68.14
N SER R 184 -44.62 2.44 68.92
CA SER R 184 -44.26 2.71 70.31
C SER R 184 -43.30 1.63 70.79
N GLU R 185 -42.53 1.98 71.82
CA GLU R 185 -41.48 1.39 72.64
C GLU R 185 -42.11 0.65 73.82
N ALA R 186 -41.37 -0.33 74.33
CA ALA R 186 -41.80 -1.09 75.50
C ALA R 186 -40.85 -0.85 76.64
N GLY R 187 -41.41 -0.60 77.81
CA GLY R 187 -40.63 -0.36 79.00
C GLY R 187 -41.42 0.45 79.99
N ASN R 188 -41.02 0.36 81.25
CA ASN R 188 -41.70 1.04 82.34
C ASN R 188 -41.40 2.53 82.32
N VAL R 189 -42.39 3.33 82.68
CA VAL R 189 -42.30 4.78 82.67
C VAL R 189 -42.50 5.28 84.09
N ALA R 190 -41.53 6.02 84.61
CA ALA R 190 -41.66 6.60 85.92
C ALA R 190 -42.59 7.81 85.89
N SER R 191 -43.26 8.07 87.00
CA SER R 191 -44.15 9.21 87.07
C SER R 191 -43.39 10.50 86.82
N GLY R 192 -43.94 11.34 85.95
CA GLY R 192 -43.28 12.56 85.58
C GLY R 192 -42.38 12.48 84.37
N THR R 193 -42.47 11.40 83.59
CA THR R 193 -41.67 11.22 82.38
C THR R 193 -42.57 11.12 81.17
N PRO R 194 -42.44 12.00 80.17
CA PRO R 194 -43.32 11.90 79.00
C PRO R 194 -43.13 10.58 78.25
N TYR R 195 -44.23 10.06 77.71
CA TYR R 195 -44.22 8.80 76.97
C TYR R 195 -44.87 9.03 75.62
N ASN R 196 -44.24 8.53 74.57
CA ASN R 196 -44.69 8.75 73.18
C ASN R 196 -45.59 7.59 72.77
N THR R 197 -46.90 7.81 72.88
CA THR R 197 -47.85 6.76 72.52
C THR R 197 -47.80 6.45 71.03
N ARG R 198 -47.68 7.47 70.20
CA ARG R 198 -47.49 7.33 68.76
C ARG R 198 -46.48 8.38 68.34
N ASN R 199 -45.41 7.97 67.65
CA ASN R 199 -44.29 8.87 67.43
C ASN R 199 -44.28 9.50 66.04
N ASP R 200 -44.96 8.91 65.07
CA ASP R 200 -45.09 9.52 63.75
C ASP R 200 -43.79 9.57 62.97
N VAL R 201 -42.67 9.24 63.60
CA VAL R 201 -41.41 9.12 62.89
C VAL R 201 -41.20 7.70 62.43
N ALA R 202 -41.69 6.75 63.23
CA ALA R 202 -41.60 5.35 62.85
C ALA R 202 -42.65 4.97 61.81
N CYS R 203 -43.80 5.64 61.84
CA CYS R 203 -44.95 5.19 61.06
C CYS R 203 -45.73 6.36 60.52
N ASP R 204 -46.52 6.09 59.48
CA ASP R 204 -47.44 7.05 58.90
C ASP R 204 -48.55 6.29 58.19
N GLY R 205 -49.76 6.38 58.71
CA GLY R 205 -50.90 5.67 58.19
C GLY R 205 -51.86 5.31 59.30
N ALA R 206 -52.53 4.17 59.14
CA ALA R 206 -53.46 3.71 60.17
C ALA R 206 -52.73 3.20 61.40
N ALA R 207 -51.42 3.00 61.31
CA ALA R 207 -50.66 2.44 62.43
C ALA R 207 -50.82 3.29 63.66
N GLN R 208 -50.95 2.63 64.81
CA GLN R 208 -51.10 3.32 66.09
C GLN R 208 -49.99 2.95 67.07
#